data_9DMQ
#
_entry.id   9DMQ
#
_cell.length_a   1.00
_cell.length_b   1.00
_cell.length_c   1.00
_cell.angle_alpha   90.00
_cell.angle_beta   90.00
_cell.angle_gamma   90.00
#
_symmetry.space_group_name_H-M   'P 1'
#
loop_
_entity.id
_entity.type
_entity.pdbx_description
1 polymer 'Acetylcholine receptor subunit alpha'
2 polymer 'Acetylcholine receptor subunit beta'
3 polymer 'Acetylcholine receptor subunit delta'
4 polymer 'Acetylcholine receptor subunit epsilon'
5 polymer 'Fab3 heavy chain'
6 polymer 'Fab3 light chain'
7 branched alpha-D-mannopyranose-(1-3)-[alpha-D-mannopyranose-(1-6)]beta-D-mannopyranose-(1-4)-2-acetamido-2-deoxy-beta-D-glucopyranose-(1-4)-2-acetamido-2-deoxy-beta-D-glucopyranose
8 branched alpha-D-mannopyranose-(1-3)-[alpha-D-mannopyranose-(1-6)]alpha-D-mannopyranose-(1-6)-[alpha-D-mannopyranose-(1-3)]beta-D-mannopyranose-(1-4)-2-acetamido-2-deoxy-beta-D-glucopyranose-(1-4)-2-acetamido-2-deoxy-beta-D-glucopyranose
9 branched alpha-D-mannopyranose-(1-3)-alpha-D-mannopyranose-(1-6)-[alpha-D-mannopyranose-(1-3)]beta-D-mannopyranose-(1-4)-2-acetamido-2-deoxy-beta-D-glucopyranose-(1-4)-2-acetamido-2-deoxy-beta-D-glucopyranose
10 branched 2-acetamido-2-deoxy-beta-D-glucopyranose-(1-4)-2-acetamido-2-deoxy-beta-D-glucopyranose
11 non-polymer ACETYLCHOLINE
12 non-polymer CHOLESTEROL
13 non-polymer '(2S)-3-(hexadecanoyloxy)-2-[(9Z)-octadec-9-enoyloxy]propyl 2-(trimethylammonio)ethyl phosphate'
14 non-polymer 2-acetamido-2-deoxy-beta-D-glucopyranose
15 water water
#
loop_
_entity_poly.entity_id
_entity_poly.type
_entity_poly.pdbx_seq_one_letter_code
_entity_poly.pdbx_strand_id
1 'polypeptide(L)'
;MEPWPLLLLFSLCSAGLVLGSEHETRLVAKLFKDYSSVVRPVEDHRQVVEVTVGLQLIQLINVDEVNQIVTTNVRLKQQW
VDYNLKWNPDDYGGVKKIHIPSEKIWRPDLVLYNNADGDFAIVKFTKVLLQYTGHITWTPPAIFKSYCEIIVTHFPFDEQ
NCSMKLGTWTYDGSVVAINPESDQPDLSNFMESGEWVIKESRGWKHSVTYSCCPDTPYLDITYHFVMQRLPLYFIVNVII
PCLLFSFLTGLVFYLPTDSGEKMTLSISVLLSLTVFLLVIVELIPSTSSAVPLIGKYMLFTMVFVIASIIITVIVINTHH
RSPSTHVMPNWVRKVFIDTIPNIMFFSTMKRPSREKQDKKIFTEDIDISDISGKPGPPPMGFHSPLIKHPEVKSAIEGIK
YIAETMKSDQESNNAAAEWKYVAMVMDHILLGVFMLVCIIGTLAVFAGRLIELNQQG
;
A,C
2 'polypeptide(L)'
;MTPGALLMLLGALGAPLAPGVRGSEAEGRLREKLFSGYDSSVRPAREVGDRVRVSVGLILAQLISLNEKDEEMSTKVYLD
LEWTDYRLSWDPAEHDGIDSLRITAESVWLPDVVLLNNNDGNFDVALDISVVVSSDGSVRWQPPGIYRSSCSIQVTYFPF
DWQNCTMVFSSYSYDSSEVSLQTGLGPDGQGHQEIHIHEGTFIENGQWEIIHKPSRLIQPPGDPRGGREGQRQEVIFYLI
IRRKPLFYLVNVIAPCILITLLAIFVFYLPPDAGEKMGLSIFALLTLTVFLLLLADKVPETSLSVPIIIKYLMFTMVLVT
FSVILSVVVLNLHHRSPHTHQMPLWVRQIFIHKLPLYLRLKRPKPERDLMPEPPHCSSPGSGWGRGTDEYFIRKPPSDFL
FPKPNRFQPELSAPDLRRFIDGPNRAVALLPELREVVSSISYIARQLQEQEDHDALKEDWQFVAMVVDRLFLWTFIIFTS
VGTLVIFLDATYHLPPPDPFPSR
;
E
3 'polypeptide(L)'
;MEGPVLTLGLLAALAVCGSWGLNEEERLIRHLFQEKGYNKELRPVAHKEESVDVALALTLSNLISLKEVEETLTTNVWIE
HGWTDNRLKWNAEEFGNISVLRLPPDMVWLPEIVLENNNDGSFQISYSCNVLVYHYGFVYWLPPAIFRSSCPISVTYFPF
DWQNCSLKFSSLKYTAKEITLSLKQDAKENRTYPVEWIIIDPEGFTENGEWEIVHRPARVNVDPRAPLDSPSRQDITFYL
IIRRKPLFYIINILVPCVLISFMVNLVFYLPADSGEKTSVAISVLLAQSVFLLLISKRLPATSMAIPLIGKFLLFGMVLV
TMVVVICVIVLNIHFRTPSTHVLSEGVKKLFLETLPELLHMSRPAEDGPSPGALVRRSSSLGYISKAEEYFLLKSRSDLM
FEKQSERHGLARRLTTARRPPASSEQAQQELFNELKPAVDGANFIVNHMRDQNNYNEEKDSWNRVARTVDRLCLFVVTPV
MVVGTAWIFLQGVYNQPPPQPFPGDPYSYNVQDKRFI
;
D
4 'polypeptide(L)'
;MARAPLGVLLLLGLLGRGVGKNEELRLYHHLFNNYDPGSRPVREPEDTVTISLKVTLTNLISLNEKEETLTTSVWIGIDW
QDYRLNYSKDDFGGIETLRVPSELVWLPEIVLENNIDGQFGVAYDANVLVYEGGSVTWLPPAIYRSVCAVEVTYFPFDWQ
NCSLIFRSQTYNAEEVEFTFAVDNDGKTINKIDIDTEAYTENGEWAIDFCPGVIRRHHGGATDGPGETDVIYSLIIRRKP
LFYVINIIVPCVLISGLVLLAYFLPAQAGGQKCTVSINVLLAQTVFLFLIAQKIPETSLSVPLLGRFLIFVMVVATLIVM
NCVIVLNVSQRTPTTHAMSPRLRHVLLELLPRLLGSPPPPEAPRAASPPRRASSVGLLLRAEELILKKPRSELVFEGQRH
RQGTWTAAFCQSLGAAAPEVRCCVDAVNFVAESTRDQEATGEEVSDWVRMGNALDNICFWAALVLFSVGSSLIFLGAYFN
RVPDLPYAPCIQP
;
B
5 'polypeptide(L)'
;MDSKGSSQKGSRLLLLLVVSNLLLCQGVVSAEVQLVQWGAGLLKPSETLSLTCTVFGGSLRANYWSWIRQAPGKGLEWIG
EINHNGHTNYNPSLKSRATISVDTSKNQFSLRLSSVTAADTALYYCARGSRFFYYGAGIYYNARRDRDNYFDPWGQGTLV
TVSSASTKGPSVFPLAPSSKSTSGGTAALGCLVKDYFPEPVTVSWNSGALTSGVHTFPAVLQSSGLYSLSSVVTVPSSSL
GTQTYICNVNHKPSNTKVDKKVEPKSCGSHHHHHH
;
F
6 'polypeptide(L)'
;MGWSCIILFLVATATGVHSDIVMTQSPGTLSLSPGERATLSCRASQHVTGNCLAWYQQKPDQAPRLLIYDASTRATGVPD
RFSGSGSRTDFTLTISRLEPEDFAVYHCQQYGDSPPWTFGQGTKVEIKRTVAAPSVFIFPPSDEQLKSGTASVVCLLNNF
YPREAKVQWKVDNALQSGNSQESVTEQDSKDSTYSLSSTLTLSKADYEKHKVYACEVTHQGLSSPVTKSFNRGEC
;
G
#
loop_
_chem_comp.id
_chem_comp.type
_chem_comp.name
_chem_comp.formula
ACH non-polymer ACETYLCHOLINE 'C7 H16 N O2 1'
BMA D-saccharide, beta linking beta-D-mannopyranose 'C6 H12 O6'
CLR non-polymer CHOLESTEROL 'C27 H46 O'
MAN D-saccharide, alpha linking alpha-D-mannopyranose 'C6 H12 O6'
NAG D-saccharide, beta linking 2-acetamido-2-deoxy-beta-D-glucopyranose 'C8 H15 N O6'
POV non-polymer '(2S)-3-(hexadecanoyloxy)-2-[(9Z)-octadec-9-enoyloxy]propyl 2-(trimethylammonio)ethyl phosphate' 'C42 H82 N O8 P'
#
# COMPACT_ATOMS: atom_id res chain seq x y z
N SER A 21 17.01 -33.08 -29.02
CA SER A 21 18.06 -34.13 -29.17
C SER A 21 17.49 -35.51 -28.92
N GLU A 22 17.37 -36.30 -29.98
CA GLU A 22 16.83 -37.65 -29.85
C GLU A 22 17.73 -38.53 -29.00
N HIS A 23 19.05 -38.35 -29.15
CA HIS A 23 20.00 -39.14 -28.37
C HIS A 23 19.87 -38.85 -26.89
N GLU A 24 19.81 -37.57 -26.53
CA GLU A 24 19.67 -37.21 -25.12
C GLU A 24 18.30 -37.61 -24.59
N THR A 25 17.26 -37.53 -25.42
CA THR A 25 15.94 -37.97 -24.98
C THR A 25 15.94 -39.45 -24.65
N ARG A 26 16.53 -40.26 -25.52
CA ARG A 26 16.63 -41.70 -25.26
C ARG A 26 17.48 -41.98 -24.03
N LEU A 27 18.60 -41.26 -23.87
CA LEU A 27 19.46 -41.47 -22.71
C LEU A 27 18.73 -41.12 -21.41
N VAL A 28 18.00 -40.01 -21.41
CA VAL A 28 17.28 -39.59 -20.21
C VAL A 28 16.17 -40.57 -19.88
N ALA A 29 15.51 -41.11 -20.90
CA ALA A 29 14.51 -42.15 -20.64
C ALA A 29 15.16 -43.39 -20.04
N LYS A 30 16.32 -43.79 -20.56
CA LYS A 30 16.98 -45.00 -20.08
C LYS A 30 17.48 -44.83 -18.64
N LEU A 31 18.05 -43.67 -18.32
CA LEU A 31 18.69 -43.49 -17.03
C LEU A 31 17.69 -43.55 -15.88
N PHE A 32 16.47 -43.05 -16.09
CA PHE A 32 15.46 -42.96 -15.05
C PHE A 32 14.34 -43.98 -15.22
N LYS A 33 14.59 -45.07 -15.96
CA LYS A 33 13.59 -46.12 -16.07
C LYS A 33 13.39 -46.83 -14.74
N ASP A 34 14.48 -47.21 -14.08
CA ASP A 34 14.47 -47.98 -12.84
C ASP A 34 15.30 -47.27 -11.77
N TYR A 35 15.28 -45.95 -11.77
CA TYR A 35 16.09 -45.16 -10.85
C TYR A 35 15.37 -44.95 -9.53
N SER A 36 16.15 -44.91 -8.45
CA SER A 36 15.65 -44.63 -7.11
C SER A 36 16.47 -43.50 -6.51
N SER A 37 15.80 -42.43 -6.10
CA SER A 37 16.45 -41.32 -5.42
C SER A 37 16.45 -41.47 -3.91
N VAL A 38 15.95 -42.59 -3.38
CA VAL A 38 15.87 -42.78 -1.94
C VAL A 38 17.21 -43.30 -1.40
N VAL A 39 17.73 -44.37 -1.98
CA VAL A 39 18.94 -44.99 -1.46
C VAL A 39 20.16 -44.14 -1.85
N ARG A 40 21.24 -44.30 -1.09
CA ARG A 40 22.48 -43.62 -1.41
C ARG A 40 23.03 -44.17 -2.72
N PRO A 41 23.66 -43.32 -3.57
CA PRO A 41 24.06 -43.83 -4.90
C PRO A 41 25.43 -44.50 -4.88
N VAL A 42 25.45 -45.73 -4.37
CA VAL A 42 26.67 -46.53 -4.26
C VAL A 42 26.38 -47.92 -4.79
N GLU A 43 27.41 -48.55 -5.35
CA GLU A 43 27.27 -49.95 -5.77
C GLU A 43 27.05 -50.85 -4.57
N ASP A 44 27.71 -50.56 -3.44
CA ASP A 44 27.64 -51.36 -2.23
C ASP A 44 27.33 -50.46 -1.06
N HIS A 45 26.45 -50.94 -0.16
CA HIS A 45 25.99 -50.10 0.94
C HIS A 45 27.10 -49.77 1.94
N ARG A 46 28.17 -50.56 1.98
CA ARG A 46 29.26 -50.29 2.90
C ARG A 46 30.21 -49.22 2.40
N GLN A 47 30.05 -48.74 1.17
CA GLN A 47 30.84 -47.61 0.68
C GLN A 47 30.27 -46.30 1.19
N VAL A 48 31.11 -45.27 1.19
CA VAL A 48 30.78 -43.94 1.65
C VAL A 48 30.63 -43.03 0.44
N VAL A 49 29.55 -42.26 0.40
CA VAL A 49 29.38 -41.26 -0.64
C VAL A 49 30.31 -40.09 -0.31
N GLU A 50 31.26 -39.82 -1.21
CA GLU A 50 32.22 -38.73 -1.04
C GLU A 50 31.67 -37.49 -1.73
N VAL A 51 31.44 -36.43 -0.95
CA VAL A 51 30.88 -35.18 -1.46
C VAL A 51 31.92 -34.09 -1.26
N THR A 52 32.27 -33.40 -2.34
CA THR A 52 33.12 -32.22 -2.27
C THR A 52 32.21 -31.00 -2.19
N VAL A 53 32.41 -30.18 -1.15
CA VAL A 53 31.56 -29.04 -0.85
C VAL A 53 32.42 -27.78 -0.93
N GLY A 54 31.93 -26.79 -1.67
CA GLY A 54 32.57 -25.49 -1.74
C GLY A 54 31.54 -24.39 -1.63
N LEU A 55 31.89 -23.32 -0.89
CA LEU A 55 31.02 -22.17 -0.69
C LEU A 55 31.58 -21.00 -1.48
N GLN A 56 30.77 -20.43 -2.36
CA GLN A 56 31.11 -19.20 -3.08
C GLN A 56 30.25 -18.09 -2.51
N LEU A 57 30.89 -17.05 -1.97
CA LEU A 57 30.19 -15.90 -1.43
C LEU A 57 30.09 -14.84 -2.51
N ILE A 58 28.87 -14.61 -3.00
CA ILE A 58 28.63 -13.63 -4.06
C ILE A 58 28.44 -12.24 -3.47
N GLN A 59 27.76 -12.13 -2.34
CA GLN A 59 27.40 -10.85 -1.77
C GLN A 59 27.23 -10.97 -0.28
N LEU A 60 27.72 -9.97 0.45
CA LEU A 60 27.44 -9.80 1.88
C LEU A 60 26.27 -8.82 1.97
N ILE A 61 25.06 -9.37 2.01
CA ILE A 61 23.87 -8.54 1.88
C ILE A 61 23.71 -7.62 3.10
N ASN A 62 23.84 -8.17 4.30
CA ASN A 62 23.52 -7.38 5.48
C ASN A 62 24.16 -7.97 6.72
N VAL A 63 24.52 -7.09 7.66
CA VAL A 63 24.97 -7.48 9.00
C VAL A 63 24.07 -6.73 9.97
N ASP A 64 23.02 -7.38 10.46
CA ASP A 64 22.09 -6.78 11.40
C ASP A 64 22.62 -7.04 12.80
N GLU A 65 23.16 -5.98 13.42
CA GLU A 65 23.71 -6.10 14.76
C GLU A 65 22.62 -6.17 15.83
N VAL A 66 21.48 -5.53 15.60
CA VAL A 66 20.42 -5.52 16.61
C VAL A 66 19.90 -6.92 16.86
N ASN A 67 19.56 -7.65 15.79
CA ASN A 67 19.09 -9.03 15.89
C ASN A 67 20.22 -10.04 15.72
N GLN A 68 21.43 -9.60 15.40
CA GLN A 68 22.60 -10.48 15.32
C GLN A 68 22.44 -11.53 14.22
N ILE A 69 22.09 -11.06 13.02
CA ILE A 69 21.88 -11.95 11.87
C ILE A 69 22.67 -11.41 10.68
N VAL A 70 23.38 -12.30 10.01
CA VAL A 70 24.15 -11.97 8.81
C VAL A 70 23.45 -12.61 7.61
N THR A 71 23.06 -11.76 6.66
CA THR A 71 22.44 -12.19 5.41
C THR A 71 23.49 -12.16 4.30
N THR A 72 23.68 -13.31 3.65
CA THR A 72 24.66 -13.46 2.58
C THR A 72 24.04 -14.17 1.39
N ASN A 73 24.50 -13.80 0.20
CA ASN A 73 24.16 -14.46 -1.06
C ASN A 73 25.28 -15.44 -1.37
N VAL A 74 24.93 -16.72 -1.56
CA VAL A 74 25.93 -17.77 -1.71
C VAL A 74 25.53 -18.73 -2.82
N ARG A 75 26.55 -19.42 -3.35
CA ARG A 75 26.40 -20.60 -4.18
C ARG A 75 27.06 -21.75 -3.44
N LEU A 76 26.37 -22.89 -3.37
CA LEU A 76 26.84 -24.06 -2.61
C LEU A 76 27.18 -25.17 -3.60
N LYS A 77 28.40 -25.14 -4.12
CA LYS A 77 28.82 -26.13 -5.11
C LYS A 77 29.04 -27.48 -4.43
N GLN A 78 28.33 -28.50 -4.90
CA GLN A 78 28.41 -29.85 -4.35
C GLN A 78 28.73 -30.79 -5.50
N GLN A 79 29.75 -31.62 -5.32
CA GLN A 79 30.19 -32.57 -6.33
C GLN A 79 30.20 -33.96 -5.74
N TRP A 80 29.64 -34.93 -6.47
CA TRP A 80 29.74 -36.32 -6.04
C TRP A 80 29.61 -37.21 -7.27
N VAL A 81 29.51 -38.51 -7.05
CA VAL A 81 29.42 -39.49 -8.12
C VAL A 81 28.19 -40.37 -7.87
N ASP A 82 27.29 -40.42 -8.85
CA ASP A 82 26.17 -41.35 -8.83
C ASP A 82 26.55 -42.58 -9.63
N TYR A 83 26.63 -43.73 -8.95
CA TYR A 83 27.09 -44.95 -9.60
C TYR A 83 26.13 -45.38 -10.69
N ASN A 84 24.82 -45.21 -10.47
CA ASN A 84 23.81 -45.71 -11.39
C ASN A 84 23.52 -44.78 -12.56
N LEU A 85 24.05 -43.55 -12.55
CA LEU A 85 23.84 -42.61 -13.65
C LEU A 85 25.09 -42.55 -14.53
N LYS A 86 25.32 -43.62 -15.27
CA LYS A 86 26.44 -43.73 -16.19
C LYS A 86 25.96 -44.24 -17.54
N TRP A 87 26.72 -43.93 -18.58
CA TRP A 87 26.39 -44.40 -19.92
C TRP A 87 27.65 -44.37 -20.77
N ASN A 88 27.61 -45.16 -21.85
CA ASN A 88 28.64 -45.11 -22.87
C ASN A 88 28.26 -44.05 -23.89
N PRO A 89 29.06 -43.00 -24.13
CA PRO A 89 28.67 -42.00 -25.13
C PRO A 89 28.50 -42.57 -26.53
N ASP A 90 29.26 -43.59 -26.89
CA ASP A 90 29.17 -44.16 -28.24
C ASP A 90 27.78 -44.75 -28.50
N ASP A 91 27.07 -45.16 -27.46
CA ASP A 91 25.71 -45.67 -27.61
C ASP A 91 24.67 -44.57 -27.73
N TYR A 92 25.04 -43.30 -27.59
CA TYR A 92 24.10 -42.19 -27.63
C TYR A 92 24.66 -41.04 -28.45
N GLY A 93 25.29 -41.37 -29.57
CA GLY A 93 25.73 -40.35 -30.51
C GLY A 93 26.82 -39.44 -30.00
N GLY A 94 27.55 -39.85 -28.96
CA GLY A 94 28.62 -39.04 -28.43
C GLY A 94 28.24 -38.04 -27.37
N VAL A 95 27.05 -38.15 -26.79
CA VAL A 95 26.66 -37.27 -25.69
C VAL A 95 27.51 -37.62 -24.48
N LYS A 96 28.24 -36.63 -23.96
CA LYS A 96 29.18 -36.83 -22.86
C LYS A 96 28.77 -36.13 -21.58
N LYS A 97 28.00 -35.05 -21.66
CA LYS A 97 27.51 -34.35 -20.49
C LYS A 97 26.10 -33.85 -20.77
N ILE A 98 25.24 -33.90 -19.75
CA ILE A 98 23.86 -33.43 -19.86
C ILE A 98 23.52 -32.61 -18.63
N HIS A 99 22.41 -31.88 -18.71
CA HIS A 99 21.82 -31.16 -17.59
C HIS A 99 20.47 -31.78 -17.29
N ILE A 100 20.25 -32.15 -16.02
CA ILE A 100 18.98 -32.77 -15.64
C ILE A 100 18.42 -32.04 -14.43
N PRO A 101 17.10 -32.09 -14.21
CA PRO A 101 16.54 -31.48 -12.99
C PRO A 101 17.06 -32.18 -11.74
N SER A 102 17.39 -31.37 -10.73
CA SER A 102 17.99 -31.91 -9.52
C SER A 102 16.99 -32.65 -8.63
N GLU A 103 15.69 -32.38 -8.79
CA GLU A 103 14.69 -33.01 -7.94
C GLU A 103 14.56 -34.50 -8.19
N LYS A 104 14.99 -35.00 -9.35
CA LYS A 104 14.80 -36.41 -9.69
C LYS A 104 15.84 -37.32 -9.07
N ILE A 105 16.97 -36.79 -8.59
CA ILE A 105 18.09 -37.61 -8.16
C ILE A 105 18.27 -37.51 -6.66
N TRP A 106 18.98 -38.50 -6.11
CA TRP A 106 19.47 -38.40 -4.74
C TRP A 106 20.47 -37.26 -4.63
N ARG A 107 20.35 -36.48 -3.57
CA ARG A 107 21.25 -35.38 -3.27
C ARG A 107 21.68 -35.47 -1.82
N PRO A 108 22.82 -34.89 -1.45
CA PRO A 108 23.13 -34.72 -0.03
C PRO A 108 22.25 -33.63 0.58
N ASP A 109 21.84 -33.85 1.83
CA ASP A 109 20.92 -32.94 2.53
C ASP A 109 21.71 -31.98 3.40
N LEU A 110 22.45 -31.09 2.74
CA LEU A 110 23.18 -30.07 3.48
C LEU A 110 22.22 -29.10 4.15
N VAL A 111 22.51 -28.78 5.41
CA VAL A 111 21.71 -27.88 6.22
C VAL A 111 22.66 -26.91 6.90
N LEU A 112 22.23 -25.65 7.01
CA LEU A 112 22.94 -24.63 7.77
C LEU A 112 22.51 -24.73 9.22
N TYR A 113 23.41 -25.21 10.08
CA TYR A 113 23.06 -25.45 11.48
C TYR A 113 22.65 -24.17 12.19
N ASN A 114 23.39 -23.08 11.96
CA ASN A 114 23.16 -21.82 12.66
C ASN A 114 22.23 -20.88 11.89
N ASN A 115 21.28 -21.44 11.15
CA ASN A 115 20.26 -20.62 10.51
C ASN A 115 19.44 -19.88 11.56
N ALA A 116 19.27 -18.57 11.37
CA ALA A 116 18.54 -17.75 12.33
C ALA A 116 17.08 -17.61 11.95
N ASP A 117 16.79 -16.99 10.80
CA ASP A 117 15.42 -16.78 10.35
C ASP A 117 15.28 -16.96 8.84
N GLY A 118 16.07 -17.85 8.24
CA GLY A 118 15.99 -18.15 6.83
C GLY A 118 15.64 -19.60 6.57
N ASP A 119 16.11 -20.14 5.45
CA ASP A 119 15.90 -21.55 5.12
C ASP A 119 17.06 -22.39 5.66
N PHE A 120 16.72 -23.57 6.17
CA PHE A 120 17.74 -24.47 6.69
C PHE A 120 18.53 -25.13 5.58
N ALA A 121 17.86 -25.55 4.52
CA ALA A 121 18.45 -26.30 3.41
C ALA A 121 18.27 -25.52 2.11
N ILE A 122 18.78 -26.11 1.03
CA ILE A 122 18.60 -25.53 -0.30
C ILE A 122 17.13 -25.64 -0.69
N VAL A 123 16.56 -24.53 -1.16
CA VAL A 123 15.19 -24.51 -1.66
C VAL A 123 15.11 -24.18 -3.15
N LYS A 124 16.18 -23.68 -3.76
CA LYS A 124 16.21 -23.33 -5.19
C LYS A 124 16.88 -24.48 -5.92
N PHE A 125 16.07 -25.37 -6.50
CA PHE A 125 16.57 -26.61 -7.09
C PHE A 125 16.91 -26.39 -8.55
N THR A 126 18.12 -25.89 -8.78
CA THR A 126 18.63 -25.72 -10.13
C THR A 126 19.13 -27.05 -10.68
N LYS A 127 19.40 -27.07 -11.98
CA LYS A 127 19.79 -28.30 -12.66
C LYS A 127 21.16 -28.77 -12.21
N VAL A 128 21.39 -30.08 -12.30
CA VAL A 128 22.71 -30.67 -12.07
C VAL A 128 23.33 -30.97 -13.43
N LEU A 129 24.65 -30.81 -13.50
CA LEU A 129 25.43 -31.22 -14.65
C LEU A 129 25.96 -32.63 -14.39
N LEU A 130 25.62 -33.55 -15.28
CA LEU A 130 25.97 -34.96 -15.15
C LEU A 130 26.87 -35.36 -16.30
N GLN A 131 28.06 -35.88 -15.98
CA GLN A 131 28.97 -36.42 -16.97
C GLN A 131 28.69 -37.92 -17.17
N TYR A 132 29.18 -38.46 -18.28
CA TYR A 132 28.96 -39.87 -18.60
C TYR A 132 29.60 -40.79 -17.58
N THR A 133 30.61 -40.33 -16.85
CA THR A 133 31.24 -41.12 -15.80
C THR A 133 30.42 -41.15 -14.51
N GLY A 134 29.29 -40.46 -14.46
CA GLY A 134 28.49 -40.37 -13.25
C GLY A 134 28.85 -39.24 -12.32
N HIS A 135 29.81 -38.40 -12.70
CA HIS A 135 30.15 -37.24 -11.88
C HIS A 135 29.04 -36.20 -11.98
N ILE A 136 28.55 -35.77 -10.81
CA ILE A 136 27.50 -34.76 -10.70
C ILE A 136 28.10 -33.52 -10.08
N THR A 137 27.81 -32.37 -10.68
CA THR A 137 28.10 -31.05 -10.12
C THR A 137 26.79 -30.31 -10.00
N TRP A 138 26.44 -29.90 -8.79
CA TRP A 138 25.20 -29.15 -8.51
C TRP A 138 25.58 -27.90 -7.76
N THR A 139 25.21 -26.73 -8.29
CA THR A 139 25.64 -25.44 -7.77
C THR A 139 24.43 -24.56 -7.47
N PRO A 140 23.63 -24.92 -6.47
CA PRO A 140 22.43 -24.14 -6.19
C PRO A 140 22.77 -22.80 -5.56
N PRO A 141 21.91 -21.79 -5.72
CA PRO A 141 22.06 -20.56 -4.95
C PRO A 141 21.30 -20.62 -3.64
N ALA A 142 21.64 -19.71 -2.74
CA ALA A 142 20.94 -19.62 -1.47
C ALA A 142 21.16 -18.26 -0.84
N ILE A 143 20.22 -17.85 -0.01
CA ILE A 143 20.34 -16.70 0.86
C ILE A 143 20.47 -17.25 2.28
N PHE A 144 21.67 -17.14 2.85
CA PHE A 144 21.96 -17.64 4.19
C PHE A 144 21.75 -16.50 5.18
N LYS A 145 20.74 -16.63 6.04
CA LYS A 145 20.54 -15.73 7.17
C LYS A 145 21.03 -16.44 8.43
N SER A 146 22.33 -16.34 8.67
CA SER A 146 22.97 -17.06 9.75
C SER A 146 23.03 -16.22 11.02
N TYR A 147 23.23 -16.90 12.15
CA TYR A 147 23.34 -16.25 13.45
C TYR A 147 24.81 -16.04 13.81
N CYS A 148 25.17 -14.79 14.10
CA CYS A 148 26.52 -14.42 14.48
C CYS A 148 26.50 -13.64 15.78
N GLU A 149 27.38 -14.01 16.71
CA GLU A 149 27.55 -13.23 17.93
C GLU A 149 28.28 -11.94 17.59
N ILE A 150 27.61 -10.81 17.76
CA ILE A 150 28.12 -9.50 17.39
C ILE A 150 28.73 -8.87 18.63
N ILE A 151 30.06 -8.78 18.68
CA ILE A 151 30.75 -8.10 19.77
C ILE A 151 30.79 -6.62 19.42
N VAL A 152 30.15 -5.80 20.25
CA VAL A 152 29.97 -4.39 19.97
C VAL A 152 30.99 -3.52 20.70
N THR A 153 32.02 -4.13 21.31
CA THR A 153 32.90 -3.41 22.22
C THR A 153 33.60 -2.23 21.53
N HIS A 154 34.11 -2.46 20.32
CA HIS A 154 34.86 -1.45 19.58
C HIS A 154 34.02 -0.73 18.53
N PHE A 155 32.69 -0.85 18.58
CA PHE A 155 31.84 -0.23 17.59
C PHE A 155 32.02 1.29 17.64
N PRO A 156 32.14 1.98 16.48
CA PRO A 156 32.04 1.54 15.08
C PRO A 156 33.36 1.07 14.45
N PHE A 157 34.40 0.84 15.25
CA PHE A 157 35.68 0.32 14.77
C PHE A 157 35.81 -1.17 15.03
N ASP A 158 34.70 -1.90 14.92
CA ASP A 158 34.64 -3.27 15.38
C ASP A 158 34.99 -4.25 14.26
N GLU A 159 35.54 -5.39 14.67
CA GLU A 159 35.78 -6.53 13.79
C GLU A 159 34.86 -7.66 14.22
N GLN A 160 34.23 -8.33 13.26
CA GLN A 160 33.27 -9.43 13.55
C GLN A 160 33.83 -10.72 12.96
N ASN A 161 33.36 -11.88 13.43
CA ASN A 161 33.81 -13.20 12.92
C ASN A 161 32.53 -14.01 12.70
N CYS A 162 31.93 -13.89 11.51
CA CYS A 162 30.64 -14.56 11.23
C CYS A 162 30.87 -15.95 10.63
N SER A 163 30.32 -16.99 11.22
CA SER A 163 30.50 -18.37 10.80
C SER A 163 29.27 -18.90 10.06
N MET A 164 29.48 -19.97 9.31
CA MET A 164 28.44 -20.68 8.55
C MET A 164 28.75 -22.16 8.69
N LYS A 165 28.06 -22.84 9.60
CA LYS A 165 28.22 -24.28 9.80
C LYS A 165 27.28 -25.03 8.88
N LEU A 166 27.82 -25.97 8.10
CA LEU A 166 27.07 -26.68 7.07
C LEU A 166 27.31 -28.18 7.19
N GLY A 167 26.26 -28.98 7.13
CA GLY A 167 26.46 -30.42 7.25
C GLY A 167 25.25 -31.20 6.79
N THR A 168 25.49 -32.47 6.48
CA THR A 168 24.41 -33.37 6.10
C THR A 168 23.58 -33.69 7.33
N TRP A 169 22.27 -33.43 7.26
CA TRP A 169 21.45 -33.47 8.46
C TRP A 169 21.25 -34.89 8.98
N THR A 170 20.88 -35.82 8.09
CA THR A 170 20.46 -37.15 8.49
C THR A 170 21.47 -38.24 8.16
N TYR A 171 22.59 -37.90 7.52
CA TYR A 171 23.63 -38.86 7.18
C TYR A 171 24.87 -38.57 8.02
N ASP A 172 25.36 -39.59 8.72
CA ASP A 172 26.58 -39.48 9.49
C ASP A 172 27.79 -39.76 8.61
N GLY A 173 28.98 -39.53 9.17
CA GLY A 173 30.20 -39.61 8.39
C GLY A 173 30.51 -40.99 7.84
N SER A 174 29.90 -42.03 8.41
CA SER A 174 30.16 -43.39 7.96
C SER A 174 29.39 -43.78 6.70
N VAL A 175 28.39 -42.99 6.29
CA VAL A 175 27.61 -43.25 5.08
C VAL A 175 27.81 -42.16 4.04
N VAL A 176 27.92 -40.90 4.46
CA VAL A 176 28.17 -39.78 3.58
C VAL A 176 29.28 -38.93 4.20
N ALA A 177 30.35 -38.70 3.45
CA ALA A 177 31.48 -37.90 3.89
C ALA A 177 31.57 -36.63 3.06
N ILE A 178 31.65 -35.48 3.73
CA ILE A 178 31.81 -34.19 3.08
C ILE A 178 33.25 -33.74 3.25
N ASN A 179 33.85 -33.20 2.17
CA ASN A 179 35.20 -32.69 2.16
C ASN A 179 35.20 -31.29 1.58
N PRO A 180 35.93 -30.33 2.16
CA PRO A 180 35.98 -28.99 1.53
C PRO A 180 36.66 -29.03 0.17
N GLU A 181 36.13 -28.23 -0.76
CA GLU A 181 36.76 -28.11 -2.07
C GLU A 181 38.12 -27.41 -1.98
N SER A 182 38.21 -26.40 -1.12
CA SER A 182 39.46 -25.67 -0.92
C SER A 182 39.52 -25.23 0.54
N ASP A 183 40.70 -24.76 0.95
CA ASP A 183 40.89 -24.29 2.31
C ASP A 183 40.11 -23.01 2.60
N GLN A 184 39.74 -22.25 1.58
CA GLN A 184 39.13 -20.94 1.73
C GLN A 184 37.81 -20.88 0.97
N PRO A 185 36.87 -20.04 1.39
CA PRO A 185 35.69 -19.79 0.54
C PRO A 185 36.10 -19.13 -0.78
N ASP A 186 35.34 -19.42 -1.82
CA ASP A 186 35.58 -18.83 -3.13
C ASP A 186 35.04 -17.40 -3.15
N LEU A 187 35.94 -16.43 -3.30
CA LEU A 187 35.60 -15.01 -3.34
C LEU A 187 35.87 -14.39 -4.70
N SER A 188 35.99 -15.21 -5.74
CA SER A 188 36.36 -14.68 -7.05
C SER A 188 35.27 -13.78 -7.63
N ASN A 189 34.00 -14.11 -7.37
CA ASN A 189 32.86 -13.34 -7.84
C ASN A 189 32.23 -12.50 -6.74
N PHE A 190 32.95 -12.25 -5.66
CA PHE A 190 32.39 -11.49 -4.54
C PHE A 190 32.21 -10.03 -4.92
N MET A 191 31.01 -9.50 -4.68
CA MET A 191 30.75 -8.08 -4.89
C MET A 191 31.28 -7.27 -3.71
N GLU A 192 31.94 -6.16 -4.02
CA GLU A 192 32.51 -5.31 -3.00
C GLU A 192 31.40 -4.75 -2.10
N SER A 193 31.67 -4.71 -0.80
CA SER A 193 30.75 -4.15 0.17
C SER A 193 31.15 -2.72 0.48
N GLY A 194 30.15 -1.85 0.59
CA GLY A 194 30.36 -0.48 1.00
C GLY A 194 30.40 -0.27 2.49
N GLU A 195 30.31 -1.33 3.28
CA GLU A 195 30.26 -1.24 4.74
C GLU A 195 31.23 -2.16 5.45
N TRP A 196 31.76 -3.20 4.80
CA TRP A 196 32.60 -4.19 5.44
C TRP A 196 33.75 -4.56 4.50
N VAL A 197 34.88 -4.92 5.10
CA VAL A 197 36.04 -5.45 4.39
C VAL A 197 36.34 -6.81 4.99
N ILE A 198 36.38 -7.84 4.15
CA ILE A 198 36.65 -9.21 4.61
C ILE A 198 38.15 -9.35 4.76
N LYS A 199 38.64 -9.29 6.01
CA LYS A 199 40.06 -9.44 6.27
C LYS A 199 40.53 -10.87 6.08
N GLU A 200 39.71 -11.84 6.51
CA GLU A 200 40.13 -13.24 6.46
C GLU A 200 38.92 -14.12 6.18
N SER A 201 39.19 -15.31 5.64
CA SER A 201 38.12 -16.27 5.40
C SER A 201 38.73 -17.67 5.34
N ARG A 202 38.03 -18.64 5.91
CA ARG A 202 38.59 -19.99 5.97
C ARG A 202 37.49 -21.00 6.29
N GLY A 203 37.65 -22.20 5.74
CA GLY A 203 36.74 -23.31 5.98
C GLY A 203 37.40 -24.50 6.66
N TRP A 204 36.89 -24.89 7.82
CA TRP A 204 37.42 -26.01 8.61
C TRP A 204 36.41 -27.13 8.70
N LYS A 205 36.87 -28.36 8.50
CA LYS A 205 36.04 -29.54 8.67
C LYS A 205 36.14 -30.03 10.12
N HIS A 206 35.00 -30.45 10.67
CA HIS A 206 34.91 -30.94 12.04
C HIS A 206 34.06 -32.20 12.08
N SER A 207 34.38 -33.06 13.05
CA SER A 207 33.61 -34.26 13.36
C SER A 207 33.11 -34.14 14.79
N VAL A 208 31.79 -34.05 14.97
CA VAL A 208 31.17 -33.70 16.24
C VAL A 208 30.17 -34.79 16.62
N THR A 209 30.21 -35.19 17.89
CA THR A 209 29.23 -36.13 18.45
C THR A 209 28.17 -35.35 19.22
N TYR A 210 26.90 -35.64 18.93
CA TYR A 210 25.77 -34.98 19.57
C TYR A 210 25.07 -35.94 20.52
N SER A 211 24.27 -35.35 21.42
CA SER A 211 23.53 -36.16 22.39
C SER A 211 22.52 -37.07 21.72
N CYS A 212 21.93 -36.63 20.60
CA CYS A 212 20.92 -37.44 19.93
C CYS A 212 21.49 -38.74 19.39
N CYS A 213 22.72 -38.70 18.88
CA CYS A 213 23.36 -39.84 18.23
C CYS A 213 24.71 -40.09 18.90
N PRO A 214 24.72 -40.77 20.06
CA PRO A 214 25.99 -40.85 20.83
C PRO A 214 27.10 -41.61 20.13
N ASP A 215 26.78 -42.56 19.25
CA ASP A 215 27.78 -43.46 18.68
C ASP A 215 28.21 -43.08 17.26
N THR A 216 27.47 -42.20 16.58
CA THR A 216 27.76 -41.83 15.19
C THR A 216 28.17 -40.36 15.13
N PRO A 217 29.45 -40.04 14.97
CA PRO A 217 29.81 -38.62 14.79
C PRO A 217 29.34 -38.09 13.44
N TYR A 218 28.81 -36.88 13.47
CA TYR A 218 28.36 -36.19 12.28
C TYR A 218 29.41 -35.17 11.85
N LEU A 219 29.60 -35.03 10.54
CA LEU A 219 30.58 -34.14 9.97
C LEU A 219 29.96 -32.80 9.63
N ASP A 220 30.76 -31.74 9.74
CA ASP A 220 30.35 -30.42 9.30
C ASP A 220 31.57 -29.70 8.72
N ILE A 221 31.29 -28.68 7.92
CA ILE A 221 32.28 -27.74 7.45
C ILE A 221 31.80 -26.36 7.88
N THR A 222 32.63 -25.67 8.64
CA THR A 222 32.33 -24.32 9.11
C THR A 222 33.20 -23.35 8.33
N TYR A 223 32.55 -22.47 7.56
CA TYR A 223 33.22 -21.38 6.86
C TYR A 223 33.05 -20.11 7.68
N HIS A 224 34.16 -19.53 8.12
CA HIS A 224 34.14 -18.29 8.88
C HIS A 224 34.78 -17.17 8.09
N PHE A 225 34.23 -15.97 8.28
CA PHE A 225 34.71 -14.74 7.66
C PHE A 225 35.00 -13.74 8.77
N VAL A 226 36.23 -13.23 8.79
CA VAL A 226 36.63 -12.14 9.69
C VAL A 226 36.57 -10.87 8.88
N MET A 227 35.65 -9.98 9.26
CA MET A 227 35.32 -8.77 8.54
C MET A 227 35.55 -7.55 9.44
N GLN A 228 35.93 -6.44 8.80
CA GLN A 228 36.18 -5.18 9.48
C GLN A 228 35.20 -4.14 8.96
N ARG A 229 34.58 -3.39 9.88
CA ARG A 229 33.64 -2.36 9.48
C ARG A 229 34.37 -1.13 8.96
N LEU A 230 33.79 -0.50 7.94
CA LEU A 230 34.28 0.78 7.46
C LEU A 230 33.59 1.87 8.26
N PRO A 231 34.29 2.63 9.10
CA PRO A 231 33.60 3.51 10.07
C PRO A 231 33.32 4.94 9.59
N LEU A 232 33.53 5.25 8.31
CA LEU A 232 33.41 6.64 7.86
C LEU A 232 32.00 7.18 8.07
N TYR A 233 30.99 6.37 7.76
CA TYR A 233 29.60 6.81 7.90
C TYR A 233 29.28 7.18 9.34
N PHE A 234 29.69 6.34 10.30
CA PHE A 234 29.41 6.63 11.70
C PHE A 234 30.29 7.75 12.23
N ILE A 235 31.50 7.91 11.70
CA ILE A 235 32.34 9.04 12.12
C ILE A 235 31.69 10.35 11.71
N VAL A 236 31.29 10.46 10.44
CA VAL A 236 30.76 11.73 9.95
C VAL A 236 29.38 12.01 10.54
N ASN A 237 28.51 11.01 10.55
CA ASN A 237 27.10 11.27 10.86
C ASN A 237 26.80 11.29 12.35
N VAL A 238 27.61 10.62 13.18
CA VAL A 238 27.33 10.46 14.61
C VAL A 238 28.42 11.10 15.46
N ILE A 239 29.68 10.75 15.23
CA ILE A 239 30.73 11.13 16.15
C ILE A 239 31.01 12.64 16.08
N ILE A 240 31.05 13.21 14.87
CA ILE A 240 31.47 14.61 14.72
C ILE A 240 30.51 15.57 15.43
N PRO A 241 29.19 15.46 15.29
CA PRO A 241 28.31 16.33 16.10
C PRO A 241 28.52 16.17 17.59
N CYS A 242 28.80 14.95 18.05
CA CYS A 242 29.09 14.75 19.47
C CYS A 242 30.37 15.46 19.87
N LEU A 243 31.39 15.45 19.01
CA LEU A 243 32.59 16.24 19.27
C LEU A 243 32.25 17.72 19.37
N LEU A 244 31.39 18.21 18.48
CA LEU A 244 31.05 19.63 18.50
C LEU A 244 30.35 20.01 19.80
N PHE A 245 29.36 19.22 20.22
CA PHE A 245 28.67 19.51 21.47
C PHE A 245 29.60 19.37 22.68
N SER A 246 30.46 18.36 22.67
CA SER A 246 31.41 18.19 23.77
C SER A 246 32.35 19.38 23.88
N PHE A 247 32.81 19.90 22.75
CA PHE A 247 33.67 21.08 22.79
C PHE A 247 32.89 22.31 23.28
N LEU A 248 31.64 22.45 22.85
CA LEU A 248 30.83 23.57 23.32
C LEU A 248 30.49 23.46 24.80
N THR A 249 30.56 22.27 25.38
CA THR A 249 30.24 22.10 26.79
C THR A 249 31.12 22.97 27.68
N GLY A 250 32.43 22.96 27.43
CA GLY A 250 33.36 23.65 28.30
C GLY A 250 33.39 25.15 28.16
N LEU A 251 32.71 25.71 27.16
CA LEU A 251 32.77 27.14 26.92
C LEU A 251 31.88 27.95 27.84
N VAL A 252 30.99 27.31 28.60
CA VAL A 252 30.15 28.06 29.54
C VAL A 252 31.00 28.75 30.60
N PHE A 253 32.18 28.20 30.89
CA PHE A 253 33.06 28.78 31.90
C PHE A 253 33.84 29.98 31.40
N TYR A 254 33.90 30.21 30.10
CA TYR A 254 34.39 31.45 29.53
C TYR A 254 33.29 32.48 29.29
N LEU A 255 32.03 32.10 29.48
CA LEU A 255 30.90 33.01 29.29
C LEU A 255 30.64 33.75 30.60
N PRO A 256 30.66 35.08 30.63
CA PRO A 256 30.48 35.78 31.92
C PRO A 256 29.09 35.56 32.51
N THR A 257 29.02 35.67 33.83
CA THR A 257 27.73 35.52 34.52
C THR A 257 26.82 36.69 34.21
N ASP A 258 27.37 37.90 34.07
CA ASP A 258 26.54 39.08 33.84
C ASP A 258 25.84 39.03 32.48
N SER A 259 26.29 38.19 31.56
CA SER A 259 25.57 38.01 30.31
C SER A 259 24.18 37.43 30.54
N GLY A 260 24.01 36.65 31.60
CA GLY A 260 22.72 36.04 31.87
C GLY A 260 22.34 34.96 30.88
N GLU A 261 23.32 34.28 30.28
CA GLU A 261 23.08 33.30 29.22
C GLU A 261 23.78 31.97 29.48
N LYS A 262 24.36 31.77 30.66
CA LYS A 262 25.11 30.55 30.93
C LYS A 262 24.21 29.33 30.86
N MET A 263 23.08 29.37 31.57
CA MET A 263 22.18 28.24 31.59
C MET A 263 21.56 27.99 30.23
N THR A 264 21.31 29.05 29.45
CA THR A 264 20.81 28.87 28.10
C THR A 264 21.76 28.00 27.28
N LEU A 265 23.04 28.37 27.26
CA LEU A 265 24.02 27.61 26.49
C LEU A 265 24.13 26.18 26.99
N SER A 266 24.29 26.00 28.31
CA SER A 266 24.53 24.66 28.84
C SER A 266 23.31 23.75 28.63
N ILE A 267 22.12 24.24 28.97
CA ILE A 267 20.92 23.42 28.83
C ILE A 267 20.62 23.15 27.36
N SER A 268 20.90 24.10 26.47
CA SER A 268 20.67 23.85 25.06
C SER A 268 21.65 22.81 24.51
N VAL A 269 22.90 22.82 24.96
CA VAL A 269 23.83 21.76 24.60
C VAL A 269 23.32 20.41 25.09
N LEU A 270 22.78 20.39 26.32
CA LEU A 270 22.20 19.16 26.84
C LEU A 270 21.02 18.70 25.98
N LEU A 271 20.20 19.64 25.53
CA LEU A 271 19.07 19.28 24.67
C LEU A 271 19.55 18.69 23.35
N SER A 272 20.60 19.27 22.77
CA SER A 272 21.14 18.73 21.52
C SER A 272 21.66 17.31 21.73
N LEU A 273 22.39 17.07 22.82
CA LEU A 273 22.87 15.71 23.07
C LEU A 273 21.73 14.76 23.37
N THR A 274 20.67 15.23 24.02
CA THR A 274 19.49 14.39 24.25
C THR A 274 18.85 13.99 22.92
N VAL A 275 18.72 14.96 22.01
CA VAL A 275 18.19 14.66 20.68
C VAL A 275 19.09 13.68 19.95
N PHE A 276 20.40 13.74 20.20
CA PHE A 276 21.33 12.84 19.54
C PHE A 276 21.39 11.45 20.18
N LEU A 277 20.93 11.31 21.42
CA LEU A 277 20.95 10.01 22.08
C LEU A 277 20.02 9.01 21.39
N LEU A 278 18.97 9.49 20.72
CA LEU A 278 18.03 8.58 20.08
C LEU A 278 18.70 7.77 18.97
N VAL A 279 19.60 8.41 18.22
CA VAL A 279 20.27 7.74 17.11
C VAL A 279 21.13 6.60 17.64
N ILE A 280 21.97 6.91 18.63
CA ILE A 280 22.84 5.91 19.22
C ILE A 280 22.03 4.80 19.85
N VAL A 281 20.87 5.12 20.42
CA VAL A 281 19.99 4.08 20.94
C VAL A 281 19.54 3.16 19.81
N GLU A 282 19.18 3.73 18.66
CA GLU A 282 18.65 2.90 17.58
C GLU A 282 19.72 2.05 16.92
N LEU A 283 21.00 2.45 16.98
CA LEU A 283 22.01 1.82 16.14
C LEU A 283 22.63 0.53 16.69
N ILE A 284 22.31 0.12 17.92
CA ILE A 284 23.05 -0.97 18.57
C ILE A 284 22.07 -1.98 19.15
N PRO A 285 22.53 -3.21 19.43
CA PRO A 285 21.65 -4.21 20.04
C PRO A 285 21.39 -3.94 21.51
N SER A 286 20.34 -4.59 22.02
CA SER A 286 20.01 -4.58 23.45
C SER A 286 20.72 -5.71 24.18
N THR A 287 22.04 -5.77 24.00
CA THR A 287 22.86 -6.89 24.44
C THR A 287 23.68 -6.47 25.65
N SER A 288 23.76 -7.36 26.64
CA SER A 288 24.44 -7.07 27.90
C SER A 288 25.88 -7.57 27.94
N SER A 289 26.39 -8.14 26.85
CA SER A 289 27.77 -8.62 26.84
C SER A 289 28.77 -7.48 26.97
N ALA A 290 28.46 -6.32 26.39
CA ALA A 290 29.37 -5.19 26.44
C ALA A 290 28.61 -3.91 26.18
N VAL A 291 29.20 -2.79 26.60
CA VAL A 291 28.72 -1.45 26.27
C VAL A 291 29.50 -0.99 25.04
N PRO A 292 28.87 -0.52 23.97
CA PRO A 292 29.66 -0.09 22.81
C PRO A 292 30.51 1.13 23.12
N LEU A 293 31.60 1.26 22.36
CA LEU A 293 32.51 2.39 22.55
C LEU A 293 31.80 3.71 22.26
N ILE A 294 30.94 3.72 21.24
CA ILE A 294 30.16 4.91 20.95
C ILE A 294 29.19 5.21 22.09
N GLY A 295 28.62 4.16 22.71
CA GLY A 295 27.79 4.35 23.87
C GLY A 295 28.56 4.90 25.06
N LYS A 296 29.80 4.41 25.24
CA LYS A 296 30.64 4.96 26.30
C LYS A 296 30.94 6.42 26.06
N TYR A 297 31.21 6.80 24.80
CA TYR A 297 31.49 8.21 24.52
C TYR A 297 30.25 9.06 24.76
N MET A 298 29.08 8.57 24.37
CA MET A 298 27.85 9.32 24.59
C MET A 298 27.59 9.51 26.08
N LEU A 299 27.78 8.44 26.88
CA LEU A 299 27.60 8.57 28.32
C LEU A 299 28.60 9.53 28.92
N PHE A 300 29.85 9.47 28.46
CA PHE A 300 30.87 10.40 28.97
C PHE A 300 30.48 11.84 28.67
N THR A 301 30.05 12.11 27.44
CA THR A 301 29.64 13.47 27.08
C THR A 301 28.44 13.92 27.91
N MET A 302 27.49 13.00 28.15
CA MET A 302 26.32 13.34 28.94
C MET A 302 26.73 13.73 30.36
N VAL A 303 27.55 12.90 31.01
CA VAL A 303 28.00 13.20 32.36
C VAL A 303 28.82 14.48 32.38
N PHE A 304 29.60 14.71 31.33
CA PHE A 304 30.38 15.94 31.19
C PHE A 304 29.47 17.16 31.22
N VAL A 305 28.38 17.12 30.44
CA VAL A 305 27.47 18.26 30.39
C VAL A 305 26.73 18.42 31.72
N ILE A 306 26.35 17.30 32.36
CA ILE A 306 25.66 17.39 33.65
C ILE A 306 26.55 18.05 34.69
N ALA A 307 27.82 17.61 34.76
CA ALA A 307 28.76 18.20 35.70
C ALA A 307 29.00 19.67 35.37
N SER A 308 29.08 20.01 34.08
CA SER A 308 29.24 21.42 33.71
C SER A 308 28.05 22.24 34.18
N ILE A 309 26.83 21.72 34.05
CA ILE A 309 25.65 22.45 34.49
C ILE A 309 25.69 22.65 36.01
N ILE A 310 26.05 21.60 36.76
CA ILE A 310 26.07 21.70 38.21
C ILE A 310 27.09 22.75 38.66
N ILE A 311 28.30 22.68 38.09
CA ILE A 311 29.34 23.61 38.52
C ILE A 311 29.02 25.02 38.04
N THR A 312 28.34 25.17 36.89
CA THR A 312 27.90 26.49 36.46
C THR A 312 26.89 27.08 37.42
N VAL A 313 25.98 26.24 37.92
CA VAL A 313 25.01 26.72 38.92
C VAL A 313 25.75 27.18 40.18
N ILE A 314 26.77 26.43 40.59
CA ILE A 314 27.56 26.84 41.76
C ILE A 314 28.25 28.18 41.51
N VAL A 315 28.83 28.34 40.31
CA VAL A 315 29.53 29.58 39.98
C VAL A 315 28.54 30.76 39.98
N ILE A 316 27.36 30.56 39.39
CA ILE A 316 26.36 31.63 39.36
C ILE A 316 25.90 31.98 40.77
N ASN A 317 25.73 30.97 41.62
CA ASN A 317 25.36 31.22 43.01
C ASN A 317 26.44 32.04 43.71
N THR A 318 27.71 31.71 43.47
CA THR A 318 28.80 32.47 44.08
C THR A 318 28.83 33.90 43.56
N HIS A 319 28.56 34.10 42.27
CA HIS A 319 28.67 35.43 41.67
C HIS A 319 27.67 36.40 42.27
N HIS A 320 26.42 35.96 42.45
CA HIS A 320 25.35 36.82 42.91
C HIS A 320 25.22 36.86 44.44
N ARG A 321 26.21 36.35 45.16
CA ARG A 321 26.13 36.29 46.61
C ARG A 321 26.08 37.70 47.19
N SER A 322 25.00 37.98 47.93
CA SER A 322 24.82 39.33 48.48
C SER A 322 25.83 39.55 49.61
N PRO A 323 26.44 40.75 49.72
CA PRO A 323 27.30 41.00 50.88
C PRO A 323 26.58 40.90 52.22
N SER A 324 25.33 41.38 52.29
CA SER A 324 24.63 41.45 53.56
C SER A 324 24.34 40.06 54.11
N THR A 325 23.80 39.17 53.27
CA THR A 325 23.40 37.85 53.76
C THR A 325 24.61 37.01 54.13
N HIS A 326 25.64 37.00 53.28
CA HIS A 326 26.77 36.07 53.41
C HIS A 326 28.06 36.88 53.53
N VAL A 327 28.72 36.74 54.68
CA VAL A 327 30.06 37.28 54.86
C VAL A 327 31.05 36.33 54.19
N MET A 328 32.11 36.89 53.62
CA MET A 328 33.09 36.08 52.91
C MET A 328 33.87 35.26 53.93
N PRO A 329 33.85 33.92 53.87
CA PRO A 329 34.66 33.15 54.83
C PRO A 329 36.15 33.36 54.60
N ASN A 330 36.91 33.17 55.68
CA ASN A 330 38.36 33.35 55.59
C ASN A 330 39.00 32.31 54.67
N TRP A 331 38.44 31.11 54.60
CA TRP A 331 38.99 30.10 53.69
C TRP A 331 38.81 30.51 52.24
N VAL A 332 37.67 31.12 51.90
CA VAL A 332 37.44 31.59 50.53
C VAL A 332 38.43 32.70 50.19
N ARG A 333 38.58 33.67 51.09
CA ARG A 333 39.51 34.76 50.84
C ARG A 333 40.95 34.27 50.79
N LYS A 334 41.28 33.21 51.53
CA LYS A 334 42.63 32.68 51.53
C LYS A 334 42.94 31.94 50.24
N VAL A 335 42.01 31.10 49.78
CA VAL A 335 42.27 30.28 48.60
C VAL A 335 42.09 31.10 47.33
N PHE A 336 40.88 31.60 47.10
CA PHE A 336 40.51 32.13 45.79
C PHE A 336 41.03 33.53 45.51
N ILE A 337 41.34 34.32 46.56
CA ILE A 337 41.72 35.72 46.38
C ILE A 337 43.22 35.89 46.59
N ASP A 338 43.84 35.02 47.39
CA ASP A 338 45.25 35.14 47.72
C ASP A 338 46.09 34.01 47.14
N THR A 339 45.78 32.75 47.46
CA THR A 339 46.64 31.65 47.06
C THR A 339 46.53 31.36 45.57
N ILE A 340 45.32 31.09 45.09
CA ILE A 340 45.14 30.66 43.69
C ILE A 340 45.59 31.72 42.69
N PRO A 341 45.27 33.01 42.85
CA PRO A 341 45.67 33.99 41.82
C PRO A 341 47.17 34.07 41.57
N ASN A 342 48.01 33.55 42.46
CA ASN A 342 49.44 33.52 42.20
C ASN A 342 49.78 32.55 41.07
N ILE A 343 49.14 31.37 41.07
CA ILE A 343 49.47 30.36 40.06
C ILE A 343 49.04 30.83 38.67
N MET A 344 47.90 31.50 38.59
CA MET A 344 47.41 32.13 37.37
C MET A 344 47.86 33.60 37.35
N PHE A 345 47.42 34.35 36.34
CA PHE A 345 47.92 35.72 36.11
C PHE A 345 46.77 36.65 35.73
N PHE A 346 46.14 37.25 36.74
CA PHE A 346 45.31 38.43 36.56
C PHE A 346 45.47 39.30 37.81
N SER A 347 44.84 40.48 37.79
CA SER A 347 44.98 41.41 38.91
C SER A 347 44.32 40.84 40.15
N THR A 348 44.75 41.35 41.30
CA THR A 348 44.36 40.83 42.63
C THR A 348 43.51 41.87 43.35
N MET A 349 42.21 41.62 43.41
CA MET A 349 41.30 42.38 44.27
C MET A 349 40.76 41.46 45.37
N LYS A 388 19.58 80.79 63.80
CA LYS A 388 19.85 79.49 63.21
C LYS A 388 18.54 78.78 62.87
N HIS A 389 18.19 78.78 61.59
CA HIS A 389 16.95 78.14 61.17
C HIS A 389 17.10 76.62 61.23
N PRO A 390 16.05 75.88 61.63
CA PRO A 390 16.14 74.41 61.55
C PRO A 390 16.30 73.88 60.14
N GLU A 391 15.88 74.63 59.12
CA GLU A 391 15.94 74.13 57.75
C GLU A 391 17.38 74.02 57.27
N VAL A 392 18.25 74.97 57.66
CA VAL A 392 19.65 74.88 57.29
C VAL A 392 20.31 73.66 57.92
N LYS A 393 19.99 73.40 59.20
CA LYS A 393 20.48 72.19 59.84
C LYS A 393 19.98 70.94 59.15
N SER A 394 18.71 70.95 58.73
CA SER A 394 18.16 69.81 58.00
C SER A 394 18.89 69.59 56.69
N ALA A 395 19.22 70.67 55.97
CA ALA A 395 19.97 70.54 54.73
C ALA A 395 21.37 70.00 54.97
N ILE A 396 22.03 70.47 56.02
CA ILE A 396 23.38 69.98 56.33
C ILE A 396 23.32 68.49 56.64
N GLU A 397 22.36 68.09 57.48
CA GLU A 397 22.19 66.69 57.80
C GLU A 397 21.85 65.87 56.57
N GLY A 398 21.09 66.45 55.63
CA GLY A 398 20.77 65.73 54.40
C GLY A 398 22.00 65.49 53.54
N ILE A 399 22.86 66.51 53.40
CA ILE A 399 24.09 66.33 52.64
C ILE A 399 24.97 65.27 53.30
N LYS A 400 25.09 65.32 54.63
CA LYS A 400 25.85 64.29 55.34
C LYS A 400 25.21 62.91 55.14
N TYR A 401 23.89 62.85 55.11
CA TYR A 401 23.21 61.58 54.89
C TYR A 401 23.50 61.02 53.51
N ILE A 402 23.52 61.88 52.50
CA ILE A 402 23.86 61.43 51.15
C ILE A 402 25.29 60.90 51.12
N ALA A 403 26.21 61.61 51.77
CA ALA A 403 27.60 61.16 51.81
C ALA A 403 27.73 59.79 52.49
N GLU A 404 27.04 59.61 53.62
CA GLU A 404 27.10 58.32 54.31
C GLU A 404 26.43 57.22 53.51
N THR A 405 25.34 57.54 52.82
CA THR A 405 24.66 56.55 51.99
C THR A 405 25.59 56.08 50.88
N MET A 406 26.34 56.99 50.27
CA MET A 406 27.27 56.57 49.23
C MET A 406 28.48 55.86 49.82
N LYS A 407 28.88 56.20 51.06
CA LYS A 407 29.80 55.35 51.82
C LYS A 407 29.34 53.89 51.84
N SER A 408 28.11 53.68 52.31
CA SER A 408 27.60 52.32 52.46
C SER A 408 27.45 51.64 51.11
N ASP A 409 27.00 52.37 50.09
CA ASP A 409 26.87 51.80 48.76
C ASP A 409 28.22 51.37 48.21
N GLN A 410 29.25 52.19 48.42
CA GLN A 410 30.59 51.83 47.96
C GLN A 410 31.08 50.57 48.65
N GLU A 411 30.88 50.48 49.97
CA GLU A 411 31.33 49.28 50.68
C GLU A 411 30.59 48.03 50.21
N SER A 412 29.27 48.14 50.01
CA SER A 412 28.49 47.00 49.54
C SER A 412 28.94 46.58 48.14
N ASN A 413 29.17 47.55 47.25
CA ASN A 413 29.64 47.23 45.91
C ASN A 413 31.02 46.57 45.95
N ASN A 414 31.88 47.01 46.87
CA ASN A 414 33.20 46.40 46.98
C ASN A 414 33.10 44.94 47.42
N ALA A 415 32.25 44.65 48.41
CA ALA A 415 32.10 43.26 48.85
C ALA A 415 31.49 42.39 47.73
N ALA A 416 30.48 42.93 47.03
CA ALA A 416 29.91 42.20 45.91
C ALA A 416 30.96 41.95 44.83
N ALA A 417 31.85 42.92 44.61
CA ALA A 417 32.92 42.74 43.64
C ALA A 417 33.90 41.67 44.09
N GLU A 418 34.14 41.55 45.40
CA GLU A 418 34.97 40.44 45.89
C GLU A 418 34.32 39.10 45.54
N TRP A 419 33.02 38.99 45.75
CA TRP A 419 32.33 37.74 45.39
C TRP A 419 32.41 37.47 43.89
N LYS A 420 32.23 38.52 43.07
CA LYS A 420 32.31 38.36 41.63
C LYS A 420 33.72 37.96 41.19
N TYR A 421 34.74 38.51 41.84
CA TYR A 421 36.12 38.12 41.55
C TYR A 421 36.34 36.65 41.88
N VAL A 422 35.79 36.19 43.00
CA VAL A 422 35.90 34.77 43.34
C VAL A 422 35.27 33.91 42.24
N ALA A 423 34.06 34.27 41.82
CA ALA A 423 33.39 33.51 40.78
C ALA A 423 34.19 33.53 39.47
N MET A 424 34.83 34.65 39.18
CA MET A 424 35.66 34.81 37.96
C MET A 424 36.87 33.87 38.07
N VAL A 425 37.46 33.70 39.25
CA VAL A 425 38.63 32.83 39.38
C VAL A 425 38.23 31.37 39.21
N MET A 426 37.11 30.97 39.83
CA MET A 426 36.63 29.61 39.63
C MET A 426 36.30 29.34 38.16
N ASP A 427 35.67 30.30 37.49
CA ASP A 427 35.32 30.19 36.06
C ASP A 427 36.59 29.99 35.23
N HIS A 428 37.65 30.75 35.52
CA HIS A 428 38.89 30.65 34.75
C HIS A 428 39.57 29.30 34.96
N ILE A 429 39.57 28.79 36.19
CA ILE A 429 40.14 27.46 36.41
C ILE A 429 39.31 26.40 35.68
N LEU A 430 37.99 26.48 35.80
CA LEU A 430 37.13 25.46 35.26
C LEU A 430 37.20 25.40 33.74
N LEU A 431 37.48 26.53 33.08
CA LEU A 431 37.65 26.50 31.63
C LEU A 431 38.77 25.56 31.22
N GLY A 432 39.96 25.74 31.82
CA GLY A 432 41.07 24.86 31.49
C GLY A 432 40.82 23.43 31.92
N VAL A 433 40.22 23.24 33.09
CA VAL A 433 39.96 21.89 33.58
C VAL A 433 39.02 21.16 32.63
N PHE A 434 37.97 21.82 32.17
CA PHE A 434 36.98 21.16 31.33
C PHE A 434 37.49 20.95 29.91
N MET A 435 38.28 21.89 29.37
CA MET A 435 38.88 21.63 28.06
C MET A 435 39.83 20.44 28.12
N LEU A 436 40.65 20.38 29.17
CA LEU A 436 41.56 19.24 29.32
C LEU A 436 40.78 17.94 29.48
N VAL A 437 39.69 17.97 30.26
CA VAL A 437 38.91 16.76 30.46
C VAL A 437 38.27 16.32 29.15
N CYS A 438 37.79 17.27 28.34
CA CYS A 438 37.23 16.94 27.03
C CYS A 438 38.27 16.22 26.17
N ILE A 439 39.46 16.80 26.05
CA ILE A 439 40.49 16.21 25.20
C ILE A 439 40.90 14.83 25.73
N ILE A 440 41.13 14.74 27.04
CA ILE A 440 41.63 13.49 27.62
C ILE A 440 40.58 12.41 27.55
N GLY A 441 39.30 12.75 27.78
CA GLY A 441 38.26 11.76 27.68
C GLY A 441 38.07 11.24 26.26
N THR A 442 38.08 12.15 25.27
CA THR A 442 37.96 11.72 23.89
C THR A 442 39.10 10.78 23.51
N LEU A 443 40.34 11.15 23.88
CA LEU A 443 41.47 10.30 23.55
C LEU A 443 41.41 8.98 24.32
N ALA A 444 41.11 9.02 25.62
CA ALA A 444 41.04 7.79 26.40
C ALA A 444 39.94 6.87 25.90
N VAL A 445 38.92 7.39 25.23
CA VAL A 445 37.92 6.54 24.62
C VAL A 445 38.43 5.92 23.33
N PHE A 446 38.89 6.76 22.39
CA PHE A 446 39.11 6.28 21.02
C PHE A 446 40.52 5.79 20.72
N ALA A 447 41.53 6.34 21.41
CA ALA A 447 42.92 6.16 21.00
C ALA A 447 43.37 4.71 21.10
N GLY A 448 42.87 3.95 22.08
CA GLY A 448 43.25 2.56 22.20
C GLY A 448 42.97 1.76 20.94
N ARG A 449 41.70 1.76 20.53
CA ARG A 449 41.34 1.03 19.32
C ARG A 449 41.97 1.66 18.08
N LEU A 450 42.07 2.99 18.02
CA LEU A 450 42.65 3.61 16.83
C LEU A 450 44.13 3.23 16.67
N ILE A 451 44.90 3.26 17.77
CA ILE A 451 46.29 2.87 17.73
C ILE A 451 46.41 1.39 17.40
N GLU A 452 45.53 0.55 17.96
CA GLU A 452 45.58 -0.87 17.66
C GLU A 452 45.33 -1.12 16.18
N LEU A 453 44.38 -0.39 15.59
CA LEU A 453 44.14 -0.52 14.16
C LEU A 453 45.33 -0.04 13.34
N ASN A 454 46.02 1.00 13.80
CA ASN A 454 47.21 1.47 13.08
C ASN A 454 48.37 0.48 13.20
N GLN A 455 48.45 -0.27 14.30
CA GLN A 455 49.56 -1.20 14.50
C GLN A 455 49.60 -2.32 13.46
N GLN A 456 48.48 -2.59 12.78
CA GLN A 456 48.36 -3.77 11.93
C GLN A 456 48.69 -3.47 10.47
N GLY A 457 49.58 -2.52 10.21
CA GLY A 457 50.03 -2.23 8.85
C GLY A 457 49.35 -1.04 8.21
N SER B 21 -2.42 -50.79 9.78
CA SER B 21 -3.82 -51.31 9.75
C SER B 21 -4.22 -51.69 8.33
N GLU B 22 -4.15 -52.97 8.03
CA GLU B 22 -4.53 -53.47 6.71
C GLU B 22 -6.01 -53.21 6.43
N HIS B 23 -6.84 -53.29 7.47
CA HIS B 23 -8.27 -53.04 7.30
C HIS B 23 -8.52 -51.63 6.82
N GLU B 24 -7.82 -50.65 7.40
CA GLU B 24 -8.00 -49.27 6.99
C GLU B 24 -7.51 -49.05 5.56
N THR B 25 -6.43 -49.73 5.17
CA THR B 25 -5.95 -49.62 3.80
C THR B 25 -7.00 -50.13 2.82
N ARG B 26 -7.56 -51.32 3.09
CA ARG B 26 -8.59 -51.86 2.23
C ARG B 26 -9.82 -50.96 2.20
N LEU B 27 -10.19 -50.42 3.36
CA LEU B 27 -11.34 -49.53 3.43
C LEU B 27 -11.14 -48.28 2.57
N VAL B 28 -9.99 -47.64 2.71
CA VAL B 28 -9.73 -46.40 1.96
C VAL B 28 -9.66 -46.71 0.47
N ALA B 29 -9.11 -47.86 0.10
CA ALA B 29 -9.11 -48.24 -1.31
C ALA B 29 -10.54 -48.40 -1.84
N LYS B 30 -11.42 -49.03 -1.05
CA LYS B 30 -12.79 -49.23 -1.50
C LYS B 30 -13.55 -47.90 -1.57
N LEU B 31 -13.33 -47.01 -0.59
CA LEU B 31 -14.14 -45.81 -0.49
C LEU B 31 -13.89 -44.84 -1.64
N PHE B 32 -12.67 -44.82 -2.17
CA PHE B 32 -12.26 -43.86 -3.19
C PHE B 32 -12.03 -44.50 -4.55
N LYS B 33 -12.63 -45.66 -4.81
CA LYS B 33 -12.47 -46.31 -6.09
C LYS B 33 -13.16 -45.53 -7.21
N ASP B 34 -14.43 -45.16 -6.99
CA ASP B 34 -15.22 -44.40 -7.96
C ASP B 34 -15.72 -43.09 -7.34
N TYR B 35 -15.01 -42.57 -6.36
CA TYR B 35 -15.44 -41.38 -5.66
C TYR B 35 -15.19 -40.14 -6.50
N SER B 36 -16.06 -39.14 -6.36
CA SER B 36 -15.93 -37.85 -7.01
C SER B 36 -15.99 -36.77 -5.95
N SER B 37 -14.93 -35.97 -5.86
CA SER B 37 -14.92 -34.80 -4.98
C SER B 37 -15.58 -33.58 -5.61
N VAL B 38 -15.86 -33.62 -6.92
CA VAL B 38 -16.54 -32.51 -7.57
C VAL B 38 -18.02 -32.52 -7.20
N VAL B 39 -18.62 -33.69 -7.12
CA VAL B 39 -20.06 -33.83 -6.95
C VAL B 39 -20.42 -33.68 -5.47
N ARG B 40 -21.58 -33.07 -5.22
CA ARG B 40 -22.05 -32.90 -3.86
C ARG B 40 -22.35 -34.27 -3.23
N PRO B 41 -22.04 -34.47 -1.94
CA PRO B 41 -22.10 -35.85 -1.40
C PRO B 41 -23.43 -36.24 -0.77
N VAL B 42 -24.48 -36.36 -1.58
CA VAL B 42 -25.77 -36.91 -1.14
C VAL B 42 -26.34 -37.78 -2.25
N GLU B 43 -27.41 -38.51 -1.92
CA GLU B 43 -27.89 -39.59 -2.77
C GLU B 43 -28.62 -39.05 -4.01
N ASP B 44 -29.34 -37.94 -3.87
CA ASP B 44 -30.10 -37.35 -4.96
C ASP B 44 -29.74 -35.87 -5.09
N HIS B 45 -29.57 -35.41 -6.33
CA HIS B 45 -29.15 -34.04 -6.57
C HIS B 45 -30.20 -33.02 -6.14
N ARG B 46 -31.46 -33.42 -5.98
CA ARG B 46 -32.47 -32.51 -5.45
C ARG B 46 -32.37 -32.31 -3.94
N GLN B 47 -31.60 -33.15 -3.24
CA GLN B 47 -31.41 -32.99 -1.81
C GLN B 47 -30.34 -31.94 -1.52
N VAL B 48 -30.49 -31.28 -0.38
CA VAL B 48 -29.57 -30.24 0.07
C VAL B 48 -28.51 -30.87 0.96
N VAL B 49 -27.27 -30.38 0.83
CA VAL B 49 -26.20 -30.75 1.75
C VAL B 49 -26.36 -29.89 3.00
N GLU B 50 -26.43 -30.54 4.17
CA GLU B 50 -26.57 -29.86 5.44
C GLU B 50 -25.20 -29.78 6.10
N VAL B 51 -24.73 -28.56 6.35
CA VAL B 51 -23.42 -28.30 6.92
C VAL B 51 -23.61 -27.51 8.21
N THR B 52 -23.00 -27.98 9.28
CA THR B 52 -22.95 -27.25 10.53
C THR B 52 -21.62 -26.52 10.62
N VAL B 53 -21.67 -25.22 10.90
CA VAL B 53 -20.50 -24.34 10.92
C VAL B 53 -20.37 -23.77 12.32
N GLY B 54 -19.17 -23.86 12.87
CA GLY B 54 -18.86 -23.25 14.15
C GLY B 54 -17.52 -22.57 14.08
N LEU B 55 -17.41 -21.45 14.80
CA LEU B 55 -16.21 -20.63 14.83
C LEU B 55 -15.61 -20.67 16.22
N GLN B 56 -14.31 -20.97 16.32
CA GLN B 56 -13.57 -20.90 17.57
C GLN B 56 -12.55 -19.77 17.42
N LEU B 57 -12.62 -18.79 18.31
CA LEU B 57 -11.69 -17.68 18.31
C LEU B 57 -10.53 -18.01 19.25
N ILE B 58 -9.34 -18.23 18.69
CA ILE B 58 -8.17 -18.57 19.50
C ILE B 58 -7.49 -17.32 20.01
N GLN B 59 -7.35 -16.29 19.17
CA GLN B 59 -6.64 -15.08 19.56
C GLN B 59 -7.13 -13.92 18.73
N LEU B 60 -7.23 -12.75 19.37
CA LEU B 60 -7.44 -11.48 18.68
C LEU B 60 -6.06 -10.87 18.45
N ILE B 61 -5.51 -11.06 17.26
CA ILE B 61 -4.11 -10.71 17.02
C ILE B 61 -3.94 -9.19 17.02
N ASN B 62 -4.77 -8.46 16.28
CA ASN B 62 -4.55 -7.02 16.22
C ASN B 62 -5.75 -6.32 15.62
N VAL B 63 -5.96 -5.07 16.05
CA VAL B 63 -6.96 -4.17 15.50
C VAL B 63 -6.21 -3.00 14.87
N ASP B 64 -6.40 -2.80 13.57
CA ASP B 64 -5.78 -1.73 12.81
C ASP B 64 -6.84 -0.69 12.53
N GLU B 65 -6.81 0.40 13.29
CA GLU B 65 -7.83 1.44 13.17
C GLU B 65 -7.64 2.27 11.90
N VAL B 66 -6.42 2.36 11.39
CA VAL B 66 -6.16 3.16 10.19
C VAL B 66 -6.85 2.53 8.98
N ASN B 67 -6.49 1.29 8.67
CA ASN B 67 -7.08 0.56 7.56
C ASN B 67 -8.36 -0.18 7.94
N GLN B 68 -8.74 -0.15 9.22
CA GLN B 68 -10.00 -0.73 9.67
C GLN B 68 -10.03 -2.24 9.43
N ILE B 69 -9.02 -2.93 9.97
CA ILE B 69 -8.84 -4.36 9.76
C ILE B 69 -8.65 -5.02 11.11
N VAL B 70 -9.41 -6.08 11.36
CA VAL B 70 -9.24 -6.92 12.55
C VAL B 70 -8.62 -8.23 12.09
N THR B 71 -7.46 -8.58 12.66
CA THR B 71 -6.80 -9.85 12.36
C THR B 71 -6.89 -10.75 13.58
N THR B 72 -7.42 -11.96 13.34
CA THR B 72 -7.71 -12.94 14.38
C THR B 72 -7.21 -14.31 13.93
N ASN B 73 -6.92 -15.16 14.91
CA ASN B 73 -6.62 -16.57 14.69
C ASN B 73 -7.87 -17.37 15.05
N VAL B 74 -8.32 -18.21 14.12
CA VAL B 74 -9.59 -18.93 14.27
C VAL B 74 -9.42 -20.39 13.87
N ARG B 75 -10.32 -21.21 14.38
CA ARG B 75 -10.56 -22.57 13.90
C ARG B 75 -11.99 -22.62 13.36
N LEU B 76 -12.16 -23.14 12.15
CA LEU B 76 -13.45 -23.10 11.46
C LEU B 76 -14.01 -24.53 11.37
N LYS B 77 -14.69 -24.95 12.44
CA LYS B 77 -15.23 -26.30 12.49
C LYS B 77 -16.39 -26.44 11.51
N GLN B 78 -16.33 -27.47 10.67
CA GLN B 78 -17.35 -27.75 9.66
C GLN B 78 -17.71 -29.22 9.72
N GLN B 79 -19.00 -29.51 9.86
CA GLN B 79 -19.50 -30.87 10.00
C GLN B 79 -20.54 -31.14 8.91
N TRP B 80 -20.39 -32.27 8.22
CA TRP B 80 -21.43 -32.65 7.26
C TRP B 80 -21.34 -34.15 7.00
N VAL B 81 -22.43 -34.70 6.49
CA VAL B 81 -22.48 -36.13 6.14
C VAL B 81 -22.14 -36.29 4.68
N ASP B 82 -21.29 -37.26 4.37
CA ASP B 82 -20.96 -37.66 3.01
C ASP B 82 -21.63 -39.00 2.73
N TYR B 83 -22.55 -39.01 1.77
CA TYR B 83 -23.37 -40.20 1.54
C TYR B 83 -22.53 -41.38 1.06
N ASN B 84 -21.54 -41.13 0.22
CA ASN B 84 -20.77 -42.19 -0.41
C ASN B 84 -19.57 -42.66 0.41
N LEU B 85 -19.35 -42.10 1.60
CA LEU B 85 -18.22 -42.44 2.46
C LEU B 85 -18.66 -43.18 3.72
N LYS B 86 -19.61 -44.09 3.58
CA LYS B 86 -20.08 -44.93 4.67
C LYS B 86 -19.51 -46.34 4.56
N TRP B 87 -19.41 -47.03 5.69
CA TRP B 87 -18.99 -48.42 5.70
C TRP B 87 -19.52 -49.09 6.95
N ASN B 88 -19.50 -50.42 6.93
CA ASN B 88 -19.85 -51.23 8.09
C ASN B 88 -18.57 -51.60 8.83
N PRO B 89 -18.37 -51.20 10.10
CA PRO B 89 -17.10 -51.53 10.76
C PRO B 89 -16.82 -53.02 10.86
N ASP B 90 -17.84 -53.86 10.96
CA ASP B 90 -17.63 -55.29 11.10
C ASP B 90 -16.88 -55.88 9.91
N ASP B 91 -17.07 -55.31 8.72
CA ASP B 91 -16.38 -55.77 7.53
C ASP B 91 -14.94 -55.29 7.45
N TYR B 92 -14.49 -54.44 8.38
CA TYR B 92 -13.16 -53.85 8.33
C TYR B 92 -12.51 -53.86 9.71
N GLY B 93 -12.69 -54.97 10.44
CA GLY B 93 -11.99 -55.15 11.70
C GLY B 93 -12.40 -54.22 12.80
N GLY B 94 -13.61 -53.65 12.75
CA GLY B 94 -14.06 -52.73 13.76
C GLY B 94 -13.56 -51.32 13.63
N VAL B 95 -13.00 -50.94 12.49
CA VAL B 95 -12.57 -49.57 12.25
C VAL B 95 -13.81 -48.70 12.15
N LYS B 96 -13.99 -47.80 13.13
CA LYS B 96 -15.17 -46.93 13.19
C LYS B 96 -14.89 -45.51 12.74
N LYS B 97 -13.62 -45.11 12.63
CA LYS B 97 -13.28 -43.77 12.18
C LYS B 97 -11.90 -43.80 11.55
N ILE B 98 -11.69 -42.89 10.58
CA ILE B 98 -10.42 -42.76 9.90
C ILE B 98 -10.13 -41.28 9.66
N HIS B 99 -8.89 -41.00 9.25
CA HIS B 99 -8.41 -39.66 8.97
C HIS B 99 -8.02 -39.58 7.50
N ILE B 100 -8.58 -38.60 6.79
CA ILE B 100 -8.45 -38.54 5.32
C ILE B 100 -7.96 -37.15 4.94
N PRO B 101 -7.11 -36.98 3.92
CA PRO B 101 -6.79 -35.62 3.48
C PRO B 101 -8.03 -34.89 2.99
N SER B 102 -8.14 -33.62 3.39
CA SER B 102 -9.30 -32.82 3.00
C SER B 102 -9.32 -32.53 1.51
N GLU B 103 -8.17 -32.55 0.83
CA GLU B 103 -8.15 -32.31 -0.60
C GLU B 103 -8.81 -33.44 -1.39
N LYS B 104 -8.96 -34.62 -0.80
CA LYS B 104 -9.48 -35.78 -1.54
C LYS B 104 -11.00 -35.81 -1.63
N ILE B 105 -11.72 -34.99 -0.86
CA ILE B 105 -13.17 -35.06 -0.75
C ILE B 105 -13.79 -33.73 -1.13
N TRP B 106 -15.08 -33.77 -1.44
CA TRP B 106 -15.85 -32.55 -1.58
C TRP B 106 -15.89 -31.84 -0.24
N ARG B 107 -15.86 -30.51 -0.29
CA ARG B 107 -15.94 -29.67 0.89
C ARG B 107 -16.86 -28.50 0.58
N PRO B 108 -17.46 -27.88 1.59
CA PRO B 108 -18.08 -26.58 1.35
C PRO B 108 -17.02 -25.53 1.05
N ASP B 109 -17.38 -24.59 0.19
CA ASP B 109 -16.47 -23.51 -0.22
C ASP B 109 -16.74 -22.25 0.59
N LEU B 110 -16.52 -22.35 1.89
CA LEU B 110 -16.78 -21.22 2.78
C LEU B 110 -15.79 -20.10 2.50
N VAL B 111 -16.31 -18.88 2.42
CA VAL B 111 -15.53 -17.68 2.17
C VAL B 111 -15.92 -16.65 3.21
N LEU B 112 -14.93 -15.91 3.70
CA LEU B 112 -15.14 -14.72 4.51
C LEU B 112 -15.52 -13.57 3.59
N TYR B 113 -16.80 -13.20 3.60
CA TYR B 113 -17.31 -12.24 2.63
C TYR B 113 -16.73 -10.84 2.88
N ASN B 114 -16.53 -10.48 4.15
CA ASN B 114 -15.98 -9.18 4.51
C ASN B 114 -14.48 -9.23 4.76
N ASN B 115 -13.77 -10.09 4.03
CA ASN B 115 -12.31 -10.11 4.11
C ASN B 115 -11.74 -8.77 3.67
N ALA B 116 -10.78 -8.26 4.45
CA ALA B 116 -10.16 -6.98 4.11
C ALA B 116 -9.02 -7.18 3.10
N ASP B 117 -7.92 -7.82 3.53
CA ASP B 117 -6.79 -8.04 2.64
C ASP B 117 -6.11 -9.39 2.84
N GLY B 118 -6.67 -10.31 3.61
CA GLY B 118 -6.08 -11.62 3.83
C GLY B 118 -6.63 -12.65 2.87
N ASP B 119 -6.67 -13.90 3.34
CA ASP B 119 -7.20 -14.98 2.54
C ASP B 119 -8.72 -14.97 2.56
N PHE B 120 -9.32 -15.35 1.43
CA PHE B 120 -10.78 -15.39 1.32
C PHE B 120 -11.34 -16.68 1.86
N ALA B 121 -10.64 -17.80 1.67
CA ALA B 121 -11.11 -19.12 2.03
C ALA B 121 -10.00 -19.85 2.78
N ILE B 122 -10.31 -21.08 3.21
CA ILE B 122 -9.35 -21.91 3.91
C ILE B 122 -8.20 -22.26 2.96
N VAL B 123 -6.98 -22.05 3.43
CA VAL B 123 -5.79 -22.46 2.70
C VAL B 123 -5.02 -23.58 3.39
N LYS B 124 -5.30 -23.85 4.67
CA LYS B 124 -4.63 -24.91 5.43
C LYS B 124 -5.51 -26.15 5.36
N PHE B 125 -5.19 -27.06 4.43
CA PHE B 125 -6.02 -28.23 4.17
C PHE B 125 -5.55 -29.37 5.06
N THR B 126 -5.99 -29.31 6.32
CA THR B 126 -5.72 -30.35 7.30
C THR B 126 -6.64 -31.54 7.07
N LYS B 127 -6.32 -32.65 7.72
CA LYS B 127 -7.07 -33.87 7.53
C LYS B 127 -8.45 -33.78 8.19
N VAL B 128 -9.40 -34.51 7.62
CA VAL B 128 -10.76 -34.61 8.12
C VAL B 128 -10.90 -35.92 8.89
N LEU B 129 -11.72 -35.90 9.93
CA LEU B 129 -12.12 -37.10 10.65
C LEU B 129 -13.42 -37.62 10.07
N LEU B 130 -13.39 -38.83 9.51
CA LEU B 130 -14.54 -39.46 8.88
C LEU B 130 -14.99 -40.63 9.75
N GLN B 131 -16.26 -40.64 10.12
CA GLN B 131 -16.88 -41.73 10.85
C GLN B 131 -17.48 -42.74 9.89
N TYR B 132 -17.77 -43.94 10.41
CA TYR B 132 -18.35 -44.99 9.57
C TYR B 132 -19.75 -44.66 9.08
N THR B 133 -20.45 -43.75 9.76
CA THR B 133 -21.77 -43.29 9.32
C THR B 133 -21.70 -42.25 8.21
N GLY B 134 -20.51 -41.95 7.68
CA GLY B 134 -20.35 -40.92 6.69
C GLY B 134 -20.21 -39.52 7.24
N HIS B 135 -20.29 -39.34 8.55
CA HIS B 135 -20.14 -38.02 9.14
C HIS B 135 -18.67 -37.58 9.08
N ILE B 136 -18.47 -36.33 8.70
CA ILE B 136 -17.15 -35.74 8.54
C ILE B 136 -17.07 -34.51 9.42
N THR B 137 -15.99 -34.39 10.17
CA THR B 137 -15.63 -33.20 10.94
C THR B 137 -14.30 -32.69 10.41
N TRP B 138 -14.27 -31.42 10.00
CA TRP B 138 -13.07 -30.78 9.47
C TRP B 138 -12.90 -29.46 10.20
N THR B 139 -11.77 -29.29 10.88
CA THR B 139 -11.52 -28.13 11.75
C THR B 139 -10.23 -27.45 11.34
N PRO B 140 -10.20 -26.81 10.17
CA PRO B 140 -8.98 -26.18 9.71
C PRO B 140 -8.68 -24.91 10.51
N PRO B 141 -7.41 -24.55 10.67
CA PRO B 141 -7.09 -23.23 11.20
C PRO B 141 -7.07 -22.17 10.11
N ALA B 142 -7.17 -20.92 10.54
CA ALA B 142 -7.09 -19.81 9.61
C ALA B 142 -6.71 -18.55 10.38
N ILE B 143 -6.16 -17.60 9.65
CA ILE B 143 -5.96 -16.24 10.12
C ILE B 143 -6.89 -15.36 9.30
N PHE B 144 -7.93 -14.83 9.95
CA PHE B 144 -8.92 -14.01 9.29
C PHE B 144 -8.53 -12.55 9.44
N LYS B 145 -8.48 -11.84 8.31
CA LYS B 145 -8.31 -10.39 8.28
C LYS B 145 -9.61 -9.81 7.74
N SER B 146 -10.45 -9.31 8.64
CA SER B 146 -11.81 -8.91 8.32
C SER B 146 -11.97 -7.41 8.46
N TYR B 147 -12.70 -6.81 7.53
CA TYR B 147 -13.00 -5.39 7.64
C TYR B 147 -13.95 -5.16 8.82
N CYS B 148 -13.68 -4.10 9.58
CA CYS B 148 -14.54 -3.68 10.68
C CYS B 148 -14.57 -2.16 10.68
N GLU B 149 -15.76 -1.58 10.54
CA GLU B 149 -15.89 -0.12 10.56
C GLU B 149 -15.55 0.36 11.96
N ILE B 150 -14.42 1.05 12.09
CA ILE B 150 -13.93 1.53 13.38
C ILE B 150 -14.47 2.94 13.61
N ILE B 151 -15.21 3.11 14.70
CA ILE B 151 -15.64 4.43 15.15
C ILE B 151 -14.62 4.93 16.16
N VAL B 152 -14.01 6.08 15.87
CA VAL B 152 -12.93 6.62 16.69
C VAL B 152 -13.41 7.80 17.53
N THR B 153 -14.73 7.96 17.70
CA THR B 153 -15.25 9.13 18.40
C THR B 153 -14.78 9.18 19.84
N HIS B 154 -14.80 8.04 20.53
CA HIS B 154 -14.49 7.95 21.95
C HIS B 154 -13.09 7.40 22.22
N PHE B 155 -12.22 7.39 21.21
CA PHE B 155 -10.88 6.83 21.38
C PHE B 155 -10.11 7.64 22.43
N PRO B 156 -9.40 7.00 23.38
CA PRO B 156 -9.14 5.56 23.57
C PRO B 156 -10.16 4.83 24.45
N PHE B 157 -11.30 5.45 24.76
CA PHE B 157 -12.36 4.83 25.55
C PHE B 157 -13.47 4.28 24.66
N ASP B 158 -13.10 3.78 23.49
CA ASP B 158 -14.06 3.39 22.46
C ASP B 158 -14.44 1.91 22.59
N GLU B 159 -15.60 1.60 22.02
CA GLU B 159 -16.10 0.24 21.90
C GLU B 159 -16.37 -0.05 20.43
N GLN B 160 -15.96 -1.22 19.97
CA GLN B 160 -16.08 -1.61 18.54
C GLN B 160 -17.03 -2.79 18.40
N ASN B 161 -17.54 -3.04 17.20
CA ASN B 161 -18.45 -4.17 16.90
C ASN B 161 -17.94 -4.78 15.60
N CYS B 162 -17.02 -5.74 15.67
CA CYS B 162 -16.37 -6.30 14.45
C CYS B 162 -16.98 -7.65 14.10
N SER B 163 -17.37 -7.86 12.84
CA SER B 163 -18.09 -9.04 12.38
C SER B 163 -17.28 -9.82 11.35
N MET B 164 -17.61 -11.10 11.26
CA MET B 164 -17.07 -12.03 10.28
C MET B 164 -18.25 -12.71 9.60
N LYS B 165 -18.47 -12.41 8.33
CA LYS B 165 -19.56 -12.96 7.55
C LYS B 165 -19.02 -14.12 6.70
N LEU B 166 -19.56 -15.31 6.91
CA LEU B 166 -19.10 -16.53 6.27
C LEU B 166 -20.21 -17.13 5.43
N GLY B 167 -19.87 -17.58 4.23
CA GLY B 167 -20.86 -18.24 3.40
C GLY B 167 -20.23 -19.04 2.28
N THR B 168 -20.99 -20.00 1.77
CA THR B 168 -20.56 -20.74 0.60
C THR B 168 -20.59 -19.82 -0.61
N TRP B 169 -19.43 -19.66 -1.26
CA TRP B 169 -19.29 -18.66 -2.31
C TRP B 169 -20.15 -18.99 -3.52
N THR B 170 -20.12 -20.24 -3.97
CA THR B 170 -20.72 -20.63 -5.24
C THR B 170 -21.96 -21.49 -5.12
N TYR B 171 -22.34 -21.91 -3.91
CA TYR B 171 -23.55 -22.70 -3.68
C TYR B 171 -24.59 -21.84 -2.98
N ASP B 172 -25.83 -21.94 -3.43
CA ASP B 172 -26.95 -21.26 -2.80
C ASP B 172 -27.62 -22.21 -1.81
N GLY B 173 -28.62 -21.70 -1.10
CA GLY B 173 -29.28 -22.47 -0.05
C GLY B 173 -30.09 -23.65 -0.54
N SER B 174 -30.39 -23.72 -1.84
CA SER B 174 -31.13 -24.84 -2.39
C SER B 174 -30.25 -26.04 -2.73
N VAL B 175 -28.92 -25.91 -2.62
CA VAL B 175 -28.01 -27.02 -2.86
C VAL B 175 -27.15 -27.32 -1.63
N VAL B 176 -26.69 -26.29 -0.92
CA VAL B 176 -25.93 -26.44 0.30
C VAL B 176 -26.53 -25.49 1.34
N ALA B 177 -26.89 -26.04 2.50
CA ALA B 177 -27.41 -25.26 3.62
C ALA B 177 -26.40 -25.25 4.75
N ILE B 178 -26.15 -24.08 5.31
CA ILE B 178 -25.26 -23.92 6.46
C ILE B 178 -26.10 -23.53 7.67
N ASN B 179 -25.78 -24.14 8.81
CA ASN B 179 -26.44 -23.86 10.08
C ASN B 179 -25.39 -23.58 11.15
N PRO B 180 -25.64 -22.68 12.10
CA PRO B 180 -24.67 -22.50 13.18
C PRO B 180 -24.59 -23.72 14.08
N GLU B 181 -23.39 -23.97 14.60
CA GLU B 181 -23.22 -25.03 15.59
C GLU B 181 -23.76 -24.59 16.95
N SER B 182 -23.59 -23.32 17.29
CA SER B 182 -24.03 -22.78 18.57
C SER B 182 -24.43 -21.33 18.36
N ASP B 183 -25.19 -20.80 19.31
CA ASP B 183 -25.60 -19.40 19.23
C ASP B 183 -24.45 -18.43 19.46
N GLN B 184 -23.29 -18.88 19.94
CA GLN B 184 -22.16 -18.02 20.24
C GLN B 184 -20.88 -18.61 19.67
N PRO B 185 -19.87 -17.79 19.37
CA PRO B 185 -18.56 -18.36 19.04
C PRO B 185 -17.97 -19.09 20.23
N ASP B 186 -17.15 -20.10 19.93
CA ASP B 186 -16.46 -20.86 20.96
C ASP B 186 -15.25 -20.05 21.42
N LEU B 187 -15.27 -19.62 22.69
CA LEU B 187 -14.19 -18.83 23.29
C LEU B 187 -13.50 -19.60 24.41
N SER B 188 -13.65 -20.93 24.44
CA SER B 188 -13.06 -21.73 25.52
C SER B 188 -11.54 -21.74 25.46
N ASN B 189 -10.95 -21.61 24.27
CA ASN B 189 -9.51 -21.61 24.07
C ASN B 189 -9.01 -20.24 23.61
N PHE B 190 -9.59 -19.17 24.13
CA PHE B 190 -9.25 -17.81 23.72
C PHE B 190 -8.10 -17.29 24.58
N MET B 191 -7.03 -16.86 23.93
CA MET B 191 -5.90 -16.26 24.63
C MET B 191 -6.24 -14.83 25.05
N GLU B 192 -5.82 -14.45 26.24
CA GLU B 192 -6.12 -13.13 26.76
C GLU B 192 -5.45 -12.05 25.91
N SER B 193 -6.21 -10.99 25.63
CA SER B 193 -5.68 -9.84 24.92
C SER B 193 -5.25 -8.76 25.91
N GLY B 194 -4.07 -8.20 25.67
CA GLY B 194 -3.57 -7.10 26.47
C GLY B 194 -4.02 -5.74 26.01
N GLU B 195 -4.90 -5.66 25.02
CA GLU B 195 -5.38 -4.39 24.46
C GLU B 195 -6.89 -4.29 24.37
N TRP B 196 -7.62 -5.41 24.37
CA TRP B 196 -9.06 -5.42 24.15
C TRP B 196 -9.71 -6.42 25.08
N VAL B 197 -10.96 -6.13 25.46
CA VAL B 197 -11.80 -7.05 26.23
C VAL B 197 -13.04 -7.31 25.39
N ILE B 198 -13.31 -8.58 25.10
CA ILE B 198 -14.49 -8.96 24.35
C ILE B 198 -15.67 -8.98 25.31
N LYS B 199 -16.55 -7.97 25.20
CA LYS B 199 -17.72 -7.92 26.06
C LYS B 199 -18.78 -8.93 25.63
N GLU B 200 -19.02 -9.05 24.33
CA GLU B 200 -20.12 -9.89 23.85
C GLU B 200 -19.73 -10.53 22.52
N SER B 201 -20.28 -11.72 22.28
CA SER B 201 -20.07 -12.41 21.02
C SER B 201 -21.33 -13.17 20.64
N ARG B 202 -21.71 -13.20 19.37
CA ARG B 202 -22.98 -13.87 18.98
C ARG B 202 -22.97 -14.15 17.49
N GLY B 203 -23.40 -15.33 17.08
CA GLY B 203 -23.52 -15.76 15.70
C GLY B 203 -24.98 -15.81 15.27
N TRP B 204 -25.25 -15.21 14.11
CA TRP B 204 -26.60 -15.15 13.54
C TRP B 204 -26.58 -15.70 12.13
N LYS B 205 -27.54 -16.56 11.81
CA LYS B 205 -27.76 -17.01 10.44
C LYS B 205 -28.74 -16.09 9.74
N HIS B 206 -28.42 -15.73 8.49
CA HIS B 206 -29.27 -14.89 7.66
C HIS B 206 -29.54 -15.59 6.34
N SER B 207 -30.78 -15.48 5.87
CA SER B 207 -31.22 -16.03 4.59
C SER B 207 -31.88 -14.91 3.80
N VAL B 208 -31.40 -14.68 2.58
CA VAL B 208 -31.89 -13.62 1.71
C VAL B 208 -32.46 -14.26 0.45
N THR B 209 -33.71 -13.92 0.13
CA THR B 209 -34.35 -14.31 -1.11
C THR B 209 -34.62 -13.07 -1.92
N TYR B 210 -34.10 -13.04 -3.15
CA TYR B 210 -34.33 -11.92 -4.05
C TYR B 210 -35.65 -12.11 -4.80
N SER B 211 -36.29 -10.98 -5.13
CA SER B 211 -37.60 -11.04 -5.75
C SER B 211 -37.55 -11.74 -7.11
N CYS B 212 -36.42 -11.66 -7.81
CA CYS B 212 -36.30 -12.31 -9.11
C CYS B 212 -36.36 -13.83 -8.97
N CYS B 213 -35.73 -14.37 -7.93
CA CYS B 213 -35.56 -15.82 -7.75
C CYS B 213 -36.16 -16.23 -6.41
N PRO B 214 -37.47 -16.52 -6.35
CA PRO B 214 -38.09 -16.81 -5.04
C PRO B 214 -37.76 -18.18 -4.46
N ASP B 215 -37.19 -19.10 -5.24
CA ASP B 215 -36.91 -20.45 -4.80
C ASP B 215 -35.44 -20.69 -4.46
N THR B 216 -34.61 -19.63 -4.46
CA THR B 216 -33.16 -19.76 -4.31
C THR B 216 -32.70 -18.85 -3.16
N PRO B 217 -32.75 -19.31 -1.92
CA PRO B 217 -32.20 -18.50 -0.83
C PRO B 217 -30.68 -18.52 -0.81
N TYR B 218 -30.12 -17.38 -0.39
CA TYR B 218 -28.68 -17.22 -0.22
C TYR B 218 -28.41 -17.02 1.26
N LEU B 219 -27.55 -17.88 1.81
CA LEU B 219 -27.37 -17.98 3.26
C LEU B 219 -26.01 -17.43 3.67
N ASP B 220 -25.95 -16.96 4.91
CA ASP B 220 -24.67 -16.60 5.52
C ASP B 220 -24.80 -16.77 7.02
N ILE B 221 -23.65 -16.89 7.68
CA ILE B 221 -23.57 -16.86 9.14
C ILE B 221 -22.60 -15.75 9.49
N THR B 222 -23.07 -14.80 10.30
CA THR B 222 -22.27 -13.65 10.73
C THR B 222 -21.99 -13.79 12.22
N TYR B 223 -20.71 -13.85 12.57
CA TYR B 223 -20.27 -13.84 13.96
C TYR B 223 -19.77 -12.44 14.29
N HIS B 224 -20.42 -11.78 15.25
CA HIS B 224 -20.05 -10.44 15.67
C HIS B 224 -19.48 -10.47 17.09
N PHE B 225 -18.51 -9.59 17.33
CA PHE B 225 -17.84 -9.44 18.61
C PHE B 225 -17.91 -7.97 19.00
N VAL B 226 -18.49 -7.70 20.16
CA VAL B 226 -18.47 -6.38 20.79
C VAL B 226 -17.30 -6.36 21.76
N MET B 227 -16.36 -5.45 21.51
CA MET B 227 -15.05 -5.39 22.17
C MET B 227 -14.84 -4.01 22.77
N GLN B 228 -14.16 -3.99 23.91
CA GLN B 228 -13.86 -2.76 24.64
C GLN B 228 -12.35 -2.59 24.75
N ARG B 229 -11.85 -1.43 24.32
CA ARG B 229 -10.43 -1.14 24.43
C ARG B 229 -10.03 -0.95 25.89
N LEU B 230 -8.84 -1.43 26.22
CA LEU B 230 -8.23 -1.13 27.51
C LEU B 230 -7.44 0.17 27.39
N PRO B 231 -7.80 1.24 28.10
CA PRO B 231 -7.21 2.56 27.79
C PRO B 231 -5.98 2.94 28.59
N LEU B 232 -5.39 2.05 29.38
CA LEU B 232 -4.35 2.45 30.31
C LEU B 232 -3.10 2.95 29.59
N TYR B 233 -2.74 2.31 28.48
CA TYR B 233 -1.55 2.73 27.73
C TYR B 233 -1.68 4.16 27.25
N PHE B 234 -2.83 4.51 26.68
CA PHE B 234 -3.03 5.87 26.18
C PHE B 234 -3.20 6.86 27.32
N ILE B 235 -3.78 6.43 28.44
CA ILE B 235 -3.90 7.31 29.60
C ILE B 235 -2.52 7.70 30.11
N VAL B 236 -1.64 6.71 30.24
CA VAL B 236 -0.32 6.96 30.81
C VAL B 236 0.56 7.73 29.83
N ASN B 237 0.60 7.26 28.58
CA ASN B 237 1.59 7.78 27.64
C ASN B 237 1.17 9.08 26.97
N VAL B 238 -0.13 9.34 26.84
CA VAL B 238 -0.62 10.45 26.03
C VAL B 238 -1.35 11.47 26.88
N ILE B 239 -2.36 11.04 27.63
CA ILE B 239 -3.25 11.98 28.31
C ILE B 239 -2.50 12.72 29.41
N ILE B 240 -1.73 12.01 30.24
CA ILE B 240 -1.07 12.66 31.38
C ILE B 240 -0.06 13.71 30.94
N PRO B 241 0.83 13.46 29.98
CA PRO B 241 1.70 14.55 29.50
C PRO B 241 0.95 15.75 28.97
N CYS B 242 -0.14 15.52 28.24
CA CYS B 242 -0.93 16.63 27.72
C CYS B 242 -1.56 17.43 28.85
N LEU B 243 -2.04 16.74 29.89
CA LEU B 243 -2.56 17.43 31.05
C LEU B 243 -1.48 18.24 31.75
N LEU B 244 -0.27 17.69 31.83
CA LEU B 244 0.83 18.44 32.45
C LEU B 244 1.16 19.70 31.67
N PHE B 245 1.19 19.61 30.34
CA PHE B 245 1.43 20.81 29.53
C PHE B 245 0.30 21.81 29.69
N SER B 246 -0.95 21.33 29.74
CA SER B 246 -2.08 22.22 29.96
C SER B 246 -1.97 22.94 31.29
N PHE B 247 -1.56 22.23 32.34
CA PHE B 247 -1.37 22.86 33.64
C PHE B 247 -0.24 23.87 33.60
N LEU B 248 0.87 23.54 32.94
CA LEU B 248 2.00 24.44 32.86
C LEU B 248 1.67 25.70 32.07
N THR B 249 0.69 25.62 31.16
CA THR B 249 0.30 26.77 30.36
C THR B 249 -0.11 27.95 31.23
N GLY B 250 -0.89 27.70 32.29
CA GLY B 250 -1.42 28.78 33.11
C GLY B 250 -0.44 29.40 34.08
N LEU B 251 0.68 28.73 34.35
CA LEU B 251 1.62 29.23 35.35
C LEU B 251 2.33 30.50 34.90
N VAL B 252 2.33 30.82 33.61
CA VAL B 252 3.02 32.02 33.13
C VAL B 252 2.38 33.27 33.71
N PHE B 253 1.08 33.24 34.00
CA PHE B 253 0.37 34.41 34.45
C PHE B 253 0.61 34.74 35.92
N TYR B 254 1.27 33.85 36.67
CA TYR B 254 1.76 34.16 38.00
C TYR B 254 3.23 34.56 38.02
N LEU B 255 3.94 34.38 36.91
CA LEU B 255 5.32 34.81 36.82
C LEU B 255 5.40 36.33 36.64
N PRO B 256 6.24 37.05 37.39
CA PRO B 256 6.34 38.50 37.15
C PRO B 256 6.92 38.82 35.79
N THR B 257 6.50 39.96 35.24
CA THR B 257 7.09 40.45 34.00
C THR B 257 8.56 40.80 34.18
N ASP B 258 8.91 41.38 35.33
CA ASP B 258 10.29 41.76 35.58
C ASP B 258 11.23 40.58 35.72
N SER B 259 10.71 39.35 35.85
CA SER B 259 11.57 38.18 35.85
C SER B 259 12.30 38.03 34.52
N GLY B 260 11.63 38.37 33.43
CA GLY B 260 12.21 38.21 32.11
C GLY B 260 12.23 36.78 31.62
N GLU B 261 11.22 35.99 31.99
CA GLU B 261 11.19 34.57 31.66
C GLU B 261 9.81 34.06 31.26
N LYS B 262 8.82 34.93 31.11
CA LYS B 262 7.48 34.47 30.70
C LYS B 262 7.52 33.85 29.31
N MET B 263 8.19 34.51 28.37
CA MET B 263 8.27 33.98 27.02
C MET B 263 9.02 32.66 27.00
N THR B 264 10.07 32.54 27.83
CA THR B 264 10.79 31.28 27.94
C THR B 264 9.85 30.15 28.35
N LEU B 265 9.08 30.36 29.41
CA LEU B 265 8.18 29.33 29.91
C LEU B 265 7.14 28.94 28.86
N SER B 266 6.44 29.94 28.30
CA SER B 266 5.37 29.63 27.36
C SER B 266 5.91 28.98 26.09
N ILE B 267 7.00 29.51 25.54
CA ILE B 267 7.57 28.96 24.31
C ILE B 267 8.11 27.57 24.54
N SER B 268 8.68 27.31 25.72
CA SER B 268 9.20 25.98 25.99
C SER B 268 8.06 24.97 26.14
N VAL B 269 6.94 25.39 26.73
CA VAL B 269 5.76 24.52 26.77
C VAL B 269 5.29 24.23 25.35
N LEU B 270 5.29 25.24 24.49
CA LEU B 270 4.90 25.03 23.10
C LEU B 270 5.85 24.08 22.38
N LEU B 271 7.15 24.22 22.61
CA LEU B 271 8.11 23.32 21.97
C LEU B 271 7.94 21.89 22.47
N SER B 272 7.68 21.73 23.77
CA SER B 272 7.42 20.39 24.30
C SER B 272 6.18 19.79 23.67
N LEU B 273 5.13 20.60 23.48
CA LEU B 273 3.92 20.10 22.84
C LEU B 273 4.20 19.74 21.38
N THR B 274 5.01 20.53 20.69
CA THR B 274 5.37 20.22 19.31
C THR B 274 6.11 18.89 19.22
N VAL B 275 7.04 18.66 20.15
CA VAL B 275 7.73 17.38 20.19
C VAL B 275 6.75 16.25 20.51
N PHE B 276 5.82 16.50 21.42
CA PHE B 276 4.80 15.52 21.79
C PHE B 276 3.89 15.18 20.61
N LEU B 277 3.76 16.11 19.66
CA LEU B 277 3.04 15.82 18.42
C LEU B 277 3.61 14.61 17.71
N LEU B 278 4.93 14.39 17.79
CA LEU B 278 5.54 13.25 17.14
C LEU B 278 5.10 11.93 17.75
N VAL B 279 4.73 11.93 19.03
CA VAL B 279 4.15 10.74 19.65
C VAL B 279 2.67 10.64 19.32
N ILE B 280 1.98 11.78 19.35
CA ILE B 280 0.54 11.81 19.11
C ILE B 280 0.23 11.22 17.75
N VAL B 281 0.92 11.70 16.71
CA VAL B 281 0.56 11.31 15.34
C VAL B 281 0.77 9.82 15.14
N GLU B 282 1.84 9.26 15.71
CA GLU B 282 2.11 7.84 15.51
C GLU B 282 1.18 6.96 16.34
N LEU B 283 0.66 7.45 17.47
CA LEU B 283 -0.20 6.65 18.34
C LEU B 283 -1.68 6.94 18.18
N ILE B 284 -2.10 7.72 17.19
CA ILE B 284 -3.50 8.11 17.00
C ILE B 284 -3.98 7.55 15.66
N PRO B 285 -5.26 7.17 15.50
CA PRO B 285 -5.72 6.76 14.17
C PRO B 285 -5.67 7.91 13.17
N SER B 286 -5.41 7.55 11.91
CA SER B 286 -5.26 8.52 10.82
C SER B 286 -6.51 8.60 9.95
N THR B 287 -7.67 8.18 10.47
CA THR B 287 -8.90 8.26 9.71
C THR B 287 -9.47 9.67 9.78
N SER B 288 -10.38 9.97 8.85
CA SER B 288 -11.05 11.26 8.76
C SER B 288 -12.56 11.15 8.90
N SER B 289 -13.06 10.02 9.41
CA SER B 289 -14.49 9.89 9.64
C SER B 289 -14.93 10.76 10.83
N ALA B 290 -14.10 10.85 11.85
CA ALA B 290 -14.38 11.71 12.99
C ALA B 290 -13.06 12.05 13.67
N VAL B 291 -13.08 13.11 14.47
CA VAL B 291 -11.89 13.54 15.19
C VAL B 291 -11.77 12.67 16.45
N PRO B 292 -10.65 11.97 16.68
CA PRO B 292 -10.50 11.24 17.94
C PRO B 292 -10.59 12.16 19.14
N LEU B 293 -11.16 11.64 20.22
CA LEU B 293 -11.36 12.43 21.44
C LEU B 293 -10.01 12.88 22.00
N ILE B 294 -9.01 12.00 21.97
CA ILE B 294 -7.67 12.38 22.41
C ILE B 294 -7.09 13.44 21.49
N GLY B 295 -7.42 13.38 20.20
CA GLY B 295 -7.01 14.43 19.28
C GLY B 295 -7.68 15.76 19.58
N LYS B 296 -8.96 15.72 19.97
CA LYS B 296 -9.63 16.94 20.39
C LYS B 296 -8.93 17.54 21.60
N TYR B 297 -8.56 16.70 22.56
CA TYR B 297 -7.86 17.22 23.74
C TYR B 297 -6.53 17.85 23.37
N MET B 298 -5.78 17.23 22.45
CA MET B 298 -4.47 17.77 22.12
C MET B 298 -4.62 19.08 21.34
N LEU B 299 -5.60 19.16 20.43
CA LEU B 299 -5.86 20.41 19.73
C LEU B 299 -6.27 21.50 20.72
N PHE B 300 -7.12 21.16 21.69
CA PHE B 300 -7.47 22.09 22.77
C PHE B 300 -6.23 22.64 23.46
N THR B 301 -5.31 21.75 23.84
CA THR B 301 -4.12 22.17 24.57
C THR B 301 -3.24 23.08 23.70
N MET B 302 -3.07 22.72 22.43
CA MET B 302 -2.25 23.54 21.53
C MET B 302 -2.87 24.93 21.35
N VAL B 303 -4.19 24.98 21.14
CA VAL B 303 -4.86 26.25 20.91
C VAL B 303 -4.71 27.15 22.11
N PHE B 304 -4.86 26.59 23.32
CA PHE B 304 -4.82 27.45 24.50
C PHE B 304 -3.41 27.79 24.95
N VAL B 305 -2.40 26.99 24.64
CA VAL B 305 -1.03 27.47 24.88
C VAL B 305 -0.70 28.61 23.92
N ILE B 306 -1.16 28.52 22.66
CA ILE B 306 -0.92 29.62 21.73
C ILE B 306 -1.66 30.88 22.19
N ALA B 307 -2.88 30.73 22.69
CA ALA B 307 -3.61 31.86 23.24
C ALA B 307 -2.89 32.45 24.45
N SER B 308 -2.32 31.59 25.30
CA SER B 308 -1.55 32.08 26.43
C SER B 308 -0.36 32.90 25.98
N ILE B 309 0.32 32.45 24.92
CA ILE B 309 1.46 33.20 24.40
C ILE B 309 1.01 34.58 23.89
N ILE B 310 -0.09 34.61 23.15
CA ILE B 310 -0.59 35.89 22.62
C ILE B 310 -0.92 36.85 23.76
N ILE B 311 -1.68 36.37 24.74
CA ILE B 311 -2.10 37.24 25.83
C ILE B 311 -0.91 37.64 26.69
N THR B 312 0.07 36.76 26.84
CA THR B 312 1.28 37.11 27.60
C THR B 312 2.06 38.21 26.89
N VAL B 313 2.12 38.17 25.55
CA VAL B 313 2.77 39.25 24.82
C VAL B 313 2.03 40.56 25.06
N ILE B 314 0.69 40.52 25.06
CA ILE B 314 -0.08 41.73 25.33
C ILE B 314 0.23 42.25 26.75
N VAL B 315 0.29 41.34 27.73
CA VAL B 315 0.55 41.75 29.11
C VAL B 315 1.94 42.35 29.25
N ILE B 316 2.94 41.75 28.61
CA ILE B 316 4.30 42.29 28.67
C ILE B 316 4.36 43.66 28.01
N ASN B 317 3.63 43.83 26.90
CA ASN B 317 3.57 45.15 26.28
C ASN B 317 2.97 46.17 27.23
N THR B 318 1.90 45.80 27.94
CA THR B 318 1.27 46.71 28.87
C THR B 318 2.20 47.05 30.04
N HIS B 319 2.98 46.09 30.50
CA HIS B 319 3.83 46.29 31.68
C HIS B 319 4.89 47.36 31.41
N HIS B 320 5.41 47.41 30.19
CA HIS B 320 6.55 48.27 29.85
C HIS B 320 6.14 49.65 29.36
N ARG B 321 4.84 49.98 29.38
CA ARG B 321 4.42 51.29 28.93
C ARG B 321 4.85 52.37 29.93
N SER B 322 5.16 53.54 29.39
CA SER B 322 5.71 54.66 30.14
C SER B 322 5.09 55.94 29.60
N PRO B 323 5.14 57.04 30.36
CA PRO B 323 4.73 58.34 29.79
C PRO B 323 5.55 58.76 28.58
N SER B 324 6.74 58.20 28.38
CA SER B 324 7.53 58.51 27.19
C SER B 324 6.95 57.89 25.93
N THR B 325 5.96 56.99 26.03
CA THR B 325 5.38 56.34 24.86
C THR B 325 3.85 56.36 24.86
N HIS B 326 3.22 56.37 26.05
CA HIS B 326 1.78 56.20 26.16
C HIS B 326 1.23 57.12 27.24
N VAL B 327 -0.09 57.29 27.21
CA VAL B 327 -0.84 57.97 28.26
C VAL B 327 -2.00 57.06 28.64
N MET B 328 -2.17 56.81 29.93
CA MET B 328 -3.20 55.89 30.39
C MET B 328 -4.58 56.44 30.05
N PRO B 329 -5.42 55.72 29.30
CA PRO B 329 -6.81 56.16 29.15
C PRO B 329 -7.56 56.09 30.47
N ASN B 330 -8.57 56.96 30.60
CA ASN B 330 -9.36 56.99 31.82
C ASN B 330 -10.11 55.68 32.02
N TRP B 331 -10.57 55.05 30.93
CA TRP B 331 -11.28 53.79 31.05
C TRP B 331 -10.37 52.70 31.60
N VAL B 332 -9.09 52.71 31.22
CA VAL B 332 -8.16 51.72 31.75
C VAL B 332 -8.02 51.90 33.26
N ARG B 333 -7.88 53.14 33.72
CA ARG B 333 -7.80 53.41 35.15
C ARG B 333 -9.05 52.91 35.87
N LYS B 334 -10.22 53.29 35.38
CA LYS B 334 -11.47 52.95 36.06
C LYS B 334 -11.68 51.44 36.10
N VAL B 335 -11.32 50.74 35.02
CA VAL B 335 -11.58 49.31 34.94
C VAL B 335 -10.59 48.53 35.80
N PHE B 336 -9.30 48.85 35.71
CA PHE B 336 -8.26 47.98 36.25
C PHE B 336 -7.74 48.41 37.62
N ILE B 337 -7.71 49.71 37.92
CA ILE B 337 -7.17 50.19 39.20
C ILE B 337 -8.25 50.40 40.25
N ASP B 338 -9.51 50.59 39.85
CA ASP B 338 -10.58 50.94 40.77
C ASP B 338 -11.60 49.82 40.93
N THR B 339 -12.20 49.34 39.85
CA THR B 339 -13.34 48.43 39.96
C THR B 339 -12.90 46.99 40.20
N ILE B 340 -11.98 46.48 39.37
CA ILE B 340 -11.57 45.08 39.47
C ILE B 340 -10.97 44.76 40.84
N PRO B 341 -10.02 45.54 41.38
CA PRO B 341 -9.44 45.17 42.68
C PRO B 341 -10.45 45.14 43.81
N ASN B 342 -11.56 45.89 43.70
CA ASN B 342 -12.59 45.84 44.73
C ASN B 342 -13.26 44.46 44.79
N ILE B 343 -13.29 43.74 43.67
CA ILE B 343 -13.74 42.35 43.65
C ILE B 343 -12.56 41.38 43.73
N MET B 344 -11.43 41.84 44.25
CA MET B 344 -10.22 41.05 44.39
C MET B 344 -9.57 41.40 45.72
N PHE B 345 -8.44 40.76 46.01
CA PHE B 345 -7.82 40.88 47.33
C PHE B 345 -7.40 42.32 47.64
N PHE B 346 -6.82 43.02 46.66
CA PHE B 346 -6.48 44.45 46.74
C PHE B 346 -5.37 44.75 47.76
N SER B 347 -4.75 43.74 48.37
CA SER B 347 -3.64 43.99 49.27
C SER B 347 -2.39 44.41 48.50
N THR B 348 -2.47 45.56 47.83
CA THR B 348 -1.41 46.08 46.98
C THR B 348 -1.62 47.58 46.88
N MET B 349 -0.53 48.33 46.81
CA MET B 349 -0.63 49.77 46.63
C MET B 349 -1.32 50.08 45.31
N LYS B 350 -2.13 51.12 45.31
CA LYS B 350 -3.04 51.43 44.21
C LYS B 350 -3.99 50.25 43.97
N LEU B 386 28.89 89.13 45.66
CA LEU B 386 28.90 87.80 46.26
C LEU B 386 28.33 86.79 45.27
N ILE B 387 27.03 86.90 44.99
CA ILE B 387 26.41 86.06 43.97
C ILE B 387 26.76 86.54 42.56
N LYS B 388 27.45 87.67 42.43
CA LYS B 388 27.89 88.14 41.11
C LYS B 388 28.83 87.13 40.44
N HIS B 389 29.52 86.31 41.24
CA HIS B 389 30.41 85.31 40.69
C HIS B 389 29.61 84.33 39.82
N PRO B 390 30.05 84.02 38.58
CA PRO B 390 29.27 83.07 37.78
C PRO B 390 29.18 81.68 38.37
N GLU B 391 30.12 81.29 39.23
CA GLU B 391 30.21 79.91 39.68
C GLU B 391 29.20 79.59 40.78
N VAL B 392 29.01 80.51 41.73
CA VAL B 392 28.00 80.27 42.76
C VAL B 392 26.61 80.30 42.15
N LYS B 393 26.37 81.23 41.22
CA LYS B 393 25.10 81.29 40.52
C LYS B 393 24.84 80.01 39.74
N SER B 394 25.86 79.51 39.04
CA SER B 394 25.73 78.25 38.32
C SER B 394 25.46 77.11 39.28
N ALA B 395 26.10 77.10 40.44
CA ALA B 395 25.88 76.03 41.42
C ALA B 395 24.45 76.04 41.94
N ILE B 396 23.90 77.22 42.24
CA ILE B 396 22.53 77.29 42.73
C ILE B 396 21.55 76.81 41.67
N GLU B 397 21.70 77.33 40.43
CA GLU B 397 20.81 76.90 39.35
C GLU B 397 20.98 75.41 39.06
N GLY B 398 22.19 74.89 39.22
CA GLY B 398 22.40 73.46 39.02
C GLY B 398 21.72 72.61 40.07
N ILE B 399 21.79 73.03 41.33
CA ILE B 399 21.11 72.27 42.39
C ILE B 399 19.61 72.24 42.11
N LYS B 400 19.06 73.38 41.70
CA LYS B 400 17.64 73.41 41.34
C LYS B 400 17.36 72.51 40.14
N TYR B 401 18.30 72.44 39.18
CA TYR B 401 18.13 71.56 38.04
C TYR B 401 18.07 70.10 38.45
N ILE B 402 18.95 69.68 39.37
CA ILE B 402 18.90 68.30 39.87
C ILE B 402 17.55 68.05 40.54
N ALA B 403 17.10 68.98 41.38
CA ALA B 403 15.84 68.76 42.09
C ALA B 403 14.67 68.61 41.13
N GLU B 404 14.61 69.48 40.12
CA GLU B 404 13.54 69.38 39.12
C GLU B 404 13.65 68.08 38.33
N THR B 405 14.89 67.67 37.99
CA THR B 405 15.07 66.46 37.20
C THR B 405 14.55 65.24 37.93
N MET B 406 14.86 65.10 39.23
CA MET B 406 14.34 63.93 39.94
C MET B 406 12.86 64.07 40.26
N LYS B 407 12.33 65.29 40.37
CA LYS B 407 10.86 65.41 40.47
C LYS B 407 10.20 64.84 39.23
N SER B 408 10.69 65.21 38.05
CA SER B 408 10.14 64.68 36.81
C SER B 408 10.33 63.17 36.73
N ASP B 409 11.50 62.69 37.14
CA ASP B 409 11.77 61.25 37.10
C ASP B 409 10.82 60.49 38.02
N GLN B 410 10.54 61.03 39.20
CA GLN B 410 9.61 60.38 40.12
C GLN B 410 8.19 60.37 39.57
N GLU B 411 7.78 61.46 38.91
CA GLU B 411 6.45 61.48 38.31
C GLU B 411 6.34 60.40 37.23
N SER B 412 7.37 60.30 36.38
CA SER B 412 7.35 59.26 35.34
C SER B 412 7.40 57.87 35.96
N ASN B 413 8.13 57.72 37.07
CA ASN B 413 8.16 56.44 37.77
C ASN B 413 6.79 56.05 38.29
N ASN B 414 6.05 57.03 38.83
CA ASN B 414 4.70 56.74 39.30
C ASN B 414 3.79 56.31 38.16
N ALA B 415 3.88 56.99 37.01
CA ALA B 415 3.06 56.59 35.86
C ALA B 415 3.41 55.18 35.39
N ALA B 416 4.70 54.88 35.30
CA ALA B 416 5.12 53.54 34.91
C ALA B 416 4.65 52.50 35.92
N ALA B 417 4.66 52.86 37.20
CA ALA B 417 4.19 51.94 38.24
C ALA B 417 2.69 51.67 38.07
N GLU B 418 1.92 52.69 37.68
CA GLU B 418 0.51 52.47 37.39
C GLU B 418 0.34 51.48 36.25
N TRP B 419 1.12 51.63 35.18
CA TRP B 419 1.05 50.68 34.08
C TRP B 419 1.39 49.27 34.53
N LYS B 420 2.45 49.13 35.34
CA LYS B 420 2.86 47.83 35.84
C LYS B 420 1.78 47.21 36.71
N TYR B 421 1.10 48.02 37.52
CA TYR B 421 0.01 47.52 38.34
C TYR B 421 -1.15 47.02 37.48
N VAL B 422 -1.47 47.74 36.41
CA VAL B 422 -2.49 47.26 35.48
C VAL B 422 -2.10 45.91 34.91
N ALA B 423 -0.82 45.76 34.54
CA ALA B 423 -0.34 44.49 34.01
C ALA B 423 -0.49 43.37 35.03
N MET B 424 -0.16 43.66 36.29
CA MET B 424 -0.27 42.64 37.34
C MET B 424 -1.72 42.21 37.55
N VAL B 425 -2.66 43.17 37.52
CA VAL B 425 -4.07 42.83 37.68
C VAL B 425 -4.53 41.94 36.54
N MET B 426 -4.15 42.28 35.30
CA MET B 426 -4.51 41.44 34.16
C MET B 426 -3.91 40.04 34.31
N ASP B 427 -2.68 39.96 34.80
CA ASP B 427 -2.04 38.66 34.99
C ASP B 427 -2.81 37.80 36.00
N HIS B 428 -3.26 38.40 37.10
CA HIS B 428 -4.01 37.63 38.08
C HIS B 428 -5.33 37.13 37.51
N ILE B 429 -6.05 38.01 36.79
CA ILE B 429 -7.31 37.57 36.16
C ILE B 429 -7.04 36.43 35.18
N LEU B 430 -5.97 36.55 34.40
CA LEU B 430 -5.68 35.53 33.39
C LEU B 430 -5.23 34.22 34.02
N LEU B 431 -4.51 34.28 35.15
CA LEU B 431 -4.16 33.05 35.85
C LEU B 431 -5.42 32.31 36.28
N GLY B 432 -6.37 33.02 36.90
CA GLY B 432 -7.62 32.38 37.27
C GLY B 432 -8.35 31.80 36.07
N VAL B 433 -8.45 32.60 35.00
CA VAL B 433 -9.20 32.18 33.82
C VAL B 433 -8.56 30.94 33.20
N PHE B 434 -7.23 30.90 33.09
CA PHE B 434 -6.59 29.81 32.40
C PHE B 434 -6.57 28.53 33.22
N MET B 435 -6.43 28.61 34.54
CA MET B 435 -6.55 27.41 35.36
C MET B 435 -7.97 26.85 35.27
N LEU B 436 -8.96 27.75 35.33
CA LEU B 436 -10.35 27.32 35.19
C LEU B 436 -10.58 26.67 33.82
N VAL B 437 -10.00 27.26 32.78
CA VAL B 437 -10.14 26.71 31.43
C VAL B 437 -9.52 25.33 31.35
N CYS B 438 -8.34 25.14 31.95
CA CYS B 438 -7.71 23.83 31.95
C CYS B 438 -8.63 22.77 32.57
N ILE B 439 -9.13 23.05 33.78
CA ILE B 439 -9.98 22.08 34.46
C ILE B 439 -11.25 21.80 33.65
N ILE B 440 -11.94 22.85 33.23
CA ILE B 440 -13.23 22.68 32.58
C ILE B 440 -13.06 22.04 31.21
N GLY B 441 -11.99 22.36 30.48
CA GLY B 441 -11.76 21.73 29.20
C GLY B 441 -11.47 20.26 29.32
N THR B 442 -10.62 19.88 30.30
CA THR B 442 -10.37 18.46 30.52
C THR B 442 -11.66 17.71 30.84
N LEU B 443 -12.46 18.26 31.76
CA LEU B 443 -13.71 17.58 32.11
C LEU B 443 -14.68 17.56 30.93
N ALA B 444 -14.87 18.69 30.25
CA ALA B 444 -15.81 18.75 29.14
C ALA B 444 -15.40 17.82 28.01
N VAL B 445 -14.12 17.50 27.89
CA VAL B 445 -13.69 16.54 26.88
C VAL B 445 -13.98 15.11 27.35
N PHE B 446 -13.50 14.72 28.53
CA PHE B 446 -13.47 13.31 28.88
C PHE B 446 -14.68 12.83 29.69
N ALA B 447 -15.25 13.68 30.54
CA ALA B 447 -16.18 13.23 31.57
C ALA B 447 -17.44 12.61 30.98
N GLY B 448 -17.90 13.08 29.81
CA GLY B 448 -19.09 12.51 29.22
C GLY B 448 -18.93 11.02 28.95
N ARG B 449 -17.86 10.66 28.23
CA ARG B 449 -17.63 9.25 27.93
C ARG B 449 -17.28 8.47 29.19
N LEU B 450 -16.52 9.07 30.11
CA LEU B 450 -16.16 8.32 31.32
C LEU B 450 -17.39 8.04 32.18
N ILE B 451 -18.31 9.00 32.29
CA ILE B 451 -19.56 8.77 33.01
C ILE B 451 -20.40 7.74 32.29
N GLU B 452 -20.42 7.77 30.96
CA GLU B 452 -21.17 6.76 30.21
C GLU B 452 -20.62 5.37 30.48
N LEU B 453 -19.29 5.23 30.53
CA LEU B 453 -18.69 3.92 30.81
C LEU B 453 -18.93 3.50 32.25
N ASN B 454 -19.00 4.45 33.18
CA ASN B 454 -19.27 4.10 34.57
C ASN B 454 -20.67 3.53 34.75
N GLN B 455 -21.65 4.03 33.97
CA GLN B 455 -23.02 3.55 34.11
C GLN B 455 -23.14 2.08 33.74
N GLN B 456 -22.44 1.65 32.70
CA GLN B 456 -22.50 0.25 32.27
C GLN B 456 -21.89 -0.67 33.33
N SER C 24 -10.66 -26.18 -33.18
CA SER C 24 -9.68 -26.60 -32.14
C SER C 24 -9.37 -28.10 -32.19
N GLU C 25 -10.19 -28.87 -32.89
CA GLU C 25 -9.89 -30.29 -33.07
C GLU C 25 -8.62 -30.46 -33.89
N ALA C 26 -8.46 -29.66 -34.95
CA ALA C 26 -7.21 -29.68 -35.71
C ALA C 26 -6.04 -29.22 -34.85
N GLU C 27 -6.26 -28.21 -34.02
CA GLU C 27 -5.23 -27.77 -33.08
C GLU C 27 -4.89 -28.89 -32.10
N GLY C 28 -5.90 -29.63 -31.64
CA GLY C 28 -5.64 -30.75 -30.76
C GLY C 28 -4.81 -31.84 -31.43
N ARG C 29 -5.12 -32.14 -32.69
CA ARG C 29 -4.34 -33.13 -33.43
C ARG C 29 -2.90 -32.67 -33.59
N LEU C 30 -2.70 -31.40 -33.93
CA LEU C 30 -1.34 -30.88 -34.07
C LEU C 30 -0.59 -30.94 -32.75
N ARG C 31 -1.24 -30.57 -31.65
CA ARG C 31 -0.60 -30.62 -30.34
C ARG C 31 -0.22 -32.05 -29.97
N GLU C 32 -1.10 -33.01 -30.26
CA GLU C 32 -0.78 -34.40 -29.97
C GLU C 32 0.40 -34.87 -30.81
N LYS C 33 0.45 -34.48 -32.08
CA LYS C 33 1.57 -34.89 -32.93
C LYS C 33 2.88 -34.28 -32.44
N LEU C 34 2.87 -33.01 -32.07
CA LEU C 34 4.12 -32.32 -31.75
C LEU C 34 4.76 -32.88 -30.48
N PHE C 35 3.96 -33.24 -29.49
CA PHE C 35 4.46 -33.58 -28.16
C PHE C 35 4.53 -35.08 -27.92
N SER C 36 4.40 -35.91 -28.95
CA SER C 36 4.63 -37.34 -28.81
C SER C 36 6.14 -37.60 -28.82
N GLY C 37 6.66 -38.08 -27.71
CA GLY C 37 8.09 -38.29 -27.57
C GLY C 37 8.90 -37.05 -27.29
N TYR C 38 8.25 -35.94 -26.96
CA TYR C 38 8.93 -34.67 -26.71
C TYR C 38 9.29 -34.57 -25.22
N ASP C 39 10.54 -34.24 -24.94
CA ASP C 39 11.05 -34.10 -23.59
C ASP C 39 11.43 -32.64 -23.35
N SER C 40 10.62 -31.94 -22.55
CA SER C 40 10.86 -30.53 -22.30
C SER C 40 12.09 -30.26 -21.44
N SER C 41 12.64 -31.28 -20.78
CA SER C 41 13.85 -31.13 -19.98
C SER C 41 15.12 -31.37 -20.78
N VAL C 42 15.02 -31.65 -22.08
CA VAL C 42 16.16 -31.94 -22.94
C VAL C 42 16.37 -30.75 -23.87
N ARG C 43 17.59 -30.21 -23.88
CA ARG C 43 17.91 -29.10 -24.76
C ARG C 43 17.81 -29.56 -26.22
N PRO C 44 17.20 -28.76 -27.13
CA PRO C 44 17.09 -29.20 -28.53
C PRO C 44 18.40 -29.02 -29.27
N ALA C 45 19.04 -30.15 -29.62
CA ALA C 45 20.27 -30.15 -30.40
C ALA C 45 20.21 -31.34 -31.32
N ARG C 46 20.00 -31.10 -32.62
CA ARG C 46 19.82 -32.20 -33.56
C ARG C 46 21.08 -33.06 -33.65
N GLU C 47 22.24 -32.44 -33.57
CA GLU C 47 23.53 -33.14 -33.52
C GLU C 47 24.28 -32.72 -32.28
N VAL C 48 25.13 -33.62 -31.78
CA VAL C 48 25.96 -33.31 -30.62
C VAL C 48 26.97 -32.23 -31.01
N GLY C 49 27.00 -31.16 -30.22
CA GLY C 49 27.81 -29.99 -30.52
C GLY C 49 27.02 -28.81 -31.07
N ASP C 50 25.76 -29.03 -31.47
CA ASP C 50 24.92 -27.93 -31.91
C ASP C 50 24.62 -26.99 -30.76
N ARG C 51 24.66 -25.69 -31.04
CA ARG C 51 24.38 -24.66 -30.00
C ARG C 51 23.01 -24.05 -30.27
N VAL C 52 22.27 -23.72 -29.23
CA VAL C 52 20.98 -23.03 -29.29
C VAL C 52 21.26 -21.54 -29.16
N ARG C 53 20.92 -20.79 -30.20
CA ARG C 53 21.01 -19.34 -30.15
C ARG C 53 19.77 -18.79 -29.45
N VAL C 54 19.98 -18.02 -28.40
CA VAL C 54 18.89 -17.40 -27.63
C VAL C 54 19.08 -15.90 -27.72
N SER C 55 18.16 -15.22 -28.39
CA SER C 55 18.14 -13.77 -28.46
C SER C 55 17.39 -13.24 -27.26
N VAL C 56 18.02 -12.32 -26.53
CA VAL C 56 17.53 -11.80 -25.26
C VAL C 56 17.30 -10.30 -25.40
N GLY C 57 16.07 -9.86 -25.14
CA GLY C 57 15.75 -8.45 -25.07
C GLY C 57 14.88 -8.16 -23.85
N LEU C 58 14.72 -6.87 -23.56
CA LEU C 58 14.02 -6.43 -22.37
C LEU C 58 13.10 -5.26 -22.70
N ILE C 59 11.92 -5.25 -22.08
CA ILE C 59 10.99 -4.13 -22.13
C ILE C 59 10.75 -3.69 -20.69
N LEU C 60 10.96 -2.40 -20.44
CA LEU C 60 10.78 -1.84 -19.10
C LEU C 60 9.36 -1.27 -19.00
N ALA C 61 8.52 -1.89 -18.17
CA ALA C 61 7.16 -1.41 -17.95
C ALA C 61 7.09 -0.37 -16.83
N GLN C 62 7.93 -0.52 -15.81
CA GLN C 62 7.97 0.46 -14.73
C GLN C 62 9.30 0.35 -14.00
N LEU C 63 9.97 1.47 -13.81
CA LEU C 63 11.08 1.58 -12.88
C LEU C 63 10.48 1.85 -11.50
N ILE C 64 10.28 0.78 -10.72
CA ILE C 64 9.54 0.91 -9.47
C ILE C 64 10.31 1.76 -8.48
N SER C 65 11.58 1.46 -8.25
CA SER C 65 12.32 2.24 -7.27
C SER C 65 13.81 1.94 -7.38
N LEU C 66 14.60 2.78 -6.71
CA LEU C 66 16.01 2.50 -6.43
C LEU C 66 16.22 2.80 -4.94
N ASN C 67 16.24 1.75 -4.12
CA ASN C 67 16.41 1.90 -2.69
C ASN C 67 17.90 2.05 -2.39
N GLU C 68 18.28 3.21 -1.85
CA GLU C 68 19.67 3.48 -1.51
C GLU C 68 20.11 2.78 -0.24
N LYS C 69 19.21 2.62 0.73
CA LYS C 69 19.56 1.93 1.97
C LYS C 69 19.90 0.47 1.69
N ASP C 70 19.02 -0.23 0.98
CA ASP C 70 19.29 -1.61 0.58
C ASP C 70 20.15 -1.72 -0.67
N GLU C 71 20.36 -0.62 -1.39
CA GLU C 71 21.17 -0.59 -2.60
C GLU C 71 20.64 -1.58 -3.64
N GLU C 72 19.37 -1.40 -4.02
CA GLU C 72 18.75 -2.30 -4.98
C GLU C 72 17.74 -1.56 -5.84
N MET C 73 17.71 -1.91 -7.12
CA MET C 73 16.77 -1.35 -8.08
C MET C 73 15.63 -2.34 -8.27
N SER C 74 14.39 -1.87 -8.07
CA SER C 74 13.18 -2.65 -8.29
C SER C 74 12.56 -2.22 -9.61
N THR C 75 12.35 -3.20 -10.50
CA THR C 75 11.81 -2.97 -11.83
C THR C 75 10.71 -3.97 -12.15
N LYS C 76 9.79 -3.54 -13.00
CA LYS C 76 8.81 -4.40 -13.65
C LYS C 76 9.13 -4.41 -15.14
N VAL C 77 9.31 -5.60 -15.71
CA VAL C 77 9.77 -5.76 -17.08
C VAL C 77 9.02 -6.91 -17.75
N TYR C 78 9.16 -6.96 -19.07
CA TYR C 78 8.83 -8.13 -19.87
C TYR C 78 10.11 -8.57 -20.57
N LEU C 79 10.54 -9.80 -20.33
CA LEU C 79 11.62 -10.36 -21.12
C LEU C 79 11.14 -10.58 -22.55
N ASP C 80 12.09 -10.81 -23.45
CA ASP C 80 11.78 -11.16 -24.84
C ASP C 80 12.84 -12.14 -25.28
N LEU C 81 12.53 -13.43 -25.17
CA LEU C 81 13.48 -14.51 -25.45
C LEU C 81 13.04 -15.23 -26.71
N GLU C 82 13.96 -15.37 -27.66
CA GLU C 82 13.67 -16.04 -28.93
C GLU C 82 14.70 -17.12 -29.19
N TRP C 83 14.23 -18.32 -29.56
CA TRP C 83 15.14 -19.38 -29.97
C TRP C 83 14.41 -20.25 -31.00
N THR C 84 15.04 -21.35 -31.38
CA THR C 84 14.45 -22.31 -32.30
C THR C 84 14.53 -23.71 -31.70
N ASP C 85 13.44 -24.46 -31.82
CA ASP C 85 13.35 -25.85 -31.39
C ASP C 85 12.92 -26.66 -32.60
N TYR C 86 13.85 -27.45 -33.15
CA TYR C 86 13.56 -28.20 -34.37
C TYR C 86 12.45 -29.22 -34.17
N ARG C 87 12.26 -29.69 -32.93
CA ARG C 87 11.25 -30.71 -32.67
C ARG C 87 9.82 -30.16 -32.78
N LEU C 88 9.64 -28.84 -32.72
CA LEU C 88 8.32 -28.21 -32.72
C LEU C 88 7.99 -27.59 -34.07
N SER C 89 8.41 -28.22 -35.17
CA SER C 89 8.15 -27.76 -36.52
C SER C 89 7.05 -28.63 -37.15
N TRP C 90 6.31 -28.04 -38.09
CA TRP C 90 5.26 -28.78 -38.77
C TRP C 90 4.96 -28.09 -40.10
N ASP C 91 4.23 -28.80 -40.96
CA ASP C 91 3.76 -28.25 -42.22
C ASP C 91 2.36 -27.68 -42.03
N PRO C 92 2.14 -26.37 -42.20
CA PRO C 92 0.77 -25.85 -42.01
C PRO C 92 -0.27 -26.47 -42.93
N ALA C 93 0.11 -26.79 -44.17
CA ALA C 93 -0.85 -27.34 -45.13
C ALA C 93 -1.42 -28.68 -44.67
N GLU C 94 -0.70 -29.40 -43.82
CA GLU C 94 -1.18 -30.68 -43.28
C GLU C 94 -1.99 -30.52 -42.01
N HIS C 95 -2.19 -29.30 -41.51
CA HIS C 95 -2.86 -29.07 -40.23
C HIS C 95 -3.83 -27.90 -40.36
N ASP C 96 -4.61 -27.89 -41.44
CA ASP C 96 -5.68 -26.91 -41.64
C ASP C 96 -5.14 -25.48 -41.70
N GLY C 97 -3.92 -25.31 -42.20
CA GLY C 97 -3.35 -24.00 -42.34
C GLY C 97 -2.86 -23.36 -41.05
N ILE C 98 -2.76 -24.13 -39.96
CA ILE C 98 -2.26 -23.57 -38.71
C ILE C 98 -0.76 -23.37 -38.85
N ASP C 99 -0.31 -22.12 -38.67
CA ASP C 99 1.09 -21.74 -38.79
C ASP C 99 1.71 -21.25 -37.49
N SER C 100 0.94 -21.17 -36.41
CA SER C 100 1.49 -20.83 -35.11
C SER C 100 0.62 -21.42 -34.02
N LEU C 101 1.20 -21.52 -32.83
CA LEU C 101 0.54 -22.09 -31.66
C LEU C 101 0.91 -21.28 -30.43
N ARG C 102 0.00 -21.24 -29.47
CA ARG C 102 0.26 -20.69 -28.13
C ARG C 102 0.23 -21.84 -27.15
N ILE C 103 1.35 -22.11 -26.50
CA ILE C 103 1.53 -23.29 -25.66
C ILE C 103 2.03 -22.84 -24.30
N THR C 104 1.51 -23.46 -23.24
CA THR C 104 1.97 -23.15 -21.89
C THR C 104 3.47 -23.41 -21.81
N ALA C 105 4.20 -22.46 -21.20
CA ALA C 105 5.65 -22.47 -21.28
C ALA C 105 6.26 -23.71 -20.65
N GLU C 106 5.62 -24.27 -19.62
CA GLU C 106 6.15 -25.46 -18.97
C GLU C 106 6.15 -26.68 -19.88
N SER C 107 5.37 -26.68 -20.96
CA SER C 107 5.30 -27.84 -21.84
C SER C 107 6.47 -27.94 -22.81
N VAL C 108 7.21 -26.85 -23.01
CA VAL C 108 8.31 -26.83 -23.96
C VAL C 108 9.63 -26.67 -23.19
N TRP C 109 10.72 -27.00 -23.86
CA TRP C 109 12.03 -26.65 -23.35
C TRP C 109 12.18 -25.13 -23.32
N LEU C 110 12.69 -24.62 -22.21
CA LEU C 110 13.01 -23.22 -22.03
C LEU C 110 14.51 -23.08 -21.80
N PRO C 111 15.14 -22.00 -22.27
CA PRO C 111 16.49 -21.72 -21.80
C PRO C 111 16.42 -21.14 -20.40
N ASP C 112 17.29 -21.64 -19.52
CA ASP C 112 17.20 -21.30 -18.10
C ASP C 112 17.82 -19.92 -17.84
N VAL C 113 17.27 -18.92 -18.51
CA VAL C 113 17.78 -17.56 -18.46
C VAL C 113 17.23 -16.90 -17.20
N VAL C 114 18.12 -16.38 -16.36
CA VAL C 114 17.78 -15.81 -15.07
C VAL C 114 18.57 -14.52 -14.90
N LEU C 115 18.13 -13.72 -13.92
CA LEU C 115 18.84 -12.52 -13.51
C LEU C 115 19.89 -12.92 -12.48
N LEU C 116 21.17 -12.86 -12.89
CA LEU C 116 22.24 -13.31 -12.01
C LEU C 116 22.43 -12.37 -10.82
N ASN C 117 22.32 -11.06 -11.05
CA ASN C 117 22.60 -10.07 -10.02
C ASN C 117 21.36 -9.66 -9.24
N ASN C 118 20.40 -10.57 -9.08
CA ASN C 118 19.26 -10.29 -8.20
C ASN C 118 19.74 -10.15 -6.77
N ASN C 119 19.07 -9.27 -6.03
CA ASN C 119 19.45 -8.94 -4.67
C ASN C 119 18.62 -9.67 -3.62
N ASP C 120 17.38 -10.05 -3.94
CA ASP C 120 16.47 -10.66 -2.98
C ASP C 120 16.51 -12.19 -2.99
N GLY C 121 17.24 -12.81 -3.91
CA GLY C 121 17.28 -14.25 -4.03
C GLY C 121 16.32 -14.82 -5.06
N ASN C 122 15.49 -13.99 -5.69
CA ASN C 122 14.57 -14.45 -6.73
C ASN C 122 15.27 -14.35 -8.09
N PHE C 123 15.47 -15.51 -8.72
CA PHE C 123 16.12 -15.58 -10.03
C PHE C 123 15.13 -15.60 -11.20
N ASP C 124 13.87 -15.95 -10.95
CA ASP C 124 12.96 -16.40 -11.99
C ASP C 124 11.96 -15.31 -12.40
N VAL C 125 11.16 -15.64 -13.41
CA VAL C 125 10.17 -14.70 -13.92
C VAL C 125 8.92 -14.73 -13.03
N ALA C 126 8.12 -13.68 -13.13
CA ALA C 126 6.94 -13.56 -12.27
C ALA C 126 5.85 -14.55 -12.67
N LEU C 127 5.72 -14.85 -13.96
CA LEU C 127 4.65 -15.71 -14.45
C LEU C 127 5.13 -16.39 -15.74
N ASP C 128 4.91 -17.70 -15.84
CA ASP C 128 5.45 -18.44 -16.97
C ASP C 128 4.69 -18.15 -18.26
N ILE C 129 3.39 -17.86 -18.16
CA ILE C 129 2.49 -17.58 -19.28
C ILE C 129 2.69 -18.59 -20.42
N SER C 130 2.62 -18.16 -21.68
CA SER C 130 2.71 -19.04 -22.83
C SER C 130 3.83 -18.59 -23.77
N VAL C 131 4.28 -19.54 -24.58
CA VAL C 131 5.20 -19.31 -25.68
C VAL C 131 4.39 -19.33 -26.97
N VAL C 132 4.88 -18.58 -27.96
CA VAL C 132 4.35 -18.61 -29.32
C VAL C 132 5.33 -19.41 -30.17
N VAL C 133 4.85 -20.50 -30.75
CA VAL C 133 5.65 -21.42 -31.55
C VAL C 133 5.18 -21.32 -32.99
N SER C 134 6.06 -20.88 -33.88
CA SER C 134 5.77 -20.84 -35.31
C SER C 134 5.98 -22.21 -35.93
N SER C 135 5.47 -22.37 -37.15
CA SER C 135 5.53 -23.67 -37.82
C SER C 135 6.96 -24.07 -38.20
N ASP C 136 7.89 -23.12 -38.27
CA ASP C 136 9.28 -23.43 -38.58
C ASP C 136 10.11 -23.77 -37.34
N GLY C 137 9.47 -23.89 -36.18
CA GLY C 137 10.18 -24.20 -34.95
C GLY C 137 10.65 -23.01 -34.16
N SER C 138 10.46 -21.79 -34.65
CA SER C 138 10.81 -20.61 -33.88
C SER C 138 9.90 -20.50 -32.66
N VAL C 139 10.49 -20.16 -31.53
CA VAL C 139 9.80 -20.01 -30.26
C VAL C 139 10.09 -18.63 -29.72
N ARG C 140 9.02 -17.89 -29.39
CA ARG C 140 9.11 -16.58 -28.78
C ARG C 140 8.41 -16.62 -27.42
N TRP C 141 9.06 -16.06 -26.41
CA TRP C 141 8.56 -16.08 -25.04
C TRP C 141 8.75 -14.70 -24.44
N GLN C 142 7.68 -14.13 -23.88
CA GLN C 142 7.68 -12.78 -23.33
C GLN C 142 7.10 -12.78 -21.92
N PRO C 143 7.78 -13.42 -20.98
CA PRO C 143 7.22 -13.54 -19.62
C PRO C 143 7.37 -12.24 -18.84
N PRO C 144 6.45 -11.90 -17.96
CA PRO C 144 6.65 -10.75 -17.08
C PRO C 144 7.64 -11.07 -15.96
N GLY C 145 8.19 -10.00 -15.38
CA GLY C 145 9.13 -10.15 -14.28
C GLY C 145 9.18 -8.94 -13.37
N ILE C 146 9.10 -9.18 -12.06
CA ILE C 146 9.38 -8.19 -11.04
C ILE C 146 10.74 -8.54 -10.44
N TYR C 147 11.71 -7.67 -10.64
CA TYR C 147 13.10 -7.96 -10.33
C TYR C 147 13.65 -6.94 -9.34
N ARG C 148 14.46 -7.43 -8.40
CA ARG C 148 15.18 -6.60 -7.43
C ARG C 148 16.66 -6.88 -7.63
N SER C 149 17.35 -6.00 -8.34
CA SER C 149 18.74 -6.20 -8.74
C SER C 149 19.68 -5.35 -7.88
N SER C 150 20.82 -5.93 -7.50
CA SER C 150 21.79 -5.19 -6.72
C SER C 150 22.39 -4.06 -7.55
N CYS C 151 22.50 -2.89 -6.93
CA CYS C 151 23.06 -1.70 -7.57
C CYS C 151 23.94 -0.98 -6.55
N SER C 152 25.25 -0.98 -6.79
CA SER C 152 26.17 -0.26 -5.92
C SER C 152 25.98 1.23 -6.11
N ILE C 153 25.50 1.92 -5.08
CA ILE C 153 25.16 3.33 -5.18
C ILE C 153 26.43 4.16 -5.06
N GLN C 154 26.64 5.08 -6.00
CA GLN C 154 27.70 6.07 -5.91
C GLN C 154 27.17 7.23 -5.09
N VAL C 155 27.65 7.34 -3.84
CA VAL C 155 27.04 8.26 -2.87
C VAL C 155 27.71 9.63 -2.85
N THR C 156 28.75 9.86 -3.65
CA THR C 156 29.58 11.06 -3.48
C THR C 156 28.79 12.33 -3.71
N TYR C 157 27.93 12.35 -4.74
CA TYR C 157 27.20 13.55 -5.14
C TYR C 157 25.71 13.47 -4.82
N PHE C 158 25.32 12.58 -3.92
CA PHE C 158 23.93 12.48 -3.51
C PHE C 158 23.50 13.80 -2.86
N PRO C 159 22.27 14.30 -3.12
CA PRO C 159 21.19 13.83 -3.99
C PRO C 159 21.26 14.37 -5.42
N PHE C 160 22.39 14.96 -5.82
CA PHE C 160 22.58 15.47 -7.17
C PHE C 160 23.34 14.46 -8.03
N ASP C 161 23.10 13.18 -7.80
CA ASP C 161 23.88 12.09 -8.35
C ASP C 161 23.19 11.45 -9.55
N TRP C 162 23.95 10.64 -10.26
CA TRP C 162 23.42 9.70 -11.25
C TRP C 162 23.98 8.32 -10.92
N GLN C 163 23.17 7.29 -11.23
CA GLN C 163 23.52 5.89 -10.92
C GLN C 163 23.66 5.09 -12.22
N ASN C 164 24.30 3.93 -12.16
CA ASN C 164 24.53 3.04 -13.32
C ASN C 164 24.06 1.65 -12.86
N CYS C 165 22.76 1.36 -12.89
CA CYS C 165 22.18 0.10 -12.35
C CYS C 165 22.05 -0.93 -13.46
N THR C 166 22.69 -2.08 -13.34
CA THR C 166 22.74 -3.11 -14.37
C THR C 166 21.79 -4.26 -14.03
N MET C 167 21.31 -4.93 -15.08
CA MET C 167 20.53 -6.15 -14.97
C MET C 167 21.23 -7.18 -15.84
N VAL C 168 21.82 -8.19 -15.20
CA VAL C 168 22.65 -9.19 -15.87
C VAL C 168 21.80 -10.45 -16.05
N PHE C 169 21.56 -10.82 -17.31
CA PHE C 169 20.76 -11.99 -17.64
C PHE C 169 21.66 -13.04 -18.28
N SER C 170 21.53 -14.28 -17.80
CA SER C 170 22.35 -15.35 -18.34
C SER C 170 21.69 -16.68 -18.03
N SER C 171 22.08 -17.70 -18.78
CA SER C 171 21.69 -19.05 -18.43
C SER C 171 22.37 -19.44 -17.12
N TYR C 172 21.65 -20.12 -16.24
CA TYR C 172 22.23 -20.51 -14.97
C TYR C 172 23.07 -21.78 -15.10
N SER C 173 22.67 -22.70 -15.99
CA SER C 173 23.28 -24.02 -16.10
C SER C 173 24.04 -24.23 -17.41
N TYR C 174 23.40 -23.99 -18.55
CA TYR C 174 24.02 -24.27 -19.84
C TYR C 174 25.21 -23.34 -20.08
N ASP C 175 26.29 -23.90 -20.60
CA ASP C 175 27.48 -23.13 -20.92
C ASP C 175 27.41 -22.61 -22.36
N SER C 176 28.40 -21.80 -22.72
CA SER C 176 28.42 -21.18 -24.04
C SER C 176 28.54 -22.20 -25.16
N SER C 177 29.09 -23.38 -24.88
CA SER C 177 29.13 -24.45 -25.88
C SER C 177 27.77 -25.08 -26.14
N GLU C 178 26.78 -24.83 -25.28
CA GLU C 178 25.44 -25.38 -25.41
C GLU C 178 24.41 -24.34 -25.80
N VAL C 179 24.41 -23.19 -25.13
CA VAL C 179 23.47 -22.10 -25.40
C VAL C 179 24.26 -20.82 -25.61
N SER C 180 24.13 -20.24 -26.80
CA SER C 180 24.77 -18.97 -27.13
C SER C 180 23.75 -17.85 -27.01
N LEU C 181 24.15 -16.76 -26.37
CA LEU C 181 23.29 -15.60 -26.16
C LEU C 181 23.64 -14.50 -27.14
N GLN C 182 22.62 -13.70 -27.48
CA GLN C 182 22.80 -12.53 -28.32
C GLN C 182 21.77 -11.49 -27.92
N THR C 183 22.08 -10.22 -28.15
CA THR C 183 21.17 -9.14 -27.79
C THR C 183 19.96 -9.14 -28.72
N GLY C 184 18.78 -9.00 -28.14
CA GLY C 184 17.56 -8.97 -28.94
C GLY C 184 17.49 -7.70 -29.75
N LEU C 185 17.19 -7.84 -31.04
CA LEU C 185 17.16 -6.70 -31.94
C LEU C 185 16.55 -7.14 -33.27
N GLY C 186 15.79 -6.25 -33.89
CA GLY C 186 15.17 -6.53 -35.16
C GLY C 186 13.93 -5.68 -35.41
N GLY C 191 18.62 -2.70 -36.03
CA GLY C 191 18.48 -3.41 -34.77
C GLY C 191 19.10 -2.66 -33.61
N HIS C 192 18.27 -2.28 -32.64
CA HIS C 192 18.70 -1.46 -31.52
C HIS C 192 19.14 -2.33 -30.35
N GLN C 193 20.33 -2.04 -29.82
CA GLN C 193 20.85 -2.71 -28.63
C GLN C 193 20.48 -1.86 -27.40
N GLU C 194 19.18 -1.85 -27.09
CA GLU C 194 18.65 -0.97 -26.06
C GLU C 194 17.49 -1.64 -25.36
N ILE C 195 17.22 -1.17 -24.13
CA ILE C 195 15.98 -1.53 -23.46
C ILE C 195 14.83 -0.83 -24.15
N HIS C 196 13.79 -1.59 -24.49
CA HIS C 196 12.63 -1.01 -25.15
C HIS C 196 11.70 -0.38 -24.13
N ILE C 197 11.31 0.86 -24.38
CA ILE C 197 10.35 1.59 -23.54
C ILE C 197 9.24 2.09 -24.46
N HIS C 198 8.01 1.67 -24.17
CA HIS C 198 6.87 2.12 -24.95
C HIS C 198 6.47 3.52 -24.51
N GLU C 199 6.42 4.44 -25.47
CA GLU C 199 6.28 5.86 -25.14
C GLU C 199 4.96 6.16 -24.46
N GLY C 200 3.89 5.46 -24.83
CA GLY C 200 2.58 5.75 -24.27
C GLY C 200 2.33 5.15 -22.91
N THR C 201 2.63 3.87 -22.74
CA THR C 201 2.23 3.11 -21.55
C THR C 201 3.28 3.08 -20.45
N PHE C 202 4.46 3.66 -20.67
CA PHE C 202 5.52 3.56 -19.68
C PHE C 202 5.19 4.39 -18.44
N ILE C 203 5.37 3.79 -17.26
CA ILE C 203 5.13 4.46 -16.00
C ILE C 203 6.45 5.13 -15.60
N GLU C 204 6.53 6.44 -15.82
CA GLU C 204 7.75 7.17 -15.51
C GLU C 204 7.88 7.35 -13.99
N ASN C 205 9.09 7.17 -13.49
CA ASN C 205 9.37 7.35 -12.07
C ASN C 205 9.49 8.83 -11.74
N GLY C 206 8.85 9.25 -10.65
CA GLY C 206 8.86 10.65 -10.27
C GLY C 206 10.14 11.16 -9.66
N GLN C 207 11.09 10.27 -9.37
CA GLN C 207 12.37 10.64 -8.76
C GLN C 207 13.57 10.38 -9.66
N TRP C 208 13.38 9.76 -10.84
CA TRP C 208 14.49 9.34 -11.67
C TRP C 208 14.18 9.60 -13.14
N GLU C 209 15.17 10.11 -13.86
CA GLU C 209 15.10 10.31 -15.31
C GLU C 209 16.08 9.36 -15.97
N ILE C 210 15.63 8.64 -16.99
CA ILE C 210 16.47 7.68 -17.70
C ILE C 210 17.25 8.43 -18.77
N ILE C 211 18.58 8.42 -18.65
CA ILE C 211 19.47 9.12 -19.56
C ILE C 211 19.84 8.17 -20.70
N HIS C 212 20.45 7.05 -20.36
CA HIS C 212 20.84 6.01 -21.32
C HIS C 212 20.21 4.69 -20.91
N LYS C 213 19.94 3.84 -21.91
CA LYS C 213 19.40 2.52 -21.66
C LYS C 213 19.93 1.49 -22.66
N PRO C 214 21.24 1.25 -22.71
CA PRO C 214 21.79 0.30 -23.67
C PRO C 214 21.76 -1.14 -23.16
N SER C 215 22.01 -2.07 -24.08
CA SER C 215 22.21 -3.47 -23.78
C SER C 215 23.48 -3.95 -24.47
N ARG C 216 24.16 -4.91 -23.85
CA ARG C 216 25.43 -5.40 -24.37
C ARG C 216 25.58 -6.89 -24.12
N LEU C 217 26.19 -7.57 -25.10
CA LEU C 217 26.57 -8.97 -24.97
C LEU C 217 28.00 -9.02 -24.44
N ILE C 218 28.18 -9.71 -23.31
CA ILE C 218 29.47 -9.86 -22.66
C ILE C 218 29.93 -11.29 -22.89
N GLN C 219 31.09 -11.43 -23.54
CA GLN C 219 31.68 -12.74 -23.77
C GLN C 219 32.42 -13.20 -22.52
N PRO C 220 32.69 -14.50 -22.38
CA PRO C 220 33.48 -14.96 -21.25
C PRO C 220 34.93 -14.56 -21.41
N PRO C 221 35.69 -14.47 -20.32
CA PRO C 221 37.13 -14.17 -20.47
C PRO C 221 37.86 -15.34 -21.10
N GLY C 222 38.64 -15.04 -22.14
CA GLY C 222 39.40 -16.06 -22.85
C GLY C 222 38.57 -16.75 -23.91
N GLU C 229 33.03 -26.92 -20.29
CA GLU C 229 33.84 -25.70 -20.21
C GLU C 229 33.44 -24.86 -19.02
N GLY C 230 32.14 -24.59 -18.89
CA GLY C 230 31.62 -23.81 -17.79
C GLY C 230 31.62 -22.31 -18.03
N GLN C 231 32.20 -21.84 -19.12
CA GLN C 231 32.18 -20.41 -19.45
C GLN C 231 30.82 -20.04 -20.00
N ARG C 232 30.35 -18.84 -19.66
CA ARG C 232 29.01 -18.40 -20.00
C ARG C 232 29.00 -16.94 -20.44
N GLN C 233 28.26 -16.67 -21.51
CA GLN C 233 28.01 -15.31 -21.95
C GLN C 233 26.97 -14.66 -21.04
N GLU C 234 26.87 -13.33 -21.14
CA GLU C 234 25.87 -12.57 -20.40
C GLU C 234 25.27 -11.51 -21.32
N VAL C 235 24.04 -11.11 -21.02
CA VAL C 235 23.42 -9.95 -21.66
C VAL C 235 23.10 -8.99 -20.53
N ILE C 236 23.76 -7.83 -20.54
CA ILE C 236 23.61 -6.83 -19.50
C ILE C 236 22.79 -5.68 -20.07
N PHE C 237 21.71 -5.34 -19.38
CA PHE C 237 20.92 -4.16 -19.69
C PHE C 237 21.26 -3.09 -18.65
N TYR C 238 21.71 -1.93 -19.12
CA TYR C 238 22.19 -0.86 -18.27
C TYR C 238 21.14 0.23 -18.22
N LEU C 239 20.86 0.72 -17.01
CA LEU C 239 20.01 1.88 -16.80
C LEU C 239 20.87 2.94 -16.13
N ILE C 240 21.22 3.97 -16.89
CA ILE C 240 21.87 5.16 -16.36
C ILE C 240 20.75 6.15 -16.06
N ILE C 241 20.61 6.51 -14.79
CA ILE C 241 19.49 7.30 -14.30
C ILE C 241 20.02 8.47 -13.50
N ARG C 242 19.34 9.61 -13.61
CA ARG C 242 19.67 10.82 -12.87
C ARG C 242 18.54 11.14 -11.90
N ARG C 243 18.91 11.38 -10.65
CA ARG C 243 17.92 11.74 -9.63
C ARG C 243 17.46 13.17 -9.85
N LYS C 244 16.17 13.40 -9.61
CA LYS C 244 15.59 14.74 -9.68
C LYS C 244 15.49 15.30 -8.26
N PRO C 245 16.36 16.25 -7.84
CA PRO C 245 16.57 16.48 -6.41
C PRO C 245 15.70 17.54 -5.76
N LEU C 246 14.58 17.92 -6.40
CA LEU C 246 13.79 19.08 -5.95
C LEU C 246 13.41 18.97 -4.48
N PHE C 247 12.98 17.77 -4.06
CA PHE C 247 12.61 17.56 -2.66
C PHE C 247 13.73 17.99 -1.72
N TYR C 248 14.95 17.52 -1.98
CA TYR C 248 16.06 17.85 -1.11
C TYR C 248 16.40 19.34 -1.17
N LEU C 249 16.08 20.01 -2.27
CA LEU C 249 16.29 21.44 -2.33
C LEU C 249 15.31 22.20 -1.44
N VAL C 250 14.13 21.63 -1.22
CA VAL C 250 13.09 22.32 -0.45
C VAL C 250 13.20 22.01 1.03
N ASN C 251 13.51 20.76 1.38
CA ASN C 251 13.42 20.29 2.76
C ASN C 251 14.76 20.33 3.50
N VAL C 252 15.89 20.48 2.80
CA VAL C 252 17.20 20.44 3.43
C VAL C 252 18.02 21.68 3.10
N ILE C 253 18.21 21.95 1.81
CA ILE C 253 19.17 22.97 1.39
C ILE C 253 18.71 24.36 1.78
N ALA C 254 17.44 24.69 1.48
CA ALA C 254 16.93 26.02 1.81
C ALA C 254 16.93 26.30 3.31
N PRO C 255 16.44 25.38 4.17
CA PRO C 255 16.59 25.61 5.61
C PRO C 255 18.03 25.79 6.06
N CYS C 256 18.96 25.05 5.47
CA CYS C 256 20.37 25.22 5.81
C CYS C 256 20.84 26.63 5.48
N ILE C 257 20.45 27.13 4.30
CA ILE C 257 20.82 28.50 3.92
C ILE C 257 20.24 29.50 4.91
N LEU C 258 18.97 29.32 5.28
CA LEU C 258 18.33 30.25 6.20
C LEU C 258 19.02 30.26 7.56
N ILE C 259 19.30 29.07 8.09
CA ILE C 259 19.99 28.97 9.38
C ILE C 259 21.37 29.59 9.29
N THR C 260 22.02 29.47 8.12
CA THR C 260 23.34 30.06 7.95
C THR C 260 23.26 31.59 7.97
N LEU C 261 22.24 32.17 7.33
CA LEU C 261 22.08 33.61 7.39
C LEU C 261 21.83 34.08 8.82
N LEU C 262 21.05 33.31 9.59
CA LEU C 262 20.87 33.68 11.00
C LEU C 262 22.18 33.60 11.77
N ALA C 263 22.98 32.57 11.49
CA ALA C 263 24.29 32.45 12.12
C ALA C 263 25.15 33.66 11.82
N ILE C 264 25.09 34.15 10.57
CA ILE C 264 25.82 35.37 10.23
C ILE C 264 25.30 36.54 11.04
N PHE C 265 23.97 36.69 11.10
CA PHE C 265 23.38 37.87 11.73
C PHE C 265 23.50 37.88 13.25
N VAL C 266 23.93 36.77 13.86
CA VAL C 266 24.19 36.82 15.31
C VAL C 266 25.26 37.87 15.64
N PHE C 267 26.21 38.10 14.73
CA PHE C 267 27.29 39.04 14.98
C PHE C 267 26.88 40.49 14.89
N TYR C 268 25.65 40.78 14.46
CA TYR C 268 25.09 42.14 14.49
C TYR C 268 24.23 42.39 15.71
N LEU C 269 23.91 41.36 16.48
CA LEU C 269 23.09 41.54 17.69
C LEU C 269 23.94 42.20 18.78
N PRO C 270 23.44 43.25 19.45
CA PRO C 270 24.28 43.92 20.45
C PRO C 270 24.48 43.01 21.66
N PRO C 271 25.65 43.08 22.32
CA PRO C 271 25.83 42.27 23.54
C PRO C 271 24.85 42.60 24.64
N ASP C 272 24.41 43.86 24.77
CA ASP C 272 23.53 44.24 25.87
C ASP C 272 22.15 43.60 25.78
N ALA C 273 21.78 43.06 24.63
CA ALA C 273 20.47 42.41 24.50
C ALA C 273 20.41 41.08 25.24
N GLY C 274 21.54 40.45 25.50
CA GLY C 274 21.54 39.17 26.20
C GLY C 274 20.80 38.08 25.44
N GLU C 275 21.05 37.96 24.13
CA GLU C 275 20.31 37.05 23.28
C GLU C 275 21.17 36.31 22.26
N LYS C 276 22.47 36.56 22.19
CA LYS C 276 23.31 35.91 21.19
C LYS C 276 23.36 34.40 21.39
N MET C 277 23.51 33.96 22.65
CA MET C 277 23.63 32.55 22.92
C MET C 277 22.37 31.80 22.52
N GLY C 278 21.20 32.35 22.84
CA GLY C 278 19.96 31.69 22.48
C GLY C 278 19.82 31.52 20.98
N LEU C 279 20.07 32.59 20.23
CA LEU C 279 19.94 32.53 18.78
C LEU C 279 20.91 31.51 18.18
N SER C 280 22.19 31.59 18.54
CA SER C 280 23.17 30.69 17.95
C SER C 280 22.89 29.24 18.30
N ILE C 281 22.62 28.97 19.58
CA ILE C 281 22.48 27.58 20.00
C ILE C 281 21.16 26.98 19.49
N PHE C 282 20.10 27.78 19.36
CA PHE C 282 18.88 27.25 18.79
C PHE C 282 19.02 27.05 17.28
N ALA C 283 19.84 27.87 16.61
CA ALA C 283 20.18 27.57 15.22
C ALA C 283 20.87 26.21 15.12
N LEU C 284 21.79 25.93 16.04
CA LEU C 284 22.47 24.63 16.05
C LEU C 284 21.47 23.49 16.29
N LEU C 285 20.53 23.69 17.21
CA LEU C 285 19.53 22.67 17.48
C LEU C 285 18.64 22.41 16.26
N THR C 286 18.29 23.48 15.54
CA THR C 286 17.53 23.32 14.30
C THR C 286 18.32 22.53 13.27
N LEU C 287 19.62 22.81 13.17
CA LEU C 287 20.47 22.03 12.26
C LEU C 287 20.50 20.56 12.65
N THR C 288 20.50 20.29 13.96
CA THR C 288 20.45 18.89 14.41
C THR C 288 19.14 18.24 13.99
N VAL C 289 18.02 18.97 14.08
CA VAL C 289 16.74 18.44 13.61
C VAL C 289 16.82 18.08 12.13
N PHE C 290 17.43 18.95 11.33
CA PHE C 290 17.54 18.63 9.90
C PHE C 290 18.52 17.49 9.66
N LEU C 291 19.50 17.29 10.53
CA LEU C 291 20.33 16.08 10.43
C LEU C 291 19.50 14.83 10.67
N LEU C 292 18.58 14.87 11.64
CA LEU C 292 17.66 13.75 11.80
C LEU C 292 16.80 13.56 10.55
N LEU C 293 16.35 14.65 9.95
CA LEU C 293 15.55 14.56 8.74
C LEU C 293 16.33 13.88 7.62
N LEU C 294 17.60 14.24 7.44
CA LEU C 294 18.41 13.64 6.39
C LEU C 294 18.81 12.20 6.71
N ALA C 295 18.82 11.82 8.00
CA ALA C 295 19.26 10.48 8.36
C ALA C 295 18.38 9.39 7.76
N ASP C 296 17.12 9.70 7.46
CA ASP C 296 16.20 8.71 6.91
C ASP C 296 16.32 8.54 5.40
N LYS C 297 17.14 9.34 4.72
CA LYS C 297 17.18 9.38 3.27
C LYS C 297 18.55 9.06 2.68
N VAL C 298 19.62 9.21 3.43
CA VAL C 298 20.97 9.15 2.85
C VAL C 298 21.41 7.69 2.73
N PRO C 299 22.29 7.35 1.78
CA PRO C 299 22.88 6.01 1.79
C PRO C 299 23.75 5.82 3.02
N GLU C 300 23.85 4.56 3.47
CA GLU C 300 24.55 4.22 4.71
C GLU C 300 25.89 3.52 4.46
N THR C 301 26.48 3.70 3.28
CA THR C 301 27.79 3.15 3.00
C THR C 301 28.90 4.09 3.47
N SER C 302 30.14 3.62 3.40
CA SER C 302 31.29 4.32 3.96
C SER C 302 32.44 4.48 2.97
N LEU C 303 32.20 4.26 1.67
CA LEU C 303 33.27 4.47 0.70
C LEU C 303 33.52 5.96 0.47
N SER C 304 32.49 6.79 0.60
CA SER C 304 32.64 8.24 0.50
C SER C 304 31.51 8.89 1.29
N VAL C 305 31.51 10.22 1.31
CA VAL C 305 30.55 11.01 2.08
C VAL C 305 29.68 11.78 1.09
N PRO C 306 28.35 11.77 1.22
CA PRO C 306 27.53 12.61 0.33
C PRO C 306 27.85 14.09 0.46
N ILE C 307 27.71 14.79 -0.67
CA ILE C 307 28.00 16.23 -0.69
C ILE C 307 27.02 16.98 0.18
N ILE C 308 25.77 16.53 0.26
CA ILE C 308 24.80 17.18 1.14
C ILE C 308 25.20 17.02 2.60
N ILE C 309 25.78 15.88 2.96
CA ILE C 309 26.27 15.68 4.31
C ILE C 309 27.46 16.59 4.58
N LYS C 310 28.33 16.77 3.57
CA LYS C 310 29.44 17.71 3.73
C LYS C 310 28.91 19.12 3.97
N TYR C 311 27.88 19.52 3.22
CA TYR C 311 27.29 20.85 3.40
C TYR C 311 26.66 20.98 4.77
N LEU C 312 25.98 19.94 5.24
CA LEU C 312 25.29 19.99 6.54
C LEU C 312 26.32 20.03 7.67
N MET C 313 27.45 19.32 7.58
CA MET C 313 28.49 19.41 8.60
C MET C 313 29.25 20.73 8.52
N PHE C 314 29.41 21.27 7.32
CA PHE C 314 30.02 22.59 7.17
C PHE C 314 29.16 23.65 7.85
N THR C 315 27.84 23.57 7.67
CA THR C 315 26.93 24.51 8.33
C THR C 315 26.98 24.34 9.86
N MET C 316 27.04 23.09 10.32
CA MET C 316 27.11 22.85 11.77
C MET C 316 28.40 23.42 12.35
N VAL C 317 29.52 23.25 11.64
CA VAL C 317 30.79 23.81 12.11
C VAL C 317 30.71 25.33 12.11
N LEU C 318 30.07 25.93 11.09
CA LEU C 318 29.91 27.37 11.07
C LEU C 318 29.09 27.86 12.26
N VAL C 319 27.99 27.18 12.58
CA VAL C 319 27.16 27.63 13.70
C VAL C 319 27.89 27.43 15.01
N THR C 320 28.64 26.33 15.15
CA THR C 320 29.44 26.12 16.35
C THR C 320 30.48 27.23 16.52
N PHE C 321 31.13 27.62 15.43
CA PHE C 321 32.08 28.71 15.50
C PHE C 321 31.38 30.04 15.81
N SER C 322 30.15 30.21 15.33
CA SER C 322 29.38 31.40 15.72
C SER C 322 29.14 31.42 17.22
N VAL C 323 28.81 30.27 17.80
CA VAL C 323 28.66 30.18 19.25
C VAL C 323 29.96 30.56 19.96
N ILE C 324 31.08 29.99 19.49
CA ILE C 324 32.37 30.21 20.16
C ILE C 324 32.76 31.68 20.10
N LEU C 325 32.64 32.28 18.92
CA LEU C 325 33.03 33.67 18.74
C LEU C 325 32.07 34.61 19.46
N SER C 326 30.79 34.26 19.55
CA SER C 326 29.88 35.07 20.34
C SER C 326 30.23 35.02 21.81
N VAL C 327 30.66 33.85 22.31
CA VAL C 327 31.12 33.76 23.69
C VAL C 327 32.34 34.65 23.89
N VAL C 328 33.26 34.65 22.92
CA VAL C 328 34.44 35.51 23.03
C VAL C 328 34.04 36.99 23.09
N VAL C 329 33.10 37.38 22.22
CA VAL C 329 32.65 38.77 22.20
C VAL C 329 32.00 39.14 23.53
N LEU C 330 31.17 38.25 24.07
CA LEU C 330 30.52 38.53 25.34
C LEU C 330 31.55 38.62 26.48
N ASN C 331 32.59 37.79 26.41
CA ASN C 331 33.65 37.89 27.40
C ASN C 331 34.35 39.23 27.35
N LEU C 332 34.62 39.73 26.14
CA LEU C 332 35.22 41.06 26.01
C LEU C 332 34.26 42.14 26.51
N HIS C 333 32.97 42.01 26.22
CA HIS C 333 32.01 43.06 26.53
C HIS C 333 31.84 43.25 28.04
N HIS C 334 31.63 42.15 28.76
CA HIS C 334 31.34 42.21 30.20
C HIS C 334 32.61 42.18 31.04
N ARG C 335 33.76 42.52 30.47
CA ARG C 335 35.01 42.49 31.21
C ARG C 335 35.01 43.58 32.27
N SER C 336 35.32 43.20 33.51
CA SER C 336 35.31 44.16 34.60
C SER C 336 36.46 45.15 34.41
N PRO C 337 36.19 46.47 34.41
CA PRO C 337 37.29 47.42 34.13
C PRO C 337 38.44 47.38 35.12
N HIS C 338 38.18 46.97 36.36
CA HIS C 338 39.20 47.12 37.41
C HIS C 338 40.04 45.86 37.57
N THR C 339 39.42 44.68 37.44
CA THR C 339 40.19 43.44 37.54
C THR C 339 41.03 43.22 36.30
N HIS C 340 40.55 43.65 35.14
CA HIS C 340 41.27 43.50 33.87
C HIS C 340 41.76 44.86 33.40
N GLN C 341 43.07 45.01 33.28
CA GLN C 341 43.68 46.17 32.64
C GLN C 341 43.86 45.87 31.15
N MET C 342 43.50 46.84 30.33
CA MET C 342 43.61 46.65 28.89
C MET C 342 45.08 46.61 28.49
N PRO C 343 45.57 45.54 27.84
CA PRO C 343 46.95 45.57 27.33
C PRO C 343 47.12 46.65 26.28
N LEU C 344 48.33 47.20 26.21
CA LEU C 344 48.59 48.30 25.29
C LEU C 344 48.42 47.85 23.84
N TRP C 345 48.82 46.61 23.53
CA TRP C 345 48.68 46.12 22.17
C TRP C 345 47.21 45.96 21.78
N VAL C 346 46.36 45.53 22.72
CA VAL C 346 44.93 45.44 22.45
C VAL C 346 44.37 46.82 22.12
N ARG C 347 44.75 47.82 22.93
CA ARG C 347 44.32 49.19 22.67
C ARG C 347 44.75 49.64 21.29
N GLN C 348 46.04 49.49 20.97
CA GLN C 348 46.57 49.97 19.70
C GLN C 348 45.86 49.30 18.53
N ILE C 349 45.77 47.98 18.54
CA ILE C 349 45.21 47.27 17.38
C ILE C 349 43.71 47.53 17.27
N PHE C 350 42.95 47.25 18.33
CA PHE C 350 41.50 47.19 18.22
C PHE C 350 40.80 48.52 18.43
N ILE C 351 41.48 49.56 18.92
CA ILE C 351 40.86 50.87 19.10
C ILE C 351 41.36 51.88 18.08
N HIS C 352 42.58 51.73 17.55
CA HIS C 352 43.16 52.71 16.65
C HIS C 352 43.29 52.21 15.21
N LYS C 353 43.90 51.04 14.98
CA LYS C 353 44.13 50.59 13.60
C LYS C 353 42.90 49.91 13.00
N LEU C 354 42.40 48.87 13.64
CA LEU C 354 41.29 48.09 13.06
C LEU C 354 40.03 48.91 12.79
N PRO C 355 39.58 49.81 13.66
CA PRO C 355 38.32 50.52 13.37
C PRO C 355 38.33 51.31 12.08
N LEU C 356 39.46 51.88 11.67
CA LEU C 356 39.50 52.59 10.39
C LEU C 356 39.29 51.64 9.22
N TYR C 357 39.90 50.45 9.27
CA TYR C 357 39.77 49.50 8.18
C TYR C 357 38.41 48.82 8.15
N LEU C 358 37.67 48.84 9.26
CA LEU C 358 36.33 48.27 9.34
C LEU C 358 35.23 49.33 9.22
N ARG C 359 35.59 50.57 8.89
CA ARG C 359 34.61 51.64 8.72
C ARG C 359 33.80 51.87 9.99
N LEU C 360 34.46 51.75 11.14
CA LEU C 360 33.87 51.97 12.46
C LEU C 360 34.52 53.21 13.06
N LYS C 361 33.77 54.32 13.05
CA LYS C 361 34.23 55.58 13.61
C LYS C 361 33.60 55.76 14.99
N ARG C 362 34.45 55.71 16.02
CA ARG C 362 33.98 55.92 17.39
C ARG C 362 33.55 57.37 17.57
N PRO C 363 32.33 57.65 18.03
CA PRO C 363 31.98 59.05 18.31
C PRO C 363 32.88 59.65 19.38
N LYS C 364 33.20 60.94 19.20
CA LYS C 364 34.12 61.70 20.06
C LYS C 364 35.36 60.91 20.49
N LEU C 430 33.70 77.41 62.09
CA LEU C 430 32.44 76.80 61.68
C LEU C 430 32.66 75.36 61.22
N PRO C 431 32.68 74.39 62.14
CA PRO C 431 32.89 73.00 61.72
C PRO C 431 31.77 72.46 60.84
N GLU C 432 30.55 73.01 60.92
CA GLU C 432 29.47 72.52 60.08
C GLU C 432 29.74 72.80 58.61
N LEU C 433 30.22 74.00 58.29
CA LEU C 433 30.56 74.31 56.90
C LEU C 433 31.74 73.47 56.43
N ARG C 434 32.69 73.18 57.32
CA ARG C 434 33.80 72.31 56.95
C ARG C 434 33.32 70.91 56.63
N GLU C 435 32.37 70.40 57.41
CA GLU C 435 31.81 69.08 57.13
C GLU C 435 31.01 69.09 55.83
N VAL C 436 30.30 70.17 55.55
CA VAL C 436 29.59 70.29 54.28
C VAL C 436 30.58 70.25 53.12
N VAL C 437 31.68 70.99 53.24
CA VAL C 437 32.71 71.00 52.21
C VAL C 437 33.29 69.60 52.03
N SER C 438 33.53 68.90 53.14
CA SER C 438 34.08 67.54 53.07
C SER C 438 33.12 66.59 52.35
N SER C 439 31.82 66.68 52.67
CA SER C 439 30.85 65.82 52.02
C SER C 439 30.76 66.11 50.53
N ILE C 440 30.75 67.39 50.15
CA ILE C 440 30.67 67.76 48.74
C ILE C 440 31.92 67.27 48.00
N SER C 441 33.09 67.43 48.62
CA SER C 441 34.33 66.96 48.00
C SER C 441 34.30 65.45 47.83
N TYR C 442 33.81 64.71 48.83
CA TYR C 442 33.71 63.27 48.70
C TYR C 442 32.78 62.87 47.58
N ILE C 443 31.63 63.53 47.46
CA ILE C 443 30.68 63.19 46.40
C ILE C 443 31.28 63.46 45.04
N ALA C 444 31.95 64.60 44.87
CA ALA C 444 32.58 64.92 43.60
C ALA C 444 33.67 63.91 43.26
N ARG C 445 34.47 63.52 44.26
CA ARG C 445 35.52 62.54 44.03
C ARG C 445 34.95 61.20 43.60
N GLN C 446 33.86 60.77 44.26
CA GLN C 446 33.23 59.51 43.89
C GLN C 446 32.68 59.56 42.48
N LEU C 447 32.09 60.69 42.08
CA LEU C 447 31.63 60.81 40.72
C LEU C 447 32.80 60.80 39.73
N GLN C 448 33.96 61.32 40.14
CA GLN C 448 35.14 61.26 39.28
C GLN C 448 35.58 59.80 39.07
N GLU C 449 35.60 59.01 40.15
CA GLU C 449 35.97 57.60 39.98
C GLU C 449 34.93 56.87 39.14
N GLN C 450 33.66 57.24 39.30
CA GLN C 450 32.60 56.66 38.48
C GLN C 450 32.84 56.95 37.01
N GLU C 451 33.23 58.18 36.68
CA GLU C 451 33.53 58.54 35.29
C GLU C 451 34.71 57.74 34.76
N ASP C 452 35.77 57.59 35.56
CA ASP C 452 36.93 56.83 35.10
C ASP C 452 36.56 55.37 34.84
N HIS C 453 35.79 54.77 35.74
CA HIS C 453 35.31 53.40 35.53
C HIS C 453 34.45 53.31 34.27
N ASP C 454 33.60 54.31 34.04
CA ASP C 454 32.79 54.32 32.83
C ASP C 454 33.66 54.37 31.58
N ALA C 455 34.72 55.18 31.61
CA ALA C 455 35.60 55.28 30.44
C ALA C 455 36.29 53.95 30.15
N LEU C 456 36.80 53.30 31.19
CA LEU C 456 37.46 52.00 30.96
C LEU C 456 36.46 50.95 30.45
N LYS C 457 35.26 50.93 31.03
CA LYS C 457 34.24 50.01 30.55
C LYS C 457 33.89 50.27 29.10
N GLU C 458 33.79 51.55 28.71
CA GLU C 458 33.47 51.89 27.33
C GLU C 458 34.59 51.46 26.39
N ASP C 459 35.85 51.56 26.84
CA ASP C 459 36.96 51.08 26.02
C ASP C 459 36.83 49.58 25.77
N TRP C 460 36.54 48.81 26.83
CA TRP C 460 36.38 47.36 26.65
C TRP C 460 35.21 47.05 25.73
N GLN C 461 34.10 47.77 25.88
CA GLN C 461 32.93 47.52 25.03
C GLN C 461 33.17 47.90 23.59
N PHE C 462 33.95 48.96 23.34
CA PHE C 462 34.29 49.31 21.97
C PHE C 462 35.18 48.25 21.34
N VAL C 463 36.12 47.70 22.12
CA VAL C 463 36.92 46.59 21.62
C VAL C 463 36.01 45.41 21.26
N ALA C 464 35.03 45.13 22.11
CA ALA C 464 34.08 44.05 21.82
C ALA C 464 33.31 44.31 20.53
N MET C 465 32.88 45.55 20.31
CA MET C 465 32.16 45.91 19.09
C MET C 465 33.04 45.71 17.86
N VAL C 466 34.30 46.14 17.94
CA VAL C 466 35.21 46.01 16.80
C VAL C 466 35.44 44.54 16.49
N VAL C 467 35.64 43.72 17.52
CA VAL C 467 35.86 42.29 17.31
C VAL C 467 34.62 41.65 16.71
N ASP C 468 33.43 42.08 17.16
CA ASP C 468 32.19 41.55 16.60
C ASP C 468 32.06 41.87 15.12
N ARG C 469 32.40 43.11 14.72
CA ARG C 469 32.30 43.47 13.31
C ARG C 469 33.31 42.69 12.48
N LEU C 470 34.53 42.49 13.00
CA LEU C 470 35.52 41.70 12.29
C LEU C 470 35.01 40.27 12.07
N PHE C 471 34.43 39.67 13.12
CA PHE C 471 33.89 38.32 12.97
C PHE C 471 32.70 38.28 12.03
N LEU C 472 31.89 39.35 11.99
CA LEU C 472 30.79 39.40 11.03
C LEU C 472 31.31 39.32 9.60
N TRP C 473 32.30 40.17 9.28
CA TRP C 473 32.86 40.14 7.93
C TRP C 473 33.52 38.81 7.63
N THR C 474 34.25 38.24 8.59
CA THR C 474 34.91 36.96 8.38
C THR C 474 33.89 35.86 8.12
N PHE C 475 32.79 35.84 8.88
CA PHE C 475 31.78 34.82 8.68
C PHE C 475 31.10 34.98 7.33
N ILE C 476 30.82 36.22 6.91
CA ILE C 476 30.23 36.46 5.59
C ILE C 476 31.14 35.89 4.50
N ILE C 477 32.44 36.21 4.58
CA ILE C 477 33.36 35.79 3.54
C ILE C 477 33.48 34.27 3.50
N PHE C 478 33.72 33.65 4.66
CA PHE C 478 33.93 32.21 4.69
C PHE C 478 32.66 31.47 4.28
N THR C 479 31.50 31.94 4.73
CA THR C 479 30.24 31.32 4.34
C THR C 479 30.04 31.40 2.84
N SER C 480 30.22 32.58 2.25
CA SER C 480 30.00 32.73 0.81
C SER C 480 30.96 31.84 0.03
N VAL C 481 32.22 31.80 0.43
CA VAL C 481 33.21 31.01 -0.31
C VAL C 481 32.88 29.53 -0.22
N GLY C 482 32.62 29.03 1.00
CA GLY C 482 32.34 27.62 1.16
C GLY C 482 31.07 27.18 0.47
N THR C 483 29.99 27.96 0.63
CA THR C 483 28.73 27.62 -0.02
C THR C 483 28.88 27.65 -1.53
N LEU C 484 29.59 28.65 -2.07
CA LEU C 484 29.81 28.71 -3.51
C LEU C 484 30.58 27.50 -3.99
N VAL C 485 31.63 27.10 -3.27
CA VAL C 485 32.44 25.96 -3.69
C VAL C 485 31.59 24.69 -3.72
N ILE C 486 30.84 24.44 -2.64
CA ILE C 486 30.06 23.21 -2.58
C ILE C 486 28.95 23.22 -3.62
N PHE C 487 28.27 24.35 -3.80
CA PHE C 487 27.17 24.42 -4.76
C PHE C 487 27.68 24.31 -6.20
N LEU C 488 28.86 24.85 -6.50
CA LEU C 488 29.42 24.68 -7.84
C LEU C 488 29.86 23.25 -8.07
N ASP C 489 30.40 22.59 -7.04
CA ASP C 489 30.76 21.18 -7.17
C ASP C 489 29.54 20.33 -7.45
N ALA C 490 28.42 20.62 -6.76
CA ALA C 490 27.19 19.88 -7.02
C ALA C 490 26.61 20.20 -8.40
N THR C 491 26.64 21.47 -8.80
CA THR C 491 25.93 21.91 -9.99
C THR C 491 26.55 21.35 -11.26
N TYR C 492 27.88 21.23 -11.30
CA TYR C 492 28.58 20.77 -12.49
C TYR C 492 28.70 19.26 -12.57
N HIS C 493 28.14 18.52 -11.62
CA HIS C 493 28.09 17.06 -11.71
C HIS C 493 26.97 16.69 -12.67
N LEU C 494 27.32 16.40 -13.92
CA LEU C 494 26.40 16.11 -14.99
C LEU C 494 26.43 14.62 -15.33
N PRO C 495 25.35 14.07 -15.90
CA PRO C 495 25.37 12.65 -16.28
C PRO C 495 26.29 12.41 -17.46
N PRO C 496 26.73 11.18 -17.70
CA PRO C 496 27.67 10.93 -18.80
C PRO C 496 27.05 11.25 -20.15
N PRO C 497 27.78 11.88 -21.06
CA PRO C 497 27.24 12.00 -22.43
C PRO C 497 27.09 10.66 -23.14
N ASP C 498 27.98 9.70 -22.86
CA ASP C 498 28.01 8.39 -23.50
C ASP C 498 27.87 7.30 -22.45
N PRO C 499 27.10 6.23 -22.71
CA PRO C 499 26.95 5.19 -21.68
C PRO C 499 28.23 4.46 -21.34
N PHE C 500 29.22 4.42 -22.24
CA PHE C 500 30.45 3.66 -22.06
C PHE C 500 31.63 4.59 -22.33
N PRO C 501 31.96 5.47 -21.40
CA PRO C 501 33.06 6.42 -21.65
C PRO C 501 34.40 5.73 -21.72
N SER C 502 35.31 6.32 -22.49
CA SER C 502 36.67 5.83 -22.58
C SER C 502 37.42 6.22 -21.32
N ARG C 503 37.93 5.23 -20.57
CA ARG C 503 38.62 5.47 -19.27
C ARG C 503 40.10 5.08 -19.40
N LEU D 22 -26.78 -37.74 -6.01
CA LEU D 22 -26.17 -37.05 -7.17
C LEU D 22 -25.73 -38.09 -8.18
N ASN D 23 -26.59 -39.07 -8.42
CA ASN D 23 -26.39 -39.96 -9.56
C ASN D 23 -26.43 -39.16 -10.85
N GLU D 24 -27.34 -38.18 -10.92
CA GLU D 24 -27.51 -37.42 -12.15
C GLU D 24 -26.34 -36.45 -12.39
N GLU D 25 -25.87 -35.77 -11.35
CA GLU D 25 -24.74 -34.87 -11.55
C GLU D 25 -23.47 -35.65 -11.86
N GLU D 26 -23.27 -36.80 -11.20
CA GLU D 26 -22.12 -37.63 -11.53
C GLU D 26 -22.20 -38.13 -12.98
N ARG D 27 -23.39 -38.56 -13.40
CA ARG D 27 -23.55 -39.02 -14.78
C ARG D 27 -23.32 -37.88 -15.76
N LEU D 28 -23.82 -36.69 -15.45
CA LEU D 28 -23.65 -35.55 -16.34
C LEU D 28 -22.19 -35.13 -16.45
N ILE D 29 -21.45 -35.12 -15.34
CA ILE D 29 -20.04 -34.76 -15.39
C ILE D 29 -19.26 -35.81 -16.17
N ARG D 30 -19.57 -37.10 -15.95
CA ARG D 30 -18.91 -38.15 -16.72
C ARG D 30 -19.21 -38.01 -18.20
N HIS D 31 -20.45 -37.66 -18.55
CA HIS D 31 -20.80 -37.48 -19.96
C HIS D 31 -20.06 -36.30 -20.57
N LEU D 32 -20.02 -35.17 -19.87
CA LEU D 32 -19.42 -33.97 -20.43
C LEU D 32 -17.91 -34.12 -20.58
N PHE D 33 -17.23 -34.71 -19.60
CA PHE D 33 -15.78 -34.69 -19.54
C PHE D 33 -15.13 -36.00 -19.98
N GLN D 34 -15.61 -37.13 -19.47
CA GLN D 34 -15.00 -38.41 -19.84
C GLN D 34 -15.46 -38.88 -21.21
N GLU D 35 -16.77 -38.93 -21.44
CA GLU D 35 -17.29 -39.53 -22.66
C GLU D 35 -16.96 -38.67 -23.88
N LYS D 36 -17.23 -37.36 -23.81
CA LYS D 36 -16.97 -36.48 -24.94
C LYS D 36 -15.52 -36.04 -25.05
N GLY D 37 -14.68 -36.37 -24.07
CA GLY D 37 -13.26 -36.06 -24.16
C GLY D 37 -12.97 -34.58 -24.14
N TYR D 38 -13.39 -33.90 -23.07
CA TYR D 38 -13.14 -32.48 -22.93
C TYR D 38 -11.65 -32.21 -22.75
N ASN D 39 -11.14 -31.21 -23.47
CA ASN D 39 -9.74 -30.80 -23.42
C ASN D 39 -9.69 -29.33 -23.00
N LYS D 40 -9.29 -29.08 -21.75
CA LYS D 40 -9.27 -27.73 -21.22
C LYS D 40 -8.14 -26.88 -21.80
N GLU D 41 -7.16 -27.49 -22.46
CA GLU D 41 -6.07 -26.73 -23.07
C GLU D 41 -6.50 -26.04 -24.35
N LEU D 42 -7.57 -26.49 -25.00
CA LEU D 42 -8.07 -25.88 -26.22
C LEU D 42 -9.16 -24.87 -25.89
N ARG D 43 -9.19 -23.77 -26.65
CA ARG D 43 -10.23 -22.77 -26.47
C ARG D 43 -11.57 -23.31 -26.96
N PRO D 44 -12.69 -22.79 -26.44
CA PRO D 44 -14.01 -23.21 -26.97
C PRO D 44 -14.39 -22.53 -28.28
N VAL D 45 -13.82 -23.05 -29.37
CA VAL D 45 -14.09 -22.56 -30.71
C VAL D 45 -14.19 -23.74 -31.66
N ALA D 46 -14.94 -23.56 -32.75
CA ALA D 46 -15.00 -24.58 -33.79
C ALA D 46 -13.75 -24.58 -34.66
N HIS D 47 -13.17 -23.41 -34.90
CA HIS D 47 -11.99 -23.25 -35.72
C HIS D 47 -11.03 -22.30 -35.03
N LYS D 48 -9.74 -22.48 -35.31
CA LYS D 48 -8.71 -21.70 -34.62
C LYS D 48 -8.85 -20.21 -34.90
N GLU D 49 -9.33 -19.84 -36.09
CA GLU D 49 -9.43 -18.44 -36.46
C GLU D 49 -10.52 -17.70 -35.69
N GLU D 50 -11.42 -18.42 -35.03
CA GLU D 50 -12.47 -17.78 -34.23
C GLU D 50 -11.90 -17.31 -32.89
N SER D 51 -12.52 -16.27 -32.35
CA SER D 51 -12.15 -15.69 -31.06
C SER D 51 -13.28 -15.92 -30.06
N VAL D 52 -12.90 -16.02 -28.78
CA VAL D 52 -13.84 -16.28 -27.70
C VAL D 52 -14.21 -14.95 -27.05
N ASP D 53 -15.51 -14.69 -26.96
CA ASP D 53 -16.00 -13.50 -26.29
C ASP D 53 -15.95 -13.71 -24.78
N VAL D 54 -15.25 -12.82 -24.07
CA VAL D 54 -15.13 -12.86 -22.62
C VAL D 54 -15.61 -11.52 -22.09
N ALA D 55 -16.71 -11.54 -21.34
CA ALA D 55 -17.27 -10.32 -20.74
C ALA D 55 -16.77 -10.20 -19.31
N LEU D 56 -16.36 -9.00 -18.93
CA LEU D 56 -15.79 -8.73 -17.62
C LEU D 56 -16.55 -7.60 -16.93
N ALA D 57 -16.73 -7.76 -15.62
CA ALA D 57 -17.20 -6.68 -14.75
C ALA D 57 -16.41 -6.77 -13.45
N LEU D 58 -16.33 -5.64 -12.74
CA LEU D 58 -15.56 -5.55 -11.51
C LEU D 58 -16.43 -5.00 -10.39
N THR D 59 -16.44 -5.69 -9.26
CA THR D 59 -17.11 -5.23 -8.04
C THR D 59 -16.05 -4.86 -7.02
N LEU D 60 -16.11 -3.62 -6.52
CA LEU D 60 -15.15 -3.15 -5.51
C LEU D 60 -15.73 -3.50 -4.14
N SER D 61 -15.19 -4.55 -3.51
CA SER D 61 -15.65 -4.92 -2.18
C SER D 61 -15.23 -3.88 -1.15
N ASN D 62 -13.97 -3.48 -1.16
CA ASN D 62 -13.51 -2.38 -0.32
C ASN D 62 -12.15 -1.89 -0.80
N LEU D 63 -11.95 -0.57 -0.71
CA LEU D 63 -10.68 0.07 -1.03
C LEU D 63 -9.82 0.01 0.22
N ILE D 64 -8.83 -0.88 0.23
CA ILE D 64 -8.05 -1.10 1.45
C ILE D 64 -7.20 0.12 1.75
N SER D 65 -6.36 0.55 0.81
CA SER D 65 -5.52 1.71 1.12
C SER D 65 -4.88 2.26 -0.15
N LEU D 66 -4.35 3.48 -0.02
CA LEU D 66 -3.48 4.10 -1.01
C LEU D 66 -2.26 4.62 -0.28
N LYS D 67 -1.13 3.95 -0.45
CA LYS D 67 0.12 4.33 0.18
C LYS D 67 0.85 5.32 -0.73
N GLU D 68 1.05 6.54 -0.23
CA GLU D 68 1.61 7.61 -1.05
C GLU D 68 3.10 7.40 -1.29
N VAL D 69 3.85 7.04 -0.25
CA VAL D 69 5.30 6.90 -0.39
C VAL D 69 5.62 5.77 -1.36
N GLU D 70 4.94 4.63 -1.22
CA GLU D 70 5.09 3.52 -2.15
C GLU D 70 4.30 3.71 -3.43
N GLU D 71 3.38 4.67 -3.47
CA GLU D 71 2.54 4.92 -4.66
C GLU D 71 1.80 3.66 -5.08
N THR D 72 1.13 3.03 -4.12
CA THR D 72 0.50 1.73 -4.32
C THR D 72 -0.92 1.74 -3.80
N LEU D 73 -1.85 1.22 -4.61
CA LEU D 73 -3.25 1.09 -4.22
C LEU D 73 -3.52 -0.37 -3.93
N THR D 74 -4.06 -0.64 -2.74
CA THR D 74 -4.48 -1.98 -2.33
C THR D 74 -6.01 -2.01 -2.33
N THR D 75 -6.57 -2.93 -3.14
CA THR D 75 -8.01 -3.08 -3.28
C THR D 75 -8.42 -4.54 -3.15
N ASN D 76 -9.66 -4.74 -2.72
CA ASN D 76 -10.35 -6.02 -2.71
C ASN D 76 -11.42 -5.94 -3.79
N VAL D 77 -11.29 -6.76 -4.83
CA VAL D 77 -12.19 -6.72 -5.97
C VAL D 77 -12.70 -8.12 -6.27
N TRP D 78 -13.88 -8.20 -6.86
CA TRP D 78 -14.46 -9.45 -7.34
C TRP D 78 -14.64 -9.31 -8.84
N ILE D 79 -14.03 -10.21 -9.61
CA ILE D 79 -13.97 -10.09 -11.06
C ILE D 79 -15.01 -11.06 -11.63
N GLU D 80 -16.07 -10.50 -12.20
CA GLU D 80 -17.12 -11.29 -12.83
C GLU D 80 -16.73 -11.58 -14.27
N HIS D 81 -16.50 -12.86 -14.58
CA HIS D 81 -16.24 -13.35 -15.93
C HIS D 81 -17.47 -14.07 -16.45
N GLY D 82 -17.77 -13.81 -17.72
CA GLY D 82 -18.78 -14.59 -18.44
C GLY D 82 -18.31 -14.96 -19.82
N TRP D 83 -18.37 -16.25 -20.17
CA TRP D 83 -18.07 -16.65 -21.54
C TRP D 83 -18.93 -17.87 -21.87
N THR D 84 -18.75 -18.40 -23.08
CA THR D 84 -19.52 -19.54 -23.56
C THR D 84 -18.56 -20.66 -23.92
N ASP D 85 -18.89 -21.87 -23.46
CA ASP D 85 -18.15 -23.09 -23.81
C ASP D 85 -19.20 -24.07 -24.32
N ASN D 86 -19.33 -24.14 -25.64
CA ASN D 86 -20.36 -24.99 -26.25
C ASN D 86 -20.10 -26.47 -26.05
N ARG D 87 -18.89 -26.87 -25.68
CA ARG D 87 -18.64 -28.26 -25.32
C ARG D 87 -19.28 -28.65 -24.01
N LEU D 88 -19.62 -27.67 -23.16
CA LEU D 88 -20.25 -27.92 -21.87
C LEU D 88 -21.76 -27.72 -21.92
N LYS D 89 -22.38 -28.08 -23.02
CA LYS D 89 -23.82 -27.95 -23.22
C LYS D 89 -24.50 -29.31 -23.01
N TRP D 90 -25.66 -29.29 -22.36
CA TRP D 90 -26.45 -30.49 -22.21
C TRP D 90 -27.92 -30.12 -22.17
N ASN D 91 -28.77 -31.09 -22.52
CA ASN D 91 -30.21 -30.90 -22.46
C ASN D 91 -30.67 -31.35 -21.07
N ALA D 92 -31.23 -30.42 -20.31
CA ALA D 92 -31.40 -30.63 -18.86
C ALA D 92 -32.39 -31.76 -18.56
N GLU D 93 -33.43 -31.90 -19.37
CA GLU D 93 -34.46 -32.94 -19.16
C GLU D 93 -33.81 -34.33 -19.16
N GLU D 94 -32.75 -34.54 -19.94
CA GLU D 94 -32.09 -35.83 -20.00
C GLU D 94 -31.23 -36.13 -18.78
N PHE D 95 -31.01 -35.16 -17.90
CA PHE D 95 -30.13 -35.31 -16.73
C PHE D 95 -30.83 -34.81 -15.48
N GLY D 96 -32.06 -35.28 -15.23
CA GLY D 96 -32.78 -34.94 -13.99
C GLY D 96 -33.16 -33.49 -13.86
N ASN D 97 -33.32 -32.76 -14.97
CA ASN D 97 -33.63 -31.30 -14.96
C ASN D 97 -32.50 -30.51 -14.30
N ILE D 98 -31.25 -30.99 -14.35
CA ILE D 98 -30.08 -30.22 -13.84
C ILE D 98 -29.91 -29.03 -14.78
N SER D 99 -29.85 -27.81 -14.27
CA SER D 99 -29.66 -26.61 -15.08
C SER D 99 -28.34 -25.89 -14.83
N VAL D 100 -27.64 -26.19 -13.74
CA VAL D 100 -26.38 -25.53 -13.43
C VAL D 100 -25.51 -26.50 -12.65
N LEU D 101 -24.19 -26.43 -12.91
CA LEU D 101 -23.19 -27.23 -12.24
C LEU D 101 -22.13 -26.32 -11.64
N ARG D 102 -21.65 -26.69 -10.45
CA ARG D 102 -20.49 -26.06 -9.84
C ARG D 102 -19.28 -26.96 -10.09
N LEU D 103 -18.24 -26.42 -10.73
CA LEU D 103 -17.07 -27.20 -11.10
C LEU D 103 -15.80 -26.50 -10.64
N PRO D 104 -14.75 -27.23 -10.28
CA PRO D 104 -13.46 -26.57 -10.00
C PRO D 104 -12.95 -25.86 -11.25
N PRO D 105 -12.36 -24.66 -11.12
CA PRO D 105 -11.91 -23.95 -12.33
C PRO D 105 -10.81 -24.67 -13.08
N ASP D 106 -10.08 -25.60 -12.45
CA ASP D 106 -9.00 -26.31 -13.10
C ASP D 106 -9.49 -27.42 -14.02
N MET D 107 -10.78 -27.73 -14.04
CA MET D 107 -11.31 -28.71 -14.97
C MET D 107 -11.67 -28.14 -16.34
N VAL D 108 -11.92 -26.83 -16.42
CA VAL D 108 -12.43 -26.21 -17.62
C VAL D 108 -11.38 -25.25 -18.18
N TRP D 109 -11.52 -24.95 -19.47
CA TRP D 109 -10.74 -23.86 -20.06
C TRP D 109 -11.12 -22.55 -19.39
N LEU D 110 -10.13 -21.70 -19.16
CA LEU D 110 -10.33 -20.40 -18.54
C LEU D 110 -9.76 -19.29 -19.42
N PRO D 111 -10.34 -18.09 -19.39
CA PRO D 111 -9.66 -16.93 -19.98
C PRO D 111 -8.72 -16.33 -18.95
N GLU D 112 -7.42 -16.38 -19.23
CA GLU D 112 -6.41 -16.07 -18.24
C GLU D 112 -6.28 -14.55 -18.11
N ILE D 113 -7.29 -13.95 -17.49
CA ILE D 113 -7.29 -12.51 -17.23
C ILE D 113 -6.44 -12.24 -16.01
N VAL D 114 -5.54 -11.27 -16.13
CA VAL D 114 -4.62 -10.89 -15.06
C VAL D 114 -4.63 -9.38 -14.93
N LEU D 115 -4.20 -8.90 -13.76
CA LEU D 115 -3.99 -7.48 -13.55
C LEU D 115 -2.63 -7.12 -14.12
N GLU D 116 -2.63 -6.32 -15.19
CA GLU D 116 -1.39 -5.98 -15.87
C GLU D 116 -0.54 -5.04 -15.03
N ASN D 117 -1.15 -4.04 -14.40
CA ASN D 117 -0.42 -2.94 -13.75
C ASN D 117 -0.23 -3.18 -12.26
N ASN D 118 -0.11 -4.43 -11.83
CA ASN D 118 0.34 -4.68 -10.46
C ASN D 118 1.79 -4.22 -10.31
N ASN D 119 2.23 -4.06 -9.06
CA ASN D 119 3.61 -3.67 -8.76
C ASN D 119 4.22 -4.56 -7.68
N ASP D 120 3.71 -5.78 -7.50
CA ASP D 120 4.25 -6.72 -6.54
C ASP D 120 4.47 -8.11 -7.11
N GLY D 121 4.12 -8.35 -8.38
CA GLY D 121 4.26 -9.65 -8.99
C GLY D 121 3.04 -10.55 -8.88
N SER D 122 2.01 -10.14 -8.16
CA SER D 122 0.78 -10.93 -8.03
C SER D 122 -0.14 -10.53 -9.17
N PHE D 123 -0.04 -11.27 -10.28
CA PHE D 123 -0.83 -10.97 -11.47
C PHE D 123 -2.25 -11.53 -11.42
N GLN D 124 -2.48 -12.59 -10.65
CA GLN D 124 -3.68 -13.42 -10.78
C GLN D 124 -4.65 -13.19 -9.62
N ILE D 125 -5.84 -13.76 -9.77
CA ILE D 125 -6.86 -13.70 -8.72
C ILE D 125 -6.39 -14.51 -7.50
N SER D 126 -6.95 -14.16 -6.35
CA SER D 126 -6.50 -14.74 -5.09
C SER D 126 -7.13 -16.11 -4.83
N TYR D 127 -8.46 -16.19 -4.87
CA TYR D 127 -9.19 -17.41 -4.58
C TYR D 127 -9.84 -17.92 -5.86
N SER D 128 -9.42 -19.12 -6.29
CA SER D 128 -9.96 -19.74 -7.52
C SER D 128 -11.23 -20.50 -7.16
N CYS D 129 -12.34 -19.77 -7.10
CA CYS D 129 -13.62 -20.35 -6.76
C CYS D 129 -14.16 -21.20 -7.91
N ASN D 130 -15.22 -21.95 -7.63
CA ASN D 130 -15.84 -22.78 -8.64
C ASN D 130 -16.44 -21.93 -9.75
N VAL D 131 -16.48 -22.51 -10.94
CA VAL D 131 -17.24 -21.96 -12.07
C VAL D 131 -18.66 -22.51 -12.00
N LEU D 132 -19.62 -21.66 -12.38
CA LEU D 132 -21.00 -22.06 -12.58
C LEU D 132 -21.23 -22.26 -14.07
N VAL D 133 -21.52 -23.50 -14.47
CA VAL D 133 -21.74 -23.86 -15.86
C VAL D 133 -23.22 -24.17 -16.02
N TYR D 134 -23.91 -23.37 -16.82
CA TYR D 134 -25.33 -23.57 -17.09
C TYR D 134 -25.51 -24.52 -18.27
N HIS D 135 -26.71 -25.10 -18.37
CA HIS D 135 -26.94 -26.14 -19.36
C HIS D 135 -26.86 -25.64 -20.80
N TYR D 136 -26.97 -24.33 -21.00
CA TYR D 136 -26.88 -23.76 -22.35
C TYR D 136 -25.44 -23.39 -22.73
N GLY D 137 -24.45 -23.86 -21.97
CA GLY D 137 -23.06 -23.64 -22.29
C GLY D 137 -22.44 -22.39 -21.74
N PHE D 138 -23.19 -21.58 -20.98
CA PHE D 138 -22.66 -20.35 -20.43
C PHE D 138 -21.86 -20.65 -19.17
N VAL D 139 -20.66 -20.10 -19.08
CA VAL D 139 -19.76 -20.25 -17.94
C VAL D 139 -19.67 -18.91 -17.23
N TYR D 140 -19.98 -18.94 -15.94
CA TYR D 140 -20.00 -17.78 -15.06
C TYR D 140 -18.99 -18.02 -13.95
N TRP D 141 -18.10 -17.05 -13.71
CA TRP D 141 -17.01 -17.22 -12.76
C TRP D 141 -16.77 -15.91 -12.04
N LEU D 142 -16.86 -15.92 -10.70
CA LEU D 142 -16.72 -14.72 -9.89
C LEU D 142 -15.63 -14.90 -8.84
N PRO D 143 -14.37 -14.94 -9.26
CA PRO D 143 -13.27 -15.04 -8.30
C PRO D 143 -13.03 -13.72 -7.60
N PRO D 144 -12.77 -13.73 -6.28
CA PRO D 144 -12.29 -12.52 -5.62
C PRO D 144 -10.77 -12.45 -5.58
N ALA D 145 -10.27 -11.24 -5.35
CA ALA D 145 -8.84 -10.98 -5.41
C ALA D 145 -8.49 -9.78 -4.56
N ILE D 146 -7.29 -9.82 -3.98
CA ILE D 146 -6.65 -8.68 -3.34
C ILE D 146 -5.51 -8.25 -4.28
N PHE D 147 -5.59 -7.03 -4.79
CA PHE D 147 -4.64 -6.52 -5.76
C PHE D 147 -3.90 -5.32 -5.21
N ARG D 148 -2.60 -5.27 -5.52
CA ARG D 148 -1.72 -4.15 -5.18
C ARG D 148 -1.19 -3.59 -6.49
N SER D 149 -1.68 -2.41 -6.87
CA SER D 149 -1.44 -1.83 -8.18
C SER D 149 -0.68 -0.51 -8.06
N SER D 150 0.06 -0.17 -9.10
CA SER D 150 0.79 1.09 -9.11
C SER D 150 -0.19 2.24 -9.37
N CYS D 151 -0.09 3.27 -8.53
CA CYS D 151 -0.89 4.48 -8.68
C CYS D 151 0.02 5.68 -8.44
N PRO D 152 0.60 6.26 -9.50
CA PRO D 152 1.43 7.46 -9.29
C PRO D 152 0.63 8.59 -8.66
N ILE D 153 1.28 9.32 -7.76
CA ILE D 153 0.63 10.26 -6.86
C ILE D 153 0.95 11.69 -7.28
N SER D 154 -0.07 12.54 -7.28
CA SER D 154 0.08 13.97 -7.53
C SER D 154 0.00 14.70 -6.20
N VAL D 155 1.15 15.21 -5.73
CA VAL D 155 1.25 15.74 -4.38
C VAL D 155 0.98 17.24 -4.36
N THR D 156 0.53 17.82 -5.48
CA THR D 156 0.52 19.27 -5.64
C THR D 156 -0.38 19.95 -4.61
N TYR D 157 -1.56 19.38 -4.36
CA TYR D 157 -2.55 19.97 -3.46
C TYR D 157 -2.70 19.19 -2.15
N PHE D 158 -1.71 18.39 -1.79
CA PHE D 158 -1.77 17.62 -0.56
C PHE D 158 -1.82 18.58 0.63
N PRO D 159 -2.70 18.35 1.64
CA PRO D 159 -3.63 17.23 1.84
C PRO D 159 -5.01 17.44 1.23
N PHE D 160 -5.20 18.45 0.37
CA PHE D 160 -6.47 18.67 -0.31
C PHE D 160 -6.47 18.08 -1.71
N ASP D 161 -5.79 16.95 -1.88
CA ASP D 161 -5.53 16.38 -3.19
C ASP D 161 -6.53 15.30 -3.54
N TRP D 162 -6.71 15.08 -4.84
CA TRP D 162 -7.44 13.94 -5.37
C TRP D 162 -6.50 13.16 -6.30
N GLN D 163 -6.71 11.84 -6.34
CA GLN D 163 -5.83 10.91 -7.08
C GLN D 163 -6.62 10.20 -8.17
N ASN D 164 -5.93 9.58 -9.11
CA ASN D 164 -6.55 8.89 -10.25
C ASN D 164 -5.82 7.56 -10.39
N CYS D 165 -6.39 6.47 -9.87
CA CYS D 165 -5.77 5.13 -9.90
C CYS D 165 -6.46 4.31 -11.00
N SER D 166 -5.83 3.27 -11.50
CA SER D 166 -6.39 2.41 -12.54
C SER D 166 -6.06 0.95 -12.24
N LEU D 167 -6.94 0.07 -12.70
CA LEU D 167 -6.78 -1.38 -12.66
C LEU D 167 -6.93 -1.87 -14.08
N LYS D 168 -5.82 -2.27 -14.71
CA LYS D 168 -5.78 -2.65 -16.11
C LYS D 168 -5.75 -4.18 -16.18
N PHE D 169 -6.81 -4.77 -16.75
CA PHE D 169 -6.95 -6.21 -16.87
C PHE D 169 -6.79 -6.62 -18.33
N SER D 170 -5.96 -7.62 -18.56
CA SER D 170 -5.74 -8.16 -19.89
C SER D 170 -5.34 -9.62 -19.76
N SER D 171 -5.00 -10.23 -20.88
CA SER D 171 -4.53 -11.60 -20.93
C SER D 171 -3.13 -11.61 -21.53
N LEU D 172 -2.21 -12.28 -20.86
CA LEU D 172 -0.87 -12.52 -21.40
C LEU D 172 -0.77 -13.85 -22.12
N LYS D 173 -1.59 -14.83 -21.73
CA LYS D 173 -1.61 -16.12 -22.41
C LYS D 173 -2.44 -16.11 -23.68
N TYR D 174 -3.28 -15.10 -23.88
CA TYR D 174 -4.10 -14.99 -25.08
C TYR D 174 -4.11 -13.55 -25.56
N THR D 175 -4.18 -13.39 -26.88
CA THR D 175 -4.16 -12.08 -27.54
C THR D 175 -5.56 -11.77 -28.08
N ALA D 176 -5.67 -10.63 -28.76
CA ALA D 176 -6.93 -10.24 -29.37
C ALA D 176 -7.37 -11.20 -30.47
N LYS D 177 -6.43 -11.97 -31.03
CA LYS D 177 -6.81 -12.97 -32.03
C LYS D 177 -7.57 -14.13 -31.42
N GLU D 178 -7.30 -14.47 -30.16
CA GLU D 178 -7.86 -15.65 -29.52
C GLU D 178 -9.06 -15.33 -28.64
N ILE D 179 -9.04 -14.22 -27.90
CA ILE D 179 -10.15 -13.80 -27.06
C ILE D 179 -10.46 -12.34 -27.35
N THR D 180 -11.75 -11.99 -27.30
CA THR D 180 -12.21 -10.62 -27.48
C THR D 180 -12.79 -10.15 -26.16
N LEU D 181 -12.10 -9.21 -25.51
CA LEU D 181 -12.54 -8.70 -24.22
C LEU D 181 -13.63 -7.65 -24.42
N SER D 182 -14.62 -7.66 -23.54
CA SER D 182 -15.70 -6.70 -23.59
C SER D 182 -16.26 -6.50 -22.18
N LEU D 183 -17.02 -5.43 -22.02
CA LEU D 183 -17.68 -5.15 -20.76
C LEU D 183 -18.97 -5.95 -20.66
N LYS D 184 -19.43 -6.15 -19.43
CA LYS D 184 -20.70 -6.82 -19.18
C LYS D 184 -21.83 -6.06 -19.87
N GLN D 185 -22.66 -6.80 -20.59
CA GLN D 185 -23.83 -6.25 -21.29
C GLN D 185 -25.08 -6.63 -20.52
N ASP D 186 -25.74 -5.64 -19.95
CA ASP D 186 -27.04 -5.85 -19.31
C ASP D 186 -28.11 -5.96 -20.38
N ALA D 187 -28.94 -7.02 -20.28
CA ALA D 187 -29.97 -7.29 -21.27
C ALA D 187 -31.29 -7.67 -20.62
N LYS D 188 -31.60 -7.09 -19.46
CA LYS D 188 -32.84 -7.36 -18.76
C LYS D 188 -34.00 -6.45 -19.18
N GLU D 189 -33.73 -5.44 -20.01
CA GLU D 189 -34.75 -4.42 -20.42
C GLU D 189 -35.01 -4.50 -21.91
N ASN D 190 -35.79 -3.57 -22.47
CA ASN D 190 -36.13 -3.53 -23.92
C ASN D 190 -34.96 -2.95 -24.71
N ARG D 191 -33.93 -2.43 -24.03
CA ARG D 191 -32.70 -1.94 -24.72
C ARG D 191 -31.51 -2.44 -23.91
N THR D 192 -30.56 -3.14 -24.52
CA THR D 192 -29.35 -3.58 -23.84
C THR D 192 -28.39 -2.40 -23.71
N TYR D 193 -27.48 -2.51 -22.74
CA TYR D 193 -26.47 -1.50 -22.54
C TYR D 193 -25.26 -2.11 -21.86
N PRO D 194 -24.06 -1.56 -22.07
CA PRO D 194 -22.88 -2.07 -21.36
C PRO D 194 -22.71 -1.43 -19.99
N VAL D 195 -22.21 -2.24 -19.05
CA VAL D 195 -21.92 -1.78 -17.70
C VAL D 195 -20.56 -1.08 -17.75
N GLU D 196 -20.58 0.25 -17.76
CA GLU D 196 -19.39 1.07 -17.97
C GLU D 196 -18.90 1.72 -16.68
N TRP D 197 -19.05 1.03 -15.55
CA TRP D 197 -18.66 1.55 -14.25
C TRP D 197 -18.29 0.39 -13.36
N ILE D 198 -17.52 0.68 -12.31
CA ILE D 198 -17.24 -0.31 -11.28
C ILE D 198 -18.51 -0.51 -10.45
N ILE D 199 -18.85 -1.76 -10.19
CA ILE D 199 -20.04 -2.08 -9.40
C ILE D 199 -19.71 -1.93 -7.92
N ILE D 200 -20.57 -1.20 -7.20
CA ILE D 200 -20.45 -1.03 -5.76
C ILE D 200 -21.78 -1.42 -5.14
N ASP D 201 -21.77 -2.47 -4.32
CA ASP D 201 -22.97 -2.91 -3.65
C ASP D 201 -23.29 -1.95 -2.50
N PRO D 202 -24.44 -1.26 -2.50
CA PRO D 202 -24.73 -0.33 -1.40
C PRO D 202 -24.81 -1.00 -0.03
N GLU D 203 -25.12 -2.30 0.02
CA GLU D 203 -25.23 -3.01 1.29
C GLU D 203 -23.90 -3.60 1.75
N GLY D 204 -23.06 -4.05 0.81
CA GLY D 204 -21.80 -4.68 1.12
C GLY D 204 -20.58 -3.79 1.04
N PHE D 205 -20.75 -2.49 0.80
CA PHE D 205 -19.64 -1.55 0.67
C PHE D 205 -19.71 -0.50 1.76
N THR D 206 -18.55 -0.09 2.25
CA THR D 206 -18.43 0.99 3.22
C THR D 206 -17.14 1.74 2.94
N GLU D 207 -17.23 3.06 2.90
CA GLU D 207 -16.18 3.88 2.32
C GLU D 207 -14.88 3.79 3.14
N ASN D 208 -13.76 3.94 2.43
CA ASN D 208 -12.47 4.03 3.09
C ASN D 208 -12.43 5.25 4.00
N GLY D 209 -11.70 5.13 5.10
CA GLY D 209 -11.68 6.19 6.10
C GLY D 209 -11.04 7.47 5.64
N GLU D 210 -10.19 7.42 4.61
CA GLU D 210 -9.47 8.59 4.12
C GLU D 210 -9.79 8.98 2.68
N TRP D 211 -10.44 8.11 1.91
CA TRP D 211 -10.69 8.34 0.49
C TRP D 211 -12.16 8.15 0.16
N GLU D 212 -12.70 9.05 -0.64
CA GLU D 212 -14.09 9.01 -1.09
C GLU D 212 -14.06 8.88 -2.61
N ILE D 213 -14.83 7.95 -3.15
CA ILE D 213 -14.87 7.73 -4.59
C ILE D 213 -15.77 8.77 -5.24
N VAL D 214 -15.23 9.49 -6.22
CA VAL D 214 -15.97 10.49 -6.97
C VAL D 214 -16.45 9.93 -8.30
N HIS D 215 -15.56 9.28 -9.05
CA HIS D 215 -15.89 8.62 -10.30
C HIS D 215 -15.32 7.21 -10.30
N ARG D 216 -15.95 6.33 -11.06
CA ARG D 216 -15.51 4.94 -11.13
C ARG D 216 -15.85 4.34 -12.48
N PRO D 217 -15.30 4.87 -13.57
CA PRO D 217 -15.65 4.38 -14.90
C PRO D 217 -14.95 3.08 -15.26
N ALA D 218 -15.43 2.47 -16.34
CA ALA D 218 -14.79 1.31 -16.94
C ALA D 218 -14.74 1.51 -18.45
N ARG D 219 -13.65 1.04 -19.06
CA ARG D 219 -13.41 1.26 -20.48
C ARG D 219 -12.77 0.03 -21.09
N VAL D 220 -13.08 -0.21 -22.36
CA VAL D 220 -12.37 -1.17 -23.20
C VAL D 220 -11.39 -0.37 -24.04
N ASN D 221 -10.10 -0.55 -23.80
CA ASN D 221 -9.04 0.14 -24.52
C ASN D 221 -8.45 -0.80 -25.56
N VAL D 222 -8.37 -0.32 -26.80
CA VAL D 222 -7.75 -1.04 -27.90
C VAL D 222 -6.72 -0.11 -28.54
N ASP D 223 -5.49 -0.61 -28.67
CA ASP D 223 -4.43 0.17 -29.30
C ASP D 223 -4.50 -0.04 -30.82
N PRO D 224 -4.85 0.98 -31.62
CA PRO D 224 -4.92 0.75 -33.07
C PRO D 224 -3.59 0.37 -33.69
N ARG D 225 -2.48 0.90 -33.18
CA ARG D 225 -1.18 0.65 -33.78
C ARG D 225 -0.65 -0.74 -33.43
N ALA D 226 -1.02 -1.29 -32.28
CA ALA D 226 -0.48 -2.57 -31.87
C ALA D 226 -1.00 -3.68 -32.78
N PRO D 227 -0.20 -4.71 -33.06
CA PRO D 227 -0.71 -5.82 -33.87
C PRO D 227 -1.71 -6.67 -33.12
N LEU D 228 -2.56 -7.34 -33.89
CA LEU D 228 -3.62 -8.17 -33.29
C LEU D 228 -3.06 -9.30 -32.46
N ASP D 229 -1.91 -9.84 -32.85
CA ASP D 229 -1.30 -10.97 -32.15
C ASP D 229 -0.40 -10.55 -30.99
N SER D 230 -0.55 -9.31 -30.51
CA SER D 230 0.19 -8.84 -29.34
C SER D 230 -0.70 -8.90 -28.09
N PRO D 231 -0.20 -9.27 -26.91
CA PRO D 231 -1.03 -9.14 -25.70
C PRO D 231 -1.40 -7.71 -25.36
N SER D 232 -0.66 -6.72 -25.87
CA SER D 232 -0.92 -5.31 -25.55
C SER D 232 -1.96 -4.68 -26.47
N ARG D 233 -2.58 -5.43 -27.36
CA ARG D 233 -3.60 -4.87 -28.25
C ARG D 233 -4.82 -4.40 -27.47
N GLN D 234 -5.32 -5.24 -26.55
CA GLN D 234 -6.59 -5.01 -25.88
C GLN D 234 -6.42 -5.04 -24.37
N ASP D 235 -7.26 -4.27 -23.68
CA ASP D 235 -7.37 -4.37 -22.23
C ASP D 235 -8.70 -3.77 -21.82
N ILE D 236 -9.11 -4.09 -20.59
CA ILE D 236 -10.24 -3.44 -19.93
C ILE D 236 -9.70 -2.77 -18.68
N THR D 237 -9.93 -1.47 -18.55
CA THR D 237 -9.41 -0.67 -17.45
C THR D 237 -10.55 -0.15 -16.61
N PHE D 238 -10.43 -0.30 -15.30
CA PHE D 238 -11.36 0.26 -14.33
C PHE D 238 -10.64 1.33 -13.55
N TYR D 239 -11.18 2.55 -13.57
CA TYR D 239 -10.53 3.71 -12.98
C TYR D 239 -11.23 4.09 -11.68
N LEU D 240 -10.46 4.65 -10.76
CA LEU D 240 -10.95 5.17 -9.49
C LEU D 240 -10.41 6.58 -9.34
N ILE D 241 -11.30 7.57 -9.44
CA ILE D 241 -11.00 8.94 -9.05
C ILE D 241 -11.43 9.06 -7.59
N ILE D 242 -10.49 9.38 -6.71
CA ILE D 242 -10.73 9.38 -5.27
C ILE D 242 -10.26 10.70 -4.69
N ARG D 243 -11.03 11.23 -3.75
CA ARG D 243 -10.74 12.49 -3.08
C ARG D 243 -10.33 12.17 -1.65
N ARG D 244 -9.22 12.77 -1.21
CA ARG D 244 -8.81 12.62 0.18
C ARG D 244 -9.77 13.39 1.08
N LYS D 245 -10.06 12.82 2.25
CA LYS D 245 -10.82 13.50 3.29
C LYS D 245 -9.82 14.15 4.24
N PRO D 246 -9.62 15.48 4.19
CA PRO D 246 -8.44 16.07 4.84
C PRO D 246 -8.60 16.43 6.31
N LEU D 247 -9.63 15.91 6.98
CA LEU D 247 -9.89 16.32 8.36
C LEU D 247 -8.74 15.98 9.28
N PHE D 248 -8.18 14.78 9.15
CA PHE D 248 -7.07 14.37 10.02
C PHE D 248 -5.88 15.30 9.85
N TYR D 249 -5.45 15.51 8.61
CA TYR D 249 -4.30 16.38 8.37
C TYR D 249 -4.58 17.81 8.81
N ILE D 250 -5.80 18.30 8.54
CA ILE D 250 -6.20 19.62 9.02
C ILE D 250 -5.96 19.73 10.52
N ILE D 251 -6.67 18.90 11.28
CA ILE D 251 -6.70 19.00 12.74
C ILE D 251 -5.31 18.82 13.33
N ASN D 252 -4.56 17.82 12.86
CA ASN D 252 -3.35 17.41 13.54
C ASN D 252 -2.08 18.05 13.00
N ILE D 253 -2.12 18.71 11.84
CA ILE D 253 -0.91 19.30 11.25
C ILE D 253 -1.17 20.77 10.93
N LEU D 254 -2.22 21.04 10.16
CA LEU D 254 -2.28 22.34 9.50
C LEU D 254 -2.62 23.45 10.47
N VAL D 255 -3.60 23.23 11.34
CA VAL D 255 -3.96 24.26 12.32
C VAL D 255 -2.82 24.53 13.30
N PRO D 256 -2.20 23.52 13.93
CA PRO D 256 -1.02 23.82 14.75
C PRO D 256 0.10 24.52 14.01
N CYS D 257 0.44 24.04 12.80
CA CYS D 257 1.55 24.62 12.06
C CYS D 257 1.25 26.06 11.66
N VAL D 258 0.04 26.31 11.14
CA VAL D 258 -0.32 27.66 10.71
C VAL D 258 -0.37 28.61 11.91
N LEU D 259 -0.95 28.15 13.02
CA LEU D 259 -1.04 29.01 14.20
C LEU D 259 0.35 29.32 14.75
N ILE D 260 1.23 28.32 14.81
CA ILE D 260 2.57 28.55 15.33
C ILE D 260 3.34 29.49 14.41
N SER D 261 3.19 29.35 13.10
CA SER D 261 3.86 30.26 12.17
C SER D 261 3.33 31.68 12.32
N PHE D 262 2.02 31.85 12.42
CA PHE D 262 1.45 33.19 12.61
C PHE D 262 1.86 33.79 13.94
N MET D 263 2.19 32.93 14.92
CA MET D 263 2.58 33.42 16.23
C MET D 263 3.86 34.26 16.21
N VAL D 264 4.69 34.11 15.17
CA VAL D 264 5.96 34.83 15.13
C VAL D 264 5.74 36.33 15.00
N ASN D 265 4.59 36.75 14.46
CA ASN D 265 4.32 38.18 14.31
C ASN D 265 4.18 38.90 15.65
N LEU D 266 4.02 38.17 16.75
CA LEU D 266 3.92 38.79 18.06
C LEU D 266 5.20 39.50 18.48
N VAL D 267 6.34 39.15 17.87
CA VAL D 267 7.62 39.74 18.29
C VAL D 267 7.64 41.24 18.06
N PHE D 268 6.91 41.73 17.06
CA PHE D 268 6.89 43.16 16.81
C PHE D 268 6.13 43.93 17.89
N TYR D 269 5.24 43.27 18.62
CA TYR D 269 4.57 43.86 19.77
C TYR D 269 5.28 43.59 21.09
N LEU D 270 6.38 42.84 21.07
CA LEU D 270 7.17 42.62 22.28
C LEU D 270 8.15 43.79 22.45
N PRO D 271 8.21 44.43 23.63
CA PRO D 271 9.22 45.47 23.82
C PRO D 271 10.63 44.91 23.74
N ALA D 272 11.54 45.73 23.23
CA ALA D 272 12.94 45.34 23.16
C ALA D 272 13.55 45.11 24.54
N ASP D 273 12.98 45.71 25.59
CA ASP D 273 13.51 45.53 26.94
C ASP D 273 13.19 44.18 27.53
N SER D 274 12.25 43.41 26.93
CA SER D 274 11.97 42.08 27.43
C SER D 274 13.15 41.14 27.24
N GLY D 275 13.95 41.36 26.21
CA GLY D 275 15.07 40.48 25.93
C GLY D 275 14.68 39.09 25.51
N GLU D 276 13.53 38.94 24.84
CA GLU D 276 12.99 37.63 24.50
C GLU D 276 12.38 37.58 23.10
N LYS D 277 12.76 38.51 22.21
CA LYS D 277 12.19 38.53 20.86
C LYS D 277 12.81 37.44 19.98
N THR D 278 14.12 37.47 19.84
CA THR D 278 14.80 36.51 18.98
C THR D 278 14.61 35.08 19.47
N SER D 279 14.48 34.89 20.79
CA SER D 279 14.20 33.57 21.32
C SER D 279 12.87 33.05 20.80
N VAL D 280 11.83 33.89 20.83
CA VAL D 280 10.53 33.50 20.33
C VAL D 280 10.61 33.17 18.84
N ALA D 281 11.29 34.02 18.08
CA ALA D 281 11.34 33.82 16.63
C ALA D 281 12.09 32.54 16.27
N ILE D 282 13.27 32.32 16.85
CA ILE D 282 14.05 31.14 16.53
C ILE D 282 13.34 29.88 17.03
N SER D 283 12.59 29.97 18.13
CA SER D 283 11.81 28.83 18.58
C SER D 283 10.70 28.49 17.60
N VAL D 284 10.05 29.50 17.03
CA VAL D 284 9.07 29.24 15.99
C VAL D 284 9.72 28.54 14.80
N LEU D 285 10.94 28.97 14.45
CA LEU D 285 11.65 28.29 13.36
C LEU D 285 11.93 26.83 13.70
N LEU D 286 12.32 26.56 14.94
CA LEU D 286 12.55 25.17 15.37
C LEU D 286 11.27 24.35 15.29
N ALA D 287 10.15 24.92 15.71
CA ALA D 287 8.87 24.21 15.62
C ALA D 287 8.52 23.91 14.16
N GLN D 288 8.74 24.86 13.26
CA GLN D 288 8.49 24.61 11.85
C GLN D 288 9.40 23.50 11.33
N SER D 289 10.65 23.46 11.80
CA SER D 289 11.55 22.39 11.41
C SER D 289 11.04 21.04 11.86
N VAL D 290 10.49 20.98 13.08
CA VAL D 290 9.92 19.72 13.57
C VAL D 290 8.73 19.31 12.71
N PHE D 291 7.90 20.27 12.32
CA PHE D 291 6.78 19.95 11.44
C PHE D 291 7.26 19.44 10.08
N LEU D 292 8.33 20.04 9.56
CA LEU D 292 8.89 19.57 8.28
C LEU D 292 9.42 18.15 8.43
N LEU D 293 10.06 17.84 9.55
CA LEU D 293 10.47 16.47 9.82
C LEU D 293 9.27 15.53 9.85
N LEU D 294 8.17 15.97 10.46
CA LEU D 294 6.96 15.16 10.50
C LEU D 294 6.44 14.88 9.10
N ILE D 295 6.43 15.90 8.24
CA ILE D 295 5.81 15.77 6.93
C ILE D 295 6.71 15.02 5.96
N SER D 296 8.02 15.05 6.16
CA SER D 296 8.95 14.40 5.24
C SER D 296 8.75 12.89 5.18
N LYS D 297 8.17 12.29 6.22
CA LYS D 297 8.00 10.85 6.30
C LYS D 297 6.68 10.36 5.68
N ARG D 298 5.84 11.26 5.18
CA ARG D 298 4.48 10.92 4.77
C ARG D 298 4.23 11.01 3.27
N LEU D 299 5.14 11.62 2.50
CA LEU D 299 4.98 11.82 1.07
C LEU D 299 6.19 11.26 0.35
N PRO D 300 6.05 10.89 -0.94
CA PRO D 300 7.22 10.46 -1.70
C PRO D 300 8.10 11.64 -2.06
N ALA D 301 9.38 11.34 -2.31
CA ALA D 301 10.37 12.37 -2.63
C ALA D 301 10.42 12.62 -4.14
N THR D 302 9.27 13.02 -4.67
CA THR D 302 9.09 13.24 -6.10
C THR D 302 9.34 14.69 -6.45
N SER D 303 9.60 14.94 -7.74
CA SER D 303 10.03 16.23 -8.24
C SER D 303 9.03 16.88 -9.19
N MET D 304 7.85 16.29 -9.39
CA MET D 304 6.85 16.93 -10.23
C MET D 304 6.39 18.26 -9.65
N ALA D 305 6.21 18.32 -8.33
CA ALA D 305 5.72 19.54 -7.70
C ALA D 305 6.12 19.55 -6.23
N ILE D 306 6.09 20.75 -5.65
CA ILE D 306 6.26 20.94 -4.22
C ILE D 306 4.88 20.78 -3.58
N PRO D 307 4.70 19.97 -2.54
CA PRO D 307 3.36 19.86 -1.94
C PRO D 307 2.90 21.17 -1.35
N LEU D 308 1.57 21.33 -1.31
CA LEU D 308 0.97 22.56 -0.78
C LEU D 308 1.42 22.81 0.66
N ILE D 309 1.39 21.78 1.49
CA ILE D 309 1.90 21.91 2.86
C ILE D 309 3.39 22.25 2.83
N GLY D 310 4.14 21.63 1.91
CA GLY D 310 5.54 21.98 1.77
C GLY D 310 5.74 23.41 1.32
N LYS D 311 4.90 23.88 0.39
CA LYS D 311 4.96 25.27 -0.03
C LYS D 311 4.75 26.20 1.16
N PHE D 312 3.72 25.92 1.97
CA PHE D 312 3.46 26.77 3.12
C PHE D 312 4.60 26.72 4.12
N LEU D 313 5.17 25.54 4.34
CA LEU D 313 6.25 25.42 5.32
C LEU D 313 7.48 26.20 4.86
N LEU D 314 7.82 26.10 3.58
CA LEU D 314 8.95 26.87 3.06
C LEU D 314 8.69 28.36 3.16
N PHE D 315 7.48 28.79 2.79
CA PHE D 315 7.12 30.21 2.87
C PHE D 315 7.21 30.71 4.30
N GLY D 316 6.64 29.95 5.25
CA GLY D 316 6.67 30.36 6.64
C GLY D 316 8.07 30.39 7.20
N MET D 317 8.93 29.46 6.78
CA MET D 317 10.29 29.44 7.30
C MET D 317 11.11 30.60 6.75
N VAL D 318 10.93 30.94 5.47
CA VAL D 318 11.59 32.12 4.93
C VAL D 318 11.11 33.38 5.67
N LEU D 319 9.81 33.48 5.90
CA LEU D 319 9.28 34.65 6.61
C LEU D 319 9.79 34.72 8.04
N VAL D 320 9.88 33.58 8.73
CA VAL D 320 10.37 33.59 10.11
C VAL D 320 11.86 33.95 10.15
N THR D 321 12.62 33.50 9.17
CA THR D 321 14.03 33.91 9.08
C THR D 321 14.14 35.42 8.89
N MET D 322 13.31 35.98 8.01
CA MET D 322 13.29 37.42 7.83
C MET D 322 12.89 38.12 9.13
N VAL D 323 11.96 37.54 9.88
CA VAL D 323 11.54 38.14 11.13
C VAL D 323 12.67 38.12 12.15
N VAL D 324 13.46 37.04 12.18
CA VAL D 324 14.61 36.99 13.08
C VAL D 324 15.61 38.07 12.72
N VAL D 325 15.87 38.25 11.41
CA VAL D 325 16.79 39.29 10.98
C VAL D 325 16.27 40.67 11.38
N ILE D 326 14.96 40.89 11.21
CA ILE D 326 14.35 42.17 11.60
C ILE D 326 14.50 42.39 13.10
N CYS D 327 14.29 41.35 13.90
CA CYS D 327 14.46 41.47 15.35
C CYS D 327 15.89 41.82 15.70
N VAL D 328 16.86 41.22 15.02
CA VAL D 328 18.27 41.55 15.24
C VAL D 328 18.51 43.03 14.96
N ILE D 329 18.01 43.51 13.82
CA ILE D 329 18.22 44.92 13.45
C ILE D 329 17.55 45.85 14.45
N VAL D 330 16.33 45.53 14.87
CA VAL D 330 15.59 46.37 15.81
C VAL D 330 16.32 46.42 17.15
N LEU D 331 16.80 45.28 17.62
CA LEU D 331 17.55 45.26 18.89
C LEU D 331 18.83 46.05 18.77
N ASN D 332 19.51 45.95 17.61
CA ASN D 332 20.72 46.74 17.40
C ASN D 332 20.43 48.22 17.47
N ILE D 333 19.34 48.66 16.85
CA ILE D 333 18.95 50.07 16.91
C ILE D 333 18.61 50.47 18.33
N HIS D 334 17.94 49.59 19.08
CA HIS D 334 17.43 49.94 20.40
C HIS D 334 18.55 50.27 21.37
N PHE D 335 19.65 49.51 21.33
CA PHE D 335 20.70 49.59 22.33
C PHE D 335 21.82 50.56 21.97
N ARG D 336 21.63 51.41 20.97
CA ARG D 336 22.63 52.41 20.62
C ARG D 336 22.68 53.52 21.67
N THR D 337 23.88 54.03 21.89
CA THR D 337 24.15 55.09 22.85
C THR D 337 25.01 56.16 22.21
N PRO D 338 25.12 57.34 22.82
CA PRO D 338 26.03 58.37 22.27
C PRO D 338 27.47 57.89 22.13
N SER D 339 27.96 57.09 23.07
CA SER D 339 29.35 56.63 23.00
C SER D 339 29.61 55.69 21.83
N THR D 340 28.56 55.05 21.30
CA THR D 340 28.70 54.08 20.22
C THR D 340 28.26 54.62 18.86
N HIS D 341 27.14 55.33 18.80
CA HIS D 341 26.56 55.79 17.54
C HIS D 341 26.14 57.25 17.67
N VAL D 342 26.01 57.91 16.52
CA VAL D 342 25.54 59.28 16.43
C VAL D 342 24.14 59.26 15.83
N LEU D 343 23.21 59.93 16.50
CA LEU D 343 21.81 60.01 16.07
C LEU D 343 21.62 61.30 15.28
N SER D 344 21.59 61.18 13.95
CA SER D 344 21.46 62.35 13.10
C SER D 344 20.05 62.94 13.19
N GLU D 345 19.93 64.19 12.75
CA GLU D 345 18.65 64.88 12.84
C GLU D 345 17.64 64.37 11.82
N GLY D 346 18.11 63.91 10.66
CA GLY D 346 17.20 63.34 9.68
C GLY D 346 16.56 62.06 10.19
N VAL D 347 17.35 61.21 10.83
CA VAL D 347 16.82 59.97 11.40
C VAL D 347 15.76 60.29 12.46
N LYS D 348 16.02 61.27 13.31
CA LYS D 348 15.04 61.67 14.30
C LYS D 348 13.77 62.19 13.64
N LYS D 349 13.93 63.07 12.64
CA LYS D 349 12.77 63.66 11.97
C LYS D 349 11.92 62.58 11.33
N LEU D 350 12.54 61.56 10.75
CA LEU D 350 11.78 60.50 10.09
C LEU D 350 11.12 59.58 11.11
N PHE D 351 11.91 58.97 12.00
CA PHE D 351 11.43 57.87 12.82
C PHE D 351 10.76 58.31 14.12
N LEU D 352 10.79 59.60 14.49
CA LEU D 352 10.20 60.05 15.74
C LEU D 352 9.08 61.08 15.56
N GLU D 353 8.90 61.64 14.37
CA GLU D 353 7.83 62.61 14.14
C GLU D 353 7.00 62.30 12.89
N THR D 354 7.61 61.72 11.86
CA THR D 354 6.93 61.53 10.59
C THR D 354 6.23 60.18 10.52
N LEU D 355 7.00 59.09 10.61
CA LEU D 355 6.40 57.76 10.58
C LEU D 355 5.44 57.51 11.75
N PRO D 356 5.74 57.92 13.00
CA PRO D 356 4.73 57.75 14.06
C PRO D 356 3.41 58.43 13.76
N GLU D 357 3.45 59.63 13.17
CA GLU D 357 2.21 60.28 12.76
C GLU D 357 1.52 59.49 11.65
N LEU D 358 2.30 59.02 10.66
CA LEU D 358 1.72 58.22 9.58
C LEU D 358 1.17 56.90 10.10
N LEU D 359 1.89 56.25 11.01
CA LEU D 359 1.49 54.94 11.52
C LEU D 359 0.45 55.01 12.63
N HIS D 360 0.05 56.21 13.07
CA HIS D 360 -0.97 56.39 14.10
C HIS D 360 -0.59 55.69 15.41
N MET D 361 0.68 55.79 15.78
CA MET D 361 1.11 55.24 17.05
C MET D 361 0.69 56.17 18.19
N SER D 362 0.47 55.56 19.37
CA SER D 362 0.14 56.34 20.55
C SER D 362 1.30 57.28 20.89
N ARG D 363 0.96 58.54 21.18
CA ARG D 363 1.95 59.60 21.34
C ARG D 363 2.18 59.90 22.82
N PRO D 364 3.38 60.37 23.22
CA PRO D 364 3.59 60.73 24.62
C PRO D 364 2.88 62.01 25.00
N ALA D 365 3.01 62.41 26.27
CA ALA D 365 2.43 63.66 26.76
C ALA D 365 0.91 63.68 26.57
N GLN D 429 37.62 87.68 49.61
CA GLN D 429 37.28 87.30 50.98
C GLN D 429 37.72 85.86 51.24
N GLU D 430 38.09 85.56 52.48
CA GLU D 430 38.48 84.20 52.84
C GLU D 430 37.32 83.23 52.76
N LEU D 431 36.08 83.71 52.79
CA LEU D 431 34.93 82.82 52.61
C LEU D 431 34.96 82.16 51.24
N PHE D 432 35.34 82.92 50.21
CA PHE D 432 35.40 82.36 48.86
C PHE D 432 36.42 81.22 48.79
N ASN D 433 37.60 81.41 49.39
CA ASN D 433 38.60 80.35 49.34
C ASN D 433 38.21 79.18 50.23
N GLU D 434 37.54 79.44 51.35
CA GLU D 434 37.09 78.35 52.21
C GLU D 434 36.05 77.48 51.51
N LEU D 435 35.14 78.11 50.76
CA LEU D 435 34.06 77.39 50.10
C LEU D 435 34.37 77.01 48.65
N LYS D 436 35.56 77.37 48.14
CA LYS D 436 35.90 77.01 46.77
C LYS D 436 35.90 75.50 46.52
N PRO D 437 36.41 74.64 47.41
CA PRO D 437 36.24 73.19 47.17
C PRO D 437 34.79 72.79 47.06
N ALA D 438 33.90 73.39 47.85
CA ALA D 438 32.49 73.05 47.79
C ALA D 438 31.85 73.55 46.50
N VAL D 439 32.21 74.75 46.07
CA VAL D 439 31.66 75.30 44.83
C VAL D 439 32.13 74.48 43.63
N ASP D 440 33.41 74.15 43.59
CA ASP D 440 33.93 73.35 42.48
C ASP D 440 33.32 71.95 42.48
N GLY D 441 33.19 71.34 43.66
CA GLY D 441 32.54 70.04 43.72
C GLY D 441 31.08 70.08 43.29
N ALA D 442 30.36 71.13 43.69
CA ALA D 442 28.97 71.26 43.29
C ALA D 442 28.85 71.45 41.78
N ASN D 443 29.75 72.25 41.19
CA ASN D 443 29.73 72.41 39.74
C ASN D 443 30.04 71.10 39.04
N PHE D 444 31.00 70.33 39.55
CA PHE D 444 31.30 69.04 38.97
C PHE D 444 30.11 68.09 39.06
N ILE D 445 29.42 68.08 40.20
CA ILE D 445 28.25 67.24 40.37
C ILE D 445 27.15 67.65 39.39
N VAL D 446 26.94 68.95 39.24
CA VAL D 446 25.91 69.45 38.32
C VAL D 446 26.23 69.02 36.90
N ASN D 447 27.49 69.16 36.49
CA ASN D 447 27.88 68.76 35.15
C ASN D 447 27.68 67.27 34.94
N HIS D 448 28.01 66.47 35.97
CA HIS D 448 27.83 65.02 35.86
C HIS D 448 26.36 64.67 35.69
N MET D 449 25.48 65.27 36.49
CA MET D 449 24.05 65.02 36.35
C MET D 449 23.55 65.43 34.97
N ARG D 450 23.97 66.60 34.49
CA ARG D 450 23.49 67.07 33.19
C ARG D 450 23.96 66.15 32.06
N ASP D 451 25.22 65.73 32.10
CA ASP D 451 25.73 64.83 31.08
C ASP D 451 25.00 63.48 31.11
N GLN D 452 24.75 62.96 32.32
CA GLN D 452 24.02 61.70 32.44
C GLN D 452 22.61 61.83 31.89
N ASN D 453 21.94 62.95 32.17
CA ASN D 453 20.59 63.16 31.68
C ASN D 453 20.57 63.23 30.16
N ASN D 454 21.52 63.93 29.56
CA ASN D 454 21.58 64.00 28.10
C ASN D 454 21.84 62.62 27.48
N TYR D 455 22.73 61.86 28.10
CA TYR D 455 23.01 60.49 27.65
C TYR D 455 21.74 59.64 27.68
N ASN D 456 21.01 59.72 28.79
CA ASN D 456 19.77 58.96 28.93
C ASN D 456 18.73 59.40 27.90
N GLU D 457 18.67 60.70 27.62
CA GLU D 457 17.71 61.20 26.63
C GLU D 457 18.03 60.63 25.24
N GLU D 458 19.31 60.60 24.88
CA GLU D 458 19.68 60.03 23.58
C GLU D 458 19.34 58.54 23.51
N LYS D 459 19.58 57.81 24.60
CA LYS D 459 19.21 56.39 24.62
C LYS D 459 17.70 56.21 24.48
N ASP D 460 16.93 57.08 25.13
CA ASP D 460 15.47 57.03 25.00
C ASP D 460 15.04 57.29 23.56
N SER D 461 15.69 58.24 22.90
CA SER D 461 15.38 58.50 21.49
C SER D 461 15.67 57.27 20.63
N TRP D 462 16.78 56.59 20.88
CA TRP D 462 17.08 55.37 20.14
C TRP D 462 16.02 54.29 20.40
N ASN D 463 15.56 54.18 21.64
CA ASN D 463 14.50 53.23 21.96
C ASN D 463 13.23 53.54 21.17
N ARG D 464 12.87 54.82 21.06
CA ARG D 464 11.67 55.18 20.32
C ARG D 464 11.83 54.92 18.82
N VAL D 465 13.04 55.12 18.29
CA VAL D 465 13.28 54.79 16.89
C VAL D 465 13.09 53.30 16.65
N ALA D 466 13.60 52.48 17.58
CA ALA D 466 13.41 51.03 17.46
C ALA D 466 11.92 50.68 17.51
N ARG D 467 11.16 51.35 18.39
CA ARG D 467 9.72 51.10 18.47
C ARG D 467 9.03 51.43 17.15
N THR D 468 9.41 52.55 16.53
CA THR D 468 8.80 52.93 15.25
C THR D 468 9.11 51.90 14.18
N VAL D 469 10.36 51.45 14.10
CA VAL D 469 10.71 50.43 13.11
C VAL D 469 9.93 49.15 13.36
N ASP D 470 9.73 48.82 14.64
CA ASP D 470 8.99 47.60 15.03
C ASP D 470 7.53 47.70 14.59
N ARG D 471 6.92 48.87 14.73
CA ARG D 471 5.52 49.03 14.32
C ARG D 471 5.38 48.98 12.80
N LEU D 472 6.33 49.59 12.07
CA LEU D 472 6.30 49.50 10.62
C LEU D 472 6.41 48.04 10.17
N CYS D 473 7.32 47.29 10.80
CA CYS D 473 7.47 45.88 10.45
C CYS D 473 6.21 45.10 10.78
N LEU D 474 5.53 45.45 11.88
CA LEU D 474 4.26 44.81 12.21
C LEU D 474 3.23 45.05 11.11
N PHE D 475 3.17 46.27 10.58
CA PHE D 475 2.16 46.58 9.57
C PHE D 475 2.53 46.07 8.18
N VAL D 476 3.80 45.75 7.93
CA VAL D 476 4.23 45.26 6.61
C VAL D 476 4.30 43.73 6.57
N VAL D 477 4.96 43.10 7.55
CA VAL D 477 5.23 41.67 7.48
C VAL D 477 3.95 40.86 7.68
N THR D 478 3.11 41.24 8.64
CA THR D 478 1.95 40.42 8.98
C THR D 478 0.95 40.29 7.84
N PRO D 479 0.53 41.36 7.15
CA PRO D 479 -0.37 41.16 6.01
C PRO D 479 0.24 40.32 4.91
N VAL D 480 1.54 40.41 4.69
CA VAL D 480 2.20 39.60 3.67
C VAL D 480 2.04 38.12 3.99
N MET D 481 2.32 37.75 5.25
CA MET D 481 2.17 36.35 5.64
C MET D 481 0.73 35.89 5.56
N VAL D 482 -0.21 36.74 6.00
CA VAL D 482 -1.62 36.37 5.95
C VAL D 482 -2.04 36.12 4.51
N VAL D 483 -1.67 37.01 3.59
CA VAL D 483 -2.09 36.89 2.20
C VAL D 483 -1.42 35.68 1.55
N GLY D 484 -0.14 35.46 1.83
CA GLY D 484 0.53 34.31 1.26
C GLY D 484 -0.06 32.99 1.73
N THR D 485 -0.33 32.88 3.02
CA THR D 485 -0.96 31.68 3.56
C THR D 485 -2.35 31.47 2.95
N ALA D 486 -3.13 32.55 2.85
CA ALA D 486 -4.45 32.46 2.27
C ALA D 486 -4.39 31.98 0.83
N TRP D 487 -3.48 32.55 0.04
CA TRP D 487 -3.33 32.13 -1.35
C TRP D 487 -2.97 30.66 -1.44
N ILE D 488 -1.96 30.23 -0.67
CA ILE D 488 -1.46 28.86 -0.76
C ILE D 488 -2.55 27.87 -0.40
N PHE D 489 -3.27 28.13 0.70
CA PHE D 489 -4.30 27.19 1.13
C PHE D 489 -5.58 27.31 0.32
N LEU D 490 -5.82 28.44 -0.35
CA LEU D 490 -6.96 28.57 -1.23
C LEU D 490 -6.76 27.82 -2.54
N GLN D 491 -5.50 27.63 -2.97
CA GLN D 491 -5.28 26.71 -4.08
C GLN D 491 -5.82 25.33 -3.75
N GLY D 492 -5.58 24.84 -2.54
CA GLY D 492 -5.99 23.51 -2.15
C GLY D 492 -7.45 23.38 -1.78
N VAL D 493 -8.00 24.42 -1.13
CA VAL D 493 -9.38 24.33 -0.64
C VAL D 493 -10.36 24.18 -1.82
N TYR D 494 -10.14 24.93 -2.89
CA TYR D 494 -10.98 24.86 -4.07
C TYR D 494 -10.45 23.88 -5.11
N ASN D 495 -9.45 23.07 -4.77
CA ASN D 495 -9.05 21.97 -5.65
C ASN D 495 -10.12 20.88 -5.58
N GLN D 496 -10.67 20.52 -6.73
CA GLN D 496 -11.72 19.52 -6.85
C GLN D 496 -11.42 18.60 -8.01
N PRO D 497 -11.84 17.33 -7.96
CA PRO D 497 -11.75 16.49 -9.16
C PRO D 497 -12.66 17.03 -10.26
N PRO D 498 -12.37 16.72 -11.53
CA PRO D 498 -13.14 17.31 -12.62
C PRO D 498 -14.57 16.78 -12.65
N PRO D 499 -15.50 17.51 -13.29
CA PRO D 499 -16.89 17.00 -13.31
C PRO D 499 -17.05 15.66 -13.99
N GLN D 500 -16.23 15.37 -15.01
CA GLN D 500 -16.29 14.12 -15.77
C GLN D 500 -15.01 13.32 -15.54
N PRO D 501 -15.08 11.98 -15.56
CA PRO D 501 -13.86 11.19 -15.32
C PRO D 501 -12.75 11.41 -16.34
N PHE D 502 -13.12 11.63 -17.61
CA PHE D 502 -12.15 11.78 -18.70
C PHE D 502 -12.26 13.18 -19.29
N PRO D 503 -11.23 14.03 -19.25
CA PRO D 503 -11.34 15.34 -19.91
C PRO D 503 -11.57 15.19 -21.41
N GLY D 504 -12.42 16.07 -21.96
CA GLY D 504 -12.77 16.02 -23.35
C GLY D 504 -13.90 15.08 -23.71
N ASP D 505 -14.26 14.18 -22.79
CA ASP D 505 -15.33 13.20 -23.00
C ASP D 505 -16.50 13.59 -22.10
N PRO D 506 -17.69 13.95 -22.62
CA PRO D 506 -18.76 14.44 -21.74
C PRO D 506 -19.49 13.36 -20.96
N TYR D 507 -19.30 12.09 -21.28
CA TYR D 507 -20.07 11.02 -20.63
C TYR D 507 -19.69 10.89 -19.16
N SER D 508 -20.70 10.65 -18.32
CA SER D 508 -20.50 10.60 -16.87
C SER D 508 -20.09 9.22 -16.35
N TYR D 509 -20.31 8.16 -17.13
CA TYR D 509 -19.99 6.79 -16.71
C TYR D 509 -20.68 6.45 -15.39
N ASN D 510 -22.00 6.66 -15.37
CA ASN D 510 -22.84 6.40 -14.21
C ASN D 510 -24.08 5.65 -14.67
N VAL D 511 -24.63 4.83 -13.78
CA VAL D 511 -25.81 4.05 -14.12
C VAL D 511 -27.02 4.93 -14.40
N GLN D 512 -27.03 6.17 -13.90
CA GLN D 512 -28.13 7.09 -14.18
C GLN D 512 -28.20 7.47 -15.65
N ASP D 513 -27.12 7.28 -16.43
CA ASP D 513 -27.09 7.55 -17.86
C ASP D 513 -26.59 6.29 -18.57
N LYS D 514 -27.51 5.37 -18.83
CA LYS D 514 -27.19 4.18 -19.59
C LYS D 514 -27.12 4.53 -21.08
N ARG D 515 -26.06 4.08 -21.74
CA ARG D 515 -25.86 4.35 -23.16
C ARG D 515 -26.40 3.17 -23.95
N PHE D 516 -27.72 3.20 -24.17
CA PHE D 516 -28.42 2.11 -24.84
C PHE D 516 -27.97 1.99 -26.29
N ILE D 517 -28.05 0.76 -26.81
CA ILE D 517 -27.81 0.51 -28.24
C ILE D 517 -29.12 0.62 -29.01
N LYS E 21 24.74 -54.55 -6.64
CA LYS E 21 23.36 -54.65 -6.07
C LYS E 21 23.35 -54.09 -4.66
N ASN E 22 22.91 -52.84 -4.52
CA ASN E 22 22.90 -52.19 -3.22
C ASN E 22 21.83 -52.83 -2.34
N GLU E 23 22.24 -53.25 -1.13
CA GLU E 23 21.29 -53.86 -0.20
C GLU E 23 20.27 -52.86 0.32
N GLU E 24 20.57 -51.56 0.28
CA GLU E 24 19.59 -50.56 0.69
C GLU E 24 18.37 -50.60 -0.22
N LEU E 25 18.58 -50.81 -1.52
CA LEU E 25 17.46 -50.91 -2.45
C LEU E 25 16.58 -52.12 -2.13
N ARG E 26 17.19 -53.26 -1.85
CA ARG E 26 16.43 -54.46 -1.50
C ARG E 26 15.64 -54.24 -0.21
N LEU E 27 16.28 -53.64 0.80
CA LEU E 27 15.58 -53.36 2.05
C LEU E 27 14.42 -52.40 1.84
N TYR E 28 14.64 -51.34 1.04
CA TYR E 28 13.58 -50.37 0.79
C TYR E 28 12.39 -51.01 0.08
N HIS E 29 12.66 -51.85 -0.92
CA HIS E 29 11.56 -52.54 -1.59
C HIS E 29 10.87 -53.51 -0.65
N HIS E 30 11.62 -54.19 0.22
CA HIS E 30 11.02 -55.11 1.17
C HIS E 30 10.10 -54.38 2.13
N LEU E 31 10.49 -53.19 2.58
CA LEU E 31 9.73 -52.48 3.60
C LEU E 31 8.57 -51.66 3.02
N PHE E 32 8.69 -51.16 1.79
CA PHE E 32 7.77 -50.16 1.26
C PHE E 32 7.01 -50.59 0.02
N ASN E 33 7.18 -51.82 -0.46
CA ASN E 33 6.37 -52.29 -1.58
C ASN E 33 4.89 -52.33 -1.22
N ASN E 34 4.58 -52.80 0.00
CA ASN E 34 3.22 -52.87 0.52
C ASN E 34 3.20 -52.15 1.85
N TYR E 35 2.99 -50.83 1.81
CA TYR E 35 3.03 -50.00 3.01
C TYR E 35 2.13 -48.79 2.79
N ASP E 36 1.31 -48.47 3.80
CA ASP E 36 0.37 -47.36 3.75
C ASP E 36 0.78 -46.29 4.75
N PRO E 37 1.37 -45.16 4.33
CA PRO E 37 1.67 -44.11 5.30
C PRO E 37 0.46 -43.40 5.88
N GLY E 38 -0.74 -43.64 5.32
CA GLY E 38 -1.94 -43.04 5.88
C GLY E 38 -2.49 -43.72 7.11
N SER E 39 -2.15 -44.98 7.33
CA SER E 39 -2.66 -45.75 8.47
C SER E 39 -1.67 -45.72 9.62
N ARG E 40 -2.19 -45.64 10.84
CA ARG E 40 -1.34 -45.66 12.02
C ARG E 40 -0.67 -47.03 12.16
N PRO E 41 0.53 -47.09 12.77
CA PRO E 41 1.16 -48.41 12.98
C PRO E 41 0.65 -49.12 14.23
N VAL E 42 -0.57 -49.64 14.13
CA VAL E 42 -1.23 -50.36 15.22
C VAL E 42 -1.85 -51.63 14.66
N ARG E 43 -1.71 -52.73 15.38
CA ARG E 43 -2.29 -53.99 14.94
C ARG E 43 -3.80 -54.01 15.07
N GLU E 44 -4.34 -53.27 16.04
CA GLU E 44 -5.78 -53.15 16.28
C GLU E 44 -6.18 -51.68 16.26
N PRO E 45 -7.42 -51.34 15.86
CA PRO E 45 -7.80 -49.92 15.84
C PRO E 45 -7.77 -49.24 17.19
N GLU E 46 -7.92 -49.99 18.29
CA GLU E 46 -8.03 -49.40 19.62
C GLU E 46 -6.68 -49.27 20.32
N ASP E 47 -5.60 -49.73 19.73
CA ASP E 47 -4.28 -49.54 20.30
C ASP E 47 -3.83 -48.09 20.10
N THR E 48 -2.88 -47.68 20.94
CA THR E 48 -2.34 -46.33 20.93
C THR E 48 -0.88 -46.37 20.51
N VAL E 49 -0.46 -45.36 19.75
CA VAL E 49 0.94 -45.18 19.38
C VAL E 49 1.59 -44.27 20.39
N THR E 50 2.71 -44.72 20.97
CA THR E 50 3.47 -43.95 21.93
C THR E 50 4.61 -43.25 21.22
N ILE E 51 4.69 -41.93 21.38
CA ILE E 51 5.72 -41.11 20.74
C ILE E 51 6.62 -40.58 21.85
N SER E 52 7.91 -40.92 21.77
CA SER E 52 8.91 -40.37 22.67
C SER E 52 9.39 -39.04 22.11
N LEU E 53 9.21 -37.97 22.87
CA LEU E 53 9.42 -36.60 22.39
C LEU E 53 10.60 -35.96 23.07
N LYS E 54 11.39 -35.23 22.29
CA LYS E 54 12.48 -34.40 22.76
C LYS E 54 12.46 -33.09 21.97
N VAL E 55 12.69 -31.98 22.66
CA VAL E 55 12.80 -30.67 22.01
C VAL E 55 14.13 -30.09 22.44
N THR E 56 15.03 -29.90 21.47
CA THR E 56 16.36 -29.36 21.71
C THR E 56 16.37 -27.92 21.21
N LEU E 57 16.52 -26.97 22.14
CA LEU E 57 16.63 -25.56 21.78
C LEU E 57 18.07 -25.25 21.41
N THR E 58 18.31 -24.81 20.18
CA THR E 58 19.64 -24.40 19.76
C THR E 58 19.89 -22.92 19.94
N ASN E 59 18.84 -22.10 19.88
CA ASN E 59 19.02 -20.67 19.97
C ASN E 59 17.66 -20.01 20.15
N LEU E 60 17.60 -19.05 21.09
CA LEU E 60 16.45 -18.17 21.24
C LEU E 60 16.71 -16.95 20.39
N ILE E 61 16.08 -16.86 19.23
CA ILE E 61 16.36 -15.76 18.31
C ILE E 61 15.97 -14.44 18.95
N SER E 62 14.73 -14.31 19.42
CA SER E 62 14.33 -13.01 19.97
C SER E 62 13.00 -13.13 20.69
N LEU E 63 12.66 -12.07 21.40
CA LEU E 63 11.32 -11.85 21.95
C LEU E 63 10.91 -10.44 21.54
N ASN E 64 10.08 -10.34 20.50
CA ASN E 64 9.54 -9.07 20.06
C ASN E 64 8.37 -8.71 20.97
N GLU E 65 8.56 -7.70 21.80
CA GLU E 65 7.55 -7.33 22.79
C GLU E 65 6.39 -6.56 22.15
N LYS E 66 6.66 -5.78 21.09
CA LYS E 66 5.58 -5.05 20.42
C LYS E 66 4.58 -6.02 19.80
N GLU E 67 5.07 -7.05 19.12
CA GLU E 67 4.21 -8.08 18.55
C GLU E 67 3.95 -9.24 19.50
N GLU E 68 4.60 -9.27 20.67
CA GLU E 68 4.41 -10.33 21.67
C GLU E 68 4.66 -11.70 21.06
N THR E 69 5.87 -11.86 20.51
CA THR E 69 6.23 -13.05 19.74
C THR E 69 7.61 -13.52 20.14
N LEU E 70 7.74 -14.81 20.47
CA LEU E 70 9.02 -15.42 20.76
C LEU E 70 9.48 -16.22 19.54
N THR E 71 10.66 -15.89 19.02
CA THR E 71 11.26 -16.59 17.88
C THR E 71 12.39 -17.47 18.41
N THR E 72 12.27 -18.79 18.15
CA THR E 72 13.23 -19.79 18.61
C THR E 72 13.60 -20.74 17.48
N SER E 73 14.80 -21.30 17.58
CA SER E 73 15.28 -22.35 16.68
C SER E 73 15.47 -23.62 17.49
N VAL E 74 14.80 -24.70 17.06
CA VAL E 74 14.76 -25.95 17.80
C VAL E 74 14.94 -27.12 16.84
N TRP E 75 15.23 -28.29 17.43
CA TRP E 75 15.07 -29.58 16.76
C TRP E 75 14.03 -30.40 17.53
N ILE E 76 13.06 -30.92 16.80
CA ILE E 76 11.99 -31.73 17.36
C ILE E 76 12.35 -33.19 17.08
N GLY E 77 12.87 -33.89 18.07
CA GLY E 77 13.12 -35.31 17.95
C GLY E 77 11.91 -36.10 18.40
N ILE E 78 11.44 -37.00 17.56
CA ILE E 78 10.36 -37.91 17.90
C ILE E 78 10.77 -39.32 17.50
N ASP E 79 10.61 -40.25 18.44
CA ASP E 79 10.88 -41.66 18.23
C ASP E 79 9.60 -42.46 18.43
N TRP E 80 9.42 -43.51 17.63
CA TRP E 80 8.30 -44.42 17.82
C TRP E 80 8.62 -45.75 17.17
N GLN E 81 7.70 -46.70 17.31
CA GLN E 81 7.82 -48.03 16.73
C GLN E 81 6.82 -48.17 15.60
N ASP E 82 7.27 -48.70 14.47
CA ASP E 82 6.42 -49.06 13.34
C ASP E 82 6.69 -50.53 13.05
N TYR E 83 5.77 -51.39 13.47
CA TYR E 83 5.97 -52.83 13.30
C TYR E 83 6.04 -53.22 11.82
N ARG E 84 5.39 -52.44 10.94
CA ARG E 84 5.44 -52.74 9.52
C ARG E 84 6.83 -52.54 8.93
N LEU E 85 7.65 -51.67 9.54
CA LEU E 85 9.02 -51.33 9.04
C LEU E 85 10.07 -52.13 9.81
N ASN E 86 9.69 -53.27 10.37
CA ASN E 86 10.57 -54.13 11.17
C ASN E 86 11.47 -54.97 10.25
N TYR E 87 12.78 -55.00 10.51
CA TYR E 87 13.75 -55.78 9.71
C TYR E 87 14.94 -56.14 10.59
N SER E 88 15.70 -57.16 10.21
CA SER E 88 16.91 -57.60 10.91
C SER E 88 18.11 -57.37 10.00
N LYS E 89 19.22 -56.92 10.59
CA LYS E 89 20.41 -56.61 9.81
C LYS E 89 20.96 -57.85 9.11
N ASP E 90 20.83 -59.02 9.74
CA ASP E 90 21.42 -60.24 9.18
C ASP E 90 20.82 -60.60 7.83
N ASP E 91 19.55 -60.23 7.60
CA ASP E 91 18.91 -60.52 6.33
C ASP E 91 19.24 -59.49 5.25
N PHE E 92 19.93 -58.40 5.59
CA PHE E 92 20.19 -57.32 4.63
C PHE E 92 21.63 -56.82 4.76
N GLY E 93 22.57 -57.75 4.84
CA GLY E 93 23.98 -57.40 4.77
C GLY E 93 24.49 -56.54 5.91
N GLY E 94 23.83 -56.55 7.06
CA GLY E 94 24.28 -55.79 8.20
C GLY E 94 23.83 -54.35 8.26
N ILE E 95 22.85 -53.96 7.45
CA ILE E 95 22.34 -52.59 7.52
C ILE E 95 21.59 -52.41 8.83
N GLU E 96 22.00 -51.41 9.61
CA GLU E 96 21.37 -51.08 10.88
C GLU E 96 20.55 -49.80 10.82
N THR E 97 20.66 -49.01 9.76
CA THR E 97 19.91 -47.77 9.62
C THR E 97 19.63 -47.53 8.14
N LEU E 98 18.40 -47.11 7.84
CA LEU E 98 18.01 -46.70 6.50
C LEU E 98 17.39 -45.31 6.57
N ARG E 99 17.90 -44.39 5.78
CA ARG E 99 17.32 -43.06 5.66
C ARG E 99 16.29 -43.08 4.54
N VAL E 100 15.07 -42.64 4.84
CA VAL E 100 14.04 -42.51 3.81
C VAL E 100 13.33 -41.16 3.96
N PRO E 101 12.78 -40.57 2.90
CA PRO E 101 12.05 -39.30 3.07
C PRO E 101 10.86 -39.48 4.00
N SER E 102 10.61 -38.42 4.80
CA SER E 102 9.56 -38.50 5.80
C SER E 102 8.17 -38.62 5.18
N GLU E 103 8.01 -38.32 3.89
CA GLU E 103 6.70 -38.41 3.27
C GLU E 103 6.30 -39.86 3.00
N LEU E 104 7.24 -40.80 3.01
CA LEU E 104 6.95 -42.19 2.72
C LEU E 104 6.49 -42.99 3.93
N VAL E 105 6.62 -42.44 5.15
CA VAL E 105 6.24 -43.14 6.37
C VAL E 105 5.09 -42.39 7.03
N TRP E 106 4.33 -43.13 7.84
CA TRP E 106 3.36 -42.49 8.72
C TRP E 106 4.08 -41.61 9.74
N LEU E 107 3.46 -40.48 10.06
CA LEU E 107 3.98 -39.55 11.05
C LEU E 107 2.88 -39.18 12.03
N PRO E 108 3.21 -38.85 13.28
CA PRO E 108 2.17 -38.39 14.21
C PRO E 108 1.70 -36.96 13.95
N GLU E 109 2.36 -36.21 13.06
CA GLU E 109 1.94 -34.87 12.69
C GLU E 109 1.98 -33.92 13.89
N ILE E 110 3.16 -33.80 14.48
CA ILE E 110 3.35 -32.92 15.62
C ILE E 110 3.43 -31.48 15.11
N VAL E 111 2.71 -30.59 15.78
CA VAL E 111 2.65 -29.17 15.44
C VAL E 111 2.78 -28.37 16.72
N LEU E 112 3.20 -27.12 16.56
CA LEU E 112 3.17 -26.14 17.63
C LEU E 112 1.81 -25.45 17.61
N GLU E 113 1.00 -25.68 18.64
CA GLU E 113 -0.37 -25.18 18.63
C GLU E 113 -0.42 -23.67 18.86
N ASN E 114 0.46 -23.14 19.70
CA ASN E 114 0.43 -21.73 20.08
C ASN E 114 1.29 -20.86 19.17
N ASN E 115 1.50 -21.26 17.91
CA ASN E 115 2.18 -20.40 16.96
C ASN E 115 1.32 -19.17 16.67
N ILE E 116 1.99 -18.07 16.34
CA ILE E 116 1.31 -16.80 16.09
C ILE E 116 1.22 -16.44 14.61
N ASP E 117 2.09 -16.98 13.76
CA ASP E 117 2.14 -16.61 12.35
C ASP E 117 1.43 -17.60 11.43
N GLY E 118 0.79 -18.63 11.98
CA GLY E 118 0.15 -19.64 11.16
C GLY E 118 1.05 -20.74 10.66
N GLN E 119 2.30 -20.80 11.12
CA GLN E 119 3.23 -21.86 10.75
C GLN E 119 3.17 -22.94 11.84
N PHE E 120 2.51 -24.06 11.52
CA PHE E 120 2.33 -25.14 12.47
C PHE E 120 3.45 -26.17 12.40
N GLY E 121 3.96 -26.46 11.21
CA GLY E 121 4.89 -27.55 11.00
C GLY E 121 6.34 -27.14 11.14
N VAL E 122 7.22 -28.09 10.81
CA VAL E 122 8.66 -27.90 10.92
C VAL E 122 9.17 -27.14 9.69
N ALA E 123 10.41 -26.64 9.78
CA ALA E 123 10.94 -25.79 8.72
C ALA E 123 11.49 -26.62 7.55
N TYR E 124 12.12 -27.75 7.85
CA TYR E 124 12.77 -28.58 6.83
C TYR E 124 12.32 -30.02 7.04
N ASP E 125 11.78 -30.62 5.98
CA ASP E 125 11.28 -32.00 6.05
C ASP E 125 12.45 -32.96 5.84
N ALA E 126 13.14 -33.27 6.93
CA ALA E 126 14.31 -34.14 6.87
C ALA E 126 13.88 -35.60 6.71
N ASN E 127 14.85 -36.43 6.34
CA ASN E 127 14.61 -37.87 6.26
C ASN E 127 14.37 -38.44 7.66
N VAL E 128 13.56 -39.48 7.70
CA VAL E 128 13.42 -40.32 8.89
C VAL E 128 14.49 -41.41 8.82
N LEU E 129 14.94 -41.82 9.99
CA LEU E 129 15.86 -42.94 10.13
C LEU E 129 15.08 -44.15 10.63
N VAL E 130 15.16 -45.24 9.89
CA VAL E 130 14.50 -46.50 10.22
C VAL E 130 15.59 -47.46 10.68
N TYR E 131 15.56 -47.80 11.96
CA TYR E 131 16.46 -48.75 12.58
C TYR E 131 15.78 -50.11 12.68
N GLU E 132 16.60 -51.16 12.55
CA GLU E 132 16.15 -52.53 12.73
C GLU E 132 15.38 -52.68 14.03
N GLY E 133 14.45 -53.63 14.05
CA GLY E 133 13.47 -53.72 15.10
C GLY E 133 12.27 -52.81 14.90
N GLY E 134 12.22 -52.06 13.80
CA GLY E 134 11.08 -51.23 13.51
C GLY E 134 11.07 -49.88 14.20
N SER E 135 12.24 -49.34 14.56
CA SER E 135 12.30 -48.10 15.32
C SER E 135 12.51 -46.92 14.38
N VAL E 136 11.56 -45.99 14.37
CA VAL E 136 11.59 -44.82 13.50
C VAL E 136 11.94 -43.60 14.33
N THR E 137 12.90 -42.81 13.85
CA THR E 137 13.28 -41.54 14.48
C THR E 137 13.23 -40.42 13.46
N TRP E 138 12.74 -39.26 13.88
CA TRP E 138 12.65 -38.08 13.03
C TRP E 138 13.12 -36.88 13.84
N LEU E 139 14.13 -36.18 13.35
CA LEU E 139 14.75 -35.03 14.04
C LEU E 139 14.88 -33.84 13.10
N PRO E 140 13.75 -33.26 12.66
CA PRO E 140 13.82 -32.08 11.79
C PRO E 140 14.18 -30.84 12.58
N PRO E 141 14.73 -29.81 11.94
CA PRO E 141 14.86 -28.50 12.58
C PRO E 141 13.60 -27.67 12.35
N ALA E 142 13.48 -26.59 13.12
CA ALA E 142 12.31 -25.73 13.01
C ALA E 142 12.62 -24.36 13.57
N ILE E 143 12.11 -23.33 12.91
CA ILE E 143 12.02 -21.98 13.45
C ILE E 143 10.56 -21.75 13.83
N TYR E 144 10.32 -21.46 15.11
CA TYR E 144 8.97 -21.27 15.64
C TYR E 144 8.81 -19.85 16.13
N ARG E 145 7.69 -19.22 15.74
CA ARG E 145 7.27 -17.91 16.22
C ARG E 145 6.01 -18.14 17.05
N SER E 146 6.15 -18.10 18.37
CA SER E 146 5.11 -18.49 19.31
C SER E 146 4.56 -17.28 20.03
N VAL E 147 3.31 -17.40 20.49
CA VAL E 147 2.68 -16.36 21.28
C VAL E 147 3.30 -16.35 22.67
N CYS E 148 3.71 -15.16 23.12
CA CYS E 148 4.19 -14.95 24.49
C CYS E 148 3.67 -13.62 24.97
N ALA E 149 2.74 -13.63 25.91
CA ALA E 149 2.24 -12.40 26.49
C ALA E 149 3.29 -11.82 27.44
N VAL E 150 3.62 -10.55 27.24
CA VAL E 150 4.72 -9.90 27.96
C VAL E 150 4.14 -9.20 29.19
N GLU E 151 4.60 -9.62 30.37
CA GLU E 151 4.28 -8.91 31.61
C GLU E 151 5.16 -7.69 31.70
N VAL E 152 4.56 -6.50 31.55
CA VAL E 152 5.34 -5.29 31.37
C VAL E 152 5.76 -4.61 32.67
N THR E 153 5.19 -5.04 33.81
CA THR E 153 5.20 -4.23 35.04
C THR E 153 6.60 -3.76 35.44
N TYR E 154 7.60 -4.63 35.34
CA TYR E 154 8.97 -4.33 35.75
C TYR E 154 9.90 -4.20 34.55
N PHE E 155 9.36 -3.97 33.36
CA PHE E 155 10.19 -3.73 32.19
C PHE E 155 11.03 -2.47 32.42
N PRO E 156 12.35 -2.49 32.13
CA PRO E 156 13.19 -3.53 31.52
C PRO E 156 13.81 -4.53 32.50
N PHE E 157 13.52 -4.46 33.80
CA PHE E 157 14.04 -5.43 34.77
C PHE E 157 13.06 -6.58 34.98
N ASP E 158 12.62 -7.17 33.88
CA ASP E 158 11.50 -8.11 33.89
C ASP E 158 11.96 -9.51 33.50
N TRP E 159 11.18 -10.50 33.93
CA TRP E 159 11.31 -11.88 33.51
C TRP E 159 9.98 -12.36 32.95
N GLN E 160 10.06 -13.23 31.94
CA GLN E 160 8.88 -13.70 31.19
C GLN E 160 8.68 -15.20 31.33
N ASN E 161 7.49 -15.69 30.97
CA ASN E 161 7.14 -17.13 31.04
C ASN E 161 6.54 -17.49 29.67
N CYS E 162 7.37 -17.88 28.70
CA CYS E 162 6.91 -18.18 27.31
C CYS E 162 6.62 -19.68 27.16
N SER E 163 5.43 -20.04 26.67
CA SER E 163 5.01 -21.41 26.49
C SER E 163 5.34 -21.90 25.08
N LEU E 164 5.66 -23.19 24.98
CA LEU E 164 5.76 -23.90 23.72
C LEU E 164 4.90 -25.14 23.85
N ILE E 165 3.78 -25.16 23.11
CA ILE E 165 2.75 -26.19 23.25
C ILE E 165 2.76 -27.01 21.97
N PHE E 166 3.00 -28.31 22.12
CA PHE E 166 3.10 -29.26 21.01
C PHE E 166 1.97 -30.27 21.11
N ARG E 167 1.36 -30.58 19.96
CA ARG E 167 0.30 -31.58 19.93
C ARG E 167 0.23 -32.21 18.54
N SER E 168 -0.44 -33.34 18.46
CA SER E 168 -0.76 -33.93 17.17
C SER E 168 -1.93 -33.17 16.55
N GLN E 169 -1.76 -32.75 15.30
CA GLN E 169 -2.80 -32.00 14.61
C GLN E 169 -4.00 -32.88 14.24
N THR E 170 -3.83 -34.19 14.19
CA THR E 170 -4.83 -35.10 13.62
C THR E 170 -5.43 -36.06 14.64
N TYR E 171 -4.64 -36.55 15.60
CA TYR E 171 -5.01 -37.70 16.41
C TYR E 171 -5.35 -37.28 17.83
N ASN E 172 -6.32 -37.96 18.43
CA ASN E 172 -6.67 -37.75 19.82
C ASN E 172 -5.73 -38.55 20.72
N ALA E 173 -5.90 -38.43 22.03
CA ALA E 173 -4.98 -39.05 22.97
C ALA E 173 -5.04 -40.58 22.91
N GLU E 174 -6.20 -41.14 22.58
CA GLU E 174 -6.31 -42.59 22.50
C GLU E 174 -5.56 -43.15 21.29
N GLU E 175 -5.43 -42.37 20.22
CA GLU E 175 -4.76 -42.81 19.02
C GLU E 175 -3.25 -42.57 19.07
N VAL E 176 -2.83 -41.44 19.61
CA VAL E 176 -1.41 -41.10 19.72
C VAL E 176 -1.20 -40.42 21.08
N GLU E 177 -0.26 -40.95 21.85
CA GLU E 177 0.12 -40.39 23.14
C GLU E 177 1.59 -39.99 23.12
N PHE E 178 1.98 -39.22 24.14
CA PHE E 178 3.33 -38.69 24.25
C PHE E 178 3.99 -39.20 25.52
N THR E 179 5.30 -39.40 25.44
CA THR E 179 6.15 -39.62 26.58
C THR E 179 7.44 -38.84 26.36
N PHE E 180 8.10 -38.46 27.46
CA PHE E 180 9.37 -37.78 27.36
C PHE E 180 10.49 -38.78 27.09
N ALA E 181 11.47 -38.36 26.31
CA ALA E 181 12.64 -39.19 26.07
C ALA E 181 13.50 -39.28 27.33
N VAL E 182 14.22 -40.39 27.45
CA VAL E 182 15.09 -40.66 28.60
C VAL E 182 16.54 -40.51 28.15
N ASP E 183 17.39 -40.09 29.09
CA ASP E 183 18.79 -39.81 28.77
C ASP E 183 19.57 -41.13 28.72
N ASN E 184 20.90 -41.02 28.62
CA ASN E 184 21.74 -42.21 28.64
C ASN E 184 21.65 -42.95 29.97
N ASP E 185 21.36 -42.23 31.06
CA ASP E 185 21.22 -42.83 32.38
C ASP E 185 19.83 -43.38 32.65
N GLY E 186 18.90 -43.26 31.70
CA GLY E 186 17.54 -43.70 31.92
C GLY E 186 16.66 -42.72 32.66
N LYS E 187 17.12 -41.48 32.84
CA LYS E 187 16.36 -40.44 33.55
C LYS E 187 15.49 -39.69 32.55
N THR E 188 14.23 -39.51 32.90
CA THR E 188 13.29 -38.83 32.01
C THR E 188 13.69 -37.37 31.81
N ILE E 189 13.80 -36.97 30.55
CA ILE E 189 14.17 -35.59 30.20
C ILE E 189 12.84 -34.84 30.03
N ASN E 190 12.31 -34.38 31.16
CA ASN E 190 11.06 -33.60 31.16
C ASN E 190 11.37 -32.11 31.13
N LYS E 191 12.15 -31.72 30.13
CA LYS E 191 12.58 -30.34 29.99
C LYS E 191 13.06 -30.12 28.56
N ILE E 192 13.25 -28.85 28.21
CA ILE E 192 13.91 -28.52 26.95
C ILE E 192 15.35 -29.01 27.02
N ASP E 193 15.73 -29.87 26.08
CA ASP E 193 17.08 -30.38 26.04
C ASP E 193 18.04 -29.31 25.54
N ILE E 194 19.24 -29.30 26.09
CA ILE E 194 20.30 -28.38 25.69
C ILE E 194 21.55 -29.20 25.43
N ASP E 195 21.94 -29.29 24.16
CA ASP E 195 23.20 -29.93 23.78
C ASP E 195 24.28 -28.86 23.69
N THR E 196 25.36 -29.03 24.46
CA THR E 196 26.43 -28.05 24.48
C THR E 196 27.10 -27.89 23.12
N GLU E 197 27.05 -28.92 22.27
CA GLU E 197 27.62 -28.82 20.94
C GLU E 197 26.79 -27.94 20.01
N ALA E 198 25.51 -27.72 20.33
CA ALA E 198 24.58 -27.02 19.45
C ALA E 198 23.70 -26.06 20.23
N TYR E 199 24.32 -25.23 21.08
CA TYR E 199 23.60 -24.20 21.82
C TYR E 199 24.35 -22.87 21.71
N THR E 200 23.59 -21.79 21.59
CA THR E 200 24.09 -20.43 21.58
C THR E 200 23.32 -19.61 22.59
N GLU E 201 23.99 -18.67 23.25
CA GLU E 201 23.39 -17.85 24.29
C GLU E 201 22.89 -16.54 23.71
N ASN E 202 21.67 -16.17 24.05
CA ASN E 202 21.13 -14.87 23.69
C ASN E 202 21.73 -13.82 24.62
N GLY E 203 22.21 -12.72 24.03
CA GLY E 203 22.85 -11.69 24.83
C GLY E 203 21.90 -11.01 25.79
N GLU E 204 20.64 -10.82 25.37
CA GLU E 204 19.68 -10.07 26.18
C GLU E 204 18.87 -10.95 27.13
N TRP E 205 18.69 -12.22 26.81
CA TRP E 205 17.80 -13.11 27.54
C TRP E 205 18.58 -14.33 28.02
N ALA E 206 18.50 -14.59 29.33
CA ALA E 206 19.05 -15.79 29.94
C ALA E 206 17.91 -16.75 30.27
N ILE E 207 18.11 -18.02 29.97
CA ILE E 207 17.11 -19.06 30.22
C ILE E 207 17.45 -19.69 31.56
N ASP E 208 16.61 -19.45 32.56
CA ASP E 208 16.82 -19.98 33.90
C ASP E 208 16.20 -21.36 34.07
N PHE E 209 14.97 -21.55 33.59
CA PHE E 209 14.25 -22.80 33.76
C PHE E 209 13.50 -23.12 32.47
N CYS E 210 13.32 -24.41 32.23
CA CYS E 210 12.59 -24.86 31.05
C CYS E 210 11.92 -26.22 31.28
N PRO E 211 11.04 -26.34 32.27
CA PRO E 211 10.36 -27.62 32.49
C PRO E 211 9.36 -27.94 31.40
N GLY E 212 9.09 -29.24 31.27
CA GLY E 212 8.07 -29.72 30.36
C GLY E 212 7.08 -30.61 31.07
N VAL E 213 5.82 -30.52 30.64
CA VAL E 213 4.72 -31.26 31.26
C VAL E 213 3.83 -31.82 30.15
N ILE E 214 3.40 -33.06 30.31
CA ILE E 214 2.45 -33.71 29.41
C ILE E 214 1.07 -33.59 30.06
N ARG E 215 0.20 -32.80 29.44
CA ARG E 215 -1.15 -32.56 29.93
C ARG E 215 -2.14 -33.46 29.19
N ARG E 216 -3.11 -33.97 29.94
CA ARG E 216 -4.21 -34.76 29.41
C ARG E 216 -5.52 -34.13 29.87
N HIS E 217 -6.46 -33.94 28.95
CA HIS E 217 -7.70 -33.26 29.27
C HIS E 217 -8.82 -33.83 28.39
N HIS E 218 -10.05 -33.46 28.74
CA HIS E 218 -11.27 -33.95 28.09
C HIS E 218 -11.42 -35.47 28.21
N GLY E 219 -10.80 -36.07 29.23
CA GLY E 219 -10.97 -37.49 29.45
C GLY E 219 -12.32 -37.85 30.04
N GLY E 220 -13.03 -36.88 30.60
CA GLY E 220 -14.37 -37.15 31.10
C GLY E 220 -15.30 -37.59 29.99
N ALA E 221 -16.28 -38.41 30.36
CA ALA E 221 -17.20 -38.97 29.39
C ALA E 221 -18.02 -37.89 28.69
N THR E 222 -18.32 -36.80 29.39
CA THR E 222 -19.09 -35.72 28.78
C THR E 222 -18.33 -35.01 27.66
N ASP E 223 -17.00 -35.10 27.65
CA ASP E 223 -16.18 -34.42 26.66
C ASP E 223 -15.87 -35.28 25.43
N GLY E 224 -16.03 -36.60 25.52
CA GLY E 224 -15.74 -37.47 24.41
C GLY E 224 -14.30 -37.95 24.46
N PRO E 225 -13.66 -38.16 23.31
CA PRO E 225 -12.28 -38.69 23.33
C PRO E 225 -11.31 -37.75 24.02
N GLY E 226 -10.36 -38.33 24.72
CA GLY E 226 -9.37 -37.54 25.43
C GLY E 226 -8.38 -36.90 24.49
N GLU E 227 -7.82 -35.78 24.93
CA GLU E 227 -6.82 -35.03 24.19
C GLU E 227 -5.59 -34.84 25.07
N THR E 228 -4.44 -34.67 24.43
CA THR E 228 -3.17 -34.56 25.13
C THR E 228 -2.28 -33.54 24.42
N ASP E 229 -1.37 -32.95 25.18
CA ASP E 229 -0.38 -32.05 24.62
C ASP E 229 0.83 -32.02 25.54
N VAL E 230 1.90 -31.38 25.06
CA VAL E 230 3.14 -31.20 25.81
C VAL E 230 3.45 -29.71 25.85
N ILE E 231 3.57 -29.15 27.04
CA ILE E 231 3.85 -27.73 27.23
C ILE E 231 5.22 -27.59 27.89
N TYR E 232 6.08 -26.79 27.28
CA TYR E 232 7.37 -26.39 27.84
C TYR E 232 7.29 -24.93 28.26
N SER E 233 7.76 -24.63 29.46
CA SER E 233 7.69 -23.27 30.01
C SER E 233 9.10 -22.68 30.11
N LEU E 234 9.47 -21.86 29.13
CA LEU E 234 10.75 -21.15 29.16
C LEU E 234 10.61 -19.94 30.09
N ILE E 235 11.32 -20.00 31.21
CA ILE E 235 11.40 -18.87 32.16
C ILE E 235 12.68 -18.12 31.81
N ILE E 236 12.52 -16.92 31.26
CA ILE E 236 13.64 -16.15 30.70
C ILE E 236 13.77 -14.85 31.47
N ARG E 237 15.01 -14.41 31.68
CA ARG E 237 15.34 -13.22 32.44
C ARG E 237 16.06 -12.25 31.53
N ARG E 238 15.55 -11.03 31.42
CA ARG E 238 16.23 -10.02 30.61
C ARG E 238 17.52 -9.58 31.29
N LYS E 239 18.52 -9.27 30.48
CA LYS E 239 19.73 -8.61 30.93
C LYS E 239 19.59 -7.12 30.62
N PRO E 240 19.34 -6.24 31.62
CA PRO E 240 18.88 -4.88 31.30
C PRO E 240 20.00 -3.88 31.08
N LEU E 241 21.23 -4.35 30.81
CA LEU E 241 22.40 -3.48 30.90
C LEU E 241 22.29 -2.33 29.90
N PHE E 242 21.80 -2.64 28.70
CA PHE E 242 21.62 -1.63 27.65
C PHE E 242 20.66 -0.54 28.07
N TYR E 243 19.47 -0.91 28.58
CA TYR E 243 18.51 0.10 29.01
C TYR E 243 19.04 0.92 30.18
N VAL E 244 19.89 0.33 31.02
CA VAL E 244 20.44 1.06 32.16
C VAL E 244 21.38 2.17 31.68
N ILE E 245 22.33 1.83 30.81
CA ILE E 245 23.27 2.86 30.35
C ILE E 245 22.61 3.83 29.37
N ASN E 246 21.83 3.35 28.41
CA ASN E 246 21.43 4.21 27.30
C ASN E 246 20.22 5.09 27.58
N ILE E 247 19.35 4.70 28.51
CA ILE E 247 18.09 5.40 28.74
C ILE E 247 17.94 5.81 30.20
N ILE E 248 18.09 4.86 31.12
CA ILE E 248 17.71 5.11 32.51
C ILE E 248 18.65 6.12 33.17
N VAL E 249 19.95 5.93 33.02
CA VAL E 249 20.92 6.80 33.68
C VAL E 249 20.84 8.22 33.12
N PRO E 250 20.84 8.43 31.79
CA PRO E 250 20.64 9.80 31.28
C PRO E 250 19.34 10.44 31.75
N CYS E 251 18.25 9.67 31.76
CA CYS E 251 16.97 10.20 32.21
C CYS E 251 17.03 10.60 33.67
N VAL E 252 17.65 9.78 34.51
CA VAL E 252 17.76 10.08 35.93
C VAL E 252 18.56 11.35 36.15
N LEU E 253 19.70 11.46 35.47
CA LEU E 253 20.54 12.64 35.66
C LEU E 253 19.86 13.92 35.18
N ILE E 254 19.23 13.86 34.00
CA ILE E 254 18.57 15.05 33.47
C ILE E 254 17.36 15.43 34.32
N SER E 255 16.64 14.44 34.84
CA SER E 255 15.55 14.72 35.76
C SER E 255 16.06 15.36 37.05
N GLY E 256 17.19 14.86 37.56
CA GLY E 256 17.75 15.42 38.78
C GLY E 256 18.30 16.82 38.61
N LEU E 257 18.62 17.21 37.37
CA LEU E 257 19.07 18.58 37.14
C LEU E 257 18.04 19.62 37.57
N VAL E 258 16.76 19.25 37.58
CA VAL E 258 15.70 20.21 37.93
C VAL E 258 15.87 20.73 39.35
N LEU E 259 16.48 19.93 40.24
CA LEU E 259 16.70 20.35 41.61
C LEU E 259 17.67 21.52 41.71
N LEU E 260 18.48 21.76 40.68
CA LEU E 260 19.42 22.87 40.70
C LEU E 260 18.74 24.23 40.63
N ALA E 261 17.48 24.28 40.21
CA ALA E 261 16.79 25.56 40.08
C ALA E 261 16.64 26.26 41.42
N TYR E 262 16.57 25.51 42.51
CA TYR E 262 16.46 26.11 43.84
C TYR E 262 17.70 26.90 44.21
N PHE E 263 18.86 26.60 43.63
CA PHE E 263 20.11 27.28 43.96
C PHE E 263 20.40 28.48 43.06
N LEU E 264 19.67 28.65 41.95
CA LEU E 264 19.87 29.82 41.13
C LEU E 264 19.16 31.03 41.73
N PRO E 265 19.66 32.25 41.51
CA PRO E 265 19.03 33.42 42.15
C PRO E 265 17.67 33.72 41.57
N ALA E 266 16.82 34.30 42.41
CA ALA E 266 15.47 34.70 42.00
C ALA E 266 15.46 36.15 41.53
N GLN E 267 16.20 36.39 40.44
CA GLN E 267 16.37 37.71 39.86
C GLN E 267 16.27 37.57 38.34
N ALA E 268 16.48 38.69 37.64
CA ALA E 268 16.28 38.72 36.19
C ALA E 268 17.22 37.76 35.47
N GLY E 269 18.48 37.72 35.88
CA GLY E 269 19.48 36.89 35.23
C GLY E 269 19.77 35.59 35.94
N GLY E 270 18.76 35.00 36.57
CA GLY E 270 18.93 33.76 37.32
C GLY E 270 18.69 32.51 36.50
N GLN E 271 17.64 32.53 35.67
CA GLN E 271 17.34 31.45 34.73
C GLN E 271 16.90 30.16 35.44
N LYS E 272 16.09 30.29 36.50
CA LYS E 272 15.51 29.12 37.14
C LYS E 272 14.52 28.42 36.22
N CYS E 273 13.59 29.19 35.67
CA CYS E 273 12.56 28.64 34.79
C CYS E 273 13.20 28.07 33.54
N THR E 274 14.21 28.75 33.00
CA THR E 274 14.89 28.26 31.80
C THR E 274 15.53 26.90 32.03
N VAL E 275 15.94 26.60 33.25
CA VAL E 275 16.48 25.28 33.56
C VAL E 275 15.36 24.25 33.68
N SER E 276 14.35 24.56 34.50
CA SER E 276 13.35 23.55 34.83
C SER E 276 12.47 23.19 33.63
N ILE E 277 12.00 24.21 32.90
CA ILE E 277 11.12 23.92 31.77
C ILE E 277 11.86 23.20 30.66
N ASN E 278 13.15 23.49 30.48
CA ASN E 278 13.91 22.78 29.46
C ASN E 278 14.23 21.36 29.89
N VAL E 279 14.34 21.11 31.20
CA VAL E 279 14.38 19.73 31.67
C VAL E 279 13.08 19.02 31.30
N LEU E 280 11.95 19.71 31.37
CA LEU E 280 10.66 19.13 30.98
C LEU E 280 10.64 18.87 29.47
N LEU E 281 11.30 19.71 28.65
CA LEU E 281 11.40 19.46 27.21
C LEU E 281 12.26 18.23 26.93
N ALA E 282 13.38 18.09 27.64
CA ALA E 282 14.22 16.92 27.47
C ALA E 282 13.48 15.65 27.87
N GLN E 283 12.68 15.71 28.94
CA GLN E 283 11.86 14.57 29.33
C GLN E 283 10.82 14.23 28.27
N THR E 284 10.29 15.24 27.57
CA THR E 284 9.38 14.96 26.46
C THR E 284 10.09 14.23 25.33
N VAL E 285 11.34 14.63 25.04
CA VAL E 285 12.13 13.90 24.04
C VAL E 285 12.34 12.46 24.49
N PHE E 286 12.62 12.26 25.78
CA PHE E 286 12.75 10.91 26.32
C PHE E 286 11.44 10.13 26.22
N LEU E 287 10.30 10.81 26.34
CA LEU E 287 9.02 10.15 26.10
C LEU E 287 8.91 9.67 24.67
N PHE E 288 9.33 10.51 23.72
CA PHE E 288 9.35 10.08 22.32
C PHE E 288 10.24 8.85 22.13
N LEU E 289 11.39 8.84 22.81
CA LEU E 289 12.27 7.66 22.74
C LEU E 289 11.56 6.43 23.30
N ILE E 290 11.02 6.54 24.50
CA ILE E 290 10.51 5.38 25.23
C ILE E 290 9.28 4.81 24.54
N ALA E 291 8.50 5.65 23.86
CA ALA E 291 7.31 5.16 23.15
C ALA E 291 7.69 4.15 22.07
N GLN E 292 8.91 4.23 21.53
CA GLN E 292 9.34 3.30 20.49
C GLN E 292 9.86 1.97 21.04
N LYS E 293 9.96 1.81 22.36
CA LYS E 293 10.55 0.63 22.98
C LYS E 293 9.59 -0.17 23.85
N ILE E 294 8.71 0.49 24.62
CA ILE E 294 7.89 -0.23 25.59
C ILE E 294 6.82 -1.03 24.86
N PRO E 295 6.26 -2.08 25.46
CA PRO E 295 5.12 -2.76 24.84
C PRO E 295 3.90 -1.86 24.84
N GLU E 296 2.93 -2.22 23.98
CA GLU E 296 1.75 -1.40 23.72
C GLU E 296 0.48 -2.06 24.27
N THR E 297 0.60 -2.80 25.36
CA THR E 297 -0.55 -3.40 26.05
C THR E 297 -0.92 -2.53 27.26
N SER E 298 -2.09 -2.83 27.84
CA SER E 298 -2.69 -2.00 28.87
C SER E 298 -3.11 -2.80 30.10
N LEU E 299 -2.52 -3.97 30.33
CA LEU E 299 -2.81 -4.72 31.55
C LEU E 299 -2.11 -4.11 32.76
N SER E 300 -0.95 -3.51 32.55
CA SER E 300 -0.25 -2.75 33.59
C SER E 300 0.58 -1.69 32.89
N VAL E 301 1.38 -0.95 33.66
CA VAL E 301 2.22 0.13 33.16
C VAL E 301 3.67 -0.31 33.29
N PRO E 302 4.50 -0.16 32.25
CA PRO E 302 5.93 -0.49 32.42
C PRO E 302 6.60 0.41 33.45
N LEU E 303 7.60 -0.15 34.12
CA LEU E 303 8.35 0.59 35.14
C LEU E 303 9.06 1.79 34.52
N LEU E 304 9.57 1.63 33.29
CA LEU E 304 10.22 2.75 32.60
C LEU E 304 9.25 3.91 32.40
N GLY E 305 8.04 3.61 31.91
CA GLY E 305 7.05 4.65 31.75
C GLY E 305 6.61 5.27 33.06
N ARG E 306 6.46 4.44 34.10
CA ARG E 306 6.08 4.98 35.40
C ARG E 306 7.13 5.94 35.93
N PHE E 307 8.41 5.58 35.80
CA PHE E 307 9.48 6.48 36.25
C PHE E 307 9.48 7.78 35.44
N LEU E 308 9.28 7.68 34.12
CA LEU E 308 9.28 8.89 33.30
C LEU E 308 8.13 9.82 33.68
N ILE E 309 6.93 9.25 33.86
CA ILE E 309 5.78 10.08 34.25
C ILE E 309 6.02 10.69 35.63
N PHE E 310 6.61 9.94 36.54
CA PHE E 310 6.88 10.46 37.88
C PHE E 310 7.83 11.65 37.82
N VAL E 311 8.92 11.52 37.06
CA VAL E 311 9.88 12.63 37.01
C VAL E 311 9.28 13.82 36.26
N MET E 312 8.42 13.57 35.27
CA MET E 312 7.76 14.69 34.60
C MET E 312 6.83 15.44 35.57
N VAL E 313 6.10 14.70 36.41
CA VAL E 313 5.23 15.34 37.40
C VAL E 313 6.06 16.15 38.40
N VAL E 314 7.17 15.57 38.85
CA VAL E 314 8.04 16.28 39.80
C VAL E 314 8.60 17.54 39.17
N ALA E 315 9.00 17.46 37.90
CA ALA E 315 9.53 18.64 37.21
C ALA E 315 8.45 19.70 37.07
N THR E 316 7.21 19.30 36.78
CA THR E 316 6.11 20.26 36.69
C THR E 316 5.89 20.97 38.03
N LEU E 317 5.87 20.20 39.12
CA LEU E 317 5.67 20.81 40.43
C LEU E 317 6.82 21.73 40.79
N ILE E 318 8.04 21.40 40.37
CA ILE E 318 9.18 22.26 40.64
C ILE E 318 9.14 23.51 39.76
N VAL E 319 8.60 23.41 38.55
CA VAL E 319 8.37 24.61 37.75
C VAL E 319 7.39 25.54 38.45
N MET E 320 6.31 24.97 38.99
CA MET E 320 5.36 25.78 39.75
C MET E 320 6.04 26.41 40.96
N ASN E 321 6.89 25.65 41.65
CA ASN E 321 7.60 26.17 42.81
C ASN E 321 8.52 27.31 42.42
N CYS E 322 9.22 27.18 41.29
CA CYS E 322 10.09 28.25 40.82
C CYS E 322 9.29 29.50 40.48
N VAL E 323 8.12 29.32 39.86
CA VAL E 323 7.26 30.47 39.54
C VAL E 323 6.83 31.17 40.82
N ILE E 324 6.44 30.40 41.84
CA ILE E 324 5.99 30.99 43.10
C ILE E 324 7.14 31.73 43.78
N VAL E 325 8.33 31.14 43.80
CA VAL E 325 9.47 31.78 44.47
C VAL E 325 9.85 33.05 43.73
N LEU E 326 9.82 33.02 42.39
CA LEU E 326 10.12 34.23 41.62
C LEU E 326 9.07 35.30 41.88
N ASN E 327 7.81 34.91 42.01
CA ASN E 327 6.76 35.87 42.32
C ASN E 327 6.99 36.51 43.68
N VAL E 328 7.34 35.72 44.69
CA VAL E 328 7.53 36.27 46.03
C VAL E 328 8.77 37.15 46.09
N SER E 329 9.86 36.72 45.44
CA SER E 329 11.13 37.43 45.57
C SER E 329 11.10 38.80 44.92
N GLN E 330 10.30 38.97 43.87
CA GLN E 330 10.32 40.17 43.04
C GLN E 330 9.14 41.10 43.32
N ARG E 331 8.66 41.11 44.57
CA ARG E 331 7.61 42.04 44.96
C ARG E 331 8.23 43.37 45.36
N THR E 332 7.65 44.46 44.85
CA THR E 332 8.14 45.81 45.04
C THR E 332 7.11 46.61 45.85
N PRO E 333 7.54 47.55 46.72
CA PRO E 333 6.54 48.29 47.52
C PRO E 333 5.55 49.08 46.70
N THR E 334 5.94 49.59 45.53
CA THR E 334 5.03 50.39 44.71
C THR E 334 3.90 49.57 44.11
N THR E 335 3.96 48.24 44.18
CA THR E 335 2.92 47.37 43.64
C THR E 335 2.51 46.24 44.57
N HIS E 336 3.21 46.02 45.69
CA HIS E 336 2.85 44.97 46.64
C HIS E 336 2.94 45.51 48.06
N ALA E 337 1.95 45.17 48.86
CA ALA E 337 1.92 45.56 50.27
C ALA E 337 2.59 44.49 51.10
N MET E 338 3.43 44.93 52.05
CA MET E 338 4.15 44.01 52.91
C MET E 338 3.15 43.16 53.70
N SER E 339 3.41 41.85 53.76
CA SER E 339 2.55 40.90 54.45
C SER E 339 3.22 40.49 55.77
N PRO E 340 2.80 41.02 56.92
CA PRO E 340 3.47 40.63 58.18
C PRO E 340 3.34 39.16 58.52
N ARG E 341 2.24 38.51 58.13
CA ARG E 341 2.08 37.09 58.45
C ARG E 341 3.14 36.25 57.74
N LEU E 342 3.28 36.46 56.43
CA LEU E 342 4.27 35.70 55.66
C LEU E 342 5.68 36.00 56.13
N ARG E 343 5.98 37.27 56.41
CA ARG E 343 7.30 37.64 56.88
C ARG E 343 7.62 36.99 58.21
N HIS E 344 6.68 37.07 59.16
CA HIS E 344 6.91 36.46 60.49
C HIS E 344 7.07 34.96 60.37
N VAL E 345 6.27 34.32 59.51
CA VAL E 345 6.38 32.88 59.35
C VAL E 345 7.75 32.52 58.78
N LEU E 346 8.14 33.17 57.69
CA LEU E 346 9.31 32.72 56.94
C LEU E 346 10.62 33.11 57.61
N LEU E 347 10.70 34.32 58.19
CA LEU E 347 11.97 34.86 58.64
C LEU E 347 12.21 34.74 60.15
N GLU E 348 11.16 34.53 60.94
CA GLU E 348 11.26 34.40 62.39
C GLU E 348 10.85 33.03 62.90
N LEU E 349 9.65 32.56 62.56
CA LEU E 349 9.17 31.29 63.08
C LEU E 349 9.95 30.12 62.49
N LEU E 350 10.27 30.18 61.20
CA LEU E 350 10.80 29.05 60.46
C LEU E 350 12.28 28.78 60.74
N PRO E 351 13.15 29.80 60.86
CA PRO E 351 14.51 29.50 61.36
C PRO E 351 14.51 28.93 62.76
N ARG E 352 13.60 29.37 63.62
CA ARG E 352 13.49 28.81 64.96
C ARG E 352 13.02 27.36 64.92
N LEU E 353 12.06 27.05 64.06
CA LEU E 353 11.54 25.70 63.96
C LEU E 353 12.61 24.75 63.42
N LEU E 354 13.24 25.11 62.30
CA LEU E 354 14.30 24.28 61.72
C LEU E 354 15.06 25.09 60.65
N ALA E 417 16.49 86.00 51.88
CA ALA E 417 16.84 85.86 50.49
C ALA E 417 16.21 84.59 49.91
N PRO E 418 15.57 84.65 48.72
CA PRO E 418 15.02 83.41 48.15
C PRO E 418 16.07 82.38 47.79
N GLU E 419 17.31 82.80 47.51
CA GLU E 419 18.36 81.87 47.15
C GLU E 419 18.58 80.83 48.24
N VAL E 420 18.77 81.28 49.48
CA VAL E 420 19.10 80.37 50.57
C VAL E 420 17.93 79.42 50.83
N ARG E 421 16.71 79.97 50.91
CA ARG E 421 15.55 79.14 51.23
C ARG E 421 15.28 78.12 50.12
N CYS E 422 15.37 78.53 48.86
CA CYS E 422 15.05 77.61 47.77
C CYS E 422 16.15 76.55 47.60
N CYS E 423 17.42 76.93 47.80
CA CYS E 423 18.49 75.94 47.77
C CYS E 423 18.34 74.94 48.90
N VAL E 424 17.97 75.42 50.10
CA VAL E 424 17.73 74.52 51.22
C VAL E 424 16.56 73.59 50.92
N ASP E 425 15.52 74.11 50.28
CA ASP E 425 14.38 73.27 49.90
C ASP E 425 14.79 72.19 48.92
N ALA E 426 15.61 72.54 47.92
CA ALA E 426 16.09 71.54 46.98
C ALA E 426 16.94 70.48 47.66
N VAL E 427 17.83 70.90 48.56
CA VAL E 427 18.68 69.95 49.27
C VAL E 427 17.85 69.01 50.13
N ASN E 428 16.83 69.57 50.81
CA ASN E 428 15.94 68.74 51.62
C ASN E 428 15.16 67.76 50.76
N PHE E 429 14.70 68.21 49.58
CA PHE E 429 14.04 67.31 48.65
C PHE E 429 14.95 66.15 48.26
N VAL E 430 16.22 66.45 48.01
CA VAL E 430 17.16 65.39 47.63
C VAL E 430 17.37 64.42 48.78
N ALA E 431 17.49 64.95 50.00
CA ALA E 431 17.67 64.08 51.16
C ALA E 431 16.47 63.15 51.35
N GLU E 432 15.25 63.70 51.23
CA GLU E 432 14.06 62.88 51.41
C GLU E 432 13.93 61.85 50.29
N SER E 433 14.29 62.22 49.06
CA SER E 433 14.24 61.26 47.96
C SER E 433 15.21 60.11 48.21
N THR E 434 16.42 60.42 48.68
CA THR E 434 17.38 59.38 49.00
C THR E 434 16.87 58.48 50.12
N ARG E 435 16.25 59.07 51.14
CA ARG E 435 15.69 58.29 52.24
C ARG E 435 14.61 57.33 51.76
N ASP E 436 13.70 57.83 50.91
CA ASP E 436 12.64 56.97 50.37
C ASP E 436 13.23 55.84 49.53
N GLN E 437 14.24 56.14 48.73
CA GLN E 437 14.88 55.10 47.93
C GLN E 437 15.51 54.04 48.83
N GLU E 438 16.16 54.47 49.91
CA GLU E 438 16.76 53.52 50.84
C GLU E 438 15.71 52.62 51.49
N ALA E 439 14.59 53.21 51.92
CA ALA E 439 13.53 52.41 52.54
C ALA E 439 12.95 51.39 51.55
N THR E 440 12.74 51.82 50.30
CA THR E 440 12.23 50.89 49.29
C THR E 440 13.22 49.75 49.05
N GLY E 441 14.52 50.08 48.99
CA GLY E 441 15.51 49.03 48.87
C GLY E 441 15.49 48.05 50.03
N GLU E 442 15.28 48.58 51.24
CA GLU E 442 15.19 47.71 52.42
C GLU E 442 14.02 46.74 52.30
N GLU E 443 12.86 47.23 51.89
CA GLU E 443 11.70 46.36 51.74
C GLU E 443 11.93 45.31 50.67
N VAL E 444 12.58 45.71 49.57
CA VAL E 444 12.94 44.74 48.53
C VAL E 444 13.86 43.67 49.10
N SER E 445 14.78 44.07 49.99
CA SER E 445 15.68 43.11 50.61
C SER E 445 14.91 42.11 51.46
N ASP E 446 13.92 42.57 52.23
CA ASP E 446 13.11 41.63 53.01
C ASP E 446 12.39 40.63 52.11
N TRP E 447 11.82 41.12 51.00
CA TRP E 447 11.13 40.19 50.09
C TRP E 447 12.10 39.17 49.52
N VAL E 448 13.30 39.62 49.14
CA VAL E 448 14.30 38.71 48.58
C VAL E 448 14.69 37.66 49.61
N ARG E 449 14.87 38.07 50.87
CA ARG E 449 15.25 37.11 51.90
C ARG E 449 14.15 36.08 52.14
N MET E 450 12.89 36.51 52.14
CA MET E 450 11.79 35.55 52.31
C MET E 450 11.75 34.55 51.15
N GLY E 451 11.97 35.04 49.93
CA GLY E 451 12.05 34.13 48.79
C GLY E 451 13.19 33.13 48.94
N ASN E 452 14.33 33.59 49.45
CA ASN E 452 15.46 32.68 49.67
C ASN E 452 15.11 31.60 50.67
N ALA E 453 14.45 31.96 51.77
CA ALA E 453 14.07 30.95 52.77
C ALA E 453 13.10 29.93 52.18
N LEU E 454 12.12 30.41 51.41
CA LEU E 454 11.19 29.49 50.75
C LEU E 454 11.93 28.54 49.82
N ASP E 455 12.88 29.06 49.04
CA ASP E 455 13.71 28.23 48.13
C ASP E 455 14.48 27.21 48.93
N ASN E 456 15.01 27.58 50.09
CA ASN E 456 15.84 26.69 50.90
C ASN E 456 15.04 25.49 51.38
N ILE E 457 13.84 25.73 51.94
CA ILE E 457 13.06 24.59 52.45
C ILE E 457 12.47 23.78 51.30
N CYS E 458 12.03 24.46 50.23
CA CYS E 458 11.43 23.73 49.13
C CYS E 458 12.44 22.82 48.44
N PHE E 459 13.73 23.18 48.47
CA PHE E 459 14.74 22.29 47.90
C PHE E 459 14.75 20.95 48.63
N TRP E 460 14.73 20.99 49.97
CA TRP E 460 14.74 19.74 50.73
C TRP E 460 13.47 18.94 50.48
N ALA E 461 12.33 19.62 50.40
CA ALA E 461 11.09 18.90 50.11
C ALA E 461 11.16 18.21 48.74
N ALA E 462 11.65 18.92 47.72
CA ALA E 462 11.74 18.35 46.38
C ALA E 462 12.75 17.19 46.35
N LEU E 463 13.89 17.35 47.04
CA LEU E 463 14.88 16.29 47.07
C LEU E 463 14.31 15.04 47.71
N VAL E 464 13.59 15.18 48.83
CA VAL E 464 12.99 14.02 49.49
C VAL E 464 11.99 13.35 48.57
N LEU E 465 11.13 14.14 47.92
CA LEU E 465 10.12 13.57 47.03
C LEU E 465 10.78 12.80 45.88
N PHE E 466 11.73 13.43 45.20
CA PHE E 466 12.40 12.80 44.07
C PHE E 466 13.10 11.51 44.49
N SER E 467 13.90 11.58 45.55
CA SER E 467 14.67 10.42 45.99
C SER E 467 13.76 9.28 46.41
N VAL E 468 12.73 9.59 47.21
CA VAL E 468 11.86 8.53 47.73
C VAL E 468 11.10 7.87 46.59
N GLY E 469 10.54 8.66 45.67
CA GLY E 469 9.79 8.06 44.58
C GLY E 469 10.66 7.22 43.66
N SER E 470 11.83 7.74 43.28
CA SER E 470 12.73 6.97 42.43
C SER E 470 13.16 5.68 43.12
N SER E 471 13.48 5.77 44.41
CA SER E 471 13.90 4.59 45.15
C SER E 471 12.80 3.55 45.21
N LEU E 472 11.56 3.97 45.48
CA LEU E 472 10.47 3.00 45.54
C LEU E 472 10.24 2.35 44.18
N ILE E 473 10.27 3.14 43.11
CA ILE E 473 10.03 2.60 41.78
C ILE E 473 11.10 1.57 41.42
N PHE E 474 12.36 1.85 41.72
CA PHE E 474 13.43 0.93 41.31
C PHE E 474 13.60 -0.22 42.30
N LEU E 475 13.24 -0.04 43.57
CA LEU E 475 13.19 -1.17 44.49
C LEU E 475 12.08 -2.13 44.12
N GLY E 476 11.03 -1.64 43.46
CA GLY E 476 10.07 -2.55 42.86
C GLY E 476 10.72 -3.50 41.89
N ALA E 477 11.68 -2.99 41.10
CA ALA E 477 12.43 -3.86 40.19
C ALA E 477 13.43 -4.73 40.94
N TYR E 478 14.00 -4.23 42.03
CA TYR E 478 15.01 -5.01 42.76
C TYR E 478 14.42 -6.30 43.30
N PHE E 479 13.20 -6.25 43.82
CA PHE E 479 12.55 -7.42 44.39
C PHE E 479 11.84 -8.29 43.36
N ASN E 480 11.86 -7.91 42.08
CA ASN E 480 11.31 -8.74 41.00
C ASN E 480 12.41 -9.65 40.48
N ARG E 481 12.52 -10.82 41.08
CA ARG E 481 13.52 -11.83 40.67
C ARG E 481 12.76 -13.07 40.23
N VAL E 482 13.36 -13.91 39.39
CA VAL E 482 12.75 -15.18 39.00
C VAL E 482 12.46 -15.99 40.25
N PRO E 483 11.25 -16.50 40.46
CA PRO E 483 10.98 -17.23 41.71
C PRO E 483 11.81 -18.49 41.83
N ASP E 484 12.10 -18.87 43.06
CA ASP E 484 12.88 -20.08 43.35
C ASP E 484 12.00 -21.30 43.07
N LEU E 485 12.10 -21.82 41.86
CA LEU E 485 11.29 -22.95 41.43
C LEU E 485 12.00 -24.26 41.75
N PRO E 486 11.26 -25.37 41.86
CA PRO E 486 11.90 -26.64 42.22
C PRO E 486 12.52 -27.40 41.05
N TYR E 487 12.66 -26.77 39.88
CA TYR E 487 13.18 -27.44 38.70
C TYR E 487 14.70 -27.29 38.64
N ALA E 488 15.32 -28.18 37.89
CA ALA E 488 16.74 -28.05 37.62
C ALA E 488 16.99 -26.90 36.66
N PRO E 489 18.18 -26.28 36.69
CA PRO E 489 18.44 -25.20 35.73
C PRO E 489 18.43 -25.71 34.30
N CYS E 490 18.04 -24.82 33.38
CA CYS E 490 17.91 -25.22 31.98
C CYS E 490 19.27 -25.56 31.38
N ILE E 491 20.25 -24.67 31.57
CA ILE E 491 21.62 -24.89 31.10
C ILE E 491 22.46 -25.33 32.29
N GLN E 492 23.15 -26.45 32.14
CA GLN E 492 24.07 -26.88 33.18
C GLN E 492 25.25 -25.91 33.27
N PRO E 493 25.80 -25.64 34.47
CA PRO E 493 26.92 -24.69 34.50
C PRO E 493 28.22 -25.32 34.01
N GLU F 32 -44.95 -29.27 -26.84
CA GLU F 32 -45.56 -28.96 -28.16
C GLU F 32 -46.03 -27.50 -28.20
N VAL F 33 -45.15 -26.64 -28.72
CA VAL F 33 -45.45 -25.22 -28.88
C VAL F 33 -46.11 -25.03 -30.24
N GLN F 34 -47.21 -24.27 -30.25
CA GLN F 34 -47.99 -23.98 -31.46
C GLN F 34 -48.09 -22.48 -31.64
N LEU F 35 -47.94 -22.03 -32.88
CA LEU F 35 -48.05 -20.63 -33.24
C LEU F 35 -49.24 -20.44 -34.17
N VAL F 36 -50.15 -19.55 -33.79
CA VAL F 36 -51.37 -19.25 -34.56
C VAL F 36 -51.33 -17.79 -34.96
N GLN F 37 -51.35 -17.53 -36.27
CA GLN F 37 -51.33 -16.18 -36.80
C GLN F 37 -52.72 -15.70 -37.17
N TRP F 38 -52.89 -14.38 -37.14
CA TRP F 38 -54.11 -13.77 -37.65
C TRP F 38 -53.82 -12.32 -38.01
N GLY F 39 -54.73 -11.74 -38.78
CA GLY F 39 -54.61 -10.39 -39.28
C GLY F 39 -55.12 -10.31 -40.70
N ALA F 40 -55.45 -9.09 -41.13
CA ALA F 40 -56.02 -8.87 -42.45
C ALA F 40 -54.93 -8.96 -43.51
N GLY F 41 -55.11 -9.88 -44.46
CA GLY F 41 -54.15 -10.05 -45.53
C GLY F 41 -54.37 -9.14 -46.73
N LEU F 42 -55.59 -8.62 -46.88
CA LEU F 42 -55.95 -7.78 -48.02
C LEU F 42 -55.85 -6.31 -47.60
N LEU F 43 -54.89 -5.60 -48.20
CA LEU F 43 -54.64 -4.19 -47.82
C LEU F 43 -54.47 -3.34 -49.09
N LYS F 44 -54.55 -2.01 -48.93
CA LYS F 44 -54.37 -1.08 -50.06
C LYS F 44 -53.03 -0.37 -49.91
N PRO F 45 -52.38 0.07 -51.00
CA PRO F 45 -51.13 0.80 -50.90
C PRO F 45 -51.12 1.93 -49.86
N SER F 46 -49.98 2.16 -49.21
CA SER F 46 -49.76 3.21 -48.22
C SER F 46 -50.46 2.94 -46.88
N GLU F 47 -51.05 1.77 -46.71
CA GLU F 47 -51.69 1.40 -45.45
C GLU F 47 -50.69 0.71 -44.53
N THR F 48 -51.16 0.24 -43.39
CA THR F 48 -50.33 -0.43 -42.38
C THR F 48 -50.80 -1.87 -42.23
N LEU F 49 -49.98 -2.81 -42.68
CA LEU F 49 -50.20 -4.21 -42.37
C LEU F 49 -50.03 -4.43 -40.88
N SER F 50 -50.95 -5.22 -40.30
CA SER F 50 -50.90 -5.58 -38.88
C SER F 50 -51.16 -7.08 -38.76
N LEU F 51 -50.21 -7.79 -38.16
CA LEU F 51 -50.33 -9.23 -37.93
C LEU F 51 -50.05 -9.53 -36.48
N THR F 52 -50.68 -10.59 -35.97
CA THR F 52 -50.51 -11.03 -34.59
C THR F 52 -50.28 -12.53 -34.57
N CYS F 53 -49.35 -12.96 -33.72
CA CYS F 53 -49.00 -14.36 -33.53
C CYS F 53 -49.17 -14.71 -32.06
N THR F 54 -49.98 -15.74 -31.80
CA THR F 54 -50.27 -16.22 -30.45
C THR F 54 -49.60 -17.56 -30.23
N VAL F 55 -49.03 -17.73 -29.05
CA VAL F 55 -48.26 -18.91 -28.67
C VAL F 55 -49.11 -19.76 -27.73
N PHE F 56 -49.20 -21.05 -28.02
CA PHE F 56 -49.86 -22.04 -27.16
C PHE F 56 -48.86 -23.11 -26.78
N GLY F 57 -48.99 -23.63 -25.56
CA GLY F 57 -48.08 -24.64 -25.07
C GLY F 57 -46.74 -24.14 -24.60
N GLY F 58 -46.60 -22.84 -24.39
CA GLY F 58 -45.34 -22.28 -23.92
C GLY F 58 -45.49 -20.80 -23.70
N SER F 59 -44.51 -20.24 -22.99
CA SER F 59 -44.47 -18.84 -22.65
C SER F 59 -43.50 -18.09 -23.58
N LEU F 60 -43.73 -16.78 -23.70
CA LEU F 60 -42.84 -15.92 -24.47
C LEU F 60 -41.53 -15.64 -23.75
N ARG F 61 -41.41 -15.98 -22.47
CA ARG F 61 -40.24 -15.61 -21.70
C ARG F 61 -38.99 -16.36 -22.14
N ALA F 62 -39.14 -17.58 -22.65
CA ALA F 62 -38.01 -18.48 -22.83
C ALA F 62 -37.28 -18.32 -24.16
N ASN F 63 -37.76 -17.46 -25.06
CA ASN F 63 -37.25 -17.45 -26.43
C ASN F 63 -37.32 -16.07 -27.04
N TYR F 64 -36.59 -15.90 -28.14
CA TYR F 64 -36.80 -14.82 -29.08
C TYR F 64 -37.81 -15.27 -30.12
N TRP F 65 -38.53 -14.31 -30.69
CA TRP F 65 -39.65 -14.57 -31.59
C TRP F 65 -39.53 -13.65 -32.80
N SER F 66 -39.56 -14.23 -34.00
CA SER F 66 -39.22 -13.53 -35.23
C SER F 66 -40.38 -13.58 -36.24
N TRP F 67 -40.35 -12.59 -37.13
CA TRP F 67 -41.24 -12.53 -38.29
C TRP F 67 -40.41 -12.69 -39.56
N ILE F 68 -40.86 -13.55 -40.47
CA ILE F 68 -40.16 -13.87 -41.71
C ILE F 68 -41.15 -13.82 -42.87
N ARG F 69 -40.79 -13.12 -43.95
CA ARG F 69 -41.66 -12.98 -45.15
C ARG F 69 -41.06 -13.74 -46.32
N GLN F 70 -41.87 -14.39 -47.14
CA GLN F 70 -41.46 -15.11 -48.34
C GLN F 70 -42.27 -14.58 -49.51
N ALA F 71 -41.61 -13.89 -50.43
CA ALA F 71 -42.28 -13.47 -51.63
C ALA F 71 -42.40 -14.64 -52.60
N PRO F 72 -43.41 -14.65 -53.48
CA PRO F 72 -43.51 -15.77 -54.44
C PRO F 72 -42.32 -15.79 -55.38
N GLY F 73 -41.72 -16.98 -55.52
CA GLY F 73 -40.51 -17.10 -56.32
C GLY F 73 -39.33 -16.34 -55.76
N LYS F 74 -39.13 -16.43 -54.45
CA LYS F 74 -38.05 -15.71 -53.79
C LYS F 74 -37.68 -16.45 -52.50
N GLY F 75 -36.51 -16.12 -51.97
CA GLY F 75 -36.05 -16.74 -50.74
C GLY F 75 -36.67 -16.12 -49.51
N LEU F 76 -36.47 -16.80 -48.38
CA LEU F 76 -36.97 -16.33 -47.10
C LEU F 76 -36.21 -15.07 -46.68
N GLU F 77 -36.94 -14.10 -46.13
CA GLU F 77 -36.36 -12.84 -45.66
C GLU F 77 -36.81 -12.59 -44.23
N TRP F 78 -35.84 -12.45 -43.33
CA TRP F 78 -36.12 -12.19 -41.92
C TRP F 78 -36.42 -10.72 -41.72
N ILE F 79 -37.56 -10.43 -41.08
CA ILE F 79 -37.99 -9.06 -40.85
C ILE F 79 -37.42 -8.50 -39.56
N GLY F 80 -37.65 -9.21 -38.46
CA GLY F 80 -37.23 -8.73 -37.16
C GLY F 80 -37.56 -9.76 -36.10
N GLU F 81 -37.13 -9.45 -34.87
CA GLU F 81 -37.36 -10.32 -33.74
C GLU F 81 -37.55 -9.49 -32.48
N ILE F 82 -38.18 -10.10 -31.49
CA ILE F 82 -38.45 -9.48 -30.18
C ILE F 82 -38.39 -10.56 -29.12
N ASN F 83 -38.06 -10.16 -27.88
CA ASN F 83 -38.15 -11.03 -26.71
C ASN F 83 -39.23 -10.50 -25.77
N HIS F 84 -39.42 -11.21 -24.66
CA HIS F 84 -40.52 -10.88 -23.76
C HIS F 84 -40.33 -9.54 -23.05
N ASN F 85 -39.10 -9.03 -22.98
CA ASN F 85 -38.86 -7.71 -22.42
C ASN F 85 -39.10 -6.59 -23.42
N GLY F 86 -39.36 -6.90 -24.68
CA GLY F 86 -39.56 -5.90 -25.70
C GLY F 86 -38.31 -5.47 -26.42
N HIS F 87 -37.17 -6.13 -26.21
CA HIS F 87 -35.95 -5.82 -26.93
C HIS F 87 -36.06 -6.36 -28.36
N THR F 88 -35.88 -5.47 -29.33
CA THR F 88 -36.11 -5.78 -30.73
C THR F 88 -34.82 -5.69 -31.53
N ASN F 89 -34.75 -6.53 -32.57
CA ASN F 89 -33.76 -6.37 -33.64
C ASN F 89 -34.50 -6.42 -34.96
N TYR F 90 -33.99 -5.68 -35.95
CA TYR F 90 -34.68 -5.50 -37.21
C TYR F 90 -33.72 -5.75 -38.37
N ASN F 91 -34.28 -6.17 -39.49
CA ASN F 91 -33.54 -6.18 -40.74
C ASN F 91 -33.25 -4.73 -41.12
N PRO F 92 -32.01 -4.39 -41.53
CA PRO F 92 -31.75 -2.98 -41.92
C PRO F 92 -32.61 -2.49 -43.08
N SER F 93 -33.02 -3.38 -43.98
CA SER F 93 -33.82 -2.97 -45.13
C SER F 93 -35.27 -2.69 -44.79
N LEU F 94 -35.74 -3.10 -43.61
CA LEU F 94 -37.13 -2.90 -43.19
C LEU F 94 -37.24 -2.21 -41.84
N LYS F 95 -36.14 -1.70 -41.29
CA LYS F 95 -36.17 -1.15 -39.94
C LYS F 95 -37.03 0.11 -39.86
N SER F 96 -37.00 0.94 -40.90
CA SER F 96 -37.70 2.21 -40.84
C SER F 96 -39.22 2.05 -40.92
N ARG F 97 -39.72 0.92 -41.44
CA ARG F 97 -41.14 0.71 -41.62
C ARG F 97 -41.73 -0.37 -40.73
N ALA F 98 -40.91 -1.26 -40.18
CA ALA F 98 -41.39 -2.40 -39.39
C ALA F 98 -41.25 -2.09 -37.91
N THR F 99 -42.32 -2.32 -37.15
CA THR F 99 -42.33 -2.22 -35.70
C THR F 99 -42.91 -3.51 -35.14
N ILE F 100 -42.15 -4.20 -34.30
CA ILE F 100 -42.57 -5.44 -33.67
C ILE F 100 -42.81 -5.15 -32.20
N SER F 101 -43.95 -5.61 -31.69
CA SER F 101 -44.33 -5.39 -30.30
C SER F 101 -44.70 -6.73 -29.68
N VAL F 102 -44.72 -6.76 -28.34
CA VAL F 102 -45.02 -7.96 -27.58
C VAL F 102 -46.01 -7.60 -26.49
N ASP F 103 -46.95 -8.51 -26.22
CA ASP F 103 -47.89 -8.38 -25.12
C ASP F 103 -47.92 -9.71 -24.38
N THR F 104 -47.31 -9.72 -23.19
CA THR F 104 -47.12 -10.94 -22.43
C THR F 104 -48.40 -11.42 -21.75
N SER F 105 -49.35 -10.52 -21.48
CA SER F 105 -50.57 -10.93 -20.80
C SER F 105 -51.37 -11.93 -21.63
N LYS F 106 -51.46 -11.71 -22.94
CA LYS F 106 -52.11 -12.63 -23.86
C LYS F 106 -51.15 -13.59 -24.53
N ASN F 107 -49.85 -13.53 -24.21
CA ASN F 107 -48.85 -14.42 -24.80
C ASN F 107 -48.78 -14.23 -26.31
N GLN F 108 -48.74 -12.96 -26.74
CA GLN F 108 -48.83 -12.60 -28.15
C GLN F 108 -47.67 -11.70 -28.54
N PHE F 109 -47.33 -11.72 -29.82
CA PHE F 109 -46.44 -10.71 -30.38
C PHE F 109 -46.92 -10.36 -31.79
N SER F 110 -46.74 -9.08 -32.14
CA SER F 110 -47.37 -8.50 -33.32
C SER F 110 -46.35 -7.77 -34.17
N LEU F 111 -46.66 -7.71 -35.47
CA LEU F 111 -45.87 -6.99 -36.46
C LEU F 111 -46.74 -5.90 -37.08
N ARG F 112 -46.16 -4.71 -37.24
CA ARG F 112 -46.80 -3.60 -37.93
C ARG F 112 -45.85 -3.09 -39.00
N LEU F 113 -46.28 -3.17 -40.26
CA LEU F 113 -45.50 -2.72 -41.40
C LEU F 113 -46.21 -1.54 -42.04
N SER F 114 -45.56 -0.38 -42.02
CA SER F 114 -46.18 0.87 -42.45
C SER F 114 -45.88 1.15 -43.92
N SER F 115 -46.82 1.83 -44.57
CA SER F 115 -46.67 2.30 -45.95
C SER F 115 -46.35 1.15 -46.90
N VAL F 116 -47.28 0.20 -46.97
CA VAL F 116 -47.07 -1.00 -47.77
C VAL F 116 -47.25 -0.68 -49.25
N THR F 117 -46.47 -1.35 -50.08
CA THR F 117 -46.56 -1.28 -51.53
C THR F 117 -46.76 -2.70 -52.07
N ALA F 118 -46.76 -2.82 -53.40
CA ALA F 118 -46.88 -4.13 -54.02
C ALA F 118 -45.66 -5.00 -53.74
N ALA F 119 -44.51 -4.41 -53.43
CA ALA F 119 -43.31 -5.18 -53.10
C ALA F 119 -43.44 -5.92 -51.78
N ASP F 120 -44.40 -5.57 -50.94
CA ASP F 120 -44.62 -6.24 -49.66
C ASP F 120 -45.62 -7.39 -49.74
N THR F 121 -46.11 -7.73 -50.93
CA THR F 121 -46.98 -8.88 -51.09
C THR F 121 -46.16 -10.15 -50.86
N ALA F 122 -46.56 -10.95 -49.87
CA ALA F 122 -45.76 -12.11 -49.50
C ALA F 122 -46.53 -12.97 -48.51
N LEU F 123 -46.00 -14.17 -48.28
CA LEU F 123 -46.48 -15.05 -47.22
C LEU F 123 -45.67 -14.77 -45.96
N TYR F 124 -46.35 -14.30 -44.91
CA TYR F 124 -45.71 -13.90 -43.67
C TYR F 124 -45.84 -15.01 -42.62
N TYR F 125 -44.75 -15.26 -41.91
CA TYR F 125 -44.65 -16.30 -40.90
C TYR F 125 -44.17 -15.68 -39.59
N CYS F 126 -44.64 -16.23 -38.49
CA CYS F 126 -44.03 -16.03 -37.18
C CYS F 126 -43.32 -17.32 -36.78
N ALA F 127 -42.25 -17.19 -36.02
CA ALA F 127 -41.49 -18.38 -35.63
C ALA F 127 -40.74 -18.11 -34.34
N ARG F 128 -40.36 -19.19 -33.67
CA ARG F 128 -39.63 -19.11 -32.40
C ARG F 128 -38.13 -19.17 -32.68
N GLY F 129 -37.41 -18.17 -32.19
CA GLY F 129 -35.98 -18.08 -32.40
C GLY F 129 -35.16 -18.66 -31.26
N SER F 130 -34.07 -17.99 -30.91
CA SER F 130 -33.12 -18.51 -29.93
C SER F 130 -33.69 -18.46 -28.52
N ARG F 131 -33.17 -19.33 -27.66
CA ARG F 131 -33.55 -19.35 -26.26
C ARG F 131 -32.96 -18.15 -25.52
N PHE F 132 -33.73 -17.65 -24.56
CA PHE F 132 -33.35 -16.52 -23.72
C PHE F 132 -33.36 -16.98 -22.27
N PHE F 133 -32.26 -16.71 -21.54
CA PHE F 133 -32.04 -17.27 -20.22
C PHE F 133 -31.66 -16.17 -19.24
N TYR F 134 -31.99 -16.40 -17.98
CA TYR F 134 -31.62 -15.53 -16.86
C TYR F 134 -30.64 -16.25 -15.96
N TYR F 135 -29.71 -15.49 -15.39
CA TYR F 135 -28.69 -16.06 -14.50
C TYR F 135 -28.29 -15.02 -13.46
N GLY F 136 -27.69 -15.49 -12.38
CA GLY F 136 -27.21 -14.59 -11.32
C GLY F 136 -28.27 -14.23 -10.29
N ALA F 137 -27.87 -13.58 -9.22
CA ALA F 137 -28.86 -13.12 -8.21
C ALA F 137 -28.43 -11.75 -7.66
N GLY F 138 -29.40 -10.96 -7.25
CA GLY F 138 -29.12 -9.62 -6.71
C GLY F 138 -28.67 -8.67 -7.78
N ILE F 139 -27.55 -8.00 -7.56
CA ILE F 139 -27.03 -7.00 -8.53
C ILE F 139 -26.41 -7.73 -9.72
N TYR F 140 -26.14 -9.03 -9.58
CA TYR F 140 -25.53 -9.83 -10.67
C TYR F 140 -26.61 -10.52 -11.49
N TYR F 141 -27.88 -10.30 -11.17
CA TYR F 141 -28.98 -10.88 -11.99
C TYR F 141 -28.90 -10.29 -13.39
N ASN F 142 -28.89 -11.14 -14.41
CA ASN F 142 -28.75 -10.68 -15.81
C ASN F 142 -29.42 -11.67 -16.74
N ALA F 143 -29.52 -11.32 -18.01
CA ALA F 143 -30.08 -12.21 -19.01
C ALA F 143 -29.21 -12.20 -20.26
N ARG F 144 -29.30 -13.29 -21.02
CA ARG F 144 -28.60 -13.39 -22.30
C ARG F 144 -29.30 -14.41 -23.18
N ARG F 145 -29.05 -14.29 -24.48
CA ARG F 145 -29.59 -15.22 -25.45
C ARG F 145 -28.56 -16.28 -25.83
N ASP F 146 -29.05 -17.46 -26.15
CA ASP F 146 -28.21 -18.55 -26.64
C ASP F 146 -27.95 -18.38 -28.13
N ARG F 147 -26.84 -18.97 -28.59
CA ARG F 147 -26.45 -18.89 -30.00
C ARG F 147 -27.05 -20.05 -30.79
N ASP F 148 -28.38 -20.12 -30.77
CA ASP F 148 -29.13 -21.19 -31.42
C ASP F 148 -30.34 -20.60 -32.12
N ASN F 149 -30.16 -19.49 -32.84
CA ASN F 149 -31.27 -18.81 -33.50
C ASN F 149 -31.57 -19.47 -34.84
N TYR F 150 -32.11 -20.68 -34.75
CA TYR F 150 -32.80 -21.34 -35.85
C TYR F 150 -34.27 -21.44 -35.48
N PHE F 151 -35.12 -21.48 -36.51
CA PHE F 151 -36.58 -21.39 -36.35
C PHE F 151 -37.18 -22.77 -36.53
N ASP F 152 -37.35 -23.50 -35.42
CA ASP F 152 -37.93 -24.84 -35.50
C ASP F 152 -39.45 -24.82 -35.56
N PRO F 153 -40.16 -24.10 -34.66
CA PRO F 153 -41.62 -24.00 -34.80
C PRO F 153 -42.01 -22.78 -35.61
N TRP F 154 -42.93 -22.95 -36.56
CA TRP F 154 -43.39 -21.88 -37.42
C TRP F 154 -44.91 -21.76 -37.31
N GLY F 155 -45.41 -20.55 -37.59
CA GLY F 155 -46.84 -20.38 -37.75
C GLY F 155 -47.31 -20.94 -39.09
N GLN F 156 -48.63 -21.04 -39.23
CA GLN F 156 -49.17 -21.61 -40.46
C GLN F 156 -48.91 -20.71 -41.67
N GLY F 157 -48.78 -19.41 -41.45
CA GLY F 157 -48.54 -18.46 -42.52
C GLY F 157 -49.78 -17.66 -42.88
N THR F 158 -49.59 -16.38 -43.18
CA THR F 158 -50.67 -15.48 -43.59
C THR F 158 -50.28 -14.84 -44.91
N LEU F 159 -51.12 -15.02 -45.92
CA LEU F 159 -50.86 -14.42 -47.24
C LEU F 159 -51.29 -12.96 -47.21
N VAL F 160 -50.37 -12.06 -47.54
CA VAL F 160 -50.62 -10.63 -47.54
C VAL F 160 -50.48 -10.15 -48.98
N THR F 161 -51.53 -9.51 -49.50
CA THR F 161 -51.57 -8.96 -50.84
C THR F 161 -51.89 -7.48 -50.76
N VAL F 162 -51.04 -6.65 -51.36
CA VAL F 162 -51.24 -5.17 -51.32
C VAL F 162 -51.64 -4.71 -52.72
N SER F 163 -52.94 -4.43 -52.92
CA SER F 163 -53.44 -4.03 -54.25
C SER F 163 -54.39 -2.83 -54.15
N SER F 164 -54.46 -2.00 -55.18
CA SER F 164 -55.43 -0.87 -55.21
C SER F 164 -56.72 -1.34 -55.86
N ALA F 165 -56.80 -2.63 -56.22
CA ALA F 165 -57.98 -3.17 -56.94
C ALA F 165 -59.21 -3.25 -56.04
N SER F 166 -60.37 -3.56 -56.62
CA SER F 166 -61.64 -3.65 -55.86
C SER F 166 -62.31 -4.99 -56.12
N THR F 167 -63.04 -5.52 -55.14
CA THR F 167 -63.63 -6.87 -55.30
C THR F 167 -64.41 -6.92 -56.62
N LYS F 168 -64.12 -7.91 -57.47
CA LYS F 168 -64.80 -8.02 -58.79
C LYS F 168 -64.92 -9.49 -59.16
N GLY F 169 -65.96 -9.86 -59.92
CA GLY F 169 -66.12 -11.24 -60.35
C GLY F 169 -65.60 -11.46 -61.76
N PRO F 170 -65.24 -12.69 -62.08
CA PRO F 170 -64.64 -12.98 -63.38
C PRO F 170 -65.70 -13.05 -64.47
N SER F 171 -65.24 -12.81 -65.69
CA SER F 171 -65.95 -13.29 -66.88
C SER F 171 -65.41 -14.66 -67.23
N VAL F 172 -66.28 -15.53 -67.72
CA VAL F 172 -65.90 -16.90 -68.05
C VAL F 172 -66.18 -17.13 -69.52
N PHE F 173 -65.13 -17.46 -70.28
CA PHE F 173 -65.22 -17.59 -71.72
C PHE F 173 -64.81 -19.00 -72.12
N PRO F 174 -65.46 -19.59 -73.12
CA PRO F 174 -65.08 -20.95 -73.53
C PRO F 174 -63.78 -20.96 -74.33
N LEU F 175 -63.00 -22.01 -74.13
CA LEU F 175 -61.86 -22.33 -75.02
C LEU F 175 -62.31 -23.55 -75.81
N ALA F 176 -62.84 -23.32 -77.00
CA ALA F 176 -63.60 -24.35 -77.70
C ALA F 176 -62.67 -25.37 -78.35
N PRO F 177 -62.99 -26.65 -78.29
CA PRO F 177 -62.15 -27.65 -78.97
C PRO F 177 -62.17 -27.41 -80.47
N SER F 178 -61.01 -27.52 -81.10
CA SER F 178 -60.92 -27.23 -82.53
C SER F 178 -61.56 -28.35 -83.36
N GLY F 185 -55.61 -39.13 -81.14
CA GLY F 185 -56.93 -38.54 -81.29
C GLY F 185 -57.49 -37.99 -80.00
N THR F 186 -56.81 -37.01 -79.44
CA THR F 186 -57.25 -36.36 -78.21
C THR F 186 -57.46 -34.88 -78.50
N ALA F 187 -58.50 -34.33 -77.90
CA ALA F 187 -58.84 -32.93 -78.08
C ALA F 187 -58.62 -32.21 -76.77
N ALA F 188 -58.39 -30.89 -76.86
CA ALA F 188 -58.30 -30.06 -75.66
C ALA F 188 -59.40 -29.01 -75.71
N LEU F 189 -59.94 -28.69 -74.53
CA LEU F 189 -60.90 -27.61 -74.41
C LEU F 189 -60.74 -27.02 -73.03
N GLY F 190 -61.38 -25.88 -72.80
CA GLY F 190 -61.23 -25.29 -71.48
C GLY F 190 -62.11 -24.08 -71.29
N CYS F 191 -61.82 -23.36 -70.21
CA CYS F 191 -62.51 -22.14 -69.83
C CYS F 191 -61.48 -21.10 -69.44
N LEU F 192 -61.63 -19.89 -69.97
CA LEU F 192 -60.82 -18.74 -69.59
C LEU F 192 -61.57 -17.94 -68.53
N VAL F 193 -60.97 -17.81 -67.34
CA VAL F 193 -61.58 -17.11 -66.21
C VAL F 193 -60.84 -15.79 -66.06
N LYS F 194 -61.43 -14.69 -66.54
CA LYS F 194 -60.68 -13.47 -66.80
C LYS F 194 -61.16 -12.31 -65.93
N ASP F 195 -60.19 -11.53 -65.45
CA ASP F 195 -60.41 -10.21 -64.85
C ASP F 195 -61.20 -10.27 -63.54
N TYR F 196 -60.63 -10.91 -62.52
CA TYR F 196 -61.31 -11.01 -61.19
C TYR F 196 -60.38 -10.56 -60.06
N PHE F 197 -60.94 -10.35 -58.87
CA PHE F 197 -60.14 -9.90 -57.70
C PHE F 197 -61.02 -9.99 -56.44
N PRO F 198 -60.48 -10.38 -55.27
CA PRO F 198 -59.14 -10.95 -55.21
C PRO F 198 -59.12 -12.46 -55.32
N GLU F 199 -57.94 -13.08 -55.39
CA GLU F 199 -57.89 -14.53 -55.35
C GLU F 199 -58.71 -15.03 -54.17
N PRO F 200 -59.20 -16.28 -54.22
CA PRO F 200 -59.07 -17.28 -55.28
C PRO F 200 -60.35 -17.49 -56.10
N VAL F 201 -60.21 -18.22 -57.20
CA VAL F 201 -61.32 -18.82 -57.91
C VAL F 201 -61.15 -20.32 -57.83
N THR F 202 -62.26 -21.06 -57.83
CA THR F 202 -62.20 -22.51 -57.96
C THR F 202 -62.87 -22.91 -59.26
N VAL F 203 -62.30 -23.94 -59.93
CA VAL F 203 -62.85 -24.46 -61.17
C VAL F 203 -62.99 -25.97 -61.05
N SER F 204 -64.15 -26.48 -61.43
CA SER F 204 -64.31 -27.92 -61.58
C SER F 204 -64.92 -28.19 -62.96
N TRP F 205 -64.98 -29.45 -63.34
CA TRP F 205 -65.57 -29.83 -64.62
C TRP F 205 -66.67 -30.86 -64.36
N ASN F 206 -67.81 -30.67 -65.00
CA ASN F 206 -68.94 -31.58 -64.89
C ASN F 206 -69.27 -31.87 -63.42
N SER F 207 -69.31 -30.79 -62.62
CA SER F 207 -69.66 -30.83 -61.21
C SER F 207 -68.75 -31.73 -60.40
N GLY F 208 -67.49 -31.85 -60.84
CA GLY F 208 -66.52 -32.69 -60.17
C GLY F 208 -66.45 -34.11 -60.68
N ALA F 209 -67.29 -34.48 -61.63
CA ALA F 209 -67.25 -35.84 -62.19
C ALA F 209 -66.11 -36.01 -63.16
N LEU F 210 -65.56 -34.93 -63.71
CA LEU F 210 -64.47 -34.98 -64.67
C LEU F 210 -63.23 -34.40 -64.02
N THR F 211 -62.25 -35.26 -63.72
CA THR F 211 -61.03 -34.86 -63.04
C THR F 211 -59.81 -35.33 -63.82
N SER F 212 -59.94 -36.46 -64.52
CA SER F 212 -58.83 -36.98 -65.29
C SER F 212 -58.44 -36.01 -66.40
N GLY F 213 -57.17 -35.63 -66.43
CA GLY F 213 -56.67 -34.78 -67.49
C GLY F 213 -56.98 -33.31 -67.34
N VAL F 214 -57.48 -32.87 -66.19
CA VAL F 214 -57.77 -31.46 -65.95
C VAL F 214 -56.50 -30.76 -65.47
N HIS F 215 -56.21 -29.60 -66.04
CA HIS F 215 -55.16 -28.71 -65.54
C HIS F 215 -55.75 -27.33 -65.34
N THR F 216 -55.76 -26.86 -64.10
CA THR F 216 -56.16 -25.49 -63.80
C THR F 216 -54.91 -24.70 -63.44
N PHE F 217 -54.61 -23.70 -64.24
CA PHE F 217 -53.35 -22.97 -64.14
C PHE F 217 -53.36 -21.99 -62.97
N PRO F 218 -52.19 -21.73 -62.39
CA PRO F 218 -52.08 -20.63 -61.41
C PRO F 218 -52.49 -19.31 -62.05
N ALA F 219 -53.14 -18.48 -61.24
CA ALA F 219 -53.57 -17.19 -61.73
C ALA F 219 -52.37 -16.32 -62.07
N VAL F 220 -52.55 -15.45 -63.05
CA VAL F 220 -51.58 -14.43 -63.39
C VAL F 220 -52.18 -13.07 -63.03
N LEU F 221 -51.36 -12.20 -62.44
CA LEU F 221 -51.79 -10.84 -62.14
C LEU F 221 -51.46 -9.93 -63.33
N GLN F 222 -52.50 -9.32 -63.89
CA GLN F 222 -52.35 -8.42 -65.03
C GLN F 222 -51.99 -7.01 -64.56
N SER F 223 -51.58 -6.16 -65.50
CA SER F 223 -51.20 -4.79 -65.14
C SER F 223 -52.40 -3.99 -64.66
N SER F 224 -53.59 -4.37 -65.13
CA SER F 224 -54.83 -3.71 -64.66
C SER F 224 -54.96 -3.89 -63.14
N GLY F 225 -54.38 -4.97 -62.61
CA GLY F 225 -54.50 -5.26 -61.17
C GLY F 225 -55.54 -6.34 -60.92
N LEU F 226 -55.98 -7.00 -62.00
CA LEU F 226 -57.00 -8.07 -61.88
C LEU F 226 -56.34 -9.41 -62.20
N TYR F 227 -56.95 -10.52 -61.79
CA TYR F 227 -56.33 -11.85 -61.97
C TYR F 227 -57.01 -12.60 -63.10
N SER F 228 -56.24 -13.41 -63.84
CA SER F 228 -56.85 -14.25 -64.86
C SER F 228 -56.24 -15.64 -64.78
N LEU F 229 -57.03 -16.65 -65.09
CA LEU F 229 -56.50 -18.01 -65.21
C LEU F 229 -57.31 -18.78 -66.24
N SER F 230 -56.76 -19.92 -66.66
CA SER F 230 -57.50 -20.84 -67.52
C SER F 230 -57.52 -22.21 -66.87
N SER F 231 -58.55 -22.98 -67.19
CA SER F 231 -58.61 -24.39 -66.83
C SER F 231 -58.85 -25.15 -68.11
N VAL F 232 -58.11 -26.25 -68.32
CA VAL F 232 -58.22 -27.00 -69.56
C VAL F 232 -58.36 -28.47 -69.23
N VAL F 233 -58.90 -29.21 -70.19
CA VAL F 233 -58.99 -30.67 -70.04
C VAL F 233 -58.79 -31.28 -71.42
N THR F 234 -58.09 -32.41 -71.46
CA THR F 234 -57.99 -33.19 -72.69
C THR F 234 -58.95 -34.36 -72.62
N VAL F 235 -59.62 -34.61 -73.74
CA VAL F 235 -60.67 -35.64 -73.85
C VAL F 235 -60.50 -36.34 -75.20
N PRO F 236 -61.06 -37.54 -75.34
CA PRO F 236 -61.03 -38.19 -76.66
C PRO F 236 -61.79 -37.36 -77.67
N SER F 237 -61.19 -37.15 -78.84
CA SER F 237 -61.89 -36.38 -79.87
C SER F 237 -63.21 -37.03 -80.26
N SER F 238 -63.32 -38.36 -80.12
CA SER F 238 -64.57 -39.03 -80.46
C SER F 238 -65.71 -38.67 -79.51
N SER F 239 -65.41 -38.19 -78.30
CA SER F 239 -66.46 -37.83 -77.35
C SER F 239 -67.00 -36.42 -77.58
N LEU F 240 -66.46 -35.66 -78.53
CA LEU F 240 -66.85 -34.26 -78.68
C LEU F 240 -68.32 -34.14 -79.11
N GLY F 241 -68.84 -35.10 -79.85
CA GLY F 241 -70.23 -35.03 -80.25
C GLY F 241 -71.20 -35.57 -79.21
N THR F 242 -70.73 -36.50 -78.37
CA THR F 242 -71.61 -37.29 -77.53
C THR F 242 -71.63 -36.85 -76.07
N GLN F 243 -70.56 -36.22 -75.58
CA GLN F 243 -70.42 -35.91 -74.16
C GLN F 243 -70.44 -34.40 -73.94
N THR F 244 -71.17 -33.96 -72.92
CA THR F 244 -71.22 -32.56 -72.55
C THR F 244 -70.09 -32.23 -71.58
N TYR F 245 -69.47 -31.06 -71.80
CA TYR F 245 -68.38 -30.57 -70.96
C TYR F 245 -68.73 -29.19 -70.43
N ILE F 246 -68.85 -29.07 -69.12
CA ILE F 246 -69.24 -27.83 -68.46
C ILE F 246 -68.20 -27.48 -67.41
N CYS F 247 -67.68 -26.26 -67.46
CA CYS F 247 -66.75 -25.83 -66.42
C CYS F 247 -67.54 -25.05 -65.38
N ASN F 248 -67.33 -25.40 -64.10
CA ASN F 248 -68.02 -24.79 -62.98
C ASN F 248 -67.05 -23.83 -62.28
N VAL F 249 -67.35 -22.54 -62.31
CA VAL F 249 -66.46 -21.52 -61.78
C VAL F 249 -67.12 -20.87 -60.58
N ASN F 250 -66.36 -20.71 -59.49
CA ASN F 250 -66.87 -20.06 -58.29
C ASN F 250 -65.87 -19.02 -57.82
N HIS F 251 -66.34 -17.79 -57.56
CA HIS F 251 -65.51 -16.73 -56.98
C HIS F 251 -66.32 -16.18 -55.82
N LYS F 252 -65.98 -16.59 -54.60
CA LYS F 252 -66.82 -16.23 -53.45
C LYS F 252 -66.91 -14.72 -53.19
N PRO F 253 -65.85 -13.92 -53.31
CA PRO F 253 -65.98 -12.48 -53.01
C PRO F 253 -67.04 -11.76 -53.83
N SER F 254 -67.42 -12.27 -54.99
CA SER F 254 -68.46 -11.67 -55.81
C SER F 254 -69.70 -12.54 -55.88
N ASN F 255 -69.74 -13.65 -55.16
CA ASN F 255 -70.73 -14.72 -55.33
C ASN F 255 -70.97 -15.01 -56.80
N THR F 256 -69.87 -15.14 -57.55
CA THR F 256 -69.97 -15.57 -58.93
C THR F 256 -70.03 -17.08 -58.97
N LYS F 257 -71.09 -17.61 -59.57
CA LYS F 257 -71.27 -19.04 -59.79
C LYS F 257 -71.71 -19.22 -61.24
N VAL F 258 -70.83 -19.78 -62.07
CA VAL F 258 -71.05 -19.87 -63.51
C VAL F 258 -70.85 -21.32 -63.92
N ASP F 259 -71.77 -21.85 -64.72
CA ASP F 259 -71.60 -23.15 -65.34
C ASP F 259 -71.60 -22.92 -66.85
N LYS F 260 -70.43 -23.01 -67.47
CA LYS F 260 -70.25 -22.66 -68.87
C LYS F 260 -70.10 -23.95 -69.67
N LYS F 261 -71.06 -24.23 -70.56
CA LYS F 261 -70.94 -25.37 -71.45
C LYS F 261 -69.96 -25.05 -72.56
N VAL F 262 -68.98 -25.92 -72.79
CA VAL F 262 -67.95 -25.69 -73.81
C VAL F 262 -68.14 -26.74 -74.91
N GLU F 263 -68.32 -26.29 -76.14
CA GLU F 263 -68.58 -27.20 -77.25
C GLU F 263 -67.92 -26.66 -78.51
N PRO F 264 -67.72 -27.51 -79.54
CA PRO F 264 -67.03 -27.04 -80.76
C PRO F 264 -67.79 -26.00 -81.58
N ASP G 20 -26.00 -9.04 -43.30
CA ASP G 20 -24.61 -8.68 -43.66
C ASP G 20 -23.92 -9.82 -44.39
N ILE G 21 -24.21 -11.05 -43.97
CA ILE G 21 -23.66 -12.25 -44.59
C ILE G 21 -24.64 -12.73 -45.66
N VAL G 22 -24.15 -12.85 -46.88
CA VAL G 22 -24.97 -13.30 -48.01
C VAL G 22 -24.77 -14.80 -48.19
N MET G 23 -25.87 -15.52 -48.37
CA MET G 23 -25.89 -16.96 -48.52
C MET G 23 -26.37 -17.30 -49.93
N THR G 24 -25.60 -18.13 -50.63
CA THR G 24 -25.88 -18.51 -52.02
C THR G 24 -25.98 -20.01 -52.12
N GLN G 25 -27.10 -20.50 -52.64
CA GLN G 25 -27.31 -21.93 -52.86
C GLN G 25 -27.02 -22.23 -54.33
N SER G 26 -26.09 -23.14 -54.56
CA SER G 26 -25.46 -23.30 -55.88
C SER G 26 -26.32 -24.07 -56.89
N PRO G 27 -26.86 -25.26 -56.57
CA PRO G 27 -27.53 -26.04 -57.62
C PRO G 27 -28.73 -25.35 -58.25
N GLY G 28 -29.48 -24.56 -57.49
CA GLY G 28 -30.63 -23.86 -58.03
C GLY G 28 -31.82 -24.78 -58.23
N THR G 29 -31.69 -25.74 -59.14
CA THR G 29 -32.69 -26.77 -59.36
C THR G 29 -31.97 -28.10 -59.56
N LEU G 30 -32.45 -29.15 -58.91
CA LEU G 30 -31.86 -30.49 -58.97
C LEU G 30 -32.93 -31.47 -59.45
N SER G 31 -32.87 -31.84 -60.72
CA SER G 31 -33.74 -32.86 -61.28
C SER G 31 -33.07 -34.21 -61.11
N LEU G 32 -33.61 -35.03 -60.22
CA LEU G 32 -33.04 -36.33 -59.90
C LEU G 32 -34.16 -37.36 -59.78
N SER G 33 -33.83 -38.60 -60.09
CA SER G 33 -34.81 -39.67 -60.04
C SER G 33 -35.02 -40.14 -58.61
N PRO G 34 -36.16 -40.79 -58.31
CA PRO G 34 -36.28 -41.44 -57.00
C PRO G 34 -35.23 -42.53 -56.83
N GLY G 35 -34.77 -42.68 -55.59
CA GLY G 35 -33.73 -43.64 -55.27
C GLY G 35 -32.32 -43.16 -55.51
N GLU G 36 -32.13 -41.95 -56.03
CA GLU G 36 -30.81 -41.41 -56.31
C GLU G 36 -30.30 -40.63 -55.09
N ARG G 37 -29.07 -40.14 -55.18
CA ARG G 37 -28.42 -39.39 -54.13
C ARG G 37 -28.38 -37.92 -54.52
N ALA G 38 -28.84 -37.05 -53.63
CA ALA G 38 -28.90 -35.61 -53.86
C ALA G 38 -27.88 -34.90 -53.00
N THR G 39 -27.22 -33.90 -53.59
CA THR G 39 -26.22 -33.08 -52.91
C THR G 39 -26.52 -31.62 -53.16
N LEU G 40 -26.83 -30.88 -52.09
CA LEU G 40 -27.20 -29.47 -52.15
C LEU G 40 -26.10 -28.66 -51.47
N SER G 41 -25.69 -27.57 -52.10
CA SER G 41 -24.56 -26.76 -51.63
C SER G 41 -25.05 -25.39 -51.18
N CYS G 42 -24.43 -24.87 -50.12
CA CYS G 42 -24.67 -23.53 -49.62
C CYS G 42 -23.33 -22.88 -49.37
N ARG G 43 -23.18 -21.64 -49.82
CA ARG G 43 -21.92 -20.90 -49.80
C ARG G 43 -22.15 -19.59 -49.06
N ALA G 44 -21.26 -19.27 -48.13
CA ALA G 44 -21.32 -18.04 -47.36
C ALA G 44 -20.29 -17.06 -47.88
N SER G 45 -20.68 -15.78 -47.94
CA SER G 45 -19.75 -14.73 -48.31
C SER G 45 -18.73 -14.43 -47.21
N GLN G 46 -18.92 -14.98 -46.02
CA GLN G 46 -18.06 -14.72 -44.88
C GLN G 46 -18.09 -15.97 -43.99
N HIS G 47 -17.05 -16.10 -43.17
CA HIS G 47 -16.93 -17.26 -42.29
C HIS G 47 -18.14 -17.37 -41.38
N VAL G 48 -18.73 -18.56 -41.34
CA VAL G 48 -19.89 -18.84 -40.48
C VAL G 48 -19.33 -19.34 -39.14
N THR G 49 -19.45 -18.50 -38.11
CA THR G 49 -18.82 -18.78 -36.84
C THR G 49 -19.49 -19.97 -36.16
N GLY G 50 -18.68 -20.90 -35.65
CA GLY G 50 -19.17 -22.02 -34.89
C GLY G 50 -19.92 -23.06 -35.69
N ASN G 51 -19.84 -23.03 -37.02
CA ASN G 51 -20.61 -23.91 -37.89
C ASN G 51 -22.11 -23.78 -37.61
N CYS G 52 -22.55 -22.55 -37.36
CA CYS G 52 -23.94 -22.28 -37.03
C CYS G 52 -24.73 -22.13 -38.32
N LEU G 53 -25.12 -23.28 -38.88
CA LEU G 53 -25.87 -23.34 -40.12
C LEU G 53 -27.05 -24.29 -39.94
N ALA G 54 -28.21 -23.87 -40.43
CA ALA G 54 -29.44 -24.65 -40.38
C ALA G 54 -29.94 -24.92 -41.80
N TRP G 55 -30.52 -26.11 -41.99
CA TRP G 55 -31.16 -26.49 -43.24
C TRP G 55 -32.63 -26.75 -42.97
N TYR G 56 -33.49 -26.19 -43.82
CA TYR G 56 -34.94 -26.29 -43.73
C TYR G 56 -35.50 -26.92 -45.00
N GLN G 57 -36.61 -27.64 -44.83
CA GLN G 57 -37.39 -28.19 -45.93
C GLN G 57 -38.74 -27.50 -45.98
N GLN G 58 -39.20 -27.20 -47.20
CA GLN G 58 -40.49 -26.54 -47.41
C GLN G 58 -41.20 -27.23 -48.56
N LYS G 59 -42.31 -27.89 -48.25
CA LYS G 59 -43.22 -28.47 -49.23
C LYS G 59 -44.23 -27.42 -49.66
N PRO G 60 -44.93 -27.62 -50.78
CA PRO G 60 -45.93 -26.64 -51.21
C PRO G 60 -47.04 -26.47 -50.18
N ASP G 61 -47.48 -25.22 -50.03
CA ASP G 61 -48.57 -24.87 -49.11
C ASP G 61 -48.27 -25.33 -47.68
N GLN G 62 -47.01 -25.17 -47.27
CA GLN G 62 -46.60 -25.53 -45.93
C GLN G 62 -45.48 -24.58 -45.49
N ALA G 63 -45.33 -24.43 -44.19
CA ALA G 63 -44.25 -23.64 -43.65
C ALA G 63 -42.94 -24.42 -43.74
N PRO G 64 -41.79 -23.74 -43.73
CA PRO G 64 -40.52 -24.46 -43.67
C PRO G 64 -40.40 -25.30 -42.41
N ARG G 65 -39.80 -26.48 -42.54
CA ARG G 65 -39.57 -27.40 -41.43
C ARG G 65 -38.08 -27.54 -41.24
N LEU G 66 -37.63 -27.41 -39.99
CA LEU G 66 -36.21 -27.53 -39.68
C LEU G 66 -35.75 -28.97 -39.90
N LEU G 67 -34.75 -29.15 -40.75
CA LEU G 67 -34.13 -30.46 -41.00
C LEU G 67 -32.84 -30.64 -40.22
N ILE G 68 -31.92 -29.69 -40.35
CA ILE G 68 -30.59 -29.79 -39.73
C ILE G 68 -30.31 -28.48 -39.02
N TYR G 69 -29.57 -28.57 -37.92
CA TYR G 69 -29.03 -27.39 -37.26
C TYR G 69 -27.61 -27.69 -36.78
N ASP G 70 -26.85 -26.62 -36.55
CA ASP G 70 -25.41 -26.70 -36.26
C ASP G 70 -24.63 -27.37 -37.39
N ALA G 71 -25.19 -27.36 -38.60
CA ALA G 71 -24.56 -27.85 -39.83
C ALA G 71 -24.45 -29.37 -39.94
N SER G 72 -24.67 -30.11 -38.85
CA SER G 72 -24.61 -31.57 -38.89
C SER G 72 -25.67 -32.28 -38.05
N THR G 73 -26.37 -31.60 -37.15
CA THR G 73 -27.25 -32.27 -36.20
C THR G 73 -28.66 -32.38 -36.76
N ARG G 74 -29.15 -33.60 -36.85
CA ARG G 74 -30.51 -33.82 -37.33
C ARG G 74 -31.52 -33.33 -36.30
N ALA G 75 -32.60 -32.72 -36.79
CA ALA G 75 -33.70 -32.32 -35.93
C ALA G 75 -34.55 -33.54 -35.57
N THR G 76 -35.40 -33.37 -34.56
CA THR G 76 -36.25 -34.47 -34.11
C THR G 76 -37.23 -34.88 -35.20
N GLY G 77 -37.35 -36.19 -35.40
CA GLY G 77 -38.22 -36.72 -36.42
C GLY G 77 -37.67 -36.66 -37.83
N VAL G 78 -36.40 -36.35 -38.01
CA VAL G 78 -35.78 -36.26 -39.32
C VAL G 78 -35.16 -37.62 -39.63
N PRO G 79 -35.49 -38.27 -40.75
CA PRO G 79 -34.93 -39.59 -41.02
C PRO G 79 -33.42 -39.53 -41.23
N ASP G 80 -32.80 -40.70 -41.17
CA ASP G 80 -31.34 -40.84 -41.32
C ASP G 80 -30.85 -40.53 -42.73
N ARG G 81 -31.74 -40.38 -43.70
CA ARG G 81 -31.31 -40.12 -45.07
C ARG G 81 -30.67 -38.75 -45.21
N PHE G 82 -31.13 -37.78 -44.41
CA PHE G 82 -30.60 -36.42 -44.47
C PHE G 82 -29.35 -36.32 -43.60
N SER G 83 -28.28 -35.73 -44.16
CA SER G 83 -27.05 -35.53 -43.42
C SER G 83 -26.43 -34.20 -43.82
N GLY G 84 -25.98 -33.44 -42.82
CA GLY G 84 -25.35 -32.15 -43.04
C GLY G 84 -23.85 -32.25 -42.81
N SER G 85 -23.09 -31.44 -43.55
CA SER G 85 -21.64 -31.42 -43.39
C SER G 85 -21.12 -30.08 -43.90
N GLY G 86 -19.82 -29.88 -43.71
CA GLY G 86 -19.14 -28.69 -44.17
C GLY G 86 -18.75 -27.78 -43.02
N SER G 87 -18.10 -26.68 -43.38
CA SER G 87 -17.57 -25.74 -42.40
C SER G 87 -17.15 -24.46 -43.10
N ARG G 88 -16.77 -23.48 -42.29
CA ARG G 88 -16.21 -22.21 -42.75
C ARG G 88 -17.18 -21.46 -43.65
N THR G 89 -17.08 -21.62 -44.98
CA THR G 89 -17.96 -20.94 -45.93
C THR G 89 -18.60 -21.91 -46.91
N ASP G 90 -18.44 -23.23 -46.72
CA ASP G 90 -18.93 -24.23 -47.65
C ASP G 90 -19.69 -25.28 -46.85
N PHE G 91 -20.98 -25.44 -47.13
CA PHE G 91 -21.82 -26.37 -46.40
C PHE G 91 -22.64 -27.20 -47.38
N THR G 92 -22.94 -28.43 -46.98
CA THR G 92 -23.56 -29.41 -47.85
C THR G 92 -24.66 -30.15 -47.11
N LEU G 93 -25.78 -30.36 -47.80
CA LEU G 93 -26.85 -31.24 -47.35
C LEU G 93 -26.94 -32.41 -48.33
N THR G 94 -26.86 -33.63 -47.81
CA THR G 94 -26.84 -34.84 -48.61
C THR G 94 -28.05 -35.70 -48.26
N ILE G 95 -28.79 -36.10 -49.29
CA ILE G 95 -29.88 -37.07 -49.16
C ILE G 95 -29.40 -38.34 -49.83
N SER G 96 -29.23 -39.40 -49.03
CA SER G 96 -28.64 -40.63 -49.55
C SER G 96 -29.54 -41.29 -50.58
N ARG G 97 -30.76 -41.66 -50.18
CA ARG G 97 -31.75 -42.26 -51.06
C ARG G 97 -32.96 -41.33 -51.11
N LEU G 98 -33.34 -40.93 -52.32
CA LEU G 98 -34.46 -40.00 -52.49
C LEU G 98 -35.78 -40.75 -52.52
N GLU G 99 -36.72 -40.32 -51.71
CA GLU G 99 -38.09 -40.81 -51.69
C GLU G 99 -39.03 -39.80 -52.34
N PRO G 100 -40.26 -40.21 -52.67
CA PRO G 100 -41.20 -39.24 -53.27
C PRO G 100 -41.51 -38.05 -52.37
N GLU G 101 -41.48 -38.23 -51.06
CA GLU G 101 -41.79 -37.13 -50.14
C GLU G 101 -40.63 -36.16 -49.95
N ASP G 102 -39.45 -36.45 -50.47
CA ASP G 102 -38.27 -35.61 -50.28
C ASP G 102 -38.13 -34.54 -51.35
N PHE G 103 -39.04 -34.46 -52.31
CA PHE G 103 -38.96 -33.48 -53.40
C PHE G 103 -39.64 -32.20 -52.92
N ALA G 104 -38.82 -31.25 -52.47
CA ALA G 104 -39.31 -30.01 -51.85
C ALA G 104 -38.30 -28.92 -52.13
N VAL G 105 -38.47 -27.76 -51.50
CA VAL G 105 -37.53 -26.65 -51.59
C VAL G 105 -36.71 -26.62 -50.31
N TYR G 106 -35.38 -26.58 -50.45
CA TYR G 106 -34.47 -26.64 -49.33
C TYR G 106 -33.75 -25.31 -49.18
N HIS G 107 -33.73 -24.78 -47.95
CA HIS G 107 -33.12 -23.50 -47.64
C HIS G 107 -32.00 -23.70 -46.62
N CYS G 108 -30.98 -22.85 -46.71
CA CYS G 108 -29.93 -22.76 -45.70
C CYS G 108 -30.01 -21.41 -45.01
N GLN G 109 -29.58 -21.39 -43.74
CA GLN G 109 -29.64 -20.20 -42.90
C GLN G 109 -28.44 -20.18 -41.99
N GLN G 110 -27.93 -18.97 -41.70
CA GLN G 110 -26.80 -18.78 -40.79
C GLN G 110 -27.27 -18.00 -39.56
N TYR G 111 -26.74 -18.38 -38.39
CA TYR G 111 -27.10 -17.72 -37.14
C TYR G 111 -25.91 -17.58 -36.19
N GLY G 112 -24.68 -17.60 -36.69
CA GLY G 112 -23.50 -17.60 -35.86
C GLY G 112 -22.82 -16.28 -35.62
N ASP G 113 -23.28 -15.20 -36.24
CA ASP G 113 -22.55 -13.93 -36.25
C ASP G 113 -23.51 -12.76 -36.00
N SER G 114 -24.39 -12.92 -35.01
CA SER G 114 -25.33 -11.88 -34.55
C SER G 114 -26.36 -11.56 -35.64
N PRO G 115 -27.46 -10.89 -35.32
CA PRO G 115 -28.41 -10.51 -36.37
C PRO G 115 -27.78 -9.49 -37.31
N PRO G 116 -28.34 -9.31 -38.52
CA PRO G 116 -29.55 -9.93 -39.08
C PRO G 116 -29.35 -11.38 -39.53
N TRP G 117 -30.37 -12.20 -39.37
CA TRP G 117 -30.33 -13.59 -39.80
C TRP G 117 -30.75 -13.66 -41.26
N THR G 118 -29.95 -14.34 -42.08
CA THR G 118 -30.15 -14.39 -43.52
C THR G 118 -30.29 -15.84 -43.98
N PHE G 119 -31.11 -16.03 -45.00
CA PHE G 119 -31.33 -17.31 -45.65
C PHE G 119 -30.68 -17.32 -47.02
N GLY G 120 -30.55 -18.52 -47.58
CA GLY G 120 -30.26 -18.64 -49.00
C GLY G 120 -31.52 -18.49 -49.82
N GLN G 121 -31.35 -18.44 -51.14
CA GLN G 121 -32.49 -18.25 -52.03
C GLN G 121 -33.32 -19.52 -52.21
N GLY G 122 -32.84 -20.66 -51.75
CA GLY G 122 -33.57 -21.91 -51.86
C GLY G 122 -33.14 -22.72 -53.07
N THR G 123 -33.24 -24.04 -52.94
CA THR G 123 -32.94 -24.97 -54.01
C THR G 123 -34.06 -26.00 -54.09
N LYS G 124 -34.74 -26.05 -55.24
CA LYS G 124 -35.84 -26.97 -55.45
C LYS G 124 -35.28 -28.28 -56.00
N VAL G 125 -35.75 -29.39 -55.44
CA VAL G 125 -35.37 -30.74 -55.87
C VAL G 125 -36.56 -31.30 -56.64
N GLU G 126 -36.43 -31.39 -57.98
CA GLU G 126 -37.55 -31.90 -58.83
C GLU G 126 -37.38 -33.39 -59.10
N ILE G 127 -38.45 -34.05 -59.57
CA ILE G 127 -38.35 -35.49 -59.96
C ILE G 127 -37.91 -35.53 -61.43
N LYS G 128 -37.08 -36.52 -61.77
CA LYS G 128 -36.59 -36.65 -63.17
C LYS G 128 -37.38 -37.76 -63.87
N ARG G 129 -37.88 -37.49 -65.08
CA ARG G 129 -38.63 -38.51 -65.85
C ARG G 129 -38.12 -38.54 -67.29
N THR G 130 -38.59 -39.51 -68.08
CA THR G 130 -38.19 -39.58 -69.51
C THR G 130 -38.64 -38.29 -70.22
N VAL G 131 -37.75 -37.71 -71.03
CA VAL G 131 -38.09 -36.46 -71.78
C VAL G 131 -39.37 -36.71 -72.57
N ALA G 132 -40.34 -35.80 -72.47
CA ALA G 132 -41.63 -35.95 -73.19
C ALA G 132 -41.96 -34.62 -73.87
N ALA G 133 -42.48 -34.67 -75.10
CA ALA G 133 -42.74 -33.42 -75.85
C ALA G 133 -44.13 -32.89 -75.52
N PRO G 134 -44.37 -31.58 -75.59
CA PRO G 134 -45.72 -31.03 -75.36
C PRO G 134 -46.63 -31.32 -76.53
N SER G 135 -47.90 -31.53 -76.22
CA SER G 135 -48.96 -31.45 -77.21
C SER G 135 -49.48 -30.01 -77.20
N VAL G 136 -49.55 -29.39 -78.37
CA VAL G 136 -49.81 -27.97 -78.49
C VAL G 136 -51.21 -27.75 -79.04
N PHE G 137 -51.94 -26.80 -78.45
CA PHE G 137 -53.28 -26.43 -78.90
C PHE G 137 -53.41 -24.91 -78.91
N ILE G 138 -54.10 -24.36 -79.90
CA ILE G 138 -54.39 -22.93 -79.93
C ILE G 138 -55.92 -22.71 -79.89
N PHE G 139 -56.32 -21.63 -79.22
CA PHE G 139 -57.73 -21.31 -78.98
C PHE G 139 -57.98 -19.87 -79.37
N PRO G 140 -58.87 -19.61 -80.32
CA PRO G 140 -59.21 -18.23 -80.67
C PRO G 140 -60.07 -17.60 -79.60
N PRO G 141 -60.20 -16.28 -79.60
CA PRO G 141 -61.15 -15.63 -78.69
C PRO G 141 -62.58 -16.04 -78.99
N SER G 142 -63.37 -16.16 -77.94
CA SER G 142 -64.78 -16.51 -78.07
C SER G 142 -65.56 -15.30 -78.58
N ASP G 143 -66.70 -15.57 -79.24
CA ASP G 143 -67.58 -14.47 -79.61
C ASP G 143 -68.03 -13.71 -78.36
N GLU G 144 -68.24 -14.43 -77.26
CA GLU G 144 -68.67 -13.79 -76.02
C GLU G 144 -67.64 -12.75 -75.55
N GLN G 145 -66.35 -13.10 -75.59
CA GLN G 145 -65.34 -12.13 -75.19
C GLN G 145 -65.28 -10.95 -76.15
N LEU G 146 -65.37 -11.21 -77.46
CA LEU G 146 -65.29 -10.12 -78.44
C LEU G 146 -66.41 -9.12 -78.24
N LYS G 147 -67.57 -9.61 -77.78
CA LYS G 147 -68.69 -8.73 -77.48
C LYS G 147 -68.32 -7.66 -76.46
N SER G 148 -67.35 -7.94 -75.59
CA SER G 148 -66.95 -6.97 -74.57
C SER G 148 -65.75 -6.12 -74.97
N GLY G 149 -65.20 -6.33 -76.17
CA GLY G 149 -64.17 -5.44 -76.69
C GLY G 149 -62.75 -5.91 -76.55
N THR G 150 -62.50 -7.08 -75.97
CA THR G 150 -61.15 -7.60 -75.86
C THR G 150 -61.05 -8.97 -76.54
N ALA G 151 -59.84 -9.37 -76.87
CA ALA G 151 -59.60 -10.65 -77.49
C ALA G 151 -58.40 -11.30 -76.81
N SER G 152 -58.60 -12.50 -76.26
CA SER G 152 -57.51 -13.28 -75.70
C SER G 152 -57.31 -14.51 -76.56
N VAL G 153 -56.07 -14.77 -76.95
CA VAL G 153 -55.71 -15.97 -77.72
C VAL G 153 -54.87 -16.84 -76.81
N VAL G 154 -55.22 -18.11 -76.68
CA VAL G 154 -54.56 -18.98 -75.70
C VAL G 154 -53.83 -20.10 -76.44
N CYS G 155 -52.57 -20.31 -76.06
CA CYS G 155 -51.74 -21.41 -76.55
C CYS G 155 -51.46 -22.34 -75.37
N LEU G 156 -51.80 -23.61 -75.52
CA LEU G 156 -51.64 -24.61 -74.46
C LEU G 156 -50.53 -25.58 -74.87
N LEU G 157 -49.57 -25.79 -73.97
CA LEU G 157 -48.55 -26.82 -74.11
C LEU G 157 -48.86 -27.85 -73.03
N ASN G 158 -49.28 -29.04 -73.43
CA ASN G 158 -49.79 -30.00 -72.46
C ASN G 158 -48.83 -31.16 -72.23
N ASN G 159 -48.59 -31.48 -70.96
CA ASN G 159 -48.00 -32.74 -70.51
C ASN G 159 -46.59 -32.95 -71.08
N PHE G 160 -45.69 -32.02 -70.77
CA PHE G 160 -44.30 -32.09 -71.31
C PHE G 160 -43.26 -32.21 -70.20
N TYR G 161 -42.00 -32.48 -70.57
CA TYR G 161 -40.88 -32.56 -69.59
C TYR G 161 -39.57 -32.67 -70.38
N PRO G 162 -38.57 -31.80 -70.14
CA PRO G 162 -38.45 -31.09 -68.88
C PRO G 162 -39.23 -29.77 -68.91
N ARG G 163 -39.10 -28.97 -67.87
CA ARG G 163 -39.87 -27.73 -67.78
C ARG G 163 -39.49 -26.71 -68.83
N GLU G 164 -38.26 -26.75 -69.35
CA GLU G 164 -37.77 -25.70 -70.24
C GLU G 164 -38.50 -25.78 -71.57
N ALA G 165 -39.13 -24.67 -71.95
CA ALA G 165 -39.86 -24.59 -73.21
C ALA G 165 -39.95 -23.12 -73.59
N LYS G 166 -40.10 -22.88 -74.88
CA LYS G 166 -40.20 -21.53 -75.40
C LYS G 166 -41.45 -21.44 -76.26
N VAL G 167 -42.23 -20.38 -76.04
CA VAL G 167 -43.41 -20.10 -76.84
C VAL G 167 -43.24 -18.71 -77.44
N GLN G 168 -43.48 -18.61 -78.74
CA GLN G 168 -43.48 -17.33 -79.44
C GLN G 168 -44.79 -17.14 -80.17
N TRP G 169 -45.34 -15.94 -80.11
CA TRP G 169 -46.54 -15.58 -80.84
C TRP G 169 -46.17 -14.85 -82.13
N LYS G 170 -46.83 -15.23 -83.21
CA LYS G 170 -46.68 -14.55 -84.49
C LYS G 170 -48.07 -14.15 -84.95
N VAL G 171 -48.21 -12.91 -85.42
CA VAL G 171 -49.46 -12.43 -85.97
C VAL G 171 -49.16 -12.01 -87.40
N ASP G 172 -49.68 -12.78 -88.37
CA ASP G 172 -49.32 -12.64 -89.78
C ASP G 172 -47.80 -12.69 -89.98
N ASN G 173 -47.19 -13.71 -89.36
CA ASN G 173 -45.75 -14.00 -89.42
C ASN G 173 -44.90 -12.87 -88.85
N ALA G 174 -45.46 -12.06 -87.96
CA ALA G 174 -44.75 -10.97 -87.28
C ALA G 174 -44.65 -11.29 -85.79
N LEU G 175 -43.42 -11.42 -85.28
CA LEU G 175 -43.21 -11.82 -83.89
C LEU G 175 -43.78 -10.78 -82.92
N GLN G 176 -44.56 -11.24 -81.94
CA GLN G 176 -45.12 -10.37 -80.91
C GLN G 176 -44.19 -10.29 -79.71
N SER G 177 -44.30 -9.17 -78.99
CA SER G 177 -43.53 -8.94 -77.78
C SER G 177 -44.30 -8.03 -76.84
N GLY G 178 -44.30 -8.37 -75.56
CA GLY G 178 -44.85 -7.52 -74.51
C GLY G 178 -46.31 -7.73 -74.20
N ASN G 179 -47.05 -8.49 -75.01
CA ASN G 179 -48.50 -8.57 -74.88
C ASN G 179 -48.99 -9.97 -74.55
N SER G 180 -48.15 -10.83 -73.97
CA SER G 180 -48.52 -12.17 -73.57
C SER G 180 -48.02 -12.47 -72.15
N GLN G 181 -48.72 -13.40 -71.49
CA GLN G 181 -48.35 -13.84 -70.14
C GLN G 181 -48.45 -15.36 -70.07
N GLU G 182 -47.52 -15.97 -69.32
CA GLU G 182 -47.43 -17.42 -69.19
C GLU G 182 -47.79 -17.87 -67.78
N SER G 183 -48.34 -19.08 -67.69
CA SER G 183 -48.57 -19.74 -66.42
C SER G 183 -48.21 -21.21 -66.57
N VAL G 184 -47.63 -21.79 -65.53
CA VAL G 184 -47.17 -23.18 -65.58
C VAL G 184 -47.71 -23.89 -64.36
N THR G 185 -48.17 -25.12 -64.55
CA THR G 185 -48.61 -25.94 -63.43
C THR G 185 -47.42 -26.50 -62.66
N GLU G 186 -47.68 -27.16 -61.53
CA GLU G 186 -46.55 -27.86 -60.84
C GLU G 186 -46.31 -29.19 -61.56
N GLN G 187 -45.40 -30.03 -61.06
CA GLN G 187 -45.23 -31.37 -61.69
C GLN G 187 -46.42 -32.24 -61.30
N ASP G 188 -46.98 -32.98 -62.25
CA ASP G 188 -48.19 -33.80 -61.99
C ASP G 188 -47.87 -34.85 -60.91
N SER G 189 -48.86 -35.20 -60.09
CA SER G 189 -48.64 -36.16 -58.99
C SER G 189 -48.24 -37.54 -59.53
N LYS G 190 -48.72 -37.88 -60.73
CA LYS G 190 -48.46 -39.24 -61.27
C LYS G 190 -47.41 -39.18 -62.38
N ASP G 191 -47.79 -38.71 -63.57
CA ASP G 191 -46.81 -38.73 -64.70
C ASP G 191 -45.60 -37.88 -64.36
N SER G 192 -45.79 -36.84 -63.53
CA SER G 192 -44.68 -35.95 -63.11
C SER G 192 -44.25 -35.07 -64.29
N THR G 193 -45.22 -34.50 -65.01
CA THR G 193 -44.87 -33.61 -66.15
C THR G 193 -45.46 -32.22 -65.89
N TYR G 194 -45.32 -31.31 -66.85
CA TYR G 194 -45.80 -29.92 -66.64
C TYR G 194 -46.65 -29.44 -67.82
N SER G 195 -47.63 -28.57 -67.56
CA SER G 195 -48.37 -27.94 -68.64
C SER G 195 -48.22 -26.44 -68.52
N LEU G 196 -48.35 -25.76 -69.65
CA LEU G 196 -48.10 -24.32 -69.69
C LEU G 196 -49.12 -23.66 -70.59
N SER G 197 -49.59 -22.48 -70.17
CA SER G 197 -50.47 -21.67 -71.01
C SER G 197 -49.76 -20.36 -71.32
N SER G 198 -49.92 -19.89 -72.55
CA SER G 198 -49.50 -18.56 -72.91
C SER G 198 -50.74 -17.86 -73.46
N THR G 199 -51.01 -16.67 -72.97
CA THR G 199 -52.20 -15.92 -73.35
C THR G 199 -51.79 -14.59 -73.94
N LEU G 200 -52.21 -14.35 -75.18
CA LEU G 200 -51.94 -13.11 -75.91
C LEU G 200 -53.18 -12.24 -75.81
N THR G 201 -53.03 -11.02 -75.30
CA THR G 201 -54.17 -10.12 -75.12
C THR G 201 -54.05 -8.96 -76.09
N LEU G 202 -55.09 -8.75 -76.90
CA LEU G 202 -55.16 -7.65 -77.84
C LEU G 202 -56.50 -6.94 -77.69
N SER G 203 -56.54 -5.65 -78.04
CA SER G 203 -57.83 -5.02 -78.20
C SER G 203 -58.59 -5.70 -79.33
N LYS G 204 -59.92 -5.67 -79.24
CA LYS G 204 -60.74 -6.18 -80.33
C LYS G 204 -60.38 -5.51 -81.65
N ALA G 205 -60.16 -4.19 -81.61
CA ALA G 205 -59.80 -3.47 -82.83
C ALA G 205 -58.48 -3.95 -83.41
N ASP G 206 -57.47 -4.19 -82.55
CA ASP G 206 -56.21 -4.73 -83.06
C ASP G 206 -56.38 -6.15 -83.57
N TYR G 207 -57.18 -6.96 -82.89
CA TYR G 207 -57.40 -8.33 -83.33
C TYR G 207 -57.95 -8.39 -84.75
N GLU G 208 -58.88 -7.47 -85.10
CA GLU G 208 -59.48 -7.46 -86.43
C GLU G 208 -58.54 -6.92 -87.51
N LYS G 209 -57.42 -6.32 -87.14
CA LYS G 209 -56.46 -5.83 -88.13
C LYS G 209 -55.60 -6.92 -88.72
N HIS G 210 -55.72 -8.16 -88.26
CA HIS G 210 -54.83 -9.22 -88.70
C HIS G 210 -55.62 -10.49 -88.93
N LYS G 211 -55.03 -11.40 -89.70
CA LYS G 211 -55.70 -12.61 -90.14
C LYS G 211 -55.22 -13.85 -89.42
N VAL G 212 -53.91 -14.10 -89.42
CA VAL G 212 -53.35 -15.37 -88.96
C VAL G 212 -52.72 -15.18 -87.59
N TYR G 213 -53.14 -16.03 -86.64
CA TYR G 213 -52.60 -16.03 -85.28
C TYR G 213 -51.95 -17.37 -85.04
N ALA G 214 -50.70 -17.33 -84.55
CA ALA G 214 -49.91 -18.54 -84.45
C ALA G 214 -49.07 -18.54 -83.19
N CYS G 215 -48.96 -19.69 -82.55
CA CYS G 215 -47.95 -19.86 -81.52
C CYS G 215 -46.97 -20.93 -81.98
N GLU G 216 -45.69 -20.67 -81.78
CA GLU G 216 -44.63 -21.57 -82.16
C GLU G 216 -43.90 -22.02 -80.91
N VAL G 217 -43.73 -23.33 -80.78
CA VAL G 217 -43.29 -23.94 -79.53
C VAL G 217 -41.99 -24.68 -79.79
N THR G 218 -41.00 -24.44 -78.94
CA THR G 218 -39.75 -25.20 -78.98
C THR G 218 -39.54 -25.91 -77.65
N HIS G 219 -39.07 -27.15 -77.74
CA HIS G 219 -38.89 -28.02 -76.58
C HIS G 219 -37.94 -29.12 -77.01
N GLN G 220 -37.14 -29.61 -76.07
CA GLN G 220 -36.11 -30.58 -76.47
C GLN G 220 -36.70 -31.90 -76.93
N GLY G 221 -37.97 -32.20 -76.63
CA GLY G 221 -38.62 -33.38 -77.14
C GLY G 221 -39.17 -33.23 -78.53
N LEU G 222 -39.10 -32.05 -79.10
CA LEU G 222 -39.59 -31.79 -80.45
C LEU G 222 -38.41 -31.78 -81.42
N SER G 223 -38.52 -32.55 -82.51
CA SER G 223 -37.46 -32.56 -83.50
C SER G 223 -37.29 -31.20 -84.17
N SER G 224 -38.37 -30.43 -84.26
CA SER G 224 -38.33 -29.08 -84.80
C SER G 224 -39.51 -28.32 -84.20
N PRO G 225 -39.48 -26.98 -84.24
CA PRO G 225 -40.56 -26.22 -83.60
C PRO G 225 -41.92 -26.58 -84.17
N VAL G 226 -42.92 -26.55 -83.30
CA VAL G 226 -44.30 -26.87 -83.65
C VAL G 226 -45.09 -25.57 -83.70
N THR G 227 -45.82 -25.35 -84.79
CA THR G 227 -46.72 -24.21 -84.92
C THR G 227 -48.16 -24.69 -84.91
N LYS G 228 -49.01 -23.99 -84.15
CA LYS G 228 -50.44 -24.12 -84.26
C LYS G 228 -50.99 -22.74 -84.60
N SER G 229 -51.94 -22.69 -85.53
CA SER G 229 -52.40 -21.40 -86.02
C SER G 229 -53.87 -21.48 -86.38
N PHE G 230 -54.50 -20.31 -86.49
CA PHE G 230 -55.82 -20.24 -87.08
C PHE G 230 -55.92 -18.94 -87.88
N ASN G 231 -56.89 -18.94 -88.80
CA ASN G 231 -57.20 -17.77 -89.61
C ASN G 231 -58.49 -17.16 -89.08
N ARG G 232 -58.43 -15.89 -88.70
CA ARG G 232 -59.58 -15.24 -88.07
C ARG G 232 -60.80 -15.21 -88.99
C1 NAG H . 36.06 -17.36 13.87
C2 NAG H . 37.55 -17.47 14.18
C3 NAG H . 38.10 -18.74 13.56
C4 NAG H . 37.30 -19.96 14.00
C5 NAG H . 35.82 -19.74 13.69
C6 NAG H . 34.94 -20.82 14.23
C7 NAG H . 38.87 -15.44 14.54
C8 NAG H . 39.97 -14.61 13.94
N2 NAG H . 38.29 -16.31 13.72
O3 NAG H . 39.47 -18.87 13.93
O4 NAG H . 37.68 -21.11 13.29
O5 NAG H . 35.35 -18.51 14.28
O6 NAG H . 33.58 -20.61 13.87
O7 NAG H . 38.52 -15.30 15.70
H2 NAG H . 37.66 -17.51 15.14
H3 NAG H . 38.04 -18.69 12.60
H4 NAG H . 37.46 -20.07 14.96
H5 NAG H . 35.76 -19.71 12.72
H61 NAG H . 35.23 -21.68 13.89
H62 NAG H . 35.02 -20.87 15.20
H81 NAG H . 40.32 -14.01 14.62
H82 NAG H . 40.67 -15.21 13.63
H83 NAG H . 39.62 -14.10 13.19
HN2 NAG H . 38.36 -16.18 12.87
HO3 NAG H . 39.78 -19.57 13.58
HO6 NAG H . 33.11 -21.23 14.18
C1 NAG H . 38.66 -21.85 14.02
C2 NAG H . 38.21 -23.30 13.94
C3 NAG H . 39.27 -24.18 14.59
C4 NAG H . 40.61 -23.96 13.90
C5 NAG H . 40.98 -22.48 13.99
C6 NAG H . 42.25 -22.15 13.25
C7 NAG H . 35.81 -23.75 13.81
C8 NAG H . 34.58 -24.12 14.60
N2 NAG H . 36.91 -23.50 14.53
O3 NAG H . 38.92 -25.55 14.56
O4 NAG H . 41.61 -24.75 14.53
O5 NAG H . 39.92 -21.70 13.39
O6 NAG H . 42.66 -20.82 13.54
O7 NAG H . 35.79 -23.69 12.58
H2 NAG H . 38.12 -23.56 13.00
H3 NAG H . 39.35 -23.93 15.53
H4 NAG H . 40.54 -24.22 12.96
H5 NAG H . 41.09 -22.28 14.93
H61 NAG H . 42.95 -22.77 13.51
H62 NAG H . 42.11 -22.25 12.30
H81 NAG H . 33.84 -24.27 13.98
H82 NAG H . 34.76 -24.92 15.12
H83 NAG H . 34.36 -23.38 15.19
HN2 NAG H . 36.84 -23.45 15.38
HO3 NAG H . 39.52 -26.01 14.93
HO6 NAG H . 43.38 -20.65 13.12
C1 BMA H . 42.17 -25.67 13.59
C2 BMA H . 43.47 -26.16 14.19
C3 BMA H . 44.12 -27.19 13.30
C4 BMA H . 43.15 -28.33 13.04
C5 BMA H . 41.85 -27.78 12.46
C6 BMA H . 40.78 -28.84 12.29
O2 BMA H . 43.23 -26.68 15.49
O3 BMA H . 45.29 -27.70 13.93
O4 BMA H . 43.72 -29.25 12.12
O5 BMA H . 41.30 -26.78 13.34
O6 BMA H . 40.28 -29.25 13.56
H2 BMA H . 44.09 -25.42 14.26
H3 BMA H . 44.36 -26.79 12.45
H4 BMA H . 42.96 -28.78 13.88
H5 BMA H . 42.08 -27.42 11.59
H61 BMA H . 40.06 -28.50 11.75
H62 BMA H . 41.15 -29.60 11.82
HO2 BMA H . 42.87 -26.10 15.97
HO4 BMA H . 44.43 -29.56 12.44
C1 MAN H . 46.43 -26.92 13.51
C2 MAN H . 47.68 -27.71 13.81
C3 MAN H . 47.85 -27.85 15.32
C4 MAN H . 47.86 -26.49 15.97
C5 MAN H . 46.59 -25.72 15.59
C6 MAN H . 46.60 -24.29 16.10
O2 MAN H . 48.81 -27.07 13.23
O3 MAN H . 49.05 -28.56 15.60
O4 MAN H . 47.93 -26.61 17.38
O5 MAN H . 46.49 -25.65 14.15
O6 MAN H . 47.63 -23.53 15.49
H2 MAN H . 47.60 -28.60 13.45
H3 MAN H . 47.10 -28.36 15.67
H4 MAN H . 48.64 -26.00 15.64
H5 MAN H . 45.86 -26.21 16.00
H61 MAN H . 45.74 -23.88 15.92
H62 MAN H . 46.71 -24.29 17.06
HO2 MAN H . 49.50 -27.52 13.41
HO3 MAN H . 49.14 -28.64 16.43
HO4 MAN H . 47.94 -25.85 17.73
HO6 MAN H . 47.62 -22.75 15.79
C1 MAN H . 39.29 -30.28 13.38
C2 MAN H . 38.72 -30.66 14.73
C3 MAN H . 39.77 -31.30 15.60
C4 MAN H . 40.36 -32.50 14.88
C5 MAN H . 40.91 -32.07 13.53
C6 MAN H . 41.42 -33.23 12.70
O2 MAN H . 37.58 -31.51 14.54
O3 MAN H . 39.21 -31.69 16.85
O4 MAN H . 41.42 -33.06 15.65
O5 MAN H . 39.86 -31.44 12.75
O6 MAN H . 40.41 -34.21 12.50
H2 MAN H . 38.41 -29.85 15.17
H3 MAN H . 40.48 -30.65 15.77
H4 MAN H . 39.67 -33.17 14.76
H5 MAN H . 41.64 -31.47 13.71
H61 MAN H . 41.73 -32.91 11.84
H62 MAN H . 42.18 -33.64 13.15
HO2 MAN H . 37.27 -31.72 15.30
HO3 MAN H . 39.80 -32.04 17.33
HO4 MAN H . 41.74 -33.73 15.25
HO6 MAN H . 40.71 -34.84 12.05
C1 NAG I . -23.04 -5.69 16.49
C2 NAG I . -24.35 -5.68 17.27
C3 NAG I . -25.17 -6.92 16.92
C4 NAG I . -25.36 -7.04 15.41
C5 NAG I . -24.01 -7.00 14.71
C6 NAG I . -24.14 -6.96 13.21
C7 NAG I . -24.36 -4.59 19.48
C8 NAG I . -24.71 -3.31 18.78
N2 NAG I . -24.09 -5.64 18.68
O3 NAG I . -26.42 -6.84 17.59
O4 NAG I . -25.95 -8.29 15.07
O5 NAG I . -23.27 -5.82 15.09
O6 NAG I . -22.92 -7.33 12.58
O7 NAG I . -24.30 -4.68 20.70
H2 NAG I . -24.87 -4.89 17.03
H3 NAG I . -24.70 -7.72 17.21
H4 NAG I . -25.93 -6.30 15.14
H5 NAG I . -23.55 -7.81 14.98
H61 NAG I . -24.85 -7.56 12.93
H62 NAG I . -24.40 -6.07 12.92
H81 NAG I . -24.87 -2.62 19.45
H82 NAG I . -23.96 -3.05 18.22
H83 NAG I . -25.49 -3.44 18.24
HN2 NAG I . -23.73 -6.33 19.05
HO3 NAG I . -26.88 -7.52 17.40
HO6 NAG I . -23.01 -7.31 11.75
C1 NAG I . -27.37 -8.17 14.97
C2 NAG I . -27.80 -9.00 13.77
C3 NAG I . -29.33 -8.95 13.68
C4 NAG I . -29.91 -9.51 14.97
C5 NAG I . -29.41 -8.66 16.14
C6 NAG I . -29.88 -9.15 17.48
C7 NAG I . -26.29 -9.26 11.84
C8 NAG I . -25.95 -8.74 10.48
N2 NAG I . -27.18 -8.55 12.54
O3 NAG I . -29.82 -9.67 12.56
O4 NAG I . -31.33 -9.47 14.92
O5 NAG I . -27.96 -8.70 16.15
O6 NAG I . -29.71 -8.14 18.47
O7 NAG I . -25.76 -10.26 12.30
H2 NAG I . -27.50 -9.91 13.89
H3 NAG I . -29.60 -8.04 13.56
H4 NAG I . -29.63 -10.43 15.10
H5 NAG I . -29.75 -7.76 15.99
H61 NAG I . -30.81 -9.40 17.42
H62 NAG I . -29.38 -9.94 17.73
H81 NAG I . -25.29 -9.32 10.07
H82 NAG I . -26.76 -8.72 9.94
H83 NAG I . -25.59 -7.84 10.57
HN2 NAG I . -27.40 -7.78 12.23
HO3 NAG I . -30.66 -9.63 12.55
HO6 NAG I . -29.98 -8.43 19.21
C1 BMA I . -31.85 -10.80 15.07
C2 BMA I . -33.30 -10.68 15.44
C3 BMA I . -33.94 -12.06 15.58
C4 BMA I . -33.73 -12.86 14.32
C5 BMA I . -32.24 -12.92 13.97
C6 BMA I . -31.98 -13.59 12.64
O2 BMA I . -33.98 -9.89 14.47
O3 BMA I . -35.34 -11.92 15.82
O4 BMA I . -34.22 -14.17 14.48
O5 BMA I . -31.69 -11.59 13.88
O6 BMA I . -32.57 -12.84 11.58
H2 BMA I . -33.38 -10.25 16.30
H3 BMA I . -33.52 -12.52 16.32
H4 BMA I . -34.20 -12.42 13.59
H5 BMA I . -31.82 -13.44 14.67
H61 BMA I . -31.01 -13.65 12.49
H62 BMA I . -32.32 -14.49 12.65
HO2 BMA I . -33.61 -9.14 14.41
HO4 BMA I . -35.05 -14.15 14.67
C1 MAN I . -32.44 -13.55 10.34
C2 MAN I . -32.99 -12.68 9.24
C3 MAN I . -34.49 -12.50 9.41
C4 MAN I . -35.17 -13.86 9.45
C5 MAN I . -34.55 -14.70 10.56
C6 MAN I . -35.10 -16.11 10.58
O2 MAN I . -32.67 -13.24 7.97
O3 MAN I . -35.02 -11.72 8.34
O4 MAN I . -36.56 -13.71 9.70
O5 MAN I . -33.13 -14.81 10.36
O6 MAN I . -35.12 -16.66 9.27
H2 MAN I . -32.58 -11.79 9.28
H3 MAN I . -34.66 -12.04 10.24
H4 MAN I . -35.04 -14.29 8.59
H5 MAN I . -34.77 -14.26 11.40
H61 MAN I . -34.56 -16.66 11.17
H62 MAN I . -36.00 -16.11 10.95
HO2 MAN I . -32.98 -12.75 7.36
HO4 MAN I . -36.92 -14.46 9.72
C1 MAN I . -35.29 -10.38 8.82
C2 MAN I . -36.42 -9.78 8.02
C3 MAN I . -35.97 -9.55 6.59
C4 MAN I . -34.73 -8.67 6.58
C5 MAN I . -33.64 -9.31 7.45
C6 MAN I . -32.41 -8.43 7.57
O2 MAN I . -36.85 -8.56 8.63
O3 MAN I . -37.02 -8.94 5.84
O4 MAN I . -34.25 -8.50 5.26
O5 MAN I . -34.14 -9.52 8.78
O6 MAN I . -32.76 -7.19 8.18
H2 MAN I . -37.17 -10.40 8.00
H3 MAN I . -35.75 -10.40 6.18
H4 MAN I . -34.97 -7.80 6.95
H5 MAN I . -33.39 -10.13 7.00
H61 MAN I . -31.74 -8.89 8.10
H62 MAN I . -32.03 -8.28 6.70
HO2 MAN I . -37.47 -8.23 8.17
HO3 MAN I . -36.76 -8.82 5.05
HO4 MAN I . -33.57 -8.01 5.26
HO6 MAN I . -32.06 -6.72 8.25
C1 MAN I . -35.94 -17.84 9.19
C2 MAN I . -35.97 -18.31 7.75
C3 MAN I . -36.77 -17.35 6.89
C4 MAN I . -38.16 -17.20 7.47
C5 MAN I . -38.08 -16.75 8.92
C6 MAN I . -39.44 -16.70 9.60
O2 MAN I . -36.51 -19.62 7.68
O3 MAN I . -36.83 -17.83 5.55
O4 MAN I . -38.91 -16.24 6.73
O5 MAN I . -37.28 -17.68 9.67
O6 MAN I . -39.33 -16.30 10.96
H2 MAN I . -35.06 -18.33 7.41
H3 MAN I . -36.34 -16.48 6.89
H4 MAN I . -38.61 -18.06 7.42
H5 MAN I . -37.71 -15.86 8.91
H61 MAN I . -40.01 -16.08 9.12
H62 MAN I . -39.86 -17.57 9.54
HO2 MAN I . -36.52 -19.88 6.88
HO3 MAN I . -37.28 -17.29 5.08
HO4 MAN I . -39.68 -16.15 7.06
HO6 MAN I . -40.10 -16.29 11.31
C1 MAN I . -35.58 -11.76 17.23
C2 MAN I . -36.94 -12.35 17.52
C3 MAN I . -38.02 -11.58 16.79
C4 MAN I . -37.95 -10.12 17.17
C5 MAN I . -36.55 -9.57 16.90
C6 MAN I . -36.36 -8.14 17.35
O2 MAN I . -37.19 -12.36 18.92
O3 MAN I . -39.30 -12.12 17.10
O4 MAN I . -38.90 -9.37 16.43
O5 MAN I . -35.57 -10.37 17.60
O6 MAN I . -36.98 -7.22 16.47
H2 MAN I . -36.96 -13.27 17.21
H3 MAN I . -37.87 -11.66 15.83
H4 MAN I . -38.14 -10.03 18.11
H5 MAN I . -36.43 -9.61 15.94
H61 MAN I . -36.72 -8.04 18.24
H62 MAN I . -35.41 -7.95 17.41
HO2 MAN I . -37.95 -12.69 19.07
HO3 MAN I . -39.89 -11.69 16.68
HO4 MAN I . -38.86 -8.56 16.65
HO6 MAN I . -36.86 -6.44 16.75
C1 NAG J . 28.26 1.33 -16.15
C2 NAG J . 29.27 2.16 -16.96
C3 NAG J . 29.82 1.35 -18.12
C4 NAG J . 30.41 0.05 -17.61
C5 NAG J . 29.36 -0.71 -16.80
C6 NAG J . 29.92 -1.96 -16.14
C7 NAG J . 29.10 4.61 -17.02
C8 NAG J . 28.58 5.78 -17.79
N2 NAG J . 28.70 3.40 -17.43
O3 NAG J . 30.80 2.13 -18.78
O4 NAG J . 30.79 -0.76 -18.71
O5 NAG J . 28.85 0.11 -15.73
O6 NAG J . 28.90 -2.65 -15.43
O7 NAG J . 29.86 4.74 -16.06
H2 NAG J . 29.99 2.40 -16.36
H3 NAG J . 29.11 1.13 -18.74
H4 NAG J . 31.18 0.25 -17.05
H5 NAG J . 28.67 -0.95 -17.44
H61 NAG J . 30.31 -2.54 -16.82
H62 NAG J . 30.64 -1.71 -15.55
H81 NAG J . 28.93 6.59 -17.41
H82 NAG J . 28.85 5.70 -18.72
H83 NAG J . 27.61 5.78 -17.74
HN2 NAG J . 28.05 3.36 -18.01
HO3 NAG J . 31.12 1.69 -19.42
HO6 NAG J . 29.23 -3.34 -15.07
C1 NAG J . 32.21 -0.87 -18.72
C2 NAG J . 32.50 -2.13 -19.53
C3 NAG J . 34.00 -2.26 -19.77
C4 NAG J . 34.53 -0.99 -20.43
C5 NAG J . 34.18 0.22 -19.57
C6 NAG J . 34.56 1.53 -20.24
C7 NAG J . 30.98 -4.04 -19.34
C8 NAG J . 30.45 -3.63 -20.68
N2 NAG J . 31.97 -3.29 -18.85
O3 NAG J . 34.24 -3.41 -20.58
O4 NAG J . 35.95 -1.09 -20.57
O5 NAG J . 32.76 0.28 -19.36
O6 NAG J . 33.63 1.86 -21.27
O7 NAG J . 30.53 -5.00 -18.73
H2 NAG J . 32.05 -2.06 -20.39
H3 NAG J . 34.45 -2.36 -18.93
H4 NAG J . 34.13 -0.91 -21.31
H5 NAG J . 34.68 0.12 -18.75
H61 NAG J . 34.57 2.24 -19.57
H62 NAG J . 35.45 1.47 -20.60
H81 NAG J . 29.74 -4.24 -20.95
H82 NAG J . 30.11 -2.72 -20.62
H83 NAG J . 31.18 -3.66 -21.33
HN2 NAG J . 32.31 -3.52 -18.09
HO3 NAG J . 35.07 -3.48 -20.70
HO6 NAG J . 33.86 2.58 -21.62
C1 BMA J . 36.21 -0.94 -21.96
C2 BMA J . 37.63 -0.47 -22.17
C3 BMA J . 37.88 -0.22 -23.63
C4 BMA J . 37.57 -1.47 -24.43
C5 BMA J . 36.14 -1.91 -24.17
C6 BMA J . 35.78 -3.22 -24.84
O2 BMA J . 38.54 -1.44 -21.65
O3 BMA J . 39.24 0.18 -23.81
O4 BMA J . 37.73 -1.23 -25.82
O5 BMA J . 35.96 -2.11 -22.74
O6 BMA J . 36.51 -4.30 -24.25
H2 BMA J . 37.78 0.36 -21.70
H3 BMA J . 37.30 0.50 -23.96
H4 BMA J . 38.19 -2.17 -24.16
H5 BMA J . 35.57 -1.21 -24.52
H61 BMA J . 34.83 -3.39 -24.75
H62 BMA J . 35.98 -3.16 -25.78
HO2 BMA J . 38.38 -1.56 -20.83
HO4 BMA J . 38.52 -0.98 -25.98
C1 MAN J . 35.83 -5.51 -24.56
C2 MAN J . 36.36 -6.60 -23.63
C3 MAN J . 37.82 -6.86 -23.92
C4 MAN J . 37.99 -7.22 -25.37
C5 MAN J . 37.42 -6.12 -26.26
C6 MAN J . 37.45 -6.44 -27.74
O2 MAN J . 35.59 -7.79 -23.79
O3 MAN J . 38.29 -7.90 -23.08
O4 MAN J . 39.37 -7.40 -25.67
O5 MAN J . 36.03 -5.90 -25.92
O6 MAN J . 38.77 -6.31 -28.26
H2 MAN J . 36.28 -6.30 -22.71
H3 MAN J . 38.33 -6.05 -23.73
H4 MAN J . 37.52 -8.05 -25.56
H5 MAN J . 37.97 -5.34 -26.10
H61 MAN J . 37.14 -7.35 -27.88
H62 MAN J . 36.85 -5.86 -28.21
HO2 MAN J . 35.89 -8.38 -23.27
HO4 MAN J . 39.47 -7.61 -26.48
HO6 MAN J . 38.77 -6.50 -29.08
C1 MAN J . 39.28 -7.37 -22.17
C2 MAN J . 39.94 -8.51 -21.42
C3 MAN J . 38.95 -9.16 -20.49
C4 MAN J . 38.35 -8.12 -19.55
C5 MAN J . 37.73 -6.99 -20.37
C6 MAN J . 37.20 -5.86 -19.52
O2 MAN J . 41.07 -8.01 -20.70
O3 MAN J . 39.59 -10.19 -19.74
O4 MAN J . 37.36 -8.73 -18.72
O5 MAN J . 38.71 -6.43 -21.26
O6 MAN J . 35.98 -6.21 -18.88
H2 MAN J . 40.25 -9.17 -22.04
H3 MAN J . 38.23 -9.56 -21.01
H4 MAN J . 39.06 -7.76 -18.99
H5 MAN J . 36.98 -7.39 -20.84
H61 MAN J . 37.86 -5.62 -18.84
H62 MAN J . 37.06 -5.07 -20.07
HO2 MAN J . 41.44 -8.65 -20.28
HO3 MAN J . 39.03 -10.56 -19.23
HO4 MAN J . 37.04 -8.15 -18.21
HO6 MAN J . 35.70 -5.56 -18.41
C1 MAN J . 39.48 1.43 -23.14
C2 MAN J . 39.94 2.46 -24.14
C3 MAN J . 41.27 2.05 -24.74
C4 MAN J . 42.29 1.84 -23.63
C5 MAN J . 41.75 0.82 -22.63
C6 MAN J . 42.65 0.63 -21.43
O2 MAN J . 40.01 3.74 -23.53
O3 MAN J . 41.71 3.05 -25.65
O4 MAN J . 43.52 1.39 -24.18
O5 MAN J . 40.48 1.25 -22.13
O6 MAN J . 43.78 -0.20 -21.75
H2 MAN J . 39.30 2.52 -24.87
H3 MAN J . 41.16 1.22 -25.23
H4 MAN J . 42.43 2.69 -23.19
H5 MAN J . 41.70 -0.02 -23.11
H61 MAN J . 42.97 1.49 -21.12
H62 MAN J . 42.15 0.23 -20.71
HO2 MAN J . 40.27 4.31 -24.09
HO3 MAN J . 42.45 2.83 -25.98
HO4 MAN J . 44.07 1.27 -23.56
HO6 MAN J . 44.26 -0.28 -21.06
C1 NAG K . -38.41 0.84 -23.80
C2 NAG K . -39.21 1.66 -24.81
C3 NAG K . -39.00 3.15 -24.57
C4 NAG K . -39.34 3.51 -23.14
C5 NAG K . -38.53 2.63 -22.18
C6 NAG K . -38.91 2.83 -20.74
C7 NAG K . -39.75 0.75 -27.01
C8 NAG K . -39.33 0.71 -28.45
N2 NAG K . -38.88 1.32 -26.18
O3 NAG K . -39.78 3.91 -25.48
O4 NAG K . -39.00 4.87 -22.91
O5 NAG K . -38.75 1.24 -22.48
O6 NAG K . -40.29 2.53 -20.53
O7 NAG K . -40.81 0.29 -26.62
H2 NAG K . -40.16 1.46 -24.69
H3 NAG K . -38.05 3.37 -24.72
H4 NAG K . -40.28 3.37 -22.98
H5 NAG K . -37.60 2.88 -22.32
H61 NAG K . -38.36 2.26 -20.17
H62 NAG K . -38.74 3.76 -20.49
H81 NAG K . -40.03 0.27 -28.96
H82 NAG K . -39.20 1.62 -28.77
H83 NAG K . -38.50 0.20 -28.53
HN2 NAG K . -38.08 1.50 -26.46
HO3 NAG K . -39.66 4.73 -25.35
HO6 NAG K . -40.48 2.64 -19.73
C1 NAG K . -40.15 5.63 -22.47
C2 NAG K . -39.66 7.01 -22.07
C3 NAG K . -40.84 7.87 -21.61
C4 NAG K . -41.91 7.91 -22.69
C5 NAG K . -42.31 6.49 -23.06
C6 NAG K . -43.30 6.43 -24.20
C7 NAG K . -38.80 6.44 -19.84
C8 NAG K . -37.63 6.56 -18.90
N2 NAG K . -38.63 6.95 -21.06
O3 NAG K . -40.39 9.17 -21.26
O4 NAG K . -43.04 8.63 -22.21
O5 NAG K . -41.16 5.72 -23.46
O6 NAG K . -44.60 6.14 -23.73
O7 NAG K . -39.85 5.91 -19.48
H2 NAG K . -39.26 7.43 -22.85
H3 NAG K . -41.24 7.47 -20.81
H4 NAG K . -41.55 8.35 -23.48
H5 NAG K . -42.73 6.12 -22.26
H61 NAG K . -43.30 7.28 -24.68
H62 NAG K . -43.01 5.76 -24.84
H81 NAG K . -37.87 6.17 -18.05
H82 NAG K . -36.88 6.10 -19.29
H83 NAG K . -37.42 7.50 -18.79
HN2 NAG K . -37.86 7.26 -21.25
HO3 NAG K . -41.05 9.63 -21.00
HO4 NAG K . -43.63 8.66 -22.81
HO6 NAG K . -45.14 6.11 -24.38
C1 NAG L . -7.27 9.35 -15.14
C2 NAG L . -7.74 10.52 -16.01
C3 NAG L . -8.22 10.01 -17.36
C4 NAG L . -7.13 9.16 -18.03
C5 NAG L . -6.70 8.05 -17.09
C6 NAG L . -5.53 7.26 -17.62
C7 NAG L . -8.67 12.53 -14.91
C8 NAG L . -7.28 13.10 -14.90
N2 NAG L . -8.79 11.28 -15.36
O3 NAG L . -8.57 11.12 -18.17
O4 NAG L . -7.61 8.58 -19.23
O5 NAG L . -6.29 8.60 -15.82
O6 NAG L . -5.17 6.22 -16.73
O7 NAG L . -9.63 13.17 -14.53
H2 NAG L . -6.99 11.11 -16.17
H3 NAG L . -8.99 9.44 -17.26
H4 NAG L . -6.38 9.75 -18.23
H5 NAG L . -7.48 7.46 -17.00
H61 NAG L . -5.76 6.90 -18.49
H62 NAG L . -4.78 7.86 -17.75
H81 NAG L . -7.32 14.01 -14.57
H82 NAG L . -6.71 12.56 -14.33
H83 NAG L . -6.93 13.10 -15.81
HN2 NAG L . -9.54 10.89 -15.23
HO3 NAG L . -8.83 10.85 -18.92
HO6 NAG L . -4.52 5.80 -17.05
C1 NAG L . -7.01 9.25 -20.33
C2 NAG L . -6.95 8.28 -21.50
C3 NAG L . -6.41 8.99 -22.75
C4 NAG L . -7.24 10.23 -23.03
C5 NAG L . -7.28 11.13 -21.81
C6 NAG L . -8.21 12.31 -21.97
C7 NAG L . -6.60 5.90 -21.04
C8 NAG L . -8.07 5.74 -21.32
N2 NAG L . -6.12 7.14 -21.17
O3 NAG L . -6.42 8.10 -23.84
O4 NAG L . -6.65 10.94 -24.12
O5 NAG L . -7.77 10.40 -20.67
O6 NAG L . -9.57 11.89 -21.90
O7 NAG L . -5.90 4.96 -20.70
H2 NAG L . -7.84 7.95 -21.70
H3 NAG L . -5.50 9.27 -22.58
H4 NAG L . -8.14 9.97 -23.27
H5 NAG L . -6.38 11.45 -21.68
H61 NAG L . -8.04 12.97 -21.28
H62 NAG L . -8.05 12.74 -22.82
H81 NAG L . -8.31 4.81 -21.19
H82 NAG L . -8.57 6.30 -20.71
H83 NAG L . -8.24 6.01 -22.23
HN2 NAG L . -5.27 7.26 -21.05
HO3 NAG L . -6.13 8.49 -24.52
HO6 NAG L . -10.07 12.55 -21.99
C1 BMA L . -7.59 11.12 -25.18
C2 BMA L . -7.21 12.34 -25.99
C3 BMA L . -8.21 12.57 -27.10
C4 BMA L . -8.32 11.32 -27.95
C5 BMA L . -8.68 10.12 -27.07
C6 BMA L . -8.67 8.83 -27.85
O2 BMA L . -5.89 12.17 -26.50
O3 BMA L . -7.84 13.69 -27.91
O4 BMA L . -9.32 11.49 -28.94
O5 BMA L . -7.70 9.98 -26.02
O6 BMA L . -7.43 8.69 -28.51
H2 BMA L . -7.21 13.13 -25.42
H3 BMA L . -9.07 12.77 -26.69
H4 BMA L . -7.46 11.17 -28.38
H5 BMA L . -9.57 10.29 -26.72
H61 BMA L . -8.82 8.08 -27.25
H62 BMA L . -9.40 8.82 -28.49
HO2 BMA L . -5.36 12.04 -25.86
HO4 BMA L . -9.13 12.15 -29.43
C1 MAN L . -7.21 7.32 -28.89
C2 MAN L . -5.72 7.07 -28.81
C3 MAN L . -4.99 7.94 -29.81
C4 MAN L . -5.53 7.67 -31.20
C5 MAN L . -7.04 7.91 -31.21
C6 MAN L . -7.67 7.56 -32.55
O2 MAN L . -5.45 5.69 -29.03
O3 MAN L . -3.60 7.67 -29.75
O4 MAN L . -4.91 8.53 -32.15
O5 MAN L . -7.67 7.08 -30.22
O6 MAN L . -7.51 6.18 -32.83
H2 MAN L . -5.40 7.30 -27.93
H3 MAN L . -5.13 8.88 -29.60
H4 MAN L . -5.34 6.75 -31.43
H5 MAN L . -7.16 8.85 -31.05
H61 MAN L . -8.62 7.77 -32.52
H62 MAN L . -7.27 8.09 -33.25
HO2 MAN L . -4.63 5.56 -29.00
HO4 MAN L . -5.22 8.38 -32.91
HO6 MAN L . -7.87 6.00 -33.57
C1 MAN L . -2.81 8.86 -29.89
C2 MAN L . -1.49 8.48 -30.56
C3 MAN L . -0.70 7.55 -29.67
C4 MAN L . -0.48 8.20 -28.32
C5 MAN L . -1.82 8.58 -27.70
C6 MAN L . -1.69 9.34 -26.41
O2 MAN L . -0.75 9.65 -30.86
O3 MAN L . 0.54 7.24 -30.29
O4 MAN L . 0.19 7.29 -27.46
O5 MAN L . -2.54 9.44 -28.61
O6 MAN L . -1.23 8.50 -25.35
H2 MAN L . -1.70 8.02 -31.39
H3 MAN L . -1.20 6.73 -29.55
H4 MAN L . 0.07 8.99 -28.44
H5 MAN L . -2.29 7.75 -27.53
H61 MAN L . -1.06 10.07 -26.52
H62 MAN L . -2.54 9.73 -26.17
HO2 MAN L . -0.03 9.44 -31.23
HO3 MAN L . 0.98 6.72 -29.80
HO4 MAN L . 0.31 7.64 -26.71
HO6 MAN L . -1.17 8.95 -24.64
C1 MAN L . -7.35 14.79 -27.14
C2 MAN L . -8.28 15.97 -27.30
C3 MAN L . -8.30 16.42 -28.74
C4 MAN L . -6.89 16.76 -29.19
C5 MAN L . -5.99 15.54 -28.98
C6 MAN L . -4.55 15.84 -29.32
O2 MAN L . -7.88 17.02 -26.42
O3 MAN L . -9.15 17.58 -28.86
O4 MAN L . -6.89 17.10 -30.57
O5 MAN L . -6.04 15.14 -27.60
O6 MAN L . -3.76 14.65 -29.21
H2 MAN L . -9.18 15.70 -27.05
H3 MAN L . -8.66 15.72 -29.30
H4 MAN L . -6.57 17.50 -28.66
H5 MAN L . -6.32 14.86 -29.57
H61 MAN L . -4.48 16.19 -30.21
H62 MAN L . -4.20 16.51 -28.71
HO2 MAN L . -8.40 17.68 -26.52
HO3 MAN L . -9.16 17.83 -29.67
HO4 MAN L . -6.11 17.29 -30.82
HO6 MAN L . -2.95 14.84 -29.40
C1 NAG M . 10.70 -57.77 14.30
C2 NAG M . 9.86 -57.60 15.56
C3 NAG M . 10.49 -58.35 16.72
C4 NAG M . 10.70 -59.80 16.35
C5 NAG M . 11.53 -59.91 15.07
C6 NAG M . 11.67 -61.32 14.56
C7 NAG M . 8.44 -55.63 15.85
C8 NAG M . 7.26 -56.54 15.99
N2 NAG M . 9.63 -56.21 15.90
O3 NAG M . 9.67 -58.23 17.87
O4 NAG M . 11.40 -60.47 17.41
O5 NAG M . 10.89 -59.15 14.01
O6 NAG M . 12.57 -61.37 13.46
O7 NAG M . 8.32 -54.42 15.68
H2 NAG M . 8.97 -57.98 15.37
H3 NAG M . 11.37 -57.97 16.92
H4 NAG M . 9.85 -60.23 16.21
H5 NAG M . 12.41 -59.54 15.29
H61 NAG M . 12.00 -61.89 15.27
H62 NAG M . 10.81 -61.66 14.30
H81 NAG M . 6.45 -56.01 15.94
H82 NAG M . 7.28 -57.19 15.28
H83 NAG M . 7.31 -56.98 16.85
HN2 NAG M . 10.31 -55.75 16.16
HO3 NAG M . 10.03 -58.64 18.51
HO6 NAG M . 12.64 -62.17 13.19
C1 NAG M . 10.66 -61.58 17.97
C2 NAG M . 11.61 -62.76 18.04
C3 NAG M . 10.94 -63.99 18.69
C4 NAG M . 10.03 -63.67 19.88
C5 NAG M . 9.29 -62.33 19.76
C6 NAG M . 8.38 -62.09 20.96
C7 NAG M . 11.80 -64.30 16.14
C8 NAG M . 12.46 -64.57 14.81
N2 NAG M . 12.09 -63.13 16.73
O3 NAG M . 11.92 -65.01 18.89
O4 NAG M . 9.20 -64.78 20.23
O5 NAG M . 10.15 -61.30 19.27
O6 NAG M . 7.43 -61.12 20.57
O7 NAG M . 11.04 -65.13 16.65
H2 NAG M . 12.36 -62.49 18.60
H3 NAG M . 10.27 -64.34 18.07
H4 NAG M . 10.62 -63.53 20.65
H5 NAG M . 8.62 -62.37 19.05
H61 NAG M . 7.95 -62.91 21.23
H62 NAG M . 8.90 -61.77 21.71
H81 NAG M . 12.17 -65.44 14.49
H82 NAG M . 12.18 -63.87 14.19
H83 NAG M . 13.42 -64.55 14.93
HN2 NAG M . 12.58 -62.57 16.30
HO3 NAG M . 11.56 -65.68 19.25
HO4 NAG M . 8.72 -64.58 20.89
HO6 NAG M . 6.91 -60.96 21.22
C1 NAG N . 4.52 -20.47 33.60
C2 NAG N . 4.29 -20.62 35.11
C3 NAG N . 3.77 -22.00 35.45
C4 NAG N . 2.53 -22.32 34.63
C5 NAG N . 2.83 -22.15 33.15
C6 NAG N . 1.61 -22.31 32.26
C7 NAG N . 5.80 -19.35 36.61
C8 NAG N . 4.77 -18.27 36.66
N2 NAG N . 5.54 -20.37 35.80
O3 NAG N . 3.49 -22.07 36.85
O4 NAG N . 2.12 -23.67 34.90
O5 NAG N . 3.34 -20.83 32.89
O6 NAG N . 0.72 -21.20 32.41
O7 NAG N . 6.83 -19.30 37.28
H2 NAG N . 3.63 -19.97 35.39
H3 NAG N . 4.45 -22.66 35.24
H4 NAG N . 1.81 -21.72 34.88
H5 NAG N . 3.47 -22.84 32.93
H61 NAG N . 1.88 -22.39 31.35
H62 NAG N . 1.15 -23.13 32.50
H81 NAG N . 5.08 -17.58 37.28
H82 NAG N . 4.68 -17.89 35.77
H83 NAG N . 3.94 -18.64 36.96
HN2 NAG N . 6.17 -20.96 35.68
HO3 NAG N . 3.20 -22.84 37.04
HO6 NAG N . 0.06 -21.31 31.92
C1 NAG N . 0.72 -23.68 35.23
C2 NAG N . 0.31 -25.14 35.23
C3 NAG N . -1.16 -25.28 35.62
C4 NAG N . -1.41 -24.58 36.95
C5 NAG N . -0.93 -23.14 36.89
C6 NAG N . -1.03 -22.43 38.22
C7 NAG N . 1.55 -26.60 33.69
C8 NAG N . 2.54 -26.80 34.80
N2 NAG N . 0.56 -25.74 33.93
O3 NAG N . -1.52 -26.65 35.69
O4 NAG N . -2.80 -24.60 37.23
O5 NAG N . 0.45 -23.07 36.49
O6 NAG N . -0.77 -21.04 38.09
O7 NAG N . 1.64 -27.19 32.62
H2 NAG N . 0.84 -25.63 35.89
H3 NAG N . -1.71 -24.84 34.95
H4 NAG N . -0.92 -25.04 37.66
H5 NAG N . -1.50 -22.70 36.24
H61 NAG N . -1.93 -22.56 38.59
H62 NAG N . -0.41 -22.83 38.84
H81 NAG N . 3.20 -27.45 34.51
H82 NAG N . 2.96 -25.96 35.00
H83 NAG N . 2.07 -27.12 35.58
HN2 NAG N . 0.05 -25.51 33.28
HO3 NAG N . -2.33 -26.70 35.90
HO6 NAG N . -0.84 -20.67 38.84
C1 BMA N . -3.09 -25.30 38.47
C2 BMA N . -4.40 -24.80 39.01
C3 BMA N . -4.76 -25.51 40.29
C4 BMA N . -4.74 -27.01 40.08
C5 BMA N . -3.40 -27.46 39.51
C6 BMA N . -3.38 -28.92 39.15
O2 BMA N . -5.42 -24.96 38.03
O3 BMA N . -6.06 -25.11 40.73
O4 BMA N . -4.97 -27.68 41.31
O5 BMA N . -3.11 -26.72 38.30
O6 BMA N . -4.51 -29.31 38.39
H2 BMA N . -4.33 -23.85 39.21
H3 BMA N . -4.10 -25.27 40.97
H4 BMA N . -5.44 -27.23 39.45
H5 BMA N . -2.74 -27.28 40.20
H61 BMA N . -2.57 -29.11 38.64
H62 BMA N . -3.33 -29.46 39.96
HO2 BMA N . -5.20 -24.56 37.32
HO4 BMA N . -5.70 -27.44 41.63
C1 MAN N . -6.16 -23.75 41.22
C2 MAN N . -7.11 -23.77 42.39
C3 MAN N . -8.51 -24.06 41.93
C4 MAN N . -8.93 -23.04 40.88
C5 MAN N . -7.93 -23.05 39.73
C6 MAN N . -8.22 -21.98 38.71
O2 MAN N . -7.05 -22.52 43.09
O3 MAN N . -9.41 -24.03 43.05
O4 MAN N . -10.22 -23.37 40.38
O5 MAN N . -6.60 -22.80 40.24
O6 MAN N . -7.29 -22.05 37.62
H2 MAN N . -6.85 -24.47 43.01
H3 MAN N . -8.55 -24.95 41.54
H4 MAN N . -8.95 -22.17 41.29
H5 MAN N . -8.01 -23.92 39.32
H61 MAN N . -9.12 -22.09 38.37
H62 MAN N . -8.18 -21.11 39.12
HO2 MAN N . -7.57 -22.53 43.74
HO3 MAN N . -10.19 -24.19 42.78
HO4 MAN N . -10.45 -22.80 39.79
HO6 MAN N . -7.47 -21.45 37.06
C1 MAN N . -4.18 -29.38 36.99
C2 MAN N . -5.42 -29.09 36.17
C3 MAN N . -6.45 -30.19 36.36
C4 MAN N . -5.83 -31.53 36.00
C5 MAN N . -4.57 -31.75 36.83
C6 MAN N . -3.82 -33.01 36.45
O2 MAN N . -5.08 -28.94 34.80
O3 MAN N . -7.57 -29.92 35.54
O4 MAN N . -6.75 -32.58 36.26
O5 MAN N . -3.64 -30.66 36.64
O6 MAN N . -4.63 -34.17 36.67
H2 MAN N . -5.81 -28.25 36.48
H3 MAN N . -6.73 -30.21 37.28
H4 MAN N . -5.60 -31.52 35.06
H5 MAN N . -4.87 -31.83 37.76
H61 MAN N . -3.57 -32.97 35.52
H62 MAN N . -3.01 -33.08 36.97
HO2 MAN N . -5.78 -28.78 34.35
HO3 MAN N . -8.15 -30.53 35.63
HO4 MAN N . -6.40 -33.32 36.06
HO6 MAN N . -4.20 -34.85 36.45
N1 ACH O . 22.03 -33.60 13.61
C2 ACH O . 20.55 -33.66 13.92
C3 ACH O . 19.66 -34.40 12.95
O4 ACH O . 19.86 -35.83 13.05
C5 ACH O . 19.12 -36.61 12.27
O7 ACH O . 18.17 -36.21 11.66
C6 ACH O . 19.60 -38.01 12.26
C8 ACH O . 22.65 -34.95 13.63
C9 ACH O . 22.27 -32.98 12.29
C10 ACH O . 22.71 -32.78 14.64
H21 ACH O . 20.23 -32.75 14.01
H22 ACH O . 20.46 -34.08 14.80
H31 ACH O . 19.83 -34.10 12.03
H32 ACH O . 18.72 -34.18 13.15
H61 ACH O . 20.30 -38.11 12.93
H62 ACH O . 19.97 -38.21 11.38
H63 ACH O . 18.87 -38.61 12.45
H81 ACH O . 23.60 -34.86 13.76
H82 ACH O . 22.47 -35.39 12.79
H83 ACH O . 22.27 -35.46 14.36
H91 ACH O . 21.48 -33.06 11.74
H92 ACH O . 23.01 -33.43 11.86
H93 ACH O . 22.49 -32.04 12.42
H101 ACH O . 22.22 -31.94 14.75
H102 ACH O . 23.62 -32.59 14.35
H103 ACH O . 22.73 -33.25 15.47
C1 CLR P . 37.35 12.62 0.94
C2 CLR P . 38.55 11.67 0.94
C3 CLR P . 38.12 10.22 0.79
C4 CLR P . 37.15 9.86 1.90
C5 CLR P . 36.78 11.05 2.76
C6 CLR P . 36.90 11.01 4.08
C7 CLR P . 36.31 12.01 5.02
C8 CLR P . 35.49 13.08 4.32
C9 CLR P . 36.17 13.48 2.99
C10 CLR P . 36.29 12.28 2.01
C11 CLR P . 35.51 14.71 2.35
C12 CLR P . 35.38 15.89 3.31
C13 CLR P . 34.60 15.51 4.57
C14 CLR P . 35.36 14.31 5.20
C15 CLR P . 34.73 14.15 6.59
C16 CLR P . 34.34 15.59 6.99
C17 CLR P . 34.67 16.50 5.77
C18 CLR P . 33.14 15.17 4.25
C19 CLR P . 34.95 11.94 1.33
C20 CLR P . 33.82 17.79 5.76
C21 CLR P . 34.20 18.74 4.63
C22 CLR P . 33.92 18.49 7.12
C23 CLR P . 32.90 19.56 7.40
C24 CLR P . 33.32 20.95 6.97
C25 CLR P . 34.58 21.50 7.63
C26 CLR P . 34.33 22.87 8.23
C27 CLR P . 35.74 21.56 6.66
O1 CLR P . 37.49 10.04 -0.48
H11 CLR P . 37.67 13.53 1.07
H12 CLR P . 36.93 12.60 0.05
H21 CLR P . 39.14 11.90 0.20
H22 CLR P . 39.05 11.78 1.76
H3 CLR P . 38.91 9.66 0.86
H41 CLR P . 36.35 9.48 1.51
H42 CLR P . 37.55 9.18 2.46
H6 CLR P . 37.39 10.31 4.44
H71 CLR P . 35.75 11.54 5.66
H72 CLR P . 37.02 12.44 5.52
H8 CLR P . 34.60 12.72 4.13
H9 CLR P . 37.08 13.74 3.21
H111 CLR P . 36.03 14.98 1.58
H112 CLR P . 34.62 14.46 2.03
H121 CLR P . 36.26 16.21 3.56
H122 CLR P . 34.92 16.62 2.87
H14 CLR P . 36.30 14.47 5.31
H151 CLR P . 33.94 13.58 6.56
H152 CLR P . 35.34 13.76 7.22
H161 CLR P . 33.40 15.65 7.22
H162 CLR P . 34.84 15.88 7.77
H17 CLR P . 35.54 16.92 5.76
H181 CLR P . 32.68 14.92 5.07
H182 CLR P . 32.73 15.94 3.84
H183 CLR P . 33.12 14.42 3.63
H191 CLR P . 34.30 11.74 2.02
H192 CLR P . 34.66 12.71 0.81
H193 CLR P . 35.07 11.18 0.74
H20 CLR P . 32.90 17.53 5.60
H211 CLR P . 33.63 19.53 4.68
H212 CLR P . 35.12 18.99 4.72
H213 CLR P . 34.06 18.29 3.78
H221 CLR P . 33.87 17.83 7.82
H222 CLR P . 34.80 18.89 7.19
H231 CLR P . 32.07 19.33 6.95
H232 CLR P . 32.71 19.58 8.35
H241 CLR P . 33.47 20.93 6.00
H242 CLR P . 32.59 21.56 7.13
H25 CLR P . 34.81 20.89 8.35
H261 CLR P . 35.14 23.19 8.64
H262 CLR P . 34.06 23.48 7.52
H263 CLR P . 33.62 22.81 8.90
H271 CLR P . 36.52 21.90 7.12
H272 CLR P . 35.93 20.66 6.34
H273 CLR P . 35.51 22.13 5.91
H1 CLR P . 37.25 9.23 -0.55
N POV Q . 49.00 39.88 27.35
P POV Q . 44.47 39.22 26.87
C1 POV Q . 42.70 39.77 24.99
C2 POV Q . 42.39 39.45 23.54
C3 POV Q . 41.53 40.48 22.88
C210 POV Q . 39.56 31.25 19.05
C11 POV Q . 46.80 38.70 27.99
O11 POV Q . 44.02 39.27 25.33
C211 POV Q . 38.89 30.03 18.47
C12 POV Q . 48.27 38.59 27.67
O12 POV Q . 46.02 38.82 26.76
C212 POV Q . 39.08 28.82 19.30
C13 POV Q . 48.34 40.60 26.23
O13 POV Q . 44.36 40.60 27.43
C213 POV Q . 38.46 27.57 18.72
C14 POV Q . 49.03 40.76 28.54
O14 POV Q . 43.74 38.07 27.52
C15 POV Q . 50.40 39.56 26.95
C21 POV Q . 42.41 37.06 23.91
O21 POV Q . 41.73 38.15 23.50
C22 POV Q . 41.52 35.99 24.44
O22 POV Q . 43.61 36.97 23.81
C23 POV Q . 40.65 35.36 23.41
C24 POV Q . 41.42 34.53 22.40
C25 POV Q . 40.82 33.19 22.12
C26 POV Q . 39.39 33.20 21.65
C27 POV Q . 39.12 34.06 20.42
C28 POV Q . 39.94 33.72 19.21
C29 POV Q . 39.54 32.45 18.53
C31 POV Q . 40.81 39.19 21.04
O31 POV Q . 41.51 40.25 21.45
C32 POV Q . 41.68 38.23 20.28
O32 POV Q . 39.64 39.04 21.26
C33 POV Q . 40.95 37.01 19.81
C34 POV Q . 40.00 37.29 18.67
C35 POV Q . 40.56 37.00 17.30
C36 POV Q . 41.76 37.84 16.94
C37 POV Q . 42.26 37.62 15.53
H29 POV Q . 39.21 32.52 17.62
H1 POV Q . 42.66 40.72 25.14
H1A POV Q . 42.03 39.36 25.56
H2 POV Q . 43.23 39.43 23.05
H3 POV Q . 40.62 40.45 23.24
H3A POV Q . 41.87 41.37 23.06
H210 POV Q . 40.06 31.13 19.87
H11 POV Q . 46.51 37.92 28.49
H11A POV Q . 46.64 39.47 28.56
H211 POV Q . 37.94 30.21 18.38
H21A POV Q . 39.23 29.88 17.58
H12 POV Q . 48.37 37.99 26.92
H12A POV Q . 48.71 38.17 28.42
H22 POV Q . 42.06 35.30 24.86
H212 POV Q . 40.04 28.66 19.44
H22A POV Q . 40.96 36.37 25.15
H21B POV Q . 38.71 28.97 20.19
H32 POV Q . 42.05 38.68 19.51
H32A POV Q . 42.43 37.97 20.84
H13 POV Q . 48.83 41.41 26.05
H13A POV Q . 48.34 40.02 25.44
H13B POV Q . 47.43 40.81 26.48
H23 POV Q . 39.98 34.80 23.85
H23A POV Q . 40.15 36.06 22.95
H33 POV Q . 41.59 36.34 19.54
H33A POV Q . 40.46 36.64 20.56
H14 POV Q . 49.51 41.58 28.31
H14A POV Q . 48.13 40.97 28.80
H14B POV Q . 49.49 40.30 29.26
H24 POV Q . 41.49 35.04 21.58
H24A POV Q . 42.32 34.41 22.74
H34 POV Q . 39.19 36.75 18.79
H34A POV Q . 39.72 38.22 18.71
H15 POV Q . 50.87 40.39 26.74
H15A POV Q . 50.84 39.11 27.68
H15B POV Q . 50.38 38.99 26.17
H25 POV Q . 41.36 32.75 21.44
H25A POV Q . 40.87 32.64 22.92
H35 POV Q . 40.82 36.06 17.26
H35A POV Q . 39.87 37.13 16.64
H26 POV Q . 39.11 32.30 21.46
H26A POV Q . 38.83 33.53 22.38
H36 POV Q . 41.53 38.77 17.05
H36A POV Q . 42.48 37.65 17.56
H27 POV Q . 38.18 33.98 20.18
H27A POV Q . 39.28 34.99 20.64
H28 POV Q . 39.89 34.44 18.57
H28A POV Q . 40.87 33.64 19.47
C1 NAG R . -37.77 -32.19 -16.55
C2 NAG R . -39.07 -31.38 -16.44
C3 NAG R . -39.92 -31.92 -15.30
C4 NAG R . -40.10 -33.43 -15.43
C5 NAG R . -38.72 -34.09 -15.43
C6 NAG R . -38.79 -35.59 -15.58
C7 NAG R . -38.48 -29.30 -15.23
C8 NAG R . -38.26 -27.83 -15.40
N2 NAG R . -38.91 -29.95 -16.32
O3 NAG R . -41.18 -31.26 -15.30
O4 NAG R . -40.85 -33.92 -14.34
O5 NAG R . -37.92 -33.61 -16.53
O6 NAG R . -39.39 -35.95 -16.83
O7 NAG R . -38.28 -29.88 -14.17
H2 NAG R . -39.51 -31.52 -17.31
H3 NAG R . -39.48 -31.75 -14.46
H4 NAG R . -40.55 -33.62 -16.27
H5 NAG R . -38.33 -33.89 -14.56
H61 NAG R . -37.91 -35.98 -15.52
H62 NAG R . -39.32 -35.98 -14.86
H81 NAG R . -37.95 -27.46 -14.56
H82 NAG R . -37.60 -27.68 -16.09
H83 NAG R . -39.10 -27.41 -15.65
HN2 NAG R . -39.12 -29.47 -17.01
HO3 NAG R . -41.65 -31.55 -14.67
HO4 NAG R . -40.95 -34.74 -14.41
HO6 NAG R . -39.41 -36.78 -16.90
C1 CLR S . -10.90 23.64 10.61
C2 CLR S . -10.72 22.18 10.19
C3 CLR S . -12.01 21.41 10.28
C4 CLR S . -12.56 21.45 11.70
C5 CLR S . -11.81 22.43 12.57
C6 CLR S . -11.36 22.08 13.77
C7 CLR S . -10.87 23.02 14.82
C8 CLR S . -10.98 24.48 14.40
C9 CLR S . -10.62 24.63 12.92
C10 CLR S . -11.57 23.82 11.99
C11 CLR S . -10.50 26.11 12.50
C12 CLR S . -9.58 26.93 13.42
C13 CLR S . -10.02 26.83 14.88
C14 CLR S . -10.03 25.33 15.24
C15 CLR S . -10.18 25.30 16.76
C16 CLR S . -9.40 26.54 17.23
C17 CLR S . -8.99 27.33 15.95
C18 CLR S . -11.38 27.52 15.10
C19 CLR S . -12.94 24.50 11.80
C20 CLR S . -8.82 28.83 16.23
C21 CLR S . -8.65 29.66 14.97
C22 CLR S . -7.62 29.04 17.17
C23 CLR S . -7.46 30.44 17.70
C24 CLR S . -6.21 30.61 18.54
C25 CLR S . -5.95 32.01 19.07
C26 CLR S . -7.06 32.47 20.00
C27 CLR S . -5.77 33.02 17.94
O1 CLR S . -12.97 21.98 9.38
H11 CLR S . -10.03 24.07 10.62
H12 CLR S . -11.43 24.10 9.94
H21 CLR S . -10.38 22.14 9.28
H22 CLR S . -10.05 21.76 10.77
H3 CLR S . -11.84 20.48 10.04
H41 CLR S . -13.50 21.69 11.67
H42 CLR S . -12.50 20.57 12.09
H6 CLR S . -11.35 21.17 13.96
H71 CLR S . -11.38 22.88 15.63
H72 CLR S . -9.94 22.81 15.01
H8 CLR S . -11.89 24.78 14.55
H9 CLR S . -9.74 24.24 12.79
H111 CLR S . -10.16 26.16 11.60
H112 CLR S . -11.38 26.52 12.50
H121 CLR S . -8.67 26.61 13.34
H122 CLR S . -9.59 27.85 13.14
H14 CLR S . -9.22 24.87 14.98
H151 CLR S . -11.12 25.35 17.03
H152 CLR S . -9.82 24.48 17.13
H161 CLR S . -9.93 27.09 17.81
H162 CLR S . -8.60 26.27 17.73
H17 CLR S . -8.10 27.16 15.60
H181 CLR S . -11.62 27.44 16.03
H182 CLR S . -11.30 28.45 14.84
H183 CLR S . -12.04 27.08 14.54
H191 CLR S . -13.36 24.62 12.67
H192 CLR S . -12.80 25.37 11.39
H193 CLR S . -13.50 23.94 11.23
H20 CLR S . -9.64 29.13 16.65
H211 CLR S . -8.56 30.60 15.21
H212 CLR S . -7.87 29.36 14.48
H213 CLR S . -9.44 29.56 14.41
H221 CLR S . -7.70 28.44 17.92
H222 CLR S . -6.81 28.80 16.70
H231 CLR S . -7.43 31.06 16.97
H232 CLR S . -8.24 30.68 18.24
H241 CLR S . -6.26 30.00 19.29
H242 CLR S . -5.45 30.34 18.01
H25 CLR S . -5.13 31.97 19.59
H261 CLR S . -6.86 33.36 20.32
H262 CLR S . -7.91 32.47 19.52
H263 CLR S . -7.12 31.85 20.75
H271 CLR S . -5.61 33.89 18.33
H272 CLR S . -5.01 32.74 17.40
H273 CLR S . -6.58 33.03 17.40
H1 CLR S . -13.69 21.55 9.43
N POV T . 22.85 58.41 8.11
P POV T . 26.12 55.45 9.27
C1 POV T . 24.45 53.63 10.22
C2 POV T . 23.04 53.14 10.06
C3 POV T . 22.90 52.13 8.94
C210 POV T . 15.60 49.35 8.62
C310 POV T . 19.34 43.15 6.62
C11 POV T . 25.06 57.87 9.31
O11 POV T . 24.67 54.75 9.33
C211 POV T . 15.33 47.89 8.81
C311 POV T . 20.02 42.15 5.72
C12 POV T . 24.30 58.77 8.37
O12 POV T . 25.79 56.85 8.56
C212 POV T . 15.91 47.05 7.73
C312 POV T . 19.41 42.02 4.36
C13 POV T . 22.32 59.26 7.01
O13 POV T . 26.57 55.72 10.67
C213 POV T . 15.20 45.73 7.50
C313 POV T . 19.98 40.91 3.52
C14 POV T . 22.73 56.98 7.72
O14 POV T . 26.99 54.64 8.34
C214 POV T . 15.95 44.76 6.64
C314 POV T . 20.02 39.56 4.20
C15 POV T . 22.04 58.66 9.33
C215 POV T . 15.08 43.75 5.95
C315 POV T . 18.72 39.11 4.82
C216 POV T . 15.85 42.66 5.26
C316 POV T . 17.52 39.18 3.91
C217 POV T . 16.20 41.51 6.17
C218 POV T . 15.12 40.46 6.24
C21 POV T . 21.88 55.15 10.70
O21 POV T . 22.14 54.24 9.74
C22 POV T . 20.57 55.86 10.47
O22 POV T . 22.62 55.39 11.61
C23 POV T . 19.39 54.94 10.49
C24 POV T . 19.43 53.96 11.65
C25 POV T . 18.08 53.48 12.10
C26 POV T . 17.17 53.01 11.00
C27 POV T . 17.79 51.99 10.06
C28 POV T . 16.86 51.44 9.04
C29 POV T . 16.33 50.09 9.40
C31 POV T . 20.92 50.90 9.32
O31 POV T . 21.49 51.92 8.68
C32 POV T . 20.03 50.12 8.39
O32 POV T . 21.09 50.67 10.48
C33 POV T . 19.36 48.95 9.04
C34 POV T . 20.29 47.77 9.20
C35 POV T . 20.73 47.15 7.90
C36 POV T . 21.25 45.74 8.03
C37 POV T . 21.67 45.11 6.72
C38 POV T . 20.61 45.14 5.64
C39 POV T . 19.28 44.56 6.05
H29 POV T . 16.54 49.74 10.28
H1 POV T . 24.62 53.90 11.14
H1A POV T . 25.08 52.92 10.01
H2 POV T . 22.81 52.72 10.89
H3 POV T . 23.34 52.45 8.14
H3A POV T . 23.32 51.30 9.18
H310 POV T . 18.44 42.85 6.80
H31A POV T . 19.81 43.19 7.46
H210 POV T . 15.19 49.78 7.85
H11 POV T . 25.69 58.39 9.84
H11A POV T . 24.45 57.44 9.94
H211 POV T . 15.69 47.61 9.66
H21A POV T . 14.37 47.74 8.84
H311 POV T . 20.96 42.40 5.62
H31B POV T . 20.01 41.28 6.16
H12 POV T . 24.77 58.78 7.52
H12A POV T . 24.33 59.67 8.72
H22 POV T . 20.46 56.54 11.15
H212 POV T . 15.90 47.55 6.90
H22A POV T . 20.60 56.31 9.62
H21B POV T . 16.85 46.87 7.94
H32 POV T . 19.35 50.71 8.03
H312 POV T . 18.46 41.86 4.46
H32A POV T . 20.56 49.80 7.63
H31C POV T . 19.52 42.85 3.88
H13 POV T . 21.39 59.02 6.85
H13A POV T . 22.38 60.19 7.27
H13B POV T . 22.83 59.10 6.21
H23 POV T . 18.58 55.47 10.55
H213 POV T . 15.02 45.32 8.37
H23A POV T . 19.35 54.45 9.66
H21C POV T . 14.34 45.91 7.11
H33 POV T . 19.02 49.21 9.91
H313 POV T . 19.48 40.83 2.70
H33A POV T . 18.60 48.68 8.51
H31D POV T . 20.90 41.15 3.27
H14 POV T . 21.79 56.79 7.56
H14A POV T . 23.24 56.83 6.92
H14B POV T . 23.06 56.43 8.44
H24 POV T . 19.97 53.20 11.40
H214 POV T . 16.45 45.26 5.98
H24A POV T . 19.88 54.38 12.40
H21D POV T . 16.60 44.30 7.19
H34 POV T . 21.07 48.04 9.70
H314 POV T . 20.29 38.89 3.54
H34A POV T . 19.85 47.09 9.74
H31E POV T . 20.71 39.58 4.89
H15 POV T . 21.12 58.42 9.15
H15A POV T . 22.38 58.11 10.05
H15B POV T . 22.11 59.60 9.57
H25 POV T . 18.20 52.75 12.74
H215 POV T . 14.49 43.36 6.60
H25A POV T . 17.64 54.20 12.59
H21E POV T . 14.53 44.21 5.29
H35 POV T . 19.97 47.15 7.29
H315 POV T . 18.82 38.20 5.14
H35A POV T . 21.41 47.70 7.51
H31F POV T . 18.55 39.66 5.61
H26 POV T . 16.37 52.62 11.40
H216 POV T . 15.34 42.33 4.52
H26A POV T . 16.89 53.78 10.49
H21F POV T . 16.67 43.03 4.90
H36 POV T . 22.02 45.74 8.63
H316 POV T . 16.74 38.88 4.39
H36A POV T . 20.57 45.18 8.44
H31G POV T . 17.40 40.09 3.61
H31H POV T . 17.68 38.60 3.15
H27 POV T . 18.55 52.40 9.62
H217 POV T . 17.02 41.10 5.87
H27A POV T . 18.15 51.25 10.59
H21G POV T . 16.36 41.84 7.06
H37 POV T . 22.45 45.57 6.40
H37A POV T . 21.93 44.19 6.89
H28 POV T . 16.11 52.06 8.94
H218 POV T . 15.41 39.75 6.83
H28A POV T . 17.31 51.40 8.19
H21H POV T . 14.30 40.86 6.57
H21J POV T . 14.97 40.10 5.35
H38 POV T . 20.47 46.05 5.35
H38A POV T . 20.94 44.64 4.88
H39 POV T . 18.69 44.55 5.28
H39A POV T . 18.87 45.14 6.71
C1 CLR U . -15.87 26.88 3.53
C2 CLR U . -17.13 27.72 3.74
C3 CLR U . -17.91 27.90 2.44
C4 CLR U . -16.97 28.23 1.30
C5 CLR U . -15.58 28.59 1.78
C6 CLR U . -15.05 29.78 1.51
C7 CLR U . -13.65 30.20 1.86
C8 CLR U . -12.82 29.11 2.51
C9 CLR U . -13.72 28.20 3.40
C10 CLR U . -14.84 27.52 2.58
C11 CLR U . -12.89 27.23 4.25
C12 CLR U . -11.79 27.92 5.05
C13 CLR U . -10.85 28.72 4.14
C14 CLR U . -11.73 29.72 3.36
C15 CLR U . -10.72 30.67 2.72
C16 CLR U . -9.50 30.66 3.67
C17 CLR U . -9.91 29.73 4.85
C18 CLR U . -10.06 27.78 3.22
C19 CLR U . -14.32 26.47 1.59
C20 CLR U . -8.74 29.19 5.70
C21 CLR U . -9.20 28.95 7.14
C22 CLR U . -7.52 30.12 5.67
C23 CLR U . -6.29 29.56 6.35
C24 CLR U . -5.12 30.51 6.37
C25 CLR U . -5.28 31.81 7.17
C26 CLR U . -6.13 31.59 8.42
C27 CLR U . -5.88 32.92 6.33
O1 CLR U . -18.63 26.70 2.13
H11 CLR U . -15.45 26.74 4.39
H12 CLR U . -16.12 26.01 3.19
H21 CLR U . -17.71 27.29 4.38
H22 CLR U . -16.89 28.58 4.09
H3 CLR U . -18.53 28.64 2.56
H41 CLR U . -16.90 27.48 0.70
H42 CLR U . -17.33 28.97 0.79
H6 CLR U . -15.58 30.40 1.07
H71 CLR U . -13.21 30.49 1.05
H72 CLR U . -13.69 30.96 2.45
H8 CLR U . -12.43 28.56 1.81
H9 CLR U . -14.16 28.78 4.03
H111 CLR U . -13.48 26.75 4.85
H112 CLR U . -12.49 26.57 3.66
H121 CLR U . -12.19 28.51 5.71
H122 CLR U . -11.27 27.26 5.54
H14 CLR U . -12.32 30.24 3.93
H151 CLR U . -10.48 30.37 1.82
H152 CLR U . -11.09 31.57 2.62
H161 CLR U . -8.71 30.32 3.23
H162 CLR U . -9.29 31.55 3.99
H17 CLR U . -10.37 30.18 5.58
H181 CLR U . -9.47 28.31 2.65
H182 CLR U . -9.54 27.18 3.76
H183 CLR U . -10.69 27.28 2.67
H191 CLR U . -13.67 26.89 1.00
H192 CLR U . -13.88 25.77 2.09
H193 CLR U . -15.05 26.12 1.07
H20 CLR U . -8.48 28.35 5.30
H211 CLR U . -8.44 28.60 7.65
H212 CLR U . -9.51 29.78 7.52
H213 CLR U . -9.91 28.29 7.13
H221 CLR U . -7.30 30.32 4.76
H222 CLR U . -7.76 30.95 6.11
H231 CLR U . -6.51 29.32 7.27
H232 CLR U . -6.03 28.74 5.90
H241 CLR U . -4.35 30.04 6.70
H242 CLR U . -4.92 30.76 5.44
H25 CLR U . -4.40 32.07 7.45
H261 CLR U . -6.20 32.42 8.90
H262 CLR U . -7.01 31.27 8.16
H263 CLR U . -5.69 30.92 8.99
H271 CLR U . -5.96 33.72 6.88
H272 CLR U . -5.27 33.10 5.58
H273 CLR U . -6.74 32.65 6.00
H1 CLR U . -19.05 26.80 1.41
C1 CLR V . -13.35 23.88 6.47
C2 CLR V . -14.67 23.19 6.07
C3 CLR V . -14.83 23.02 4.58
C4 CLR V . -13.90 23.93 3.81
C5 CLR V . -12.44 23.70 4.16
C6 CLR V . -11.49 23.83 3.25
C7 CLR V . -10.07 24.17 3.57
C8 CLR V . -9.70 24.06 5.05
C9 CLR V . -10.91 24.37 5.96
C10 CLR V . -12.13 23.47 5.63
C11 CLR V . -10.51 24.37 7.44
C12 CLR V . -9.34 25.31 7.74
C13 CLR V . -8.12 25.01 6.87
C14 CLR V . -8.59 25.04 5.40
C15 CLR V . -7.30 25.01 4.59
C16 CLR V . -6.29 25.77 5.47
C17 CLR V . -7.03 26.11 6.79
C18 CLR V . -7.52 23.64 7.25
C19 CLR V . -11.80 21.97 5.84
C20 CLR V . -6.07 26.38 7.97
C21 CLR V . -5.13 25.21 8.31
C22 CLR V . -6.87 26.78 9.21
C23 CLR V . -6.08 27.53 10.26
C24 CLR V . -6.88 27.79 11.51
C25 CLR V . -7.63 29.13 11.59
C26 CLR V . -8.58 29.31 10.41
C27 CLR V . -6.65 30.30 11.67
O1 CLR V . -14.55 21.66 4.21
H11 CLR V . -13.47 24.84 6.39
H12 CLR V . -13.17 23.69 7.40
H21 CLR V . -14.71 22.32 6.51
H22 CLR V . -15.42 23.71 6.41
H3 CLR V . -15.75 23.24 4.35
H41 CLR V . -14.02 23.81 2.86
H42 CLR V . -14.13 24.86 4.01
H6 CLR V . -11.72 23.69 2.37
H71 CLR V . -9.48 23.58 3.06
H72 CLR V . -9.89 25.07 3.27
H8 CLR V . -9.41 23.15 5.21
H9 CLR V . -11.21 25.27 5.77
H111 CLR V . -11.28 24.64 7.98
H112 CLR V . -10.28 23.47 7.71
H121 CLR V . -9.62 26.23 7.59
H122 CLR V . -9.10 25.23 8.68
H14 CLR V . -9.08 25.84 5.18
H151 CLR V . -7.00 24.10 4.42
H152 CLR V . -7.41 25.44 3.72
H161 CLR V . -5.50 25.23 5.64
H162 CLR V . -5.99 26.58 5.02
H17 CLR V . -7.47 26.97 6.84
H181 CLR V . -6.75 23.46 6.69
H182 CLR V . -7.25 23.67 8.19
H183 CLR V . -8.19 22.95 7.13
H191 CLR V . -11.03 21.74 5.30
H192 CLR V . -11.60 21.82 6.77
H193 CLR V . -12.57 21.44 5.56
H20 CLR V . -5.49 27.09 7.67
H211 CLR V . -4.58 25.47 9.06
H212 CLR V . -5.67 24.44 8.55
H213 CLR V . -4.58 25.01 7.53
H221 CLR V . -7.61 27.33 8.92
H222 CLR V . -7.24 25.98 9.62
H231 CLR V . -5.29 27.03 10.49
H232 CLR V . -5.79 28.38 9.89
H241 CLR V . -7.53 27.08 11.62
H242 CLR V . -6.28 27.74 12.27
H25 CLR V . -8.15 29.11 12.40
H261 CLR V . -9.02 30.17 10.51
H262 CLR V . -8.07 29.29 9.59
H263 CLR V . -9.23 28.60 10.44
H271 CLR V . -7.16 31.12 11.71
H272 CLR V . -6.11 30.20 12.46
H273 CLR V . -6.09 30.30 10.88
H1 CLR V . -14.64 21.57 3.38
N POV W . 3.04 23.84 -8.60
P POV W . 7.50 23.00 -8.95
C1 POV W . 9.39 24.74 -8.35
C2 POV W . 9.63 26.19 -8.00
C3 POV W . 11.07 26.53 -7.75
C210 POV W . 9.10 33.81 -0.64
C11 POV W . 5.32 23.39 -7.50
O11 POV W . 7.98 24.47 -8.50
C211 POV W . 9.38 34.82 0.43
C12 POV W . 3.84 23.13 -7.52
O12 POV W . 5.91 23.06 -8.80
C212 POV W . 8.33 35.88 0.53
C13 POV W . 1.59 23.55 -8.43
O13 POV W . 7.83 22.83 -10.40
C213 POV W . 8.25 36.79 -0.67
C14 POV W . 3.26 25.30 -8.51
O14 POV W . 8.03 22.01 -7.95
C15 POV W . 3.48 23.37 -9.94
C21 POV W . 7.52 26.58 -6.91
O21 POV W . 8.86 26.51 -6.80
C22 POV W . 6.82 26.68 -5.58
O22 POV W . 6.96 26.56 -7.97
C23 POV W . 7.24 27.88 -4.78
C24 POV W . 6.41 28.05 -3.51
C25 POV W . 6.81 29.21 -2.64
C26 POV W . 8.20 29.09 -2.07
C27 POV W . 8.52 30.13 -1.00
C28 POV W . 8.60 31.53 -1.52
C29 POV W . 8.95 32.52 -0.46
C31 POV W . 12.74 26.05 -6.15
O31 POV W . 11.53 25.75 -6.61
C32 POV W . 12.64 26.84 -4.87
O32 POV W . 13.76 25.74 -6.69
C33 POV W . 13.34 26.21 -3.72
C34 POV W . 14.82 26.57 -3.64
C35 POV W . 15.51 26.06 -2.41
C36 POV W . 16.82 26.73 -2.12
C37 POV W . 17.91 26.47 -3.12
C38 POV W . 19.27 26.91 -2.67
C39 POV W . 20.38 26.53 -3.61
H29 POV W . 9.08 32.20 0.44
H1 POV W . 9.85 24.53 -9.18
H1A POV W . 9.78 24.16 -7.67
H2 POV W . 9.33 26.71 -8.76
H3 POV W . 11.61 26.32 -8.53
H3A POV W . 11.17 27.47 -7.56
H210 POV W . 9.02 34.14 -1.55
H11 POV W . 5.49 24.32 -7.29
H11A POV W . 5.74 22.86 -6.81
H211 POV W . 9.45 34.36 1.27
H21A POV W . 10.23 35.23 0.26
H12 POV W . 3.48 23.39 -6.66
H12A POV W . 3.69 22.18 -7.61
H22 POV W . 5.86 26.71 -5.73
H212 POV W . 7.47 35.46 0.67
H22A POV W . 7.00 25.88 -5.07
H21B POV W . 8.50 36.42 1.32
H32 POV W . 13.02 27.74 -5.02
H32A POV W . 11.70 26.98 -4.65
H13 POV W . 1.10 24.01 -9.13
H13A POV W . 1.45 22.59 -8.51
H13B POV W . 1.30 23.87 -7.57
H23 POV W . 8.17 27.80 -4.54
H23A POV W . 7.15 28.68 -5.32
H33 POV W . 12.91 26.47 -2.90
H33A POV W . 13.25 25.24 -3.78
H14 POV W . 2.75 25.75 -9.20
H14A POV W . 2.97 25.62 -7.64
H14B POV W . 4.20 25.49 -8.63
H24 POV W . 5.47 28.15 -3.76
H24A POV W . 6.47 27.23 -2.99
H34 POV W . 15.26 26.21 -4.43
H34A POV W . 14.91 27.53 -3.68
H15 POV W . 2.96 23.82 -10.62
H15A POV W . 4.42 23.56 -10.05
H15B POV W . 3.32 22.41 -10.01
H25 POV W . 6.76 30.02 -3.17
H25A POV W . 6.18 29.29 -1.92
H35 POV W . 14.92 26.18 -1.65
H35A POV W . 15.66 25.11 -2.51
H26 POV W . 8.31 28.21 -1.69
H26A POV W . 8.84 29.17 -2.79
H36 POV W . 16.68 27.69 -2.06
H36A POV W . 17.13 26.45 -1.24
H27 POV W . 7.85 30.10 -0.31
H27A POV W . 9.37 29.91 -0.59
H37 POV W . 17.93 25.51 -3.31
H37A POV W . 17.69 26.92 -3.95
H28 POV W . 9.26 31.57 -2.23
H28A POV W . 7.75 31.78 -1.91
H38 POV W . 19.27 27.88 -2.57
H38A POV W . 19.46 26.53 -1.80
C1 CLR X . 0.18 -4.04 41.09
C2 CLR X . -0.15 -5.36 40.39
C3 CLR X . -0.30 -5.19 38.90
C4 CLR X . 0.97 -4.58 38.33
C5 CLR X . 1.32 -3.29 39.02
C6 CLR X . 1.49 -2.17 38.32
C7 CLR X . 2.04 -0.89 38.86
C8 CLR X . 2.48 -1.00 40.32
C9 CLR X . 1.50 -1.89 41.10
C10 CLR X . 1.43 -3.34 40.53
C11 CLR X . 1.77 -1.84 42.62
C12 CLR X . 1.86 -0.42 43.17
C13 CLR X . 2.92 0.41 42.45
C14 CLR X . 2.53 0.38 40.96
C15 CLR X . 3.40 1.45 40.31
C16 CLR X . 3.54 2.53 41.41
C17 CLR X . 2.90 1.94 42.70
C18 CLR X . 4.32 -0.17 42.70
C19 CLR X . 2.69 -4.16 40.89
C20 CLR X . 3.54 2.51 43.97
C21 CLR X . 2.98 1.90 45.25
C22 CLR X . 3.40 4.04 44.00
C23 CLR X . 4.63 4.80 43.60
C24 CLR X . 4.38 6.28 43.48
C25 CLR X . 5.60 7.12 43.10
C26 CLR X . 5.31 8.61 43.23
C27 CLR X . 6.07 6.80 41.69
O1 CLR X . -0.57 -6.46 38.28
H11 CLR X . -0.58 -3.44 41.00
H12 CLR X . 0.30 -4.21 42.03
H21 CLR X . 0.55 -6.01 40.58
H22 CLR X . -0.97 -5.72 40.76
H3 CLR X . -1.04 -4.59 38.73
H41 CLR X . 1.70 -5.22 38.43
H42 CLR X . 0.85 -4.42 37.38
H6 CLR X . 1.24 -2.19 37.42
H71 CLR X . 2.80 -0.62 38.32
H72 CLR X . 1.37 -0.19 38.78
H8 CLR X . 3.37 -1.40 40.34
H9 CLR X . 0.62 -1.53 40.97
H111 CLR X . 1.06 -2.32 43.08
H112 CLR X . 2.59 -2.31 42.81
H121 CLR X . 0.99 0.01 43.10
H122 CLR X . 2.07 -0.46 44.12
H14 CLR X . 1.59 0.60 40.81
H151 CLR X . 4.26 1.10 40.05
H152 CLR X . 2.98 1.82 39.51
H161 CLR X . 4.47 2.75 41.56
H162 CLR X . 3.09 3.35 41.15
H17 CLR X . 1.98 2.20 42.89
H181 CLR X . 4.97 0.38 42.23
H182 CLR X . 4.51 -0.15 43.65
H183 CLR X . 4.36 -1.08 42.37
H191 CLR X . 3.48 -3.70 40.54
H192 CLR X . 2.76 -4.23 41.85
H193 CLR X . 2.62 -5.04 40.50
H20 CLR X . 4.49 2.27 43.95
H211 CLR X . 3.43 2.31 46.02
H212 CLR X . 2.03 2.08 45.29
H213 CLR X . 3.14 0.94 45.24
H221 CLR X . 2.67 4.29 43.42
H222 CLR X . 3.15 4.31 44.90
H231 CLR X . 5.33 4.65 44.25
H232 CLR X . 4.95 4.47 42.75
H241 CLR X . 3.70 6.44 42.81
H242 CLR X . 4.04 6.61 44.32
H25 CLR X . 6.31 6.90 43.72
H261 CLR X . 6.10 9.11 42.99
H262 CLR X . 4.58 8.83 42.64
H263 CLR X . 5.07 8.80 44.15
H271 CLR X . 6.86 7.35 41.49
H272 CLR X . 6.32 5.87 41.65
H273 CLR X . 5.36 6.99 41.07
H1 CLR X . -0.65 -6.35 37.45
C1 CLR Y . -1.87 -0.52 36.79
C2 CLR Y . -2.78 -1.75 36.85
C3 CLR Y . -2.85 -2.31 38.25
C4 CLR Y . -3.34 -1.25 39.21
C5 CLR Y . -2.46 -0.02 39.15
C6 CLR Y . -1.89 0.46 40.24
C7 CLR Y . -1.19 1.78 40.34
C8 CLR Y . -1.22 2.58 39.05
C9 CLR Y . -1.12 1.64 37.83
C10 CLR Y . -2.27 0.60 37.77
C11 CLR Y . -0.93 2.43 36.52
C12 CLR Y . 0.20 3.46 36.58
C13 CLR Y . 0.02 4.44 37.74
C14 CLR Y . -0.09 3.58 39.02
C15 CLR Y . 0.05 4.59 40.16
C16 CLR Y . 1.01 5.65 39.61
C17 CLR Y . 1.25 5.31 38.11
C18 CLR Y . -1.22 5.32 37.52
C19 CLR Y . -3.60 1.24 37.34
C20 CLR Y . 1.59 6.57 37.29
C21 CLR Y . 1.56 6.34 35.78
C22 CLR Y . 2.96 7.12 37.70
C23 CLR Y . 2.98 8.59 38.02
C24 CLR Y . 2.35 8.93 39.34
C25 CLR Y . 2.30 10.42 39.68
C26 CLR Y . 1.99 10.62 41.15
C27 CLR Y . 1.28 11.14 38.82
O1 CLR Y . -3.75 -3.44 38.28
H11 CLR Y . -0.96 -0.80 36.98
H12 CLR Y . -1.88 -0.17 35.89
H21 CLR Y . -3.67 -1.51 36.55
H22 CLR Y . -2.45 -2.43 36.24
H3 CLR Y . -1.97 -2.61 38.52
H41 CLR Y . -4.25 -1.01 38.99
H42 CLR Y . -3.35 -1.60 40.11
H6 CLR Y . -1.93 -0.06 41.01
H71 CLR Y . -1.59 2.30 41.06
H72 CLR Y . -0.26 1.62 40.59
H8 CLR Y . -2.07 3.05 39.01
H9 CLR Y . -0.30 1.13 37.95
H111 CLR Y . -0.76 1.80 35.80
H112 CLR Y . -1.76 2.89 36.31
H121 CLR Y . 1.05 3.00 36.68
H122 CLR Y . 0.24 3.94 35.75
H14 CLR Y . 0.63 2.93 39.10
H151 CLR Y . -0.82 4.97 40.39
H152 CLR Y . 0.39 4.18 40.97
H161 CLR Y . 0.63 6.54 39.70
H162 CLR Y . 1.84 5.65 40.10
H17 CLR Y . 2.05 4.80 37.91
H181 CLR Y . -1.31 5.93 38.26
H182 CLR Y . -1.11 5.81 36.69
H183 CLR Y . -2.00 4.75 37.45
H191 CLR Y . -3.84 1.94 37.96
H192 CLR Y . -3.50 1.60 36.44
H193 CLR Y . -4.29 0.55 37.33
H20 CLR Y . 0.89 7.22 37.49
H211 CLR Y . 1.78 7.16 35.33
H212 CLR Y . 2.21 5.65 35.56
H213 CLR Y . 0.67 6.04 35.53
H221 CLR Y . 3.26 6.63 38.49
H222 CLR Y . 3.59 6.94 36.99
H231 CLR Y . 3.91 8.90 38.02
H232 CLR Y . 2.52 9.08 37.31
H241 CLR Y . 1.45 8.57 39.34
H242 CLR Y . 2.83 8.47 40.04
H25 CLR Y . 3.18 10.78 39.50
H261 CLR Y . 1.96 11.57 41.34
H262 CLR Y . 1.12 10.22 41.36
H263 CLR Y . 2.68 10.19 41.68
H271 CLR Y . 1.28 12.08 39.07
H272 CLR Y . 1.53 11.05 37.89
H273 CLR Y . 0.41 10.75 38.97
H1 CLR Y . -3.78 -3.75 39.06
N POV Z . 18.99 30.65 45.95
P POV Z . 22.06 30.36 49.19
C1 POV Z . 23.64 28.32 48.60
C2 POV Z . 23.60 26.82 48.40
C3 POV Z . 23.31 26.05 49.66
C210 POV Z . 21.09 18.77 43.45
C11 POV Z . 21.48 30.48 46.61
O11 POV Z . 22.32 28.79 49.02
C211 POV Z . 21.62 18.52 42.08
C12 POV Z . 20.24 31.33 46.50
O12 POV Z . 22.31 30.94 47.72
C212 POV Z . 22.25 17.18 41.91
C13 POV Z . 17.93 31.66 45.73
O13 POV Z . 23.14 30.90 50.09
C213 POV Z . 22.77 16.89 40.52
C14 POV Z . 19.30 29.98 44.68
O14 POV Z . 20.62 30.55 49.55
C214 POV Z . 21.68 16.59 39.50
C15 POV Z . 18.50 29.64 46.94
C215 POV Z . 20.84 15.39 39.82
C216 POV Z . 21.59 14.09 39.91
C217 POV Z . 20.80 12.96 40.51
C218 POV Z . 19.57 12.60 39.73
C21 POV Z . 25.12 26.45 46.58
O21 POV Z . 24.88 26.35 47.89
C22 POV Z . 26.24 25.55 46.14
O22 POV Z . 24.52 27.18 45.84
C23 POV Z . 25.84 24.57 45.08
C24 POV Z . 24.93 23.48 45.60
C25 POV Z . 24.65 22.39 44.59
C26 POV Z . 23.95 21.18 45.14
C27 POV Z . 23.92 20.01 44.16
C28 POV Z . 23.26 18.79 44.71
C29 POV Z . 21.78 18.79 44.57
C31 POV Z . 23.37 23.81 50.40
O31 POV Z . 23.44 24.64 49.36
C32 POV Z . 23.98 22.47 50.06
O32 POV Z . 22.90 24.09 51.46
C33 POV Z . 23.26 21.76 48.96
C34 POV Z . 23.72 20.33 48.80
C35 POV Z . 22.67 19.40 48.27
C36 POV Z . 23.10 17.96 48.19
C37 POV Z . 22.03 17.04 47.67
C38 POV Z . 22.57 15.87 46.88
H29 POV Z . 21.26 18.80 45.39
H1 POV Z . 24.29 28.54 49.27
H1A POV Z . 23.91 28.76 47.78
H2 POV Z . 22.88 26.66 47.76
H3 POV Z . 23.93 26.30 50.37
H3A POV Z . 22.41 26.25 49.98
H210 POV Z . 20.14 18.94 43.53
H11 POV Z . 21.23 29.56 46.76
H11A POV Z . 21.98 30.51 45.79
H211 POV Z . 20.89 18.60 41.44
H21A POV Z . 22.27 19.20 41.86
H12 POV Z . 20.44 32.09 45.92
H12A POV Z . 20.04 31.69 47.37
H22 POV Z . 26.97 26.09 45.81
H212 POV Z . 22.99 17.10 42.54
H22A POV Z . 26.57 25.06 46.91
H21B POV Z . 21.61 16.50 42.16
H32 POV Z . 24.91 22.59 49.79
H32A POV Z . 23.98 21.91 50.85
H13 POV Z . 17.14 31.21 45.39
H13A POV Z . 17.72 32.10 46.58
H13B POV Z . 18.25 32.32 45.10
H23 POV Z . 25.38 25.05 44.37
H213 POV Z . 23.28 17.65 40.21
H23A POV Z . 26.63 24.18 44.70
H21C POV Z . 23.37 16.14 40.56
H33 POV Z . 22.31 21.77 49.14
H33A POV Z . 23.39 22.24 48.13
H14 POV Z . 18.49 29.55 44.35
H14A POV Z . 19.60 30.64 44.03
H14B POV Z . 19.99 29.32 44.82
H24 POV Z . 25.34 23.08 46.39
H214 POV Z . 21.11 17.36 39.42
H24A POV Z . 24.08 23.87 45.88
H21D POV Z . 22.10 16.46 38.64
H34 POV Z . 24.49 20.31 48.20
H34A POV Z . 24.03 20.00 49.66
H15 POV Z . 17.71 29.22 46.58
H15A POV Z . 19.20 28.98 47.08
H15B POV Z . 18.29 30.09 47.77
H25 POV Z . 24.12 22.77 43.87
H215 POV Z . 20.39 15.54 40.68
H25A POV Z . 25.50 22.12 44.20
H21E POV Z . 20.15 15.30 39.15
H35 POV Z . 21.88 19.46 48.84
H35A POV Z . 22.40 19.70 47.39
H26 POV Z . 24.38 20.91 45.95
H216 POV Z . 21.88 13.84 39.03
H26A POV Z . 23.03 21.43 45.36
H21F POV Z . 22.39 14.23 40.44
H36 POV Z . 23.88 17.90 47.61
H36A POV Z . 23.37 17.66 49.07
H27 POV Z . 23.46 20.28 43.35
H217 POV Z . 21.37 12.18 40.58
H27A POV Z . 24.83 19.79 43.91
H21G POV Z . 20.54 13.19 41.41
H37 POV Z . 21.51 16.70 48.42
H37A POV Z . 21.43 17.54 47.10
H28 POV Z . 23.63 18.01 44.25
H218 POV Z . 19.11 11.86 40.17
H28A POV Z . 23.49 18.69 45.64
H21H POV Z . 18.98 13.37 39.68
H21J POV Z . 19.82 12.33 38.83
#